data_6UM4
#
_entry.id   6UM4
#
_cell.length_a   60.330
_cell.length_b   137.480
_cell.length_c   139.280
_cell.angle_alpha   91.093
_cell.angle_beta   89.998
_cell.angle_gamma   91.482
#
_symmetry.space_group_name_H-M   'P 1'
#
loop_
_entity.id
_entity.type
_entity.pdbx_description
1 polymer 'Malate dehydrogenase'
2 non-polymer 1,2-ETHANEDIOL
3 water water
#
_entity_poly.entity_id   1
_entity_poly.type   'polypeptide(L)'
_entity_poly.pdbx_seq_one_letter_code
;MAHHHHHHMKRLVPQFSKSSRNGVRHYSTLKQRGEKMDAELSATRTPLERMLLGKQTKNDFANLNIKDPKTVAQWLNKSA
REGPKYLTKDVDQLAPPVTITVSGACGQIANSLLFRIANGEMLGENQPVKLRLLERPEAMKALEGVKMELDDGAFPLLEE
IYLTDSENDAFRGADYAILLGGKPRGPGMERADVMKDNAAIFKAQGEALNKQANGDVLVLIVANPANTNAMITSANAPDI
PPENITAMTRLDHDRGLAQVAAKVGCNITDISRFAIWGNHSATQYPDLSFTTIKGQWGLNVINDEQWITNEFIPNVQQRG
AAIIKARGKSSAASAADAAIKHMHDWVLGNSEWVSMAIPSRGQYGIPRGIWCSMPVQCFGAGKYGVIEGLPINSFSADRI
NASVKELIEEKKIVENLLPNPVYRLVEVDKVNIISKSYISENKQ
;
_entity_poly.pdbx_strand_id   A,B,C,D,E,F,G,H,I,J,K,L
#
# COMPACT_ATOMS: atom_id res chain seq x y z
N GLN A 93 -25.43 6.71 33.50
CA GLN A 93 -24.17 7.45 33.57
C GLN A 93 -23.04 6.56 34.09
N LEU A 94 -23.36 5.69 35.04
CA LEU A 94 -22.36 4.74 35.56
C LEU A 94 -22.28 3.50 34.68
N ALA A 95 -21.07 3.04 34.44
CA ALA A 95 -20.86 1.82 33.68
C ALA A 95 -21.23 0.62 34.55
N PRO A 96 -21.43 -0.55 33.94
CA PRO A 96 -21.57 -1.76 34.74
C PRO A 96 -20.29 -2.06 35.47
N PRO A 97 -20.36 -2.72 36.62
CA PRO A 97 -19.16 -2.90 37.43
C PRO A 97 -18.16 -3.85 36.82
N VAL A 98 -16.88 -3.63 37.15
CA VAL A 98 -15.81 -4.57 36.84
C VAL A 98 -15.25 -5.11 38.15
N THR A 99 -14.63 -6.28 38.06
CA THR A 99 -14.06 -7.00 39.21
C THR A 99 -12.54 -7.02 39.13
N ILE A 100 -11.87 -6.61 40.21
CA ILE A 100 -10.41 -6.56 40.27
C ILE A 100 -9.93 -7.46 41.39
N THR A 101 -9.08 -8.43 41.08
CA THR A 101 -8.45 -9.29 42.08
C THR A 101 -7.07 -8.75 42.43
N VAL A 102 -6.79 -8.60 43.73
CA VAL A 102 -5.49 -8.12 44.18
C VAL A 102 -4.95 -9.12 45.19
N SER A 103 -3.78 -9.68 44.90
CA SER A 103 -3.10 -10.56 45.85
C SER A 103 -2.18 -9.73 46.74
N GLY A 104 -1.63 -10.38 47.77
CA GLY A 104 -0.82 -9.65 48.73
C GLY A 104 -1.51 -8.43 49.31
N ALA A 105 -2.82 -8.53 49.51
CA ALA A 105 -3.66 -7.37 49.79
C ALA A 105 -3.46 -6.76 51.17
N CYS A 106 -2.68 -7.39 52.05
CA CYS A 106 -2.34 -6.86 53.35
CA CYS A 106 -2.39 -6.78 53.33
C CYS A 106 -1.02 -6.11 53.37
N GLY A 107 -0.27 -6.14 52.28
CA GLY A 107 1.05 -5.56 52.23
C GLY A 107 1.07 -4.05 52.10
N GLN A 108 2.30 -3.51 52.13
CA GLN A 108 2.48 -2.06 52.13
C GLN A 108 2.10 -1.45 50.78
N ILE A 109 2.44 -2.13 49.68
CA ILE A 109 2.02 -1.67 48.36
C ILE A 109 0.49 -1.64 48.27
N ALA A 110 -0.16 -2.72 48.72
CA ALA A 110 -1.63 -2.74 48.68
C ALA A 110 -2.24 -1.60 49.49
N ASN A 111 -1.65 -1.28 50.64
CA ASN A 111 -2.20 -0.21 51.49
C ASN A 111 -2.34 1.11 50.73
N SER A 112 -1.42 1.39 49.79
CA SER A 112 -1.56 2.57 48.95
C SER A 112 -2.38 2.30 47.69
N LEU A 113 -2.29 1.09 47.14
CA LEU A 113 -2.96 0.80 45.87
C LEU A 113 -4.49 0.81 45.99
N LEU A 114 -5.03 0.15 47.00
CA LEU A 114 -6.45 -0.15 46.96
C LEU A 114 -7.28 1.13 47.03
N PHE A 115 -6.83 2.12 47.83
CA PHE A 115 -7.58 3.37 47.94
C PHE A 115 -7.56 4.15 46.62
N ARG A 116 -6.50 4.02 45.83
CA ARG A 116 -6.41 4.68 44.53
C ARG A 116 -7.04 3.83 43.44
N ILE A 117 -7.54 2.66 43.79
CA ILE A 117 -8.54 1.99 42.97
C ILE A 117 -9.94 2.41 43.39
N ALA A 118 -10.23 2.34 44.69
CA ALA A 118 -11.58 2.61 45.17
C ALA A 118 -12.01 4.03 44.86
N ASN A 119 -11.06 4.97 44.77
CA ASN A 119 -11.42 6.36 44.52
C ASN A 119 -11.79 6.63 43.08
N GLY A 120 -11.68 5.62 42.20
CA GLY A 120 -11.94 5.80 40.79
C GLY A 120 -10.75 6.24 39.95
N GLU A 121 -9.56 6.38 40.54
CA GLU A 121 -8.41 6.90 39.79
C GLU A 121 -7.89 5.89 38.77
N MET A 122 -7.82 4.61 39.15
CA MET A 122 -7.22 3.63 38.26
C MET A 122 -8.06 3.43 36.99
N LEU A 123 -9.38 3.33 37.13
CA LEU A 123 -10.23 2.95 36.01
C LEU A 123 -11.20 4.03 35.55
N GLY A 124 -11.26 5.16 36.24
CA GLY A 124 -12.15 6.23 35.82
C GLY A 124 -13.27 6.47 36.83
N GLU A 125 -13.69 7.74 36.93
CA GLU A 125 -14.63 8.15 37.97
C GLU A 125 -16.03 7.59 37.77
N ASN A 126 -16.35 7.05 36.59
CA ASN A 126 -17.67 6.51 36.33
C ASN A 126 -17.66 4.98 36.20
N GLN A 127 -16.63 4.32 36.73
CA GLN A 127 -16.49 2.86 36.63
C GLN A 127 -16.55 2.23 38.01
N PRO A 128 -17.71 1.68 38.41
CA PRO A 128 -17.80 0.99 39.70
C PRO A 128 -16.88 -0.22 39.76
N VAL A 129 -16.38 -0.51 40.96
CA VAL A 129 -15.39 -1.55 41.12
C VAL A 129 -15.80 -2.52 42.23
N LYS A 130 -15.41 -3.77 42.04
CA LYS A 130 -15.49 -4.82 43.05
C LYS A 130 -14.08 -5.36 43.28
N LEU A 131 -13.68 -5.40 44.54
CA LEU A 131 -12.35 -5.86 44.91
C LEU A 131 -12.43 -7.27 45.47
N ARG A 132 -11.63 -8.17 44.91
CA ARG A 132 -11.47 -9.50 45.47
C ARG A 132 -10.04 -9.58 45.97
N LEU A 133 -9.91 -9.61 47.29
CA LEU A 133 -8.63 -9.42 47.98
C LEU A 133 -8.12 -10.76 48.46
N LEU A 134 -6.90 -11.12 48.05
CA LEU A 134 -6.31 -12.42 48.35
C LEU A 134 -5.11 -12.25 49.26
N GLU A 135 -5.00 -13.11 50.26
CA GLU A 135 -3.86 -13.11 51.16
C GLU A 135 -3.56 -14.54 51.57
N ARG A 136 -2.43 -14.73 52.25
CA ARG A 136 -2.10 -15.99 52.83
C ARG A 136 -3.08 -16.33 53.95
N PRO A 137 -3.26 -17.62 54.26
CA PRO A 137 -4.23 -17.99 55.30
C PRO A 137 -4.01 -17.30 56.63
N GLU A 138 -2.75 -17.15 57.03
CA GLU A 138 -2.40 -16.60 58.34
C GLU A 138 -2.58 -15.09 58.42
N ALA A 139 -2.93 -14.41 57.33
CA ALA A 139 -3.12 -12.96 57.33
C ALA A 139 -4.59 -12.57 57.18
N MET A 140 -5.52 -13.51 57.31
CA MET A 140 -6.92 -13.19 57.07
C MET A 140 -7.50 -12.27 58.16
N LYS A 141 -7.06 -12.43 59.41
CA LYS A 141 -7.55 -11.53 60.46
C LYS A 141 -7.15 -10.09 60.14
N ALA A 142 -5.90 -9.88 59.70
CA ALA A 142 -5.47 -8.53 59.32
C ALA A 142 -6.19 -8.04 58.07
N LEU A 143 -6.50 -8.95 57.14
CA LEU A 143 -7.19 -8.53 55.92
C LEU A 143 -8.57 -7.95 56.22
N GLU A 144 -9.25 -8.47 57.25
CA GLU A 144 -10.50 -7.86 57.68
C GLU A 144 -10.29 -6.39 58.03
N GLY A 145 -9.13 -6.06 58.60
CA GLY A 145 -8.81 -4.66 58.86
C GLY A 145 -8.69 -3.84 57.58
N VAL A 146 -8.15 -4.46 56.53
CA VAL A 146 -8.07 -3.76 55.25
C VAL A 146 -9.47 -3.41 54.76
N LYS A 147 -10.39 -4.37 54.85
CA LYS A 147 -11.74 -4.09 54.40
C LYS A 147 -12.36 -2.97 55.21
N MET A 148 -12.15 -3.00 56.52
CA MET A 148 -12.68 -1.95 57.39
C MET A 148 -12.18 -0.58 56.97
N GLU A 149 -10.88 -0.45 56.69
CA GLU A 149 -10.35 0.86 56.32
C GLU A 149 -10.93 1.31 54.99
N LEU A 150 -11.05 0.39 54.04
CA LEU A 150 -11.62 0.74 52.74
C LEU A 150 -13.09 1.13 52.85
N ASP A 151 -13.88 0.38 53.64
CA ASP A 151 -15.26 0.79 53.88
C ASP A 151 -15.32 2.20 54.45
N ASP A 152 -14.44 2.51 55.41
CA ASP A 152 -14.37 3.83 56.03
C ASP A 152 -13.92 4.91 55.06
N GLY A 153 -13.49 4.54 53.86
CA GLY A 153 -13.31 5.53 52.82
C GLY A 153 -14.59 6.03 52.22
N ALA A 154 -15.71 5.35 52.45
CA ALA A 154 -17.01 5.78 51.98
C ALA A 154 -17.00 6.02 50.47
N PHE A 155 -16.44 5.05 49.75
CA PHE A 155 -16.26 5.21 48.32
C PHE A 155 -17.53 4.84 47.57
N PRO A 156 -18.12 5.77 46.82
CA PRO A 156 -19.33 5.43 46.07
C PRO A 156 -19.11 4.36 45.03
N LEU A 157 -17.90 4.28 44.48
CA LEU A 157 -17.63 3.36 43.38
C LEU A 157 -17.35 1.94 43.85
N LEU A 158 -17.04 1.74 45.14
CA LEU A 158 -16.65 0.44 45.66
C LEU A 158 -17.91 -0.37 45.99
N GLU A 159 -18.30 -1.23 45.06
CA GLU A 159 -19.57 -1.93 45.19
CA GLU A 159 -19.56 -1.95 45.18
C GLU A 159 -19.45 -3.18 46.06
N GLU A 160 -18.25 -3.75 46.18
CA GLU A 160 -18.09 -4.96 46.97
C GLU A 160 -16.62 -5.09 47.34
N ILE A 161 -16.38 -5.65 48.53
CA ILE A 161 -15.05 -6.09 48.94
C ILE A 161 -15.19 -7.54 49.39
N TYR A 162 -14.57 -8.46 48.65
CA TYR A 162 -14.59 -9.88 48.97
C TYR A 162 -13.19 -10.31 49.42
N LEU A 163 -13.12 -11.05 50.52
CA LEU A 163 -11.86 -11.48 51.13
C LEU A 163 -11.70 -12.99 51.05
N THR A 164 -10.50 -13.47 50.74
CA THR A 164 -10.31 -14.91 50.66
C THR A 164 -8.82 -15.26 50.75
N ASP A 165 -8.55 -16.48 51.19
CA ASP A 165 -7.21 -17.05 51.06
C ASP A 165 -7.14 -18.14 49.99
N SER A 166 -8.12 -18.18 49.09
CA SER A 166 -8.20 -19.19 48.05
C SER A 166 -8.05 -18.54 46.68
N GLU A 167 -7.02 -18.97 45.94
CA GLU A 167 -6.79 -18.41 44.62
C GLU A 167 -7.96 -18.75 43.70
N ASN A 168 -8.54 -19.93 43.85
CA ASN A 168 -9.72 -20.25 43.07
C ASN A 168 -10.86 -19.25 43.33
N ASP A 169 -11.16 -18.99 44.60
CA ASP A 169 -12.22 -18.01 44.88
C ASP A 169 -11.84 -16.61 44.42
N ALA A 170 -10.57 -16.22 44.62
CA ALA A 170 -10.14 -14.85 44.38
C ALA A 170 -10.39 -14.42 42.93
N PHE A 171 -10.04 -15.27 41.96
CA PHE A 171 -10.06 -14.88 40.56
C PHE A 171 -11.40 -15.10 39.87
N ARG A 172 -12.37 -15.70 40.55
CA ARG A 172 -13.71 -15.87 39.99
C ARG A 172 -14.23 -14.53 39.48
N GLY A 173 -14.56 -14.49 38.20
CA GLY A 173 -15.12 -13.32 37.56
C GLY A 173 -14.19 -12.14 37.43
N ALA A 174 -12.88 -12.35 37.53
CA ALA A 174 -11.95 -11.23 37.46
C ALA A 174 -11.92 -10.63 36.06
N ASP A 175 -12.04 -9.30 36.00
CA ASP A 175 -11.75 -8.56 34.78
C ASP A 175 -10.32 -8.04 34.79
N TYR A 176 -9.78 -7.84 35.98
CA TYR A 176 -8.44 -7.33 36.20
C TYR A 176 -7.82 -8.09 37.36
N ALA A 177 -6.51 -8.30 37.28
CA ALA A 177 -5.79 -8.87 38.40
C ALA A 177 -4.45 -8.17 38.55
N ILE A 178 -4.15 -7.72 39.76
CA ILE A 178 -2.88 -7.10 40.09
C ILE A 178 -2.19 -8.02 41.10
N LEU A 179 -1.05 -8.58 40.70
CA LEU A 179 -0.43 -9.64 41.47
C LEU A 179 0.75 -9.08 42.24
N LEU A 180 0.50 -8.71 43.51
CA LEU A 180 1.52 -8.19 44.40
C LEU A 180 2.16 -9.29 45.23
N GLY A 181 1.42 -10.36 45.47
CA GLY A 181 1.87 -11.38 46.38
C GLY A 181 2.90 -12.31 45.76
N GLY A 182 3.82 -12.74 46.59
CA GLY A 182 4.85 -13.66 46.16
C GLY A 182 5.58 -14.21 47.36
N LYS A 183 6.67 -14.91 47.09
CA LYS A 183 7.50 -15.45 48.17
C LYS A 183 8.81 -14.68 48.25
N PRO A 184 9.05 -13.94 49.33
CA PRO A 184 10.34 -13.26 49.49
C PRO A 184 11.45 -14.26 49.77
N ARG A 185 12.69 -13.83 49.56
CA ARG A 185 13.83 -14.69 49.86
C ARG A 185 13.92 -14.89 51.37
N GLY A 186 13.89 -16.15 51.81
CA GLY A 186 13.98 -16.49 53.21
C GLY A 186 14.96 -17.63 53.43
N PRO A 187 14.97 -18.16 54.66
CA PRO A 187 16.00 -19.15 55.03
C PRO A 187 16.00 -20.36 54.09
N GLY A 188 17.21 -20.79 53.72
CA GLY A 188 17.38 -21.90 52.81
C GLY A 188 17.26 -21.56 51.36
N MET A 189 16.84 -20.35 51.01
CA MET A 189 16.56 -19.99 49.63
C MET A 189 17.75 -19.24 49.02
N GLU A 190 18.26 -19.78 47.91
CA GLU A 190 19.24 -19.12 47.07
C GLU A 190 18.51 -18.35 45.98
N ARG A 191 19.26 -17.68 45.10
CA ARG A 191 18.61 -16.93 44.02
C ARG A 191 17.75 -17.85 43.17
N ALA A 192 18.23 -19.06 42.90
CA ALA A 192 17.45 -20.00 42.09
C ALA A 192 16.17 -20.41 42.79
N ASP A 193 16.23 -20.60 44.11
CA ASP A 193 15.05 -20.97 44.88
C ASP A 193 14.02 -19.86 44.84
N VAL A 194 14.47 -18.61 44.85
CA VAL A 194 13.55 -17.48 44.75
C VAL A 194 12.79 -17.54 43.43
N MET A 195 13.51 -17.88 42.35
CA MET A 195 12.86 -18.00 41.06
C MET A 195 11.89 -19.17 41.01
N LYS A 196 12.33 -20.35 41.51
CA LYS A 196 11.50 -21.54 41.40
C LYS A 196 10.29 -21.49 42.33
N ASP A 197 10.48 -21.05 43.57
CA ASP A 197 9.36 -20.96 44.50
C ASP A 197 8.31 -19.97 44.00
N ASN A 198 8.74 -18.84 43.46
CA ASN A 198 7.76 -17.89 42.93
C ASN A 198 7.12 -18.42 41.65
N ALA A 199 7.90 -19.10 40.80
CA ALA A 199 7.30 -19.71 39.62
C ALA A 199 6.18 -20.67 40.02
N ALA A 200 6.38 -21.43 41.10
CA ALA A 200 5.34 -22.35 41.57
C ALA A 200 4.09 -21.57 42.01
N ILE A 201 4.29 -20.41 42.62
CA ILE A 201 3.14 -19.57 42.99
C ILE A 201 2.40 -19.09 41.75
N PHE A 202 3.14 -18.62 40.74
CA PHE A 202 2.48 -18.05 39.57
C PHE A 202 2.03 -19.10 38.57
N LYS A 203 2.58 -20.30 38.63
CA LYS A 203 1.98 -21.40 37.89
C LYS A 203 0.57 -21.66 38.41
N ALA A 204 0.44 -21.72 39.75
CA ALA A 204 -0.85 -21.95 40.36
C ALA A 204 -1.82 -20.82 40.07
N GLN A 205 -1.34 -19.58 40.05
CA GLN A 205 -2.25 -18.47 39.82
C GLN A 205 -2.64 -18.34 38.36
N GLY A 206 -1.72 -18.61 37.44
CA GLY A 206 -2.11 -18.68 36.03
C GLY A 206 -3.16 -19.75 35.80
N GLU A 207 -3.02 -20.90 36.48
CA GLU A 207 -4.01 -21.96 36.37
C GLU A 207 -5.37 -21.49 36.87
N ALA A 208 -5.37 -20.81 38.02
CA ALA A 208 -6.64 -20.30 38.58
C ALA A 208 -7.22 -19.21 37.69
N LEU A 209 -6.35 -18.30 37.20
CA LEU A 209 -6.79 -17.24 36.30
C LEU A 209 -7.44 -17.83 35.06
N ASN A 210 -6.78 -18.81 34.44
CA ASN A 210 -7.30 -19.38 33.21
C ASN A 210 -8.68 -19.97 33.45
N LYS A 211 -8.86 -20.62 34.59
CA LYS A 211 -10.11 -21.29 34.90
C LYS A 211 -11.22 -20.32 35.32
N GLN A 212 -10.90 -19.32 36.15
CA GLN A 212 -11.90 -18.55 36.89
C GLN A 212 -12.17 -17.15 36.38
N ALA A 213 -11.17 -16.47 35.81
CA ALA A 213 -11.29 -15.07 35.44
C ALA A 213 -12.09 -14.93 34.15
N ASN A 214 -12.52 -13.70 33.86
CA ASN A 214 -13.22 -13.49 32.61
C ASN A 214 -12.24 -13.53 31.44
N GLY A 215 -12.77 -13.77 30.24
CA GLY A 215 -11.92 -14.09 29.10
C GLY A 215 -10.99 -12.96 28.70
N ASP A 216 -11.41 -11.71 28.91
CA ASP A 216 -10.64 -10.53 28.54
C ASP A 216 -9.81 -9.99 29.68
N VAL A 217 -9.55 -10.81 30.71
CA VAL A 217 -8.89 -10.31 31.92
C VAL A 217 -7.51 -9.74 31.57
N LEU A 218 -7.17 -8.62 32.20
CA LEU A 218 -5.83 -8.06 32.11
C LEU A 218 -5.13 -8.32 33.43
N VAL A 219 -3.91 -8.86 33.36
CA VAL A 219 -3.15 -9.30 34.53
C VAL A 219 -1.86 -8.50 34.59
N LEU A 220 -1.62 -7.84 35.73
CA LEU A 220 -0.40 -7.10 35.97
C LEU A 220 0.38 -7.82 37.07
N ILE A 221 1.63 -8.19 36.78
CA ILE A 221 2.51 -8.83 37.74
CA ILE A 221 2.50 -8.82 37.75
C ILE A 221 3.43 -7.77 38.33
N VAL A 222 3.39 -7.60 39.65
CA VAL A 222 4.28 -6.70 40.38
C VAL A 222 5.35 -7.48 41.14
N ALA A 223 4.97 -8.61 41.74
CA ALA A 223 5.90 -9.38 42.55
C ALA A 223 7.11 -9.83 41.73
N ASN A 224 8.29 -9.79 42.36
CA ASN A 224 9.54 -10.21 41.73
C ASN A 224 9.74 -11.72 41.79
N PRO A 225 10.48 -12.30 40.82
CA PRO A 225 11.01 -11.66 39.60
C PRO A 225 9.91 -11.44 38.56
N ALA A 226 9.60 -10.16 38.31
CA ALA A 226 8.36 -9.79 37.63
C ALA A 226 8.27 -10.44 36.25
N ASN A 227 9.22 -10.16 35.35
CA ASN A 227 9.15 -10.65 33.98
C ASN A 227 8.97 -12.16 33.96
N THR A 228 9.77 -12.87 34.75
CA THR A 228 9.71 -14.32 34.77
C THR A 228 8.41 -14.82 35.40
N ASN A 229 7.95 -14.16 36.47
CA ASN A 229 6.67 -14.55 37.04
C ASN A 229 5.55 -14.42 36.01
N ALA A 230 5.55 -13.31 35.24
CA ALA A 230 4.53 -13.11 34.22
C ALA A 230 4.60 -14.21 33.17
N MET A 231 5.81 -14.56 32.75
CA MET A 231 5.99 -15.61 31.77
C MET A 231 5.43 -16.95 32.27
N ILE A 232 5.71 -17.29 33.53
CA ILE A 232 5.17 -18.52 34.10
C ILE A 232 3.64 -18.46 34.17
N THR A 233 3.10 -17.31 34.58
CA THR A 233 1.65 -17.16 34.64
C THR A 233 1.03 -17.46 33.28
N SER A 234 1.55 -16.82 32.24
CA SER A 234 1.03 -16.97 30.89
C SER A 234 1.19 -18.38 30.37
N ALA A 235 2.35 -19.02 30.65
CA ALA A 235 2.59 -20.37 30.17
C ALA A 235 1.57 -21.35 30.73
N ASN A 236 1.02 -21.03 31.89
CA ASN A 236 0.04 -21.89 32.56
C ASN A 236 -1.37 -21.35 32.42
N ALA A 237 -1.58 -20.47 31.45
CA ALA A 237 -2.91 -19.91 31.18
C ALA A 237 -3.13 -19.91 29.69
N PRO A 238 -3.29 -21.08 29.08
CA PRO A 238 -3.28 -21.18 27.61
C PRO A 238 -4.44 -20.46 26.92
N ASP A 239 -5.53 -20.17 27.62
CA ASP A 239 -6.65 -19.48 27.00
C ASP A 239 -6.61 -17.97 27.22
N ILE A 240 -5.61 -17.46 27.90
CA ILE A 240 -5.42 -16.02 28.03
C ILE A 240 -4.40 -15.57 26.98
N PRO A 241 -4.76 -14.63 26.11
CA PRO A 241 -3.79 -14.06 25.18
C PRO A 241 -2.58 -13.55 25.93
N PRO A 242 -1.38 -13.96 25.50
CA PRO A 242 -0.17 -13.58 26.26
C PRO A 242 -0.03 -12.09 26.46
N GLU A 243 -0.51 -11.27 25.51
CA GLU A 243 -0.41 -9.82 25.65
C GLU A 243 -1.28 -9.26 26.77
N ASN A 244 -2.25 -10.03 27.26
CA ASN A 244 -3.08 -9.58 28.37
C ASN A 244 -2.43 -9.81 29.75
N ILE A 245 -1.22 -10.36 29.79
CA ILE A 245 -0.48 -10.55 31.04
C ILE A 245 0.86 -9.82 30.89
N THR A 246 1.06 -8.78 31.72
CA THR A 246 2.32 -8.04 31.65
C THR A 246 2.97 -7.97 33.02
N ALA A 247 4.24 -7.58 33.03
CA ALA A 247 4.98 -7.35 34.26
C ALA A 247 5.31 -5.86 34.36
N MET A 248 5.46 -5.36 35.58
CA MET A 248 5.55 -3.91 35.80
C MET A 248 6.98 -3.40 35.77
N THR A 249 7.31 -2.55 34.79
CA THR A 249 8.53 -1.76 34.81
C THR A 249 8.21 -0.27 34.89
N ARG A 250 6.95 0.06 35.14
CA ARG A 250 6.51 1.45 35.13
C ARG A 250 7.21 2.24 36.21
N LEU A 251 7.62 1.58 37.31
CA LEU A 251 8.30 2.31 38.36
C LEU A 251 9.73 2.65 37.95
N ASP A 252 10.43 1.71 37.32
CA ASP A 252 11.71 2.03 36.71
C ASP A 252 11.54 3.21 35.75
N HIS A 253 10.53 3.12 34.90
CA HIS A 253 10.24 4.18 33.93
C HIS A 253 10.06 5.53 34.62
N ASP A 254 9.18 5.59 35.62
CA ASP A 254 8.93 6.84 36.30
C ASP A 254 10.16 7.33 37.06
N ARG A 255 10.98 6.40 37.56
CA ARG A 255 12.19 6.83 38.24
C ARG A 255 13.16 7.49 37.27
N GLY A 256 13.24 6.96 36.04
CA GLY A 256 14.04 7.61 35.02
C GLY A 256 13.54 9.01 34.71
N LEU A 257 12.22 9.15 34.53
CA LEU A 257 11.63 10.47 34.31
C LEU A 257 12.00 11.43 35.42
N ALA A 258 12.03 10.95 36.67
CA ALA A 258 12.34 11.87 37.75
C ALA A 258 13.82 12.23 37.75
N GLN A 259 14.69 11.29 37.37
CA GLN A 259 16.11 11.64 37.28
C GLN A 259 16.35 12.71 36.23
N VAL A 260 15.73 12.57 35.06
CA VAL A 260 15.86 13.58 34.02
C VAL A 260 15.39 14.94 34.53
N ALA A 261 14.18 14.98 35.08
CA ALA A 261 13.59 16.24 35.54
C ALA A 261 14.44 16.90 36.61
N ALA A 262 14.97 16.12 37.56
CA ALA A 262 15.82 16.70 38.58
C ALA A 262 17.12 17.23 37.99
N LYS A 263 17.78 16.46 37.11
CA LYS A 263 19.07 16.87 36.55
C LYS A 263 18.92 18.09 35.64
N VAL A 264 17.93 18.05 34.74
CA VAL A 264 17.74 19.10 33.75
C VAL A 264 16.98 20.29 34.31
N GLY A 265 16.14 20.08 35.33
CA GLY A 265 15.35 21.17 35.87
C GLY A 265 14.10 21.48 35.08
N CYS A 266 13.49 20.49 34.43
CA CYS A 266 12.30 20.70 33.61
C CYS A 266 11.08 20.11 34.32
N ASN A 267 9.91 20.32 33.72
CA ASN A 267 8.71 19.65 34.21
C ASN A 267 8.64 18.24 33.65
N ILE A 268 7.92 17.37 34.36
CA ILE A 268 7.71 16.01 33.89
C ILE A 268 7.08 16.02 32.51
N THR A 269 6.14 16.94 32.28
CA THR A 269 5.46 16.96 30.99
C THR A 269 6.36 17.44 29.85
N ASP A 270 7.51 18.03 30.14
CA ASP A 270 8.47 18.42 29.09
C ASP A 270 9.19 17.22 28.48
N ILE A 271 9.20 16.07 29.15
CA ILE A 271 9.97 14.89 28.73
C ILE A 271 9.10 14.00 27.85
N SER A 272 9.66 13.56 26.72
CA SER A 272 8.96 12.68 25.79
C SER A 272 9.90 11.57 25.36
N ARG A 273 9.32 10.43 24.97
CA ARG A 273 10.04 9.35 24.33
C ARG A 273 11.15 8.78 25.21
N PHE A 274 10.75 8.30 26.39
CA PHE A 274 11.62 7.58 27.30
C PHE A 274 11.11 6.15 27.46
N ALA A 275 12.03 5.22 27.69
CA ALA A 275 11.61 3.82 27.84
C ALA A 275 12.65 3.02 28.64
N ILE A 276 12.17 1.97 29.29
CA ILE A 276 12.99 0.96 29.97
C ILE A 276 12.94 -0.32 29.11
N TRP A 277 14.12 -0.87 28.78
CA TRP A 277 14.20 -2.15 28.08
C TRP A 277 14.63 -3.25 29.04
N GLY A 278 14.09 -4.45 28.83
CA GLY A 278 14.66 -5.63 29.49
C GLY A 278 13.95 -6.13 30.74
N ASN A 279 14.72 -6.59 31.70
CA ASN A 279 14.23 -7.22 32.92
C ASN A 279 13.95 -6.15 33.98
N HIS A 280 12.92 -6.39 34.81
CA HIS A 280 12.71 -5.53 35.98
C HIS A 280 13.77 -5.91 37.01
N SER A 281 14.98 -5.39 36.82
CA SER A 281 16.11 -5.78 37.64
C SER A 281 17.24 -4.79 37.38
N ALA A 282 18.38 -5.04 38.02
CA ALA A 282 19.52 -4.16 37.84
C ALA A 282 20.14 -4.24 36.45
N THR A 283 19.76 -5.21 35.61
CA THR A 283 20.25 -5.25 34.24
C THR A 283 19.37 -4.45 33.28
N GLN A 284 18.33 -3.82 33.78
CA GLN A 284 17.45 -3.04 32.93
C GLN A 284 18.27 -2.00 32.18
N TYR A 285 17.75 -1.61 31.02
CA TYR A 285 18.40 -0.55 30.27
C TYR A 285 17.47 0.64 30.17
N PRO A 286 17.67 1.67 31.01
CA PRO A 286 16.93 2.92 30.84
C PRO A 286 17.47 3.66 29.62
N ASP A 287 16.61 3.90 28.64
CA ASP A 287 17.06 4.29 27.31
C ASP A 287 16.68 5.75 27.07
N LEU A 288 17.70 6.61 27.00
CA LEU A 288 17.54 8.02 26.67
C LEU A 288 17.78 8.30 25.19
N SER A 289 18.00 7.27 24.37
CA SER A 289 18.46 7.50 23.00
C SER A 289 17.51 8.40 22.21
N PHE A 290 16.21 8.36 22.51
CA PHE A 290 15.23 9.10 21.73
C PHE A 290 14.56 10.23 22.49
N THR A 291 14.98 10.47 23.72
CA THR A 291 14.25 11.36 24.62
C THR A 291 14.35 12.81 24.16
N THR A 292 13.24 13.54 24.31
CA THR A 292 13.24 14.97 24.02
C THR A 292 12.75 15.74 25.24
N ILE A 293 13.15 17.00 25.31
CA ILE A 293 12.78 17.90 26.37
C ILE A 293 12.26 19.17 25.72
N LYS A 294 11.02 19.54 26.01
CA LYS A 294 10.42 20.71 25.39
C LYS A 294 11.30 21.94 25.56
N GLY A 295 11.65 22.57 24.45
CA GLY A 295 12.39 23.82 24.45
C GLY A 295 13.90 23.70 24.48
N GLN A 296 14.45 22.57 24.90
CA GLN A 296 15.90 22.43 25.06
C GLN A 296 16.42 21.75 23.80
N TRP A 297 17.09 22.52 22.94
CA TRP A 297 17.54 22.06 21.63
C TRP A 297 19.05 22.00 21.47
N GLY A 298 19.82 22.58 22.40
CA GLY A 298 21.27 22.67 22.29
C GLY A 298 21.94 21.82 23.34
N LEU A 299 22.97 22.37 23.99
CA LEU A 299 23.68 21.63 25.02
C LEU A 299 22.70 21.11 26.06
N ASN A 300 22.75 19.81 26.32
CA ASN A 300 21.87 19.19 27.29
C ASN A 300 22.48 17.88 27.75
N VAL A 301 22.50 17.68 29.07
CA VAL A 301 23.21 16.55 29.66
C VAL A 301 22.68 15.18 29.21
N ILE A 302 21.43 15.08 28.77
CA ILE A 302 20.93 13.76 28.38
C ILE A 302 21.53 13.28 27.06
N ASN A 303 22.29 14.11 26.37
CA ASN A 303 23.07 13.65 25.22
C ASN A 303 24.40 13.03 25.64
N ASP A 304 24.84 13.33 26.85
CA ASP A 304 26.17 12.98 27.34
C ASP A 304 26.19 11.51 27.74
N GLU A 305 26.82 10.67 26.90
CA GLU A 305 26.83 9.23 27.14
C GLU A 305 27.60 8.86 28.39
N GLN A 306 28.55 9.68 28.84
CA GLN A 306 29.27 9.36 30.07
C GLN A 306 28.38 9.59 31.29
N TRP A 307 27.58 10.66 31.28
CA TRP A 307 26.65 10.87 32.37
C TRP A 307 25.60 9.76 32.39
N ILE A 308 25.11 9.38 31.21
CA ILE A 308 24.16 8.27 31.12
C ILE A 308 24.74 7.04 31.76
N THR A 309 25.97 6.69 31.37
CA THR A 309 26.59 5.44 31.80
C THR A 309 27.00 5.49 33.26
N ASN A 310 27.56 6.61 33.71
CA ASN A 310 28.15 6.63 35.04
C ASN A 310 27.19 7.09 36.11
N GLU A 311 26.11 7.80 35.75
CA GLU A 311 25.22 8.30 36.76
C GLU A 311 23.78 7.89 36.50
N PHE A 312 23.23 8.32 35.36
CA PHE A 312 21.80 8.15 35.12
C PHE A 312 21.40 6.68 35.23
N ILE A 313 22.02 5.82 34.41
CA ILE A 313 21.62 4.40 34.42
C ILE A 313 21.82 3.77 35.79
N PRO A 314 22.97 3.92 36.46
CA PRO A 314 23.08 3.32 37.80
C PRO A 314 22.13 3.93 38.82
N ASN A 315 21.86 5.23 38.74
CA ASN A 315 20.92 5.82 39.69
C ASN A 315 19.52 5.24 39.53
N VAL A 316 19.12 4.98 38.28
CA VAL A 316 17.82 4.40 38.02
C VAL A 316 17.79 2.96 38.49
N GLN A 317 18.88 2.20 38.24
CA GLN A 317 18.92 0.79 38.61
C GLN A 317 18.92 0.62 40.12
N GLN A 318 19.57 1.55 40.85
CA GLN A 318 19.79 1.41 42.28
C GLN A 318 18.85 2.28 43.10
N ARG A 319 17.82 2.84 42.48
CA ARG A 319 16.94 3.78 43.16
C ARG A 319 16.25 3.15 44.36
N GLY A 320 15.84 1.88 44.25
CA GLY A 320 15.19 1.22 45.38
C GLY A 320 16.08 1.15 46.60
N ALA A 321 17.37 0.84 46.38
CA ALA A 321 18.28 0.77 47.53
C ALA A 321 18.45 2.14 48.17
N ALA A 322 18.41 3.21 47.37
CA ALA A 322 18.56 4.55 47.92
C ALA A 322 17.40 4.92 48.83
N ILE A 323 16.17 4.57 48.44
CA ILE A 323 15.02 4.86 49.27
C ILE A 323 15.07 4.07 50.58
N ILE A 324 15.47 2.80 50.51
CA ILE A 324 15.60 2.00 51.73
C ILE A 324 16.63 2.61 52.68
N LYS A 325 17.74 3.11 52.13
CA LYS A 325 18.78 3.71 52.96
C LYS A 325 18.28 4.97 53.65
N ALA A 326 17.45 5.75 52.96
CA ALA A 326 16.95 7.00 53.53
C ALA A 326 15.78 6.79 54.50
N ARG A 327 14.81 5.93 54.15
CA ARG A 327 13.59 5.78 54.94
C ARG A 327 13.61 4.60 55.90
N GLY A 328 14.43 3.57 55.64
CA GLY A 328 14.38 2.36 56.43
C GLY A 328 13.33 1.36 56.01
N LYS A 329 12.56 1.68 54.97
CA LYS A 329 11.57 0.76 54.41
C LYS A 329 11.63 0.90 52.91
N SER A 330 11.09 -0.10 52.20
CA SER A 330 11.09 -0.05 50.74
C SER A 330 10.00 0.91 50.25
N SER A 331 10.07 1.23 48.95
CA SER A 331 9.26 2.30 48.36
C SER A 331 7.87 1.80 47.95
N ALA A 332 7.10 1.38 48.95
CA ALA A 332 5.76 0.83 48.67
C ALA A 332 4.85 1.84 47.99
N ALA A 333 4.87 3.09 48.44
CA ALA A 333 3.92 4.07 47.92
C ALA A 333 4.17 4.34 46.43
N SER A 334 5.44 4.49 46.02
CA SER A 334 5.66 4.71 44.60
C SER A 334 5.44 3.45 43.77
N ALA A 335 5.71 2.25 44.30
CA ALA A 335 5.37 1.06 43.52
C ALA A 335 3.85 0.97 43.30
N ALA A 336 3.06 1.27 44.35
CA ALA A 336 1.61 1.30 44.17
C ALA A 336 1.23 2.36 43.14
N ASP A 337 1.88 3.53 43.20
CA ASP A 337 1.64 4.57 42.20
C ASP A 337 1.92 4.08 40.78
N ALA A 338 3.05 3.40 40.58
CA ALA A 338 3.37 2.86 39.25
C ALA A 338 2.33 1.85 38.80
N ALA A 339 1.85 1.00 39.72
CA ALA A 339 0.80 0.04 39.35
C ALA A 339 -0.48 0.75 38.94
N ILE A 340 -0.89 1.77 39.70
CA ILE A 340 -2.06 2.54 39.27
C ILE A 340 -1.81 3.10 37.87
N LYS A 341 -0.65 3.70 37.64
CA LYS A 341 -0.39 4.27 36.32
C LYS A 341 -0.36 3.20 35.23
N HIS A 342 0.29 2.06 35.52
CA HIS A 342 0.35 0.99 34.53
C HIS A 342 -1.05 0.51 34.14
N MET A 343 -1.91 0.21 35.12
CA MET A 343 -3.25 -0.27 34.80
C MET A 343 -4.08 0.81 34.14
N HIS A 344 -3.99 2.04 34.65
CA HIS A 344 -4.77 3.14 34.10
C HIS A 344 -4.48 3.33 32.62
N ASP A 345 -3.19 3.41 32.25
CA ASP A 345 -2.81 3.56 30.86
C ASP A 345 -3.19 2.32 30.02
N TRP A 346 -3.05 1.11 30.58
CA TRP A 346 -3.45 -0.10 29.87
C TRP A 346 -4.91 -0.03 29.45
N VAL A 347 -5.77 0.45 30.35
CA VAL A 347 -7.22 0.47 30.13
C VAL A 347 -7.67 1.74 29.40
N LEU A 348 -7.14 2.90 29.77
CA LEU A 348 -7.65 4.15 29.23
C LEU A 348 -6.73 4.81 28.21
N GLY A 349 -5.51 4.31 28.03
CA GLY A 349 -4.61 4.83 27.02
C GLY A 349 -3.76 5.98 27.54
N ASN A 350 -2.68 6.23 26.81
CA ASN A 350 -1.75 7.31 27.17
C ASN A 350 -0.98 7.66 25.90
N SER A 351 -0.93 8.94 25.55
CA SER A 351 -0.31 9.36 24.30
C SER A 351 1.21 9.28 24.34
N GLU A 352 1.82 9.19 25.51
CA GLU A 352 3.27 9.15 25.63
C GLU A 352 3.75 7.71 25.62
N TRP A 353 5.02 7.52 25.25
CA TRP A 353 5.63 6.22 25.45
C TRP A 353 5.58 5.85 26.92
N VAL A 354 5.18 4.61 27.20
CA VAL A 354 5.36 4.07 28.53
C VAL A 354 6.08 2.74 28.37
N SER A 355 6.66 2.29 29.48
CA SER A 355 7.33 1.01 29.53
C SER A 355 6.42 -0.03 30.18
N MET A 356 6.35 -1.20 29.55
CA MET A 356 5.68 -2.39 30.04
C MET A 356 6.55 -3.59 29.66
N ALA A 357 6.66 -4.58 30.56
CA ALA A 357 7.28 -5.86 30.26
C ALA A 357 6.25 -6.78 29.62
N ILE A 358 6.45 -7.12 28.35
CA ILE A 358 5.39 -7.76 27.57
C ILE A 358 5.95 -9.02 26.92
N PRO A 359 5.09 -9.95 26.50
CA PRO A 359 5.61 -11.13 25.76
C PRO A 359 6.31 -10.70 24.49
N SER A 360 7.52 -11.20 24.30
CA SER A 360 8.26 -10.91 23.09
C SER A 360 7.68 -11.69 21.91
N ARG A 361 7.25 -10.96 20.89
CA ARG A 361 7.00 -11.52 19.56
C ARG A 361 8.15 -11.22 18.61
N GLY A 362 9.37 -11.06 19.13
CA GLY A 362 10.52 -10.76 18.30
C GLY A 362 10.72 -9.31 17.94
N GLN A 363 10.01 -8.38 18.58
CA GLN A 363 10.25 -6.96 18.36
C GLN A 363 11.72 -6.64 18.56
N TYR A 364 12.29 -5.86 17.64
CA TYR A 364 13.70 -5.47 17.68
C TYR A 364 14.63 -6.69 17.77
N GLY A 365 14.18 -7.84 17.27
CA GLY A 365 14.98 -9.04 17.27
C GLY A 365 15.10 -9.74 18.61
N ILE A 366 14.31 -9.32 19.60
CA ILE A 366 14.38 -9.87 20.96
C ILE A 366 13.92 -11.33 20.93
N PRO A 367 14.62 -12.25 21.60
CA PRO A 367 14.19 -13.66 21.59
C PRO A 367 12.76 -13.82 22.07
N ARG A 368 12.04 -14.75 21.44
CA ARG A 368 10.65 -15.05 21.78
C ARG A 368 10.58 -15.88 23.07
N GLY A 369 9.42 -15.86 23.70
CA GLY A 369 9.21 -16.67 24.87
C GLY A 369 9.64 -16.04 26.18
N ILE A 370 10.24 -14.86 26.16
CA ILE A 370 10.53 -14.13 27.39
C ILE A 370 9.64 -12.91 27.43
N TRP A 371 9.40 -12.42 28.65
CA TRP A 371 8.75 -11.13 28.83
C TRP A 371 9.83 -10.07 28.96
N CYS A 372 9.69 -9.02 28.18
CA CYS A 372 10.75 -8.04 28.06
C CYS A 372 10.15 -6.68 27.96
N SER A 373 10.66 -5.74 28.76
CA SER A 373 10.19 -4.36 28.75
C SER A 373 10.59 -3.68 27.45
N MET A 374 9.66 -2.93 26.87
CA MET A 374 9.90 -2.24 25.62
C MET A 374 9.14 -0.92 25.65
N PRO A 375 9.56 0.07 24.86
CA PRO A 375 8.71 1.25 24.66
C PRO A 375 7.42 0.86 23.96
N VAL A 376 6.30 1.18 24.59
CA VAL A 376 4.99 0.91 24.01
C VAL A 376 4.10 2.15 24.08
N GLN A 377 3.12 2.18 23.20
CA GLN A 377 2.01 3.11 23.27
C GLN A 377 0.77 2.33 23.71
N CYS A 378 0.13 2.77 24.78
CA CYS A 378 -1.12 2.18 25.24
C CYS A 378 -2.27 2.94 24.58
N PHE A 379 -3.01 2.26 23.72
CA PHE A 379 -4.13 2.91 23.06
C PHE A 379 -5.40 2.87 23.90
N GLY A 380 -5.41 2.11 24.99
CA GLY A 380 -6.60 1.94 25.80
C GLY A 380 -7.33 0.65 25.45
N ALA A 381 -8.30 0.31 26.30
CA ALA A 381 -9.13 -0.88 26.12
C ALA A 381 -8.27 -2.14 26.02
N GLY A 382 -7.16 -2.18 26.77
CA GLY A 382 -6.30 -3.33 26.86
C GLY A 382 -5.30 -3.52 25.73
N LYS A 383 -5.27 -2.61 24.76
CA LYS A 383 -4.44 -2.78 23.57
C LYS A 383 -3.23 -1.86 23.62
N TYR A 384 -2.04 -2.42 23.38
CA TYR A 384 -0.80 -1.66 23.31
C TYR A 384 0.00 -2.16 22.12
N GLY A 385 0.95 -1.33 21.68
CA GLY A 385 1.85 -1.66 20.59
C GLY A 385 3.25 -1.11 20.79
N VAL A 386 4.25 -1.95 20.53
CA VAL A 386 5.63 -1.52 20.66
C VAL A 386 5.89 -0.38 19.69
N ILE A 387 6.64 0.63 20.15
CA ILE A 387 7.02 1.71 19.25
C ILE A 387 7.90 1.13 18.16
N GLU A 388 7.53 1.37 16.91
CA GLU A 388 8.21 0.74 15.78
C GLU A 388 9.22 1.69 15.15
N GLY A 389 10.18 1.11 14.44
CA GLY A 389 11.06 1.91 13.61
C GLY A 389 12.23 2.53 14.32
N LEU A 390 12.48 2.21 15.57
CA LEU A 390 13.53 2.90 16.30
C LEU A 390 14.89 2.35 15.86
N PRO A 391 15.83 3.20 15.47
CA PRO A 391 17.19 2.73 15.19
C PRO A 391 17.93 2.47 16.48
N ILE A 392 18.42 1.24 16.63
CA ILE A 392 19.07 0.79 17.87
C ILE A 392 20.58 0.89 17.67
N ASN A 393 21.25 1.78 18.39
CA ASN A 393 22.70 1.87 18.26
C ASN A 393 23.40 0.78 19.07
N SER A 394 24.72 0.73 18.91
CA SER A 394 25.52 -0.35 19.47
C SER A 394 25.56 -0.28 20.99
N PHE A 395 25.58 0.92 21.56
CA PHE A 395 25.53 1.01 23.01
C PHE A 395 24.20 0.48 23.53
N SER A 396 23.10 0.86 22.87
CA SER A 396 21.81 0.33 23.26
C SER A 396 21.73 -1.16 23.03
N ALA A 397 22.20 -1.65 21.88
CA ALA A 397 22.10 -3.08 21.61
C ALA A 397 22.84 -3.90 22.66
N ASP A 398 24.02 -3.44 23.06
CA ASP A 398 24.78 -4.14 24.09
C ASP A 398 24.01 -4.24 25.38
N ARG A 399 23.40 -3.14 25.81
CA ARG A 399 22.73 -3.12 27.10
C ARG A 399 21.50 -4.02 27.06
N ILE A 400 20.66 -3.85 26.03
CA ILE A 400 19.49 -4.72 25.84
C ILE A 400 19.91 -6.18 25.86
N ASN A 401 21.01 -6.52 25.15
CA ASN A 401 21.45 -7.91 25.11
C ASN A 401 21.81 -8.43 26.49
N ALA A 402 22.42 -7.59 27.33
CA ALA A 402 22.75 -8.00 28.69
C ALA A 402 21.51 -8.37 29.49
N SER A 403 20.44 -7.61 29.30
CA SER A 403 19.24 -7.90 30.08
C SER A 403 18.51 -9.10 29.49
N VAL A 404 18.49 -9.22 28.17
CA VAL A 404 17.94 -10.42 27.53
C VAL A 404 18.66 -11.67 28.02
N LYS A 405 19.98 -11.59 28.12
CA LYS A 405 20.76 -12.70 28.65
C LYS A 405 20.28 -13.09 30.05
N GLU A 406 20.00 -12.10 30.90
CA GLU A 406 19.54 -12.43 32.24
C GLU A 406 18.15 -13.06 32.20
N LEU A 407 17.28 -12.52 31.35
CA LEU A 407 15.94 -13.09 31.22
C LEU A 407 16.00 -14.52 30.73
N ILE A 408 16.89 -14.81 29.77
CA ILE A 408 17.00 -16.19 29.30
C ILE A 408 17.50 -17.10 30.42
N GLU A 409 18.46 -16.62 31.22
CA GLU A 409 18.97 -17.44 32.32
C GLU A 409 17.86 -17.69 33.34
N GLU A 410 17.05 -16.67 33.62
CA GLU A 410 15.93 -16.85 34.53
C GLU A 410 14.96 -17.90 34.00
N LYS A 411 14.67 -17.85 32.70
CA LYS A 411 13.72 -18.81 32.12
C LYS A 411 14.23 -20.24 32.24
N LYS A 412 15.51 -20.46 31.95
CA LYS A 412 16.07 -21.81 32.06
C LYS A 412 15.97 -22.33 33.48
N ILE A 413 16.10 -21.45 34.48
CA ILE A 413 16.04 -21.91 35.86
C ILE A 413 14.65 -22.40 36.21
N VAL A 414 13.60 -21.74 35.71
CA VAL A 414 12.24 -22.11 36.07
C VAL A 414 11.56 -22.93 34.99
N GLU A 415 12.31 -23.45 34.01
CA GLU A 415 11.71 -24.08 32.83
C GLU A 415 10.77 -25.24 33.18
N ASN A 416 10.94 -25.87 34.34
CA ASN A 416 10.11 -27.01 34.68
C ASN A 416 8.69 -26.64 35.10
N LEU A 417 8.40 -25.35 35.28
CA LEU A 417 7.06 -24.88 35.58
C LEU A 417 6.33 -24.40 34.32
N LEU A 418 6.80 -24.81 33.15
CA LEU A 418 6.18 -24.51 31.87
C LEU A 418 5.23 -25.63 31.44
N GLN B 93 -4.37 26.13 30.21
CA GLN B 93 -5.53 25.55 30.86
C GLN B 93 -5.28 25.33 32.35
N LEU B 94 -4.01 25.34 32.75
CA LEU B 94 -3.64 25.14 34.14
C LEU B 94 -3.74 26.45 34.92
N ALA B 95 -4.27 26.36 36.13
CA ALA B 95 -4.33 27.52 37.00
C ALA B 95 -2.95 27.82 37.54
N PRO B 96 -2.74 29.02 38.11
CA PRO B 96 -1.48 29.27 38.79
C PRO B 96 -1.32 28.36 39.98
N PRO B 97 -0.09 28.03 40.36
CA PRO B 97 0.12 27.02 41.40
C PRO B 97 -0.32 27.50 42.76
N VAL B 98 -0.72 26.55 43.61
CA VAL B 98 -0.98 26.84 45.02
C VAL B 98 0.02 26.05 45.86
N THR B 99 0.25 26.55 47.08
CA THR B 99 1.27 26.00 47.98
C THR B 99 0.60 25.33 49.17
N ILE B 100 1.00 24.09 49.47
CA ILE B 100 0.43 23.32 50.55
C ILE B 100 1.54 22.93 51.52
N THR B 101 1.38 23.28 52.78
CA THR B 101 2.29 22.86 53.82
C THR B 101 1.72 21.64 54.52
N VAL B 102 2.54 20.61 54.69
CA VAL B 102 2.12 19.43 55.44
C VAL B 102 3.16 19.12 56.49
N SER B 103 2.74 19.11 57.77
CA SER B 103 3.61 18.71 58.86
C SER B 103 3.50 17.21 59.09
N GLY B 104 4.37 16.69 59.96
CA GLY B 104 4.40 15.25 60.12
C GLY B 104 4.58 14.51 58.80
N ALA B 105 5.35 15.10 57.89
CA ALA B 105 5.39 14.61 56.52
C ALA B 105 6.07 13.26 56.39
N CYS B 106 6.74 12.76 57.44
CA CYS B 106 7.34 11.44 57.37
C CYS B 106 6.42 10.31 57.84
N GLY B 107 5.26 10.63 58.39
CA GLY B 107 4.43 9.63 59.02
C GLY B 107 3.62 8.79 58.04
N GLN B 108 2.89 7.84 58.61
CA GLN B 108 2.07 6.92 57.80
C GLN B 108 0.91 7.64 57.13
N ILE B 109 0.30 8.61 57.82
CA ILE B 109 -0.78 9.36 57.18
C ILE B 109 -0.26 10.15 56.00
N ALA B 110 0.87 10.85 56.20
CA ALA B 110 1.48 11.58 55.09
C ALA B 110 1.81 10.62 53.94
N ASN B 111 2.28 9.41 54.26
CA ASN B 111 2.63 8.43 53.23
C ASN B 111 1.47 8.17 52.27
N SER B 112 0.23 8.16 52.78
CA SER B 112 -0.93 8.03 51.90
C SER B 112 -1.41 9.37 51.38
N LEU B 113 -1.35 10.42 52.22
CA LEU B 113 -1.90 11.73 51.87
C LEU B 113 -1.20 12.35 50.67
N LEU B 114 0.14 12.38 50.70
CA LEU B 114 0.91 13.23 49.79
C LEU B 114 0.73 12.81 48.33
N PHE B 115 0.66 11.51 48.07
CA PHE B 115 0.47 11.04 46.70
C PHE B 115 -0.89 11.43 46.15
N ARG B 116 -1.89 11.56 47.02
CA ARG B 116 -3.23 11.95 46.62
C ARG B 116 -3.44 13.46 46.62
N ILE B 117 -2.43 14.22 47.04
CA ILE B 117 -2.33 15.63 46.66
C ILE B 117 -1.60 15.76 45.32
N ALA B 118 -0.45 15.11 45.19
CA ALA B 118 0.35 15.27 43.99
C ALA B 118 -0.40 14.75 42.75
N ASN B 119 -1.32 13.79 42.92
CA ASN B 119 -2.03 13.25 41.77
C ASN B 119 -3.15 14.18 41.28
N GLY B 120 -3.37 15.30 41.96
CA GLY B 120 -4.42 16.23 41.57
C GLY B 120 -5.78 15.91 42.16
N GLU B 121 -5.88 14.88 43.01
CA GLU B 121 -7.20 14.47 43.51
C GLU B 121 -7.75 15.49 44.52
N MET B 122 -6.91 16.01 45.43
CA MET B 122 -7.40 16.87 46.50
C MET B 122 -7.91 18.20 45.96
N LEU B 123 -7.20 18.80 45.02
CA LEU B 123 -7.52 20.15 44.56
C LEU B 123 -7.95 20.21 43.10
N GLY B 124 -7.91 19.11 42.37
CA GLY B 124 -8.38 19.17 40.99
C GLY B 124 -7.30 18.89 39.95
N GLU B 125 -7.70 18.26 38.84
CA GLU B 125 -6.74 17.76 37.86
C GLU B 125 -6.02 18.87 37.09
N ASN B 126 -6.49 20.12 37.18
CA ASN B 126 -5.85 21.24 36.49
C ASN B 126 -5.19 22.22 37.45
N GLN B 127 -4.91 21.80 38.68
CA GLN B 127 -4.38 22.70 39.71
C GLN B 127 -2.98 22.27 40.13
N PRO B 128 -1.93 22.87 39.58
CA PRO B 128 -0.57 22.54 40.00
C PRO B 128 -0.33 22.89 41.46
N VAL B 129 0.49 22.08 42.12
CA VAL B 129 0.72 22.25 43.56
C VAL B 129 2.20 22.27 43.87
N LYS B 130 2.54 23.01 44.93
CA LYS B 130 3.86 23.01 45.54
C LYS B 130 3.70 22.49 46.96
N LEU B 131 4.54 21.53 47.34
CA LEU B 131 4.51 20.91 48.66
C LEU B 131 5.62 21.49 49.52
N ARG B 132 5.27 21.95 50.70
CA ARG B 132 6.24 22.35 51.70
C ARG B 132 6.10 21.36 52.85
N LEU B 133 7.12 20.52 53.02
CA LEU B 133 7.07 19.38 53.91
C LEU B 133 7.86 19.70 55.17
N LEU B 134 7.21 19.60 56.33
CA LEU B 134 7.80 19.91 57.61
C LEU B 134 7.89 18.65 58.45
N GLU B 135 9.04 18.46 59.10
CA GLU B 135 9.26 17.35 60.00
C GLU B 135 10.12 17.81 61.16
N ARG B 136 10.27 16.94 62.16
CA ARG B 136 11.17 17.20 63.26
C ARG B 136 12.62 17.12 62.78
N PRO B 137 13.54 17.80 63.46
CA PRO B 137 14.94 17.79 63.01
C PRO B 137 15.52 16.38 62.83
N GLU B 138 15.21 15.46 63.73
CA GLU B 138 15.83 14.14 63.65
C GLU B 138 15.26 13.28 62.54
N ALA B 139 14.22 13.73 61.86
CA ALA B 139 13.57 12.96 60.81
C ALA B 139 13.90 13.50 59.42
N MET B 140 14.86 14.44 59.34
CA MET B 140 15.15 15.08 58.06
C MET B 140 15.77 14.11 57.07
N LYS B 141 16.61 13.18 57.54
CA LYS B 141 17.16 12.17 56.62
C LYS B 141 16.06 11.31 56.02
N ALA B 142 15.09 10.90 56.83
CA ALA B 142 13.97 10.13 56.30
C ALA B 142 13.07 10.96 55.39
N LEU B 143 12.94 12.26 55.66
CA LEU B 143 12.08 13.07 54.80
C LEU B 143 12.64 13.18 53.39
N GLU B 144 13.96 13.13 53.23
CA GLU B 144 14.55 13.08 51.90
C GLU B 144 14.04 11.87 51.12
N GLY B 145 13.85 10.74 51.81
CA GLY B 145 13.26 9.58 51.15
C GLY B 145 11.84 9.85 50.70
N VAL B 146 11.06 10.59 51.50
CA VAL B 146 9.70 10.93 51.11
C VAL B 146 9.71 11.73 49.81
N LYS B 147 10.61 12.71 49.70
CA LYS B 147 10.74 13.48 48.46
C LYS B 147 11.12 12.58 47.28
N MET B 148 12.02 11.64 47.51
CA MET B 148 12.45 10.73 46.45
C MET B 148 11.26 9.93 45.88
N GLU B 149 10.42 9.37 46.77
CA GLU B 149 9.26 8.60 46.33
C GLU B 149 8.25 9.49 45.60
N LEU B 150 8.06 10.71 46.09
CA LEU B 150 7.14 11.62 45.39
C LEU B 150 7.66 12.00 44.02
N ASP B 151 8.95 12.34 43.93
CA ASP B 151 9.54 12.56 42.62
C ASP B 151 9.33 11.33 41.74
N ASP B 152 9.51 10.15 42.31
CA ASP B 152 9.34 8.90 41.57
C ASP B 152 7.91 8.62 41.18
N GLY B 153 6.95 9.40 41.66
CA GLY B 153 5.60 9.39 41.09
C GLY B 153 5.46 10.09 39.76
N ALA B 154 6.47 10.87 39.36
CA ALA B 154 6.47 11.56 38.07
C ALA B 154 5.18 12.34 37.85
N PHE B 155 4.77 13.08 38.87
CA PHE B 155 3.47 13.74 38.82
C PHE B 155 3.57 15.06 38.05
N PRO B 156 2.81 15.22 36.97
CA PRO B 156 2.85 16.49 36.22
C PRO B 156 2.42 17.71 37.01
N LEU B 157 1.53 17.56 37.99
CA LEU B 157 1.01 18.71 38.73
C LEU B 157 1.92 19.18 39.86
N LEU B 158 2.90 18.37 40.26
CA LEU B 158 3.77 18.66 41.40
C LEU B 158 4.92 19.55 40.92
N GLU B 159 4.79 20.86 41.16
CA GLU B 159 5.81 21.77 40.66
C GLU B 159 7.01 21.85 41.58
N GLU B 160 6.85 21.60 42.89
CA GLU B 160 8.00 21.71 43.77
C GLU B 160 7.77 20.91 45.04
N ILE B 161 8.87 20.36 45.57
CA ILE B 161 8.88 19.73 46.89
C ILE B 161 9.98 20.40 47.72
N TYR B 162 9.56 21.08 48.80
CA TYR B 162 10.46 21.75 49.73
C TYR B 162 10.45 21.02 51.06
N LEU B 163 11.63 20.74 51.62
CA LEU B 163 11.78 20.03 52.89
C LEU B 163 12.38 20.97 53.93
N THR B 164 11.88 20.90 55.17
CA THR B 164 12.41 21.76 56.22
C THR B 164 12.00 21.22 57.58
N ASP B 165 12.80 21.57 58.60
CA ASP B 165 12.43 21.43 60.00
C ASP B 165 12.16 22.79 60.66
N SER B 166 11.88 23.81 59.86
CA SER B 166 11.61 25.15 60.34
C SER B 166 10.17 25.50 60.01
N GLU B 167 9.37 25.76 61.04
CA GLU B 167 7.95 26.00 60.77
C GLU B 167 7.75 27.34 60.07
N ASN B 168 8.61 28.33 60.33
CA ASN B 168 8.50 29.59 59.59
C ASN B 168 8.76 29.36 58.09
N ASP B 169 9.79 28.59 57.75
CA ASP B 169 10.04 28.30 56.34
C ASP B 169 8.90 27.47 55.74
N ALA B 170 8.37 26.51 56.51
CA ALA B 170 7.33 25.62 56.01
C ALA B 170 6.09 26.38 55.54
N PHE B 171 5.63 27.37 56.31
CA PHE B 171 4.38 28.04 56.01
C PHE B 171 4.50 29.23 55.07
N ARG B 172 5.71 29.54 54.58
CA ARG B 172 5.88 30.69 53.70
CA ARG B 172 5.90 30.69 53.68
C ARG B 172 4.99 30.56 52.47
N GLY B 173 4.13 31.56 52.26
CA GLY B 173 3.24 31.57 51.12
C GLY B 173 2.25 30.43 51.04
N ALA B 174 1.98 29.74 52.14
CA ALA B 174 1.06 28.61 52.10
C ALA B 174 -0.37 29.09 51.82
N ASP B 175 -1.01 28.41 50.86
CA ASP B 175 -2.44 28.56 50.59
C ASP B 175 -3.28 27.56 51.37
N TYR B 176 -2.70 26.43 51.72
CA TYR B 176 -3.36 25.36 52.45
C TYR B 176 -2.36 24.76 53.42
N ALA B 177 -2.86 24.29 54.56
CA ALA B 177 -2.02 23.65 55.55
C ALA B 177 -2.73 22.46 56.16
N ILE B 178 -2.05 21.33 56.18
CA ILE B 178 -2.58 20.12 56.78
C ILE B 178 -1.60 19.73 57.87
N LEU B 179 -2.04 19.82 59.12
CA LEU B 179 -1.17 19.68 60.28
C LEU B 179 -1.37 18.28 60.85
N LEU B 180 -0.47 17.37 60.48
CA LEU B 180 -0.48 16.00 60.95
C LEU B 180 0.41 15.82 62.17
N GLY B 181 1.42 16.66 62.31
CA GLY B 181 2.41 16.48 63.35
C GLY B 181 1.91 16.99 64.70
N GLY B 182 2.25 16.22 65.74
CA GLY B 182 1.88 16.57 67.10
C GLY B 182 2.57 15.60 68.04
N LYS B 183 2.16 15.65 69.30
CA LYS B 183 2.69 14.69 70.27
C LYS B 183 1.64 13.62 70.55
N PRO B 184 1.87 12.37 70.16
CA PRO B 184 0.88 11.32 70.44
C PRO B 184 0.84 10.94 71.91
N ARG B 185 -0.32 10.41 72.31
CA ARG B 185 -0.51 9.90 73.67
C ARG B 185 0.21 8.56 73.80
N GLY B 186 1.33 8.54 74.51
CA GLY B 186 2.03 7.32 74.77
C GLY B 186 1.58 6.67 76.07
N PRO B 187 2.04 5.45 76.33
CA PRO B 187 1.74 4.83 77.62
C PRO B 187 2.26 5.70 78.76
N GLY B 188 1.40 5.90 79.76
CA GLY B 188 1.79 6.61 80.95
C GLY B 188 2.10 8.08 80.78
N MET B 189 1.60 8.70 79.72
CA MET B 189 1.61 10.14 79.59
C MET B 189 0.26 10.64 80.07
N GLU B 190 0.28 11.63 80.95
CA GLU B 190 -0.99 12.12 81.47
C GLU B 190 -1.74 12.88 80.37
N ARG B 191 -3.06 12.83 80.47
CA ARG B 191 -3.91 13.46 79.46
C ARG B 191 -3.65 14.95 79.37
N ALA B 192 -3.50 15.62 80.51
CA ALA B 192 -3.26 17.06 80.51
C ALA B 192 -1.89 17.40 79.91
N ASP B 193 -0.87 16.58 80.20
CA ASP B 193 0.46 16.83 79.64
C ASP B 193 0.46 16.69 78.12
N VAL B 194 -0.23 15.70 77.59
CA VAL B 194 -0.33 15.57 76.14
C VAL B 194 -1.03 16.80 75.55
N MET B 195 -2.10 17.25 76.19
CA MET B 195 -2.80 18.44 75.71
C MET B 195 -1.89 19.67 75.74
N LYS B 196 -1.13 19.84 76.84
CA LYS B 196 -0.27 21.02 76.95
C LYS B 196 0.93 20.94 76.02
N ASP B 197 1.55 19.76 75.90
CA ASP B 197 2.68 19.63 74.98
C ASP B 197 2.26 19.96 73.56
N ASN B 198 1.08 19.49 73.15
CA ASN B 198 0.58 19.82 71.82
C ASN B 198 0.19 21.28 71.72
N ALA B 199 -0.31 21.87 72.81
CA ALA B 199 -0.62 23.29 72.79
C ALA B 199 0.60 24.13 72.43
N ALA B 200 1.76 23.80 72.99
CA ALA B 200 2.98 24.53 72.65
C ALA B 200 3.32 24.38 71.17
N ILE B 201 3.13 23.18 70.61
CA ILE B 201 3.42 22.96 69.20
C ILE B 201 2.48 23.78 68.32
N PHE B 202 1.18 23.75 68.64
CA PHE B 202 0.23 24.46 67.80
C PHE B 202 0.20 25.96 68.12
N LYS B 203 0.70 26.37 69.29
CA LYS B 203 0.97 27.79 69.50
C LYS B 203 2.05 28.27 68.55
N ALA B 204 3.15 27.50 68.45
CA ALA B 204 4.26 27.87 67.56
C ALA B 204 3.83 27.86 66.10
N GLN B 205 3.00 26.87 65.71
CA GLN B 205 2.60 26.77 64.32
C GLN B 205 1.56 27.84 63.96
N GLY B 206 0.65 28.14 64.88
CA GLY B 206 -0.24 29.26 64.67
C GLY B 206 0.50 30.58 64.52
N GLU B 207 1.52 30.80 65.35
CA GLU B 207 2.31 32.00 65.22
C GLU B 207 2.99 32.05 63.85
N ALA B 208 3.57 30.92 63.43
CA ALA B 208 4.26 30.90 62.14
C ALA B 208 3.27 31.05 61.00
N LEU B 209 2.11 30.37 61.09
CA LEU B 209 1.07 30.53 60.07
C LEU B 209 0.70 31.99 59.93
N ASN B 210 0.49 32.67 61.06
CA ASN B 210 0.08 34.06 61.02
C ASN B 210 1.12 34.92 60.33
N LYS B 211 2.41 34.67 60.60
CA LYS B 211 3.46 35.53 60.04
C LYS B 211 3.69 35.27 58.56
N GLN B 212 3.67 34.00 58.15
CA GLN B 212 4.28 33.58 56.88
C GLN B 212 3.28 33.20 55.80
N ALA B 213 2.12 32.64 56.16
CA ALA B 213 1.18 32.10 55.19
C ALA B 213 0.45 33.22 54.46
N ASN B 214 -0.23 32.85 53.39
CA ASN B 214 -1.06 33.81 52.67
C ASN B 214 -2.30 34.14 53.47
N GLY B 215 -2.92 35.29 53.14
CA GLY B 215 -4.00 35.78 53.97
C GLY B 215 -5.22 34.88 53.98
N ASP B 216 -5.50 34.19 52.87
CA ASP B 216 -6.68 33.35 52.76
C ASP B 216 -6.41 31.88 53.08
N VAL B 217 -5.28 31.59 53.75
CA VAL B 217 -4.90 30.20 53.99
C VAL B 217 -5.99 29.46 54.74
N LEU B 218 -6.24 28.23 54.32
CA LEU B 218 -7.13 27.30 55.03
C LEU B 218 -6.26 26.25 55.70
N VAL B 219 -6.51 26.04 56.98
CA VAL B 219 -5.70 25.17 57.84
C VAL B 219 -6.59 24.04 58.33
N LEU B 220 -6.15 22.80 58.12
CA LEU B 220 -6.82 21.62 58.63
C LEU B 220 -5.95 20.98 59.71
N ILE B 221 -6.54 20.76 60.88
CA ILE B 221 -5.87 20.06 61.97
C ILE B 221 -6.30 18.59 61.95
N VAL B 222 -5.33 17.68 61.78
CA VAL B 222 -5.57 16.25 61.92
C VAL B 222 -5.04 15.73 63.26
N ALA B 223 -3.87 16.21 63.69
CA ALA B 223 -3.26 15.74 64.92
C ALA B 223 -4.16 15.95 66.12
N ASN B 224 -4.20 14.96 67.01
CA ASN B 224 -5.00 14.96 68.22
C ASN B 224 -4.29 15.72 69.33
N PRO B 225 -5.05 16.35 70.25
CA PRO B 225 -6.51 16.52 70.25
C PRO B 225 -6.94 17.59 69.24
N ALA B 226 -7.57 17.14 68.15
CA ALA B 226 -7.74 18.00 66.98
C ALA B 226 -8.49 19.28 67.34
N ASN B 227 -9.69 19.15 67.87
CA ASN B 227 -10.50 20.33 68.15
C ASN B 227 -9.72 21.33 68.98
N THR B 228 -9.08 20.86 70.05
CA THR B 228 -8.32 21.77 70.91
C THR B 228 -7.07 22.29 70.20
N ASN B 229 -6.40 21.43 69.45
CA ASN B 229 -5.25 21.89 68.66
C ASN B 229 -5.66 22.99 67.69
N ALA B 230 -6.82 22.83 67.03
CA ALA B 230 -7.30 23.86 66.12
C ALA B 230 -7.57 25.16 66.86
N MET B 231 -8.19 25.07 68.04
CA MET B 231 -8.50 26.26 68.82
C MET B 231 -7.21 26.99 69.23
N ILE B 232 -6.21 26.25 69.70
CA ILE B 232 -4.93 26.85 70.09
C ILE B 232 -4.25 27.52 68.91
N THR B 233 -4.27 26.86 67.74
CA THR B 233 -3.71 27.46 66.54
C THR B 233 -4.35 28.81 66.25
N SER B 234 -5.68 28.85 66.25
CA SER B 234 -6.40 30.09 65.95
C SER B 234 -6.13 31.16 67.00
N ALA B 235 -6.08 30.77 68.28
CA ALA B 235 -5.84 31.77 69.31
C ALA B 235 -4.50 32.45 69.11
N ASN B 236 -3.57 31.76 68.48
CA ASN B 236 -2.23 32.30 68.27
C ASN B 236 -2.02 32.77 66.84
N ALA B 237 -3.11 33.00 66.10
CA ALA B 237 -3.05 33.51 64.74
C ALA B 237 -4.13 34.56 64.59
N PRO B 238 -3.94 35.73 65.22
CA PRO B 238 -5.04 36.71 65.30
C PRO B 238 -5.46 37.28 63.95
N ASP B 239 -4.63 37.17 62.92
CA ASP B 239 -4.97 37.68 61.60
C ASP B 239 -5.56 36.64 60.66
N ILE B 240 -5.71 35.40 61.10
CA ILE B 240 -6.40 34.38 60.33
C ILE B 240 -7.84 34.30 60.81
N PRO B 241 -8.82 34.46 59.94
CA PRO B 241 -10.23 34.25 60.35
C PRO B 241 -10.37 32.90 61.02
N PRO B 242 -10.97 32.85 62.20
CA PRO B 242 -11.03 31.55 62.92
C PRO B 242 -11.66 30.43 62.10
N GLU B 243 -12.64 30.75 61.23
CA GLU B 243 -13.32 29.74 60.44
C GLU B 243 -12.41 29.10 59.39
N ASN B 244 -11.27 29.71 59.07
CA ASN B 244 -10.31 29.13 58.14
C ASN B 244 -9.40 28.11 58.80
N ILE B 245 -9.61 27.85 60.08
CA ILE B 245 -8.88 26.83 60.84
C ILE B 245 -9.94 25.85 61.32
N THR B 246 -9.88 24.62 60.84
CA THR B 246 -10.83 23.59 61.24
C THR B 246 -10.04 22.36 61.69
N ALA B 247 -10.75 21.46 62.38
CA ALA B 247 -10.24 20.16 62.79
C ALA B 247 -11.03 19.05 62.08
N MET B 248 -10.40 17.90 61.90
CA MET B 248 -10.99 16.87 61.06
C MET B 248 -11.86 15.92 61.89
N THR B 249 -13.15 15.94 61.61
CA THR B 249 -14.05 14.87 62.05
C THR B 249 -14.53 14.05 60.87
N ARG B 250 -13.95 14.30 59.69
CA ARG B 250 -14.42 13.67 58.46
C ARG B 250 -14.24 12.17 58.49
N LEU B 251 -13.27 11.65 59.25
CA LEU B 251 -13.12 10.21 59.30
C LEU B 251 -14.25 9.57 60.11
N ASP B 252 -14.59 10.18 61.25
CA ASP B 252 -15.79 9.77 61.99
C ASP B 252 -17.00 9.79 61.07
N HIS B 253 -17.21 10.89 60.37
CA HIS B 253 -18.33 11.03 59.45
C HIS B 253 -18.37 9.88 58.44
N ASP B 254 -17.26 9.63 57.76
CA ASP B 254 -17.21 8.59 56.75
C ASP B 254 -17.37 7.21 57.37
N ARG B 255 -16.85 7.02 58.58
CA ARG B 255 -17.06 5.74 59.25
C ARG B 255 -18.55 5.54 59.56
N GLY B 256 -19.25 6.62 59.89
CA GLY B 256 -20.68 6.52 60.09
C GLY B 256 -21.42 6.11 58.83
N LEU B 257 -21.11 6.77 57.71
CA LEU B 257 -21.71 6.38 56.43
C LEU B 257 -21.44 4.91 56.14
N ALA B 258 -20.25 4.43 56.48
CA ALA B 258 -19.90 3.04 56.16
C ALA B 258 -20.71 2.08 57.01
N GLN B 259 -20.99 2.46 58.27
CA GLN B 259 -21.82 1.61 59.12
C GLN B 259 -23.24 1.53 58.58
N VAL B 260 -23.80 2.69 58.20
CA VAL B 260 -25.13 2.75 57.62
C VAL B 260 -25.19 1.93 56.33
N ALA B 261 -24.24 2.16 55.42
CA ALA B 261 -24.29 1.43 54.15
C ALA B 261 -24.24 -0.07 54.37
N ALA B 262 -23.39 -0.52 55.29
CA ALA B 262 -23.32 -1.94 55.62
C ALA B 262 -24.62 -2.42 56.26
N LYS B 263 -25.19 -1.64 57.19
CA LYS B 263 -26.41 -2.10 57.86
C LYS B 263 -27.59 -2.11 56.89
N VAL B 264 -27.80 -1.00 56.18
CA VAL B 264 -28.95 -0.88 55.31
C VAL B 264 -28.76 -1.63 54.00
N GLY B 265 -27.52 -1.79 53.55
CA GLY B 265 -27.28 -2.42 52.27
C GLY B 265 -27.47 -1.49 51.09
N CYS B 266 -27.19 -0.20 51.25
CA CYS B 266 -27.37 0.77 50.18
C CYS B 266 -26.01 1.25 49.66
N ASN B 267 -26.05 2.08 48.61
CA ASN B 267 -24.82 2.74 48.19
C ASN B 267 -24.56 3.96 49.06
N ILE B 268 -23.29 4.34 49.13
CA ILE B 268 -22.89 5.53 49.88
C ILE B 268 -23.68 6.75 49.41
N THR B 269 -23.87 6.88 48.09
CA THR B 269 -24.57 8.06 47.60
C THR B 269 -26.05 8.07 47.93
N ASP B 270 -26.62 6.94 48.37
CA ASP B 270 -28.01 6.94 48.81
C ASP B 270 -28.20 7.64 50.15
N ILE B 271 -27.14 7.88 50.92
CA ILE B 271 -27.25 8.44 52.26
C ILE B 271 -27.13 9.95 52.21
N SER B 272 -28.04 10.63 52.90
CA SER B 272 -28.01 12.08 52.97
C SER B 272 -28.27 12.52 54.39
N ARG B 273 -27.80 13.72 54.72
CA ARG B 273 -28.12 14.41 55.98
C ARG B 273 -27.66 13.61 57.21
N PHE B 274 -26.37 13.30 57.22
CA PHE B 274 -25.69 12.69 58.35
C PHE B 274 -24.65 13.67 58.88
N ALA B 275 -24.40 13.61 60.18
CA ALA B 275 -23.47 14.56 60.76
C ALA B 275 -22.84 14.00 62.02
N ILE B 276 -21.63 14.47 62.31
CA ILE B 276 -20.96 14.23 63.57
C ILE B 276 -20.96 15.53 64.37
N TRP B 277 -21.45 15.48 65.60
CA TRP B 277 -21.39 16.63 66.49
C TRP B 277 -20.29 16.42 67.52
N GLY B 278 -19.60 17.51 67.86
CA GLY B 278 -18.73 17.50 69.04
C GLY B 278 -17.24 17.35 68.80
N ASN B 279 -16.62 16.59 69.69
CA ASN B 279 -15.19 16.39 69.73
C ASN B 279 -14.78 15.22 68.84
N HIS B 280 -13.60 15.34 68.23
CA HIS B 280 -13.04 14.19 67.54
C HIS B 280 -12.52 13.25 68.62
N SER B 281 -13.43 12.46 69.17
CA SER B 281 -13.09 11.58 70.29
C SER B 281 -14.23 10.61 70.49
N ALA B 282 -14.08 9.76 71.51
CA ALA B 282 -15.08 8.76 71.85
C ALA B 282 -16.37 9.35 72.40
N THR B 283 -16.40 10.64 72.73
CA THR B 283 -17.65 11.28 73.15
C THR B 283 -18.42 11.87 71.98
N GLN B 284 -17.92 11.73 70.76
CA GLN B 284 -18.61 12.28 69.60
C GLN B 284 -20.05 11.80 69.54
N TYR B 285 -20.90 12.58 68.88
CA TYR B 285 -22.27 12.16 68.64
C TYR B 285 -22.49 11.95 67.14
N PRO B 286 -22.43 10.73 66.65
CA PRO B 286 -22.85 10.47 65.26
C PRO B 286 -24.36 10.54 65.19
N ASP B 287 -24.88 11.47 64.38
CA ASP B 287 -26.27 11.89 64.46
C ASP B 287 -27.06 11.41 63.25
N LEU B 288 -27.97 10.45 63.46
CA LEU B 288 -28.84 9.96 62.42
C LEU B 288 -30.19 10.65 62.39
N SER B 289 -30.38 11.70 63.21
CA SER B 289 -31.74 12.23 63.42
C SER B 289 -32.37 12.71 62.12
N PHE B 290 -31.58 13.22 61.19
CA PHE B 290 -32.11 13.80 59.97
C PHE B 290 -31.74 12.98 58.73
N THR B 291 -31.10 11.84 58.93
CA THR B 291 -30.55 11.07 57.82
C THR B 291 -31.63 10.43 56.95
N THR B 292 -31.40 10.43 55.64
CA THR B 292 -32.32 9.78 54.71
C THR B 292 -31.60 8.77 53.83
N ILE B 293 -32.27 7.67 53.54
CA ILE B 293 -31.80 6.68 52.56
C ILE B 293 -32.71 6.81 51.35
N LYS B 294 -32.12 7.04 50.17
CA LYS B 294 -32.88 7.39 48.97
C LYS B 294 -34.03 6.40 48.75
N GLY B 295 -35.25 6.94 48.66
CA GLY B 295 -36.42 6.14 48.41
C GLY B 295 -37.03 5.50 49.64
N GLN B 296 -36.29 5.42 50.73
CA GLN B 296 -36.73 4.72 51.92
C GLN B 296 -37.33 5.76 52.85
N TRP B 297 -38.66 5.78 52.91
CA TRP B 297 -39.42 6.73 53.70
C TRP B 297 -40.21 6.05 54.81
N GLY B 298 -40.15 4.71 54.88
CA GLY B 298 -40.92 3.92 55.81
C GLY B 298 -40.03 3.15 56.78
N LEU B 299 -40.34 1.86 56.97
CA LEU B 299 -39.56 1.03 57.88
C LEU B 299 -38.11 1.08 57.47
N ASN B 300 -37.23 1.43 58.41
CA ASN B 300 -35.81 1.49 58.12
C ASN B 300 -35.03 1.41 59.42
N VAL B 301 -33.93 0.64 59.40
CA VAL B 301 -33.17 0.38 60.62
C VAL B 301 -32.56 1.65 61.23
N ILE B 302 -32.32 2.68 60.43
CA ILE B 302 -31.70 3.89 60.97
C ILE B 302 -32.67 4.72 61.82
N ASN B 303 -33.94 4.34 61.83
CA ASN B 303 -34.90 4.91 62.75
C ASN B 303 -34.91 4.22 64.10
N ASP B 304 -34.32 3.03 64.19
CA ASP B 304 -34.40 2.18 65.38
C ASP B 304 -33.46 2.75 66.44
N GLU B 305 -34.01 3.43 67.45
CA GLU B 305 -33.06 4.02 68.37
CA GLU B 305 -33.20 4.04 68.49
C GLU B 305 -32.47 3.01 69.33
N GLN B 306 -32.99 1.78 69.42
CA GLN B 306 -32.25 0.74 70.10
C GLN B 306 -30.97 0.39 69.33
N TRP B 307 -31.07 0.27 68.00
CA TRP B 307 -29.87 0.00 67.22
C TRP B 307 -28.92 1.20 67.23
N ILE B 308 -29.47 2.42 67.16
CA ILE B 308 -28.64 3.61 67.21
C ILE B 308 -27.82 3.64 68.49
N THR B 309 -28.49 3.43 69.62
CA THR B 309 -27.85 3.58 70.92
C THR B 309 -26.89 2.43 71.23
N ASN B 310 -27.26 1.20 70.91
CA ASN B 310 -26.50 0.04 71.35
C ASN B 310 -25.45 -0.43 70.34
N GLU B 311 -25.59 -0.04 69.08
CA GLU B 311 -24.66 -0.53 68.08
C GLU B 311 -24.02 0.60 67.29
N PHE B 312 -24.83 1.37 66.57
CA PHE B 312 -24.31 2.35 65.62
C PHE B 312 -23.36 3.32 66.30
N ILE B 313 -23.85 4.05 67.32
CA ILE B 313 -23.02 5.05 67.97
C ILE B 313 -21.75 4.45 68.57
N PRO B 314 -21.82 3.37 69.37
CA PRO B 314 -20.56 2.79 69.88
C PRO B 314 -19.64 2.26 68.80
N ASN B 315 -20.18 1.69 67.72
CA ASN B 315 -19.35 1.18 66.63
C ASN B 315 -18.56 2.31 65.97
N VAL B 316 -19.19 3.47 65.79
CA VAL B 316 -18.48 4.61 65.21
C VAL B 316 -17.46 5.16 66.20
N GLN B 317 -17.81 5.22 67.50
CA GLN B 317 -16.89 5.78 68.48
C GLN B 317 -15.65 4.91 68.64
N GLN B 318 -15.79 3.60 68.53
CA GLN B 318 -14.70 2.67 68.79
C GLN B 318 -14.06 2.13 67.51
N ARG B 319 -14.40 2.69 66.35
CA ARG B 319 -13.96 2.13 65.09
C ARG B 319 -12.44 2.14 64.99
N GLY B 320 -11.79 3.20 65.48
CA GLY B 320 -10.34 3.25 65.46
C GLY B 320 -9.72 2.09 66.23
N ALA B 321 -10.29 1.77 67.39
CA ALA B 321 -9.78 0.66 68.18
C ALA B 321 -9.97 -0.67 67.47
N ALA B 322 -11.08 -0.84 66.76
CA ALA B 322 -11.32 -2.12 66.08
C ALA B 322 -10.28 -2.37 64.99
N ILE B 323 -9.95 -1.32 64.22
CA ILE B 323 -8.96 -1.48 63.16
C ILE B 323 -7.60 -1.82 63.76
N ILE B 324 -7.23 -1.19 64.87
CA ILE B 324 -5.98 -1.51 65.54
C ILE B 324 -5.97 -2.98 65.95
N LYS B 325 -7.10 -3.47 66.45
CA LYS B 325 -7.16 -4.86 66.88
C LYS B 325 -7.01 -5.81 65.70
N ALA B 326 -7.54 -5.44 64.54
CA ALA B 326 -7.46 -6.31 63.38
C ALA B 326 -6.09 -6.22 62.71
N ARG B 327 -5.57 -5.00 62.52
CA ARG B 327 -4.34 -4.82 61.77
C ARG B 327 -3.10 -4.71 62.65
N GLY B 328 -3.23 -4.29 63.91
CA GLY B 328 -2.07 -4.06 64.72
C GLY B 328 -1.42 -2.70 64.53
N LYS B 329 -1.98 -1.87 63.66
CA LYS B 329 -1.53 -0.50 63.45
C LYS B 329 -2.76 0.36 63.29
N SER B 330 -2.62 1.67 63.52
CA SER B 330 -3.76 2.56 63.41
C SER B 330 -4.09 2.82 61.94
N SER B 331 -5.25 3.42 61.72
CA SER B 331 -5.85 3.53 60.38
C SER B 331 -5.29 4.72 59.59
N ALA B 332 -4.00 4.62 59.27
CA ALA B 332 -3.34 5.71 58.55
C ALA B 332 -3.98 5.98 57.19
N ALA B 333 -4.29 4.93 56.43
CA ALA B 333 -4.79 5.16 55.07
C ALA B 333 -6.17 5.81 55.10
N SER B 334 -7.07 5.35 55.97
CA SER B 334 -8.37 6.00 55.96
C SER B 334 -8.29 7.41 56.57
N ALA B 335 -7.38 7.65 57.52
CA ALA B 335 -7.22 9.02 57.99
C ALA B 335 -6.72 9.95 56.89
N ALA B 336 -5.73 9.51 56.09
CA ALA B 336 -5.32 10.33 54.95
C ALA B 336 -6.48 10.54 53.99
N ASP B 337 -7.26 9.49 53.75
CA ASP B 337 -8.42 9.61 52.87
C ASP B 337 -9.39 10.67 53.38
N ALA B 338 -9.70 10.63 54.67
CA ALA B 338 -10.59 11.64 55.24
C ALA B 338 -9.99 13.04 55.13
N ALA B 339 -8.67 13.17 55.28
CA ALA B 339 -8.04 14.48 55.10
C ALA B 339 -8.24 14.98 53.68
N ILE B 340 -8.02 14.11 52.69
CA ILE B 340 -8.20 14.49 51.30
C ILE B 340 -9.61 15.00 51.07
N LYS B 341 -10.61 14.24 51.55
CA LYS B 341 -12.00 14.63 51.33
C LYS B 341 -12.33 15.94 52.02
N HIS B 342 -11.88 16.11 53.26
CA HIS B 342 -12.14 17.36 53.98
C HIS B 342 -11.65 18.56 53.18
N MET B 343 -10.38 18.52 52.74
CA MET B 343 -9.84 19.65 51.99
C MET B 343 -10.53 19.81 50.64
N HIS B 344 -10.72 18.70 49.93
CA HIS B 344 -11.35 18.78 48.61
C HIS B 344 -12.70 19.47 48.69
N ASP B 345 -13.54 19.04 49.63
CA ASP B 345 -14.86 19.65 49.81
C ASP B 345 -14.73 21.10 50.26
N TRP B 346 -13.80 21.38 51.18
CA TRP B 346 -13.60 22.75 51.63
C TRP B 346 -13.26 23.67 50.47
N VAL B 347 -12.45 23.19 49.52
CA VAL B 347 -11.99 24.03 48.42
C VAL B 347 -12.98 24.02 47.26
N LEU B 348 -13.51 22.86 46.91
CA LEU B 348 -14.33 22.74 45.73
C LEU B 348 -15.82 22.59 46.03
N GLY B 349 -16.22 22.43 47.29
CA GLY B 349 -17.62 22.33 47.62
C GLY B 349 -18.14 20.91 47.53
N ASN B 350 -19.28 20.68 48.19
CA ASN B 350 -19.97 19.39 48.24
C ASN B 350 -21.41 19.68 48.56
N SER B 351 -22.33 19.16 47.75
CA SER B 351 -23.74 19.47 47.95
C SER B 351 -24.32 18.75 49.15
N GLU B 352 -23.63 17.72 49.66
CA GLU B 352 -24.10 16.95 50.79
C GLU B 352 -23.61 17.55 52.10
N TRP B 353 -24.34 17.26 53.18
CA TRP B 353 -23.82 17.59 54.50
C TRP B 353 -22.49 16.90 54.73
N VAL B 354 -21.51 17.64 55.24
CA VAL B 354 -20.30 17.03 55.76
C VAL B 354 -20.06 17.56 57.16
N SER B 355 -19.24 16.84 57.90
CA SER B 355 -18.85 17.23 59.25
C SER B 355 -17.49 17.92 59.22
N MET B 356 -17.39 19.03 59.96
CA MET B 356 -16.14 19.72 60.21
C MET B 356 -16.17 20.24 61.63
N ALA B 357 -15.03 20.15 62.33
CA ALA B 357 -14.90 20.78 63.64
C ALA B 357 -14.50 22.24 63.42
N ILE B 358 -15.38 23.15 63.77
CA ILE B 358 -15.28 24.55 63.37
C ILE B 358 -15.36 25.42 64.61
N PRO B 359 -14.91 26.68 64.54
CA PRO B 359 -15.09 27.58 65.69
C PRO B 359 -16.56 27.81 66.00
N SER B 360 -16.93 27.61 67.26
CA SER B 360 -18.31 27.82 67.69
C SER B 360 -18.64 29.30 67.81
N ARG B 361 -19.62 29.74 67.01
CA ARG B 361 -20.29 31.02 67.21
C ARG B 361 -21.62 30.86 67.91
N GLY B 362 -21.76 29.81 68.72
CA GLY B 362 -22.99 29.60 69.46
C GLY B 362 -24.11 28.98 68.66
N GLN B 363 -23.85 28.50 67.45
CA GLN B 363 -24.86 27.78 66.70
C GLN B 363 -25.44 26.68 67.58
N TYR B 364 -26.77 26.55 67.55
CA TYR B 364 -27.52 25.60 68.36
C TYR B 364 -27.22 25.75 69.85
N GLY B 365 -26.76 26.92 70.27
CA GLY B 365 -26.46 27.13 71.66
C GLY B 365 -25.15 26.53 72.12
N ILE B 366 -24.30 26.10 71.19
CA ILE B 366 -23.02 25.49 71.58
C ILE B 366 -22.13 26.56 72.19
N PRO B 367 -21.47 26.29 73.31
CA PRO B 367 -20.66 27.33 73.97
C PRO B 367 -19.66 27.95 73.02
N ARG B 368 -19.47 29.25 73.14
CA ARG B 368 -18.57 29.95 72.24
C ARG B 368 -17.13 29.66 72.64
N GLY B 369 -16.22 29.79 71.65
CA GLY B 369 -14.81 29.67 71.90
C GLY B 369 -14.24 28.27 71.85
N ILE B 370 -15.05 27.27 71.62
CA ILE B 370 -14.55 25.92 71.38
C ILE B 370 -14.71 25.62 69.91
N TRP B 371 -13.91 24.68 69.44
CA TRP B 371 -14.10 24.12 68.13
C TRP B 371 -14.98 22.88 68.31
N CYS B 372 -16.04 22.80 67.52
CA CYS B 372 -17.03 21.76 67.72
C CYS B 372 -17.49 21.28 66.36
N SER B 373 -17.58 19.96 66.20
CA SER B 373 -18.03 19.42 64.92
C SER B 373 -19.53 19.67 64.76
N MET B 374 -19.92 20.09 63.56
CA MET B 374 -21.31 20.37 63.24
C MET B 374 -21.59 19.96 61.79
N PRO B 375 -22.86 19.74 61.45
CA PRO B 375 -23.22 19.61 60.02
C PRO B 375 -23.02 20.92 59.29
N VAL B 376 -22.21 20.91 58.23
CA VAL B 376 -22.01 22.09 57.41
C VAL B 376 -22.20 21.73 55.95
N GLN B 377 -22.54 22.73 55.15
CA GLN B 377 -22.46 22.62 53.71
C GLN B 377 -21.25 23.41 53.25
N CYS B 378 -20.35 22.76 52.52
CA CYS B 378 -19.18 23.41 51.94
C CYS B 378 -19.54 23.97 50.58
N PHE B 379 -19.54 25.30 50.46
CA PHE B 379 -19.80 25.93 49.18
C PHE B 379 -18.56 26.03 48.31
N GLY B 380 -17.38 25.69 48.85
CA GLY B 380 -16.14 25.82 48.13
C GLY B 380 -15.40 27.11 48.47
N ALA B 381 -14.17 27.16 47.98
CA ALA B 381 -13.28 28.31 48.16
C ALA B 381 -13.16 28.67 49.63
N GLY B 382 -13.23 27.66 50.49
CA GLY B 382 -13.06 27.89 51.90
C GLY B 382 -14.28 28.38 52.63
N LYS B 383 -15.42 28.51 51.96
CA LYS B 383 -16.62 29.05 52.59
C LYS B 383 -17.55 27.90 52.94
N TYR B 384 -18.01 27.87 54.18
CA TYR B 384 -18.97 26.87 54.61
C TYR B 384 -19.99 27.51 55.53
N GLY B 385 -21.11 26.83 55.68
CA GLY B 385 -22.15 27.35 56.55
C GLY B 385 -22.78 26.22 57.34
N VAL B 386 -22.98 26.44 58.64
CA VAL B 386 -23.64 25.43 59.44
C VAL B 386 -25.03 25.21 58.89
N ILE B 387 -25.45 23.94 58.85
CA ILE B 387 -26.81 23.64 58.44
C ILE B 387 -27.79 24.25 59.43
N GLU B 388 -28.73 25.03 58.93
CA GLU B 388 -29.65 25.81 59.74
C GLU B 388 -31.00 25.11 59.87
N GLY B 389 -31.73 25.48 60.92
CA GLY B 389 -33.12 25.09 61.11
C GLY B 389 -33.35 23.74 61.75
N LEU B 390 -32.32 23.08 62.23
CA LEU B 390 -32.50 21.72 62.72
C LEU B 390 -33.11 21.73 64.11
N PRO B 391 -34.22 21.03 64.33
CA PRO B 391 -34.72 20.87 65.70
C PRO B 391 -33.88 19.81 66.41
N ILE B 392 -33.34 20.16 67.57
CA ILE B 392 -32.49 19.24 68.32
C ILE B 392 -33.35 18.63 69.41
N ASN B 393 -33.61 17.32 69.31
CA ASN B 393 -34.41 16.67 70.34
C ASN B 393 -33.55 16.39 71.56
N SER B 394 -34.21 15.91 72.61
CA SER B 394 -33.56 15.76 73.91
C SER B 394 -32.53 14.64 73.91
N PHE B 395 -32.74 13.58 73.13
CA PHE B 395 -31.70 12.57 73.01
C PHE B 395 -30.44 13.16 72.40
N SER B 396 -30.60 13.95 71.35
CA SER B 396 -29.45 14.63 70.74
C SER B 396 -28.82 15.63 71.71
N ALA B 397 -29.64 16.48 72.35
CA ALA B 397 -29.06 17.49 73.22
C ALA B 397 -28.22 16.86 74.31
N ASP B 398 -28.69 15.73 74.87
CA ASP B 398 -27.90 15.01 75.86
C ASP B 398 -26.55 14.58 75.30
N ARG B 399 -26.54 14.02 74.08
CA ARG B 399 -25.31 13.47 73.51
C ARG B 399 -24.33 14.58 73.14
N ILE B 400 -24.81 15.62 72.47
CA ILE B 400 -24.01 16.80 72.16
C ILE B 400 -23.41 17.40 73.43
N ASN B 401 -24.21 17.51 74.49
CA ASN B 401 -23.73 18.11 75.74
C ASN B 401 -22.60 17.29 76.34
N ALA B 402 -22.67 15.96 76.25
CA ALA B 402 -21.58 15.12 76.74
C ALA B 402 -20.28 15.45 76.01
N SER B 403 -20.34 15.70 74.70
CA SER B 403 -19.11 16.00 73.97
C SER B 403 -18.65 17.43 74.23
N VAL B 404 -19.61 18.36 74.33
CA VAL B 404 -19.28 19.73 74.70
C VAL B 404 -18.62 19.77 76.07
N LYS B 405 -19.08 18.92 77.00
CA LYS B 405 -18.45 18.85 78.31
C LYS B 405 -16.97 18.52 78.20
N GLU B 406 -16.63 17.56 77.35
CA GLU B 406 -15.24 17.17 77.22
C GLU B 406 -14.41 18.27 76.57
N LEU B 407 -14.96 18.95 75.57
CA LEU B 407 -14.25 20.04 74.89
C LEU B 407 -13.99 21.21 75.83
N ILE B 408 -14.97 21.54 76.67
CA ILE B 408 -14.77 22.60 77.65
C ILE B 408 -13.65 22.20 78.59
N GLU B 409 -13.69 20.94 79.07
CA GLU B 409 -12.65 20.44 79.96
C GLU B 409 -11.28 20.53 79.31
N GLU B 410 -11.19 20.11 78.04
CA GLU B 410 -9.91 20.22 77.35
C GLU B 410 -9.45 21.67 77.31
N LYS B 411 -10.37 22.60 77.03
CA LYS B 411 -10.00 24.01 76.93
C LYS B 411 -9.47 24.53 78.25
N LYS B 412 -10.08 24.15 79.37
CA LYS B 412 -9.57 24.59 80.67
C LYS B 412 -8.15 24.08 80.91
N ILE B 413 -7.82 22.89 80.40
CA ILE B 413 -6.49 22.34 80.65
C ILE B 413 -5.42 23.16 79.94
N VAL B 414 -5.72 23.68 78.74
CA VAL B 414 -4.77 24.47 77.98
C VAL B 414 -5.05 25.96 78.10
N GLU B 415 -5.99 26.35 78.97
CA GLU B 415 -6.51 27.71 79.00
C GLU B 415 -5.45 28.74 79.40
N ASN B 416 -4.38 28.34 80.08
CA ASN B 416 -3.35 29.30 80.43
C ASN B 416 -2.40 29.59 79.28
N LEU B 417 -2.48 28.82 78.18
CA LEU B 417 -1.66 29.04 76.99
C LEU B 417 -2.40 29.72 75.85
N LEU B 418 -3.55 30.33 76.10
CA LEU B 418 -4.28 31.06 75.04
C LEU B 418 -3.96 32.56 75.06
N GLN C 93 -50.00 26.01 0.74
CA GLN C 93 -48.75 26.69 0.45
C GLN C 93 -47.56 25.81 0.81
N LEU C 94 -47.80 24.78 1.62
CA LEU C 94 -46.77 23.85 2.06
C LEU C 94 -46.72 22.62 1.15
N ALA C 95 -45.50 22.19 0.83
CA ALA C 95 -45.32 20.99 0.04
C ALA C 95 -45.61 19.76 0.89
N PRO C 96 -45.80 18.60 0.27
CA PRO C 96 -45.88 17.37 1.05
C PRO C 96 -44.56 17.11 1.76
N PRO C 97 -44.61 16.47 2.93
CA PRO C 97 -43.38 16.32 3.72
C PRO C 97 -42.40 15.36 3.06
N VAL C 98 -41.11 15.58 3.34
CA VAL C 98 -40.08 14.63 2.93
C VAL C 98 -39.43 14.09 4.19
N THR C 99 -38.81 12.91 4.07
CA THR C 99 -38.22 12.21 5.20
C THR C 99 -36.70 12.20 5.09
N ILE C 100 -36.01 12.60 6.17
CA ILE C 100 -34.56 12.69 6.21
C ILE C 100 -34.03 11.78 7.32
N THR C 101 -33.18 10.83 6.95
CA THR C 101 -32.52 9.96 7.92
C THR C 101 -31.13 10.52 8.22
N VAL C 102 -30.79 10.61 9.52
CA VAL C 102 -29.49 11.13 9.92
C VAL C 102 -28.86 10.15 10.91
N SER C 103 -27.69 9.59 10.56
CA SER C 103 -26.97 8.75 11.50
C SER C 103 -26.01 9.61 12.33
N GLY C 104 -25.40 9.00 13.34
CA GLY C 104 -24.58 9.76 14.26
C GLY C 104 -25.33 10.95 14.85
N ALA C 105 -26.63 10.78 15.10
CA ALA C 105 -27.49 11.90 15.42
C ALA C 105 -27.24 12.47 16.82
N CYS C 106 -26.40 11.84 17.63
CA CYS C 106 -25.99 12.33 18.94
CA CYS C 106 -26.04 12.41 18.92
C CYS C 106 -24.67 13.08 18.92
N GLY C 107 -24.04 13.20 17.76
CA GLY C 107 -22.72 13.78 17.72
C GLY C 107 -22.70 15.29 17.60
N GLN C 108 -21.48 15.83 17.62
CA GLN C 108 -21.30 17.28 17.62
C GLN C 108 -21.77 17.90 16.31
N ILE C 109 -21.52 17.21 15.19
CA ILE C 109 -22.00 17.70 13.90
C ILE C 109 -23.52 17.69 13.85
N ALA C 110 -24.14 16.60 14.30
CA ALA C 110 -25.59 16.56 14.34
C ALA C 110 -26.15 17.69 15.18
N ASN C 111 -25.50 18.01 16.31
CA ASN C 111 -26.01 19.07 17.18
C ASN C 111 -26.18 20.38 16.43
N SER C 112 -25.33 20.67 15.44
CA SER C 112 -25.52 21.83 14.60
C SER C 112 -26.40 21.54 13.39
N LEU C 113 -26.26 20.36 12.80
CA LEU C 113 -26.97 20.06 11.54
C LEU C 113 -28.48 20.06 11.75
N LEU C 114 -28.96 19.40 12.80
CA LEU C 114 -30.39 19.10 12.84
C LEU C 114 -31.21 20.37 12.95
N PHE C 115 -30.76 21.36 13.71
CA PHE C 115 -31.56 22.58 13.88
C PHE C 115 -31.63 23.39 12.59
N ARG C 116 -30.64 23.29 11.71
CA ARG C 116 -30.65 23.98 10.42
C ARG C 116 -31.28 23.12 9.33
N ILE C 117 -31.68 21.90 9.64
CA ILE C 117 -32.70 21.26 8.82
C ILE C 117 -34.09 21.65 9.29
N ALA C 118 -34.35 21.52 10.59
CA ALA C 118 -35.69 21.75 11.13
C ALA C 118 -36.17 23.17 10.89
N ASN C 119 -35.24 24.13 10.81
CA ASN C 119 -35.63 25.52 10.59
C ASN C 119 -36.01 25.81 9.15
N GLY C 120 -35.89 24.83 8.25
CA GLY C 120 -36.20 25.02 6.85
C GLY C 120 -35.06 25.52 5.97
N GLU C 121 -33.85 25.65 6.50
CA GLU C 121 -32.74 26.22 5.74
C GLU C 121 -32.22 25.26 4.66
N MET C 122 -32.11 23.97 4.97
CA MET C 122 -31.52 23.02 4.03
C MET C 122 -32.39 22.81 2.79
N LEU C 123 -33.70 22.69 2.97
CA LEU C 123 -34.60 22.30 1.89
C LEU C 123 -35.64 23.36 1.53
N GLY C 124 -35.71 24.48 2.25
CA GLY C 124 -36.64 25.54 1.93
C GLY C 124 -37.70 25.73 3.01
N GLU C 125 -38.10 26.98 3.21
CA GLU C 125 -38.97 27.31 4.32
C GLU C 125 -40.41 26.81 4.14
N ASN C 126 -40.77 26.33 2.94
CA ASN C 126 -42.11 25.79 2.71
C ASN C 126 -42.09 24.28 2.54
N GLN C 127 -41.02 23.62 3.01
CA GLN C 127 -40.86 22.17 2.87
C GLN C 127 -40.86 21.48 4.22
N PRO C 128 -42.00 20.94 4.67
CA PRO C 128 -42.02 20.18 5.93
C PRO C 128 -41.12 18.96 5.85
N VAL C 129 -40.51 18.60 6.99
CA VAL C 129 -39.54 17.53 7.07
C VAL C 129 -39.87 16.63 8.25
N LYS C 130 -39.53 15.36 8.10
CA LYS C 130 -39.59 14.38 9.16
C LYS C 130 -38.19 13.82 9.38
N LEU C 131 -37.74 13.80 10.62
CA LEU C 131 -36.39 13.35 10.96
C LEU C 131 -36.42 11.93 11.49
N ARG C 132 -35.61 11.08 10.90
CA ARG C 132 -35.38 9.73 11.41
C ARG C 132 -33.94 9.72 11.90
N LEU C 133 -33.77 9.64 13.21
CA LEU C 133 -32.47 9.80 13.83
C LEU C 133 -31.93 8.44 14.24
N LEU C 134 -30.75 8.10 13.76
CA LEU C 134 -30.14 6.80 14.01
C LEU C 134 -28.90 6.98 14.88
N GLU C 135 -28.76 6.12 15.87
CA GLU C 135 -27.59 6.12 16.73
C GLU C 135 -27.22 4.69 17.10
N ARG C 136 -26.05 4.55 17.74
CA ARG C 136 -25.63 3.27 18.28
C ARG C 136 -26.53 2.89 19.46
N PRO C 137 -26.67 1.60 19.75
CA PRO C 137 -27.56 1.17 20.84
C PRO C 137 -27.26 1.86 22.16
N GLU C 138 -25.99 2.08 22.48
CA GLU C 138 -25.62 2.67 23.77
C GLU C 138 -25.87 4.17 23.83
N ALA C 139 -26.27 4.81 22.73
CA ALA C 139 -26.47 6.25 22.72
C ALA C 139 -27.96 6.64 22.71
N MET C 140 -28.86 5.68 22.89
CA MET C 140 -30.28 5.96 22.72
C MET C 140 -30.81 6.88 23.82
N LYS C 141 -30.35 6.72 25.07
CA LYS C 141 -30.82 7.61 26.12
C LYS C 141 -30.42 9.05 25.83
N ALA C 142 -29.20 9.25 25.35
CA ALA C 142 -28.77 10.59 24.96
C ALA C 142 -29.56 11.11 23.76
N LEU C 143 -29.93 10.21 22.84
CA LEU C 143 -30.70 10.64 21.67
C LEU C 143 -32.07 11.15 22.06
N GLU C 144 -32.64 10.63 23.16
CA GLU C 144 -33.89 11.21 23.67
C GLU C 144 -33.72 12.69 23.94
N GLY C 145 -32.57 13.09 24.49
CA GLY C 145 -32.33 14.50 24.73
C GLY C 145 -32.28 15.32 23.45
N VAL C 146 -31.67 14.75 22.39
CA VAL C 146 -31.64 15.44 21.10
C VAL C 146 -33.06 15.73 20.65
N LYS C 147 -33.95 14.75 20.76
CA LYS C 147 -35.34 14.96 20.37
C LYS C 147 -35.97 16.06 21.22
N MET C 148 -35.72 16.04 22.52
CA MET C 148 -36.28 17.06 23.39
C MET C 148 -35.83 18.45 22.96
N GLU C 149 -34.54 18.60 22.62
CA GLU C 149 -34.03 19.91 22.22
C GLU C 149 -34.66 20.38 20.92
N LEU C 150 -34.79 19.48 19.95
CA LEU C 150 -35.41 19.86 18.69
C LEU C 150 -36.87 20.23 18.88
N ASP C 151 -37.61 19.47 19.69
CA ASP C 151 -38.98 19.88 20.02
C ASP C 151 -38.96 21.27 20.62
N ASP C 152 -38.03 21.54 21.54
CA ASP C 152 -37.96 22.85 22.18
C ASP C 152 -37.56 23.96 21.21
N GLY C 153 -37.19 23.62 19.98
CA GLY C 153 -37.09 24.61 18.93
C GLY C 153 -38.42 25.09 18.36
N ALA C 154 -39.52 24.40 18.67
CA ALA C 154 -40.87 24.81 18.24
C ALA C 154 -40.92 25.04 16.73
N PHE C 155 -40.35 24.11 15.97
CA PHE C 155 -40.25 24.29 14.53
C PHE C 155 -41.54 23.86 13.84
N PRO C 156 -42.26 24.76 13.18
CA PRO C 156 -43.48 24.34 12.47
C PRO C 156 -43.21 23.35 11.37
N LEU C 157 -42.02 23.38 10.78
CA LEU C 157 -41.76 22.49 9.65
C LEU C 157 -41.44 21.07 10.07
N LEU C 158 -41.11 20.84 11.34
CA LEU C 158 -40.69 19.53 11.82
C LEU C 158 -41.93 18.74 12.23
N GLU C 159 -42.43 17.89 11.34
CA GLU C 159 -43.68 17.20 11.63
C GLU C 159 -43.48 15.92 12.41
N GLU C 160 -42.27 15.38 12.45
CA GLU C 160 -42.04 14.15 13.21
C GLU C 160 -40.56 14.02 13.50
N ILE C 161 -40.24 13.46 14.66
CA ILE C 161 -38.89 13.03 15.03
C ILE C 161 -38.96 11.58 15.48
N TYR C 162 -38.38 10.67 14.71
CA TYR C 162 -38.39 9.25 15.03
C TYR C 162 -36.99 8.82 15.44
N LEU C 163 -36.87 8.10 16.55
CA LEU C 163 -35.58 7.69 17.10
C LEU C 163 -35.43 6.18 17.04
N THR C 164 -34.26 5.71 16.61
CA THR C 164 -34.05 4.27 16.49
C THR C 164 -32.57 3.96 16.46
N ASP C 165 -32.24 2.73 16.86
CA ASP C 165 -30.90 2.18 16.67
C ASP C 165 -30.88 1.11 15.59
N SER C 166 -31.90 1.05 14.75
CA SER C 166 -32.02 0.04 13.71
C SER C 166 -31.94 0.72 12.36
N GLU C 167 -30.93 0.34 11.57
CA GLU C 167 -30.76 0.94 10.26
C GLU C 167 -31.97 0.64 9.38
N ASN C 168 -32.50 -0.58 9.49
CA ASN C 168 -33.71 -0.93 8.74
C ASN C 168 -34.84 0.04 9.05
N ASP C 169 -35.08 0.30 10.34
CA ASP C 169 -36.11 1.29 10.68
C ASP C 169 -35.69 2.68 10.22
N ALA C 170 -34.41 3.03 10.40
CA ALA C 170 -33.96 4.39 10.13
C ALA C 170 -34.27 4.83 8.70
N PHE C 171 -34.01 3.98 7.70
CA PHE C 171 -34.10 4.40 6.32
C PHE C 171 -35.48 4.19 5.69
N ARG C 172 -36.43 3.57 6.40
CA ARG C 172 -37.77 3.37 5.88
C ARG C 172 -38.35 4.69 5.38
N GLY C 173 -38.70 4.72 4.09
CA GLY C 173 -39.27 5.88 3.44
C GLY C 173 -38.36 7.09 3.33
N ALA C 174 -37.05 6.94 3.41
CA ALA C 174 -36.16 8.11 3.37
C ALA C 174 -36.16 8.73 1.98
N ASP C 175 -36.32 10.05 1.93
CA ASP C 175 -36.09 10.83 0.72
C ASP C 175 -34.68 11.39 0.67
N TYR C 176 -34.08 11.56 1.84
CA TYR C 176 -32.74 12.09 1.98
C TYR C 176 -32.06 11.34 3.11
N ALA C 177 -30.75 11.17 2.98
CA ALA C 177 -29.97 10.58 4.05
C ALA C 177 -28.66 11.31 4.19
N ILE C 178 -28.33 11.69 5.42
CA ILE C 178 -27.05 12.32 5.73
C ILE C 178 -26.36 11.39 6.71
N LEU C 179 -25.25 10.80 6.28
CA LEU C 179 -24.59 9.73 7.01
C LEU C 179 -23.39 10.32 7.73
N LEU C 180 -23.59 10.63 9.01
CA LEU C 180 -22.55 11.17 9.87
C LEU C 180 -21.87 10.08 10.66
N GLY C 181 -22.59 9.00 10.95
CA GLY C 181 -22.08 7.98 11.83
C GLY C 181 -21.05 7.12 11.11
N GLY C 182 -20.04 6.71 11.86
CA GLY C 182 -19.00 5.84 11.35
C GLY C 182 -18.10 5.42 12.48
N LYS C 183 -16.99 4.78 12.12
CA LYS C 183 -16.01 4.44 13.14
C LYS C 183 -14.82 5.37 13.01
N PRO C 184 -14.57 6.24 13.97
CA PRO C 184 -13.44 7.16 13.85
C PRO C 184 -12.13 6.41 14.01
N ARG C 185 -11.08 6.96 13.41
CA ARG C 185 -9.76 6.39 13.56
C ARG C 185 -9.24 6.70 14.96
N GLY C 186 -8.99 5.65 15.74
CA GLY C 186 -8.42 5.83 17.05
C GLY C 186 -6.92 5.64 17.00
N PRO C 187 -6.24 5.96 18.11
CA PRO C 187 -4.83 5.59 18.23
C PRO C 187 -4.68 4.06 18.22
N GLY C 188 -3.62 3.60 17.54
CA GLY C 188 -3.37 2.18 17.40
C GLY C 188 -4.15 1.50 16.30
N MET C 189 -5.24 2.11 15.82
CA MET C 189 -5.95 1.56 14.68
C MET C 189 -5.16 1.81 13.40
N GLU C 190 -4.89 0.75 12.65
CA GLU C 190 -4.19 0.91 11.40
C GLU C 190 -5.14 1.50 10.37
N ARG C 191 -4.56 2.20 9.37
CA ARG C 191 -5.38 2.84 8.36
C ARG C 191 -6.26 1.83 7.63
N ALA C 192 -5.71 0.65 7.32
CA ALA C 192 -6.50 -0.36 6.62
C ALA C 192 -7.66 -0.86 7.49
N ASP C 193 -7.43 -1.03 8.79
CA ASP C 193 -8.50 -1.47 9.68
C ASP C 193 -9.60 -0.43 9.78
N VAL C 194 -9.23 0.85 9.84
CA VAL C 194 -10.22 1.92 9.87
C VAL C 194 -11.05 1.91 8.59
N MET C 195 -10.40 1.70 7.44
CA MET C 195 -11.12 1.65 6.18
C MET C 195 -12.07 0.46 6.14
N LYS C 196 -11.59 -0.72 6.57
CA LYS C 196 -12.43 -1.91 6.50
C LYS C 196 -13.55 -1.87 7.52
N ASP C 197 -13.27 -1.38 8.74
CA ASP C 197 -14.33 -1.29 9.74
C ASP C 197 -15.45 -0.37 9.26
N ASN C 198 -15.08 0.76 8.65
CA ASN C 198 -16.09 1.65 8.12
C ASN C 198 -16.74 1.06 6.88
N ALA C 199 -15.98 0.32 6.08
CA ALA C 199 -16.57 -0.36 4.94
C ALA C 199 -17.71 -1.28 5.37
N ALA C 200 -17.52 -2.02 6.47
CA ALA C 200 -18.59 -2.90 6.95
C ALA C 200 -19.83 -2.12 7.35
N ILE C 201 -19.65 -0.97 7.98
CA ILE C 201 -20.77 -0.14 8.38
C ILE C 201 -21.55 0.35 7.18
N PHE C 202 -20.84 0.83 6.16
CA PHE C 202 -21.52 1.41 5.00
C PHE C 202 -22.00 0.37 3.99
N LYS C 203 -21.48 -0.85 4.03
CA LYS C 203 -22.13 -1.92 3.30
C LYS C 203 -23.52 -2.18 3.85
N ALA C 204 -23.62 -2.25 5.19
CA ALA C 204 -24.92 -2.46 5.83
C ALA C 204 -25.86 -1.30 5.51
N GLN C 205 -25.34 -0.08 5.49
CA GLN C 205 -26.25 1.06 5.28
C GLN C 205 -26.67 1.16 3.82
N GLY C 206 -25.78 0.88 2.89
CA GLY C 206 -26.22 0.78 1.51
C GLY C 206 -27.29 -0.27 1.30
N GLU C 207 -27.10 -1.45 1.92
CA GLU C 207 -28.10 -2.51 1.81
C GLU C 207 -29.44 -2.06 2.39
N ALA C 208 -29.40 -1.43 3.57
CA ALA C 208 -30.63 -0.97 4.20
C ALA C 208 -31.26 0.13 3.36
N LEU C 209 -30.44 1.05 2.87
CA LEU C 209 -30.93 2.11 1.99
C LEU C 209 -31.62 1.54 0.77
N ASN C 210 -30.97 0.56 0.12
CA ASN C 210 -31.52 -0.03 -1.10
C ASN C 210 -32.88 -0.64 -0.84
N LYS C 211 -33.04 -1.30 0.32
CA LYS C 211 -34.26 -2.00 0.68
C LYS C 211 -35.37 -1.05 1.13
N GLN C 212 -35.04 -0.02 1.92
CA GLN C 212 -36.03 0.73 2.69
C GLN C 212 -36.32 2.12 2.18
N ALA C 213 -35.35 2.80 1.58
CA ALA C 213 -35.51 4.19 1.21
C ALA C 213 -36.38 4.32 -0.04
N ASN C 214 -36.85 5.54 -0.29
CA ASN C 214 -37.61 5.79 -1.51
C ASN C 214 -36.66 5.79 -2.70
N GLY C 215 -37.23 5.58 -3.90
CA GLY C 215 -36.40 5.30 -5.06
C GLY C 215 -35.48 6.44 -5.47
N ASP C 216 -35.91 7.69 -5.26
CA ASP C 216 -35.14 8.85 -5.68
C ASP C 216 -34.26 9.39 -4.56
N VAL C 217 -33.98 8.58 -3.53
CA VAL C 217 -33.26 9.06 -2.36
C VAL C 217 -31.92 9.65 -2.75
N LEU C 218 -31.57 10.77 -2.13
CA LEU C 218 -30.25 11.37 -2.27
C LEU C 218 -29.50 11.13 -0.97
N VAL C 219 -28.28 10.61 -1.07
CA VAL C 219 -27.51 10.18 0.08
C VAL C 219 -26.23 10.98 0.12
N LEU C 220 -25.94 11.60 1.27
CA LEU C 220 -24.71 12.35 1.51
C LEU C 220 -23.87 11.61 2.54
N ILE C 221 -22.62 11.31 2.21
CA ILE C 221 -21.69 10.69 3.15
C ILE C 221 -20.76 11.77 3.71
N VAL C 222 -20.74 11.91 5.04
CA VAL C 222 -19.81 12.82 5.71
C VAL C 222 -18.69 12.06 6.40
N ALA C 223 -19.00 10.95 7.06
CA ALA C 223 -18.02 10.22 7.84
C ALA C 223 -16.83 9.76 7.00
N ASN C 224 -15.64 9.84 7.61
CA ASN C 224 -14.43 9.43 6.89
C ASN C 224 -14.24 7.91 6.91
N PRO C 225 -13.60 7.35 5.86
CA PRO C 225 -13.15 7.97 4.61
C PRO C 225 -14.31 8.22 3.63
N ALA C 226 -14.66 9.49 3.45
CA ALA C 226 -15.94 9.83 2.83
C ALA C 226 -16.06 9.22 1.43
N ASN C 227 -15.12 9.55 0.55
CA ASN C 227 -15.19 9.07 -0.84
C ASN C 227 -15.31 7.56 -0.87
N THR C 228 -14.47 6.87 -0.10
CA THR C 228 -14.51 5.41 -0.11
C THR C 228 -15.80 4.90 0.53
N ASN C 229 -16.25 5.54 1.63
CA ASN C 229 -17.51 5.13 2.24
C ASN C 229 -18.66 5.25 1.25
N ALA C 230 -18.70 6.34 0.48
CA ALA C 230 -19.76 6.53 -0.50
C ALA C 230 -19.72 5.44 -1.56
N MET C 231 -18.51 5.09 -2.03
CA MET C 231 -18.37 4.06 -3.05
C MET C 231 -18.90 2.73 -2.55
N ILE C 232 -18.54 2.35 -1.33
CA ILE C 232 -19.01 1.11 -0.74
C ILE C 232 -20.54 1.15 -0.58
N THR C 233 -21.07 2.29 -0.15
CA THR C 233 -22.52 2.41 -0.04
C THR C 233 -23.17 2.14 -1.38
N SER C 234 -22.69 2.82 -2.43
CA SER C 234 -23.30 2.66 -3.74
C SER C 234 -23.16 1.23 -4.24
N ALA C 235 -21.99 0.61 -4.00
CA ALA C 235 -21.79 -0.75 -4.47
C ALA C 235 -22.77 -1.71 -3.86
N ASN C 236 -23.27 -1.41 -2.66
CA ASN C 236 -24.20 -2.32 -1.99
C ASN C 236 -25.63 -1.83 -2.06
N ALA C 237 -25.91 -0.93 -3.01
CA ALA C 237 -27.25 -0.41 -3.26
C ALA C 237 -27.46 -0.42 -4.75
N PRO C 238 -27.62 -1.61 -5.36
CA PRO C 238 -27.60 -1.70 -6.82
C PRO C 238 -28.74 -0.97 -7.51
N ASP C 239 -29.84 -0.70 -6.81
CA ASP C 239 -30.98 -0.02 -7.43
C ASP C 239 -30.97 1.49 -7.20
N ILE C 240 -29.97 2.02 -6.53
CA ILE C 240 -29.82 3.46 -6.34
C ILE C 240 -28.88 3.98 -7.42
N PRO C 241 -29.30 4.93 -8.25
CA PRO C 241 -28.36 5.53 -9.21
C PRO C 241 -27.11 6.00 -8.49
N PRO C 242 -25.94 5.58 -8.96
CA PRO C 242 -24.72 5.96 -8.24
C PRO C 242 -24.58 7.46 -8.02
N GLU C 243 -25.09 8.28 -8.94
CA GLU C 243 -24.96 9.72 -8.83
C GLU C 243 -25.74 10.29 -7.66
N ASN C 244 -26.71 9.54 -7.15
CA ASN C 244 -27.51 9.95 -5.99
C ASN C 244 -26.83 9.67 -4.66
N ILE C 245 -25.63 9.11 -4.67
CA ILE C 245 -24.83 8.90 -3.46
C ILE C 245 -23.53 9.68 -3.65
N THR C 246 -23.32 10.72 -2.83
CA THR C 246 -22.12 11.54 -2.91
C THR C 246 -21.45 11.65 -1.55
N ALA C 247 -20.21 12.11 -1.58
CA ALA C 247 -19.41 12.38 -0.38
C ALA C 247 -19.12 13.87 -0.31
N MET C 248 -18.93 14.37 0.92
CA MET C 248 -18.85 15.80 1.16
C MET C 248 -17.41 16.29 1.08
N THR C 249 -17.14 17.16 0.10
CA THR C 249 -15.93 17.96 0.08
C THR C 249 -16.28 19.43 0.18
N ARG C 250 -17.55 19.72 0.46
CA ARG C 250 -18.02 21.10 0.48
C ARG C 250 -17.27 21.90 1.53
N LEU C 251 -16.79 21.25 2.60
CA LEU C 251 -16.08 22.01 3.62
C LEU C 251 -14.68 22.38 3.16
N ASP C 252 -13.97 21.43 2.55
CA ASP C 252 -12.72 21.79 1.88
C ASP C 252 -12.96 22.96 0.92
N HIS C 253 -14.02 22.84 0.11
CA HIS C 253 -14.35 23.89 -0.86
C HIS C 253 -14.53 25.24 -0.15
N ASP C 254 -15.36 25.27 0.88
CA ASP C 254 -15.60 26.52 1.60
C ASP C 254 -14.35 27.03 2.31
N ARG C 255 -13.49 26.13 2.78
CA ARG C 255 -12.25 26.59 3.39
C ARG C 255 -11.36 27.29 2.37
N GLY C 256 -11.35 26.79 1.13
CA GLY C 256 -10.60 27.47 0.08
C GLY C 256 -11.10 28.88 -0.19
N LEU C 257 -12.42 29.02 -0.32
CA LEU C 257 -12.99 30.35 -0.49
C LEU C 257 -12.59 31.26 0.66
N ALA C 258 -12.52 30.72 1.88
CA ALA C 258 -12.20 31.55 3.03
C ALA C 258 -10.74 31.99 3.01
N GLN C 259 -9.84 31.10 2.57
CA GLN C 259 -8.44 31.46 2.46
C GLN C 259 -8.24 32.56 1.41
N VAL C 260 -8.86 32.38 0.24
CA VAL C 260 -8.77 33.39 -0.81
C VAL C 260 -9.30 34.73 -0.31
N ALA C 261 -10.52 34.74 0.25
CA ALA C 261 -11.10 35.98 0.69
C ALA C 261 -10.23 36.65 1.75
N ALA C 262 -9.69 35.85 2.66
CA ALA C 262 -8.83 36.42 3.70
C ALA C 262 -7.57 37.00 3.08
N LYS C 263 -6.95 36.29 2.13
CA LYS C 263 -5.70 36.77 1.57
C LYS C 263 -5.92 38.04 0.74
N VAL C 264 -6.89 38.00 -0.16
CA VAL C 264 -7.16 39.07 -1.12
C VAL C 264 -7.96 40.23 -0.53
N GLY C 265 -8.75 40.01 0.50
CA GLY C 265 -9.57 41.08 1.05
C GLY C 265 -10.85 41.34 0.30
N CYS C 266 -11.46 40.31 -0.30
CA CYS C 266 -12.70 40.46 -1.06
C CYS C 266 -13.84 39.80 -0.29
N ASN C 267 -15.05 39.95 -0.83
CA ASN C 267 -16.20 39.21 -0.31
C ASN C 267 -16.22 37.80 -0.92
N ILE C 268 -16.87 36.88 -0.20
CA ILE C 268 -17.06 35.54 -0.72
C ILE C 268 -17.72 35.59 -2.08
N THR C 269 -18.69 36.50 -2.25
CA THR C 269 -19.43 36.56 -3.51
C THR C 269 -18.59 37.11 -4.67
N ASP C 270 -17.44 37.73 -4.40
CA ASP C 270 -16.57 38.13 -5.51
C ASP C 270 -15.87 36.94 -6.15
N ILE C 271 -15.82 35.80 -5.48
CA ILE C 271 -15.07 34.65 -5.93
C ILE C 271 -15.95 33.75 -6.80
N SER C 272 -15.40 33.31 -7.93
CA SER C 272 -16.10 32.41 -8.83
C SER C 272 -15.12 31.35 -9.32
N ARG C 273 -15.67 30.18 -9.68
CA ARG C 273 -14.93 29.12 -10.38
C ARG C 273 -13.77 28.55 -9.56
N PHE C 274 -14.11 28.07 -8.37
CA PHE C 274 -13.19 27.35 -7.49
C PHE C 274 -13.71 25.93 -7.31
N ALA C 275 -12.79 24.99 -7.08
CA ALA C 275 -13.20 23.60 -6.90
C ALA C 275 -12.10 22.81 -6.20
N ILE C 276 -12.52 21.76 -5.52
CA ILE C 276 -11.64 20.76 -4.93
C ILE C 276 -11.73 19.50 -5.80
N TRP C 277 -10.58 18.99 -6.23
CA TRP C 277 -10.54 17.72 -6.96
C TRP C 277 -10.04 16.62 -6.03
N GLY C 278 -10.54 15.40 -6.24
CA GLY C 278 -9.92 14.26 -5.61
C GLY C 278 -10.60 13.76 -4.34
N ASN C 279 -9.77 13.34 -3.39
CA ASN C 279 -10.17 12.69 -2.16
C ASN C 279 -10.46 13.72 -1.06
N HIS C 280 -11.43 13.42 -0.22
CA HIS C 280 -11.61 14.26 0.97
C HIS C 280 -10.49 13.86 1.95
N SER C 281 -9.31 14.43 1.73
CA SER C 281 -8.13 14.09 2.51
C SER C 281 -7.04 15.12 2.23
N ALA C 282 -5.88 14.89 2.84
CA ALA C 282 -4.74 15.79 2.64
C ALA C 282 -4.14 15.69 1.23
N THR C 283 -4.52 14.71 0.41
CA THR C 283 -4.07 14.70 -0.98
C THR C 283 -5.02 15.45 -1.92
N GLN C 284 -6.07 16.07 -1.37
CA GLN C 284 -7.00 16.85 -2.18
C GLN C 284 -6.25 17.90 -2.98
N TYR C 285 -6.85 18.33 -4.09
CA TYR C 285 -6.28 19.41 -4.88
C TYR C 285 -7.21 20.61 -4.91
N PRO C 286 -6.99 21.62 -4.08
CA PRO C 286 -7.75 22.87 -4.21
C PRO C 286 -7.26 23.64 -5.43
N ASP C 287 -8.16 23.86 -6.39
CA ASP C 287 -7.77 24.26 -7.75
C ASP C 287 -8.15 25.70 -8.01
N LEU C 288 -7.15 26.59 -8.09
CA LEU C 288 -7.35 28.01 -8.38
C LEU C 288 -7.20 28.34 -9.86
N SER C 289 -7.03 27.32 -10.71
CA SER C 289 -6.66 27.56 -12.11
C SER C 289 -7.69 28.40 -12.85
N PHE C 290 -8.97 28.29 -12.51
CA PHE C 290 -10.00 29.01 -13.25
C PHE C 290 -10.66 30.10 -12.42
N THR C 291 -10.18 30.34 -11.20
CA THR C 291 -10.85 31.21 -10.25
C THR C 291 -10.78 32.66 -10.72
N THR C 292 -11.87 33.38 -10.51
CA THR C 292 -11.90 34.81 -10.82
C THR C 292 -12.34 35.59 -9.60
N ILE C 293 -11.92 36.85 -9.54
CA ILE C 293 -12.26 37.74 -8.43
C ILE C 293 -12.89 38.99 -9.00
N LYS C 294 -14.16 39.24 -8.63
CA LYS C 294 -14.89 40.40 -9.13
C LYS C 294 -14.19 41.68 -8.72
N GLY C 295 -13.87 42.52 -9.70
CA GLY C 295 -13.26 43.79 -9.38
C GLY C 295 -11.77 43.77 -9.19
N GLN C 296 -11.09 42.68 -9.56
CA GLN C 296 -9.67 42.54 -9.30
C GLN C 296 -8.99 41.94 -10.52
N TRP C 297 -8.25 42.77 -11.24
CA TRP C 297 -7.46 42.38 -12.41
C TRP C 297 -6.00 42.66 -12.12
N GLY C 298 -5.15 42.39 -13.11
CA GLY C 298 -3.72 42.55 -13.00
C GLY C 298 -3.09 41.71 -11.90
N LEU C 299 -2.07 42.27 -11.24
CA LEU C 299 -1.36 41.53 -10.21
C LEU C 299 -2.28 41.07 -9.11
N ASN C 300 -2.24 39.77 -8.84
CA ASN C 300 -3.08 39.16 -7.82
C ASN C 300 -2.44 37.87 -7.35
N VAL C 301 -2.40 37.69 -6.04
CA VAL C 301 -1.68 36.57 -5.44
C VAL C 301 -2.22 35.20 -5.87
N ILE C 302 -3.47 35.08 -6.32
CA ILE C 302 -3.95 33.75 -6.71
C ILE C 302 -3.38 33.30 -8.03
N ASN C 303 -2.66 34.18 -8.74
CA ASN C 303 -1.92 33.76 -9.92
C ASN C 303 -0.57 33.14 -9.54
N ASP C 304 -0.12 33.37 -8.31
CA ASP C 304 1.23 32.99 -7.89
C ASP C 304 1.29 31.49 -7.61
N GLU C 305 1.98 30.75 -8.52
CA GLU C 305 2.18 29.31 -8.36
C GLU C 305 2.87 28.97 -7.07
N GLN C 306 3.86 29.77 -6.68
CA GLN C 306 4.62 29.46 -5.49
C GLN C 306 3.74 29.59 -4.26
N TRP C 307 2.89 30.61 -4.21
CA TRP C 307 1.98 30.78 -3.08
C TRP C 307 0.95 29.66 -3.03
N ILE C 308 0.42 29.27 -4.19
CA ILE C 308 -0.53 28.16 -4.26
C ILE C 308 0.08 26.91 -3.65
N THR C 309 1.29 26.59 -4.08
CA THR C 309 1.97 25.36 -3.71
C THR C 309 2.43 25.39 -2.26
N ASN C 310 2.98 26.51 -1.82
CA ASN C 310 3.59 26.54 -0.49
C ASN C 310 2.65 27.01 0.61
N GLU C 311 1.58 27.73 0.27
CA GLU C 311 0.74 28.25 1.33
C GLU C 311 -0.72 27.84 1.16
N PHE C 312 -1.35 28.25 0.06
CA PHE C 312 -2.79 28.06 -0.10
C PHE C 312 -3.17 26.59 0.05
N ILE C 313 -2.58 25.72 -0.79
CA ILE C 313 -2.93 24.31 -0.77
C ILE C 313 -2.65 23.65 0.58
N PRO C 314 -1.47 23.79 1.18
CA PRO C 314 -1.28 23.17 2.50
C PRO C 314 -2.20 23.72 3.56
N ASN C 315 -2.51 25.02 3.52
CA ASN C 315 -3.42 25.58 4.51
C ASN C 315 -4.81 24.97 4.40
N VAL C 316 -5.28 24.71 3.18
CA VAL C 316 -6.59 24.09 3.01
C VAL C 316 -6.54 22.63 3.46
N GLN C 317 -5.47 21.91 3.11
CA GLN C 317 -5.37 20.50 3.46
C GLN C 317 -5.30 20.32 4.97
N GLN C 318 -4.68 21.27 5.66
CA GLN C 318 -4.40 21.15 7.09
C GLN C 318 -5.31 22.00 7.95
N ARG C 319 -6.37 22.57 7.37
CA ARG C 319 -7.21 23.50 8.13
C ARG C 319 -7.87 22.84 9.33
N GLY C 320 -8.31 21.58 9.17
CA GLY C 320 -8.90 20.89 10.29
C GLY C 320 -7.94 20.80 11.47
N ALA C 321 -6.67 20.54 11.17
CA ALA C 321 -5.68 20.49 12.26
C ALA C 321 -5.51 21.84 12.94
N ALA C 322 -5.61 22.94 12.18
CA ALA C 322 -5.46 24.27 12.77
C ALA C 322 -6.60 24.57 13.74
N ILE C 323 -7.83 24.21 13.39
CA ILE C 323 -8.96 24.44 14.28
C ILE C 323 -8.80 23.64 15.56
N ILE C 324 -8.36 22.39 15.46
CA ILE C 324 -8.15 21.60 16.67
C ILE C 324 -7.11 22.26 17.58
N LYS C 325 -6.05 22.80 16.99
CA LYS C 325 -5.01 23.44 17.78
C LYS C 325 -5.52 24.70 18.49
N ALA C 326 -6.43 25.43 17.87
CA ALA C 326 -6.94 26.65 18.49
C ALA C 326 -8.02 26.34 19.54
N ARG C 327 -8.97 25.48 19.21
CA ARG C 327 -10.13 25.24 20.05
C ARG C 327 -10.02 24.01 20.94
N GLY C 328 -9.19 23.02 20.57
CA GLY C 328 -9.14 21.79 21.32
C GLY C 328 -10.21 20.79 20.92
N LYS C 329 -11.05 21.11 19.94
CA LYS C 329 -12.08 20.22 19.46
C LYS C 329 -12.14 20.32 17.94
N SER C 330 -12.74 19.31 17.32
CA SER C 330 -12.83 19.33 15.88
C SER C 330 -13.90 20.33 15.43
N SER C 331 -13.88 20.65 14.15
CA SER C 331 -14.70 21.72 13.60
C SER C 331 -16.13 21.25 13.31
N ALA C 332 -16.82 20.87 14.38
CA ALA C 332 -18.17 20.31 14.27
C ALA C 332 -19.14 21.25 13.56
N ALA C 333 -19.12 22.53 13.95
CA ALA C 333 -20.11 23.48 13.44
C ALA C 333 -19.93 23.74 11.96
N SER C 334 -18.69 23.96 11.51
CA SER C 334 -18.53 24.26 10.09
C SER C 334 -18.73 23.01 9.24
N ALA C 335 -18.42 21.82 9.75
CA ALA C 335 -18.75 20.62 8.99
C ALA C 335 -20.26 20.49 8.77
N ALA C 336 -21.06 20.75 9.81
CA ALA C 336 -22.52 20.75 9.64
C ALA C 336 -22.95 21.78 8.63
N ASP C 337 -22.34 22.96 8.66
CA ASP C 337 -22.64 24.02 7.71
C ASP C 337 -22.38 23.56 6.28
N ALA C 338 -21.25 22.87 6.04
CA ALA C 338 -20.95 22.37 4.70
C ALA C 338 -21.98 21.33 4.26
N ALA C 339 -22.41 20.46 5.18
CA ALA C 339 -23.45 19.49 4.85
C ALA C 339 -24.76 20.19 4.47
N ILE C 340 -25.17 21.19 5.24
CA ILE C 340 -26.37 21.96 4.91
C ILE C 340 -26.24 22.56 3.51
N LYS C 341 -25.10 23.19 3.24
CA LYS C 341 -24.90 23.78 1.92
C LYS C 341 -24.89 22.70 0.83
N HIS C 342 -24.20 21.58 1.08
CA HIS C 342 -24.14 20.52 0.08
C HIS C 342 -25.54 20.01 -0.28
N MET C 343 -26.33 19.66 0.73
CA MET C 343 -27.68 19.16 0.46
C MET C 343 -28.54 20.25 -0.16
N HIS C 344 -28.47 21.47 0.38
CA HIS C 344 -29.28 22.57 -0.14
C HIS C 344 -29.05 22.79 -1.62
N ASP C 345 -27.78 22.91 -2.03
CA ASP C 345 -27.45 23.12 -3.43
C ASP C 345 -27.84 21.91 -4.27
N TRP C 346 -27.63 20.71 -3.72
CA TRP C 346 -28.02 19.49 -4.42
C TRP C 346 -29.52 19.50 -4.74
N VAL C 347 -30.34 19.96 -3.81
CA VAL C 347 -31.79 19.94 -3.98
C VAL C 347 -32.28 21.18 -4.73
N LEU C 348 -31.76 22.35 -4.38
CA LEU C 348 -32.31 23.58 -4.91
C LEU C 348 -31.42 24.26 -5.93
N GLY C 349 -30.19 23.78 -6.15
CA GLY C 349 -29.36 24.35 -7.17
C GLY C 349 -28.54 25.53 -6.65
N ASN C 350 -27.49 25.85 -7.41
CA ASN C 350 -26.56 26.93 -7.08
C ASN C 350 -25.90 27.34 -8.40
N SER C 351 -25.90 28.65 -8.69
CA SER C 351 -25.38 29.09 -9.97
C SER C 351 -23.84 29.03 -10.04
N GLU C 352 -23.17 28.92 -8.91
CA GLU C 352 -21.71 28.91 -8.82
C GLU C 352 -21.19 27.48 -8.89
N TRP C 353 -19.92 27.34 -9.28
CA TRP C 353 -19.27 26.04 -9.12
C TRP C 353 -19.29 25.61 -7.66
N VAL C 354 -19.64 24.35 -7.42
CA VAL C 354 -19.43 23.76 -6.12
C VAL C 354 -18.68 22.45 -6.29
N SER C 355 -18.09 21.99 -5.21
CA SER C 355 -17.37 20.74 -5.19
C SER C 355 -18.24 19.67 -4.55
N MET C 356 -18.29 18.49 -5.19
CA MET C 356 -18.90 17.28 -4.66
C MET C 356 -18.01 16.11 -5.07
N ALA C 357 -17.85 15.13 -4.17
CA ALA C 357 -17.20 13.87 -4.48
C ALA C 357 -18.24 12.93 -5.07
N ILE C 358 -18.09 12.60 -6.35
CA ILE C 358 -19.14 11.93 -7.13
C ILE C 358 -18.53 10.68 -7.78
N PRO C 359 -19.36 9.73 -8.18
CA PRO C 359 -18.83 8.58 -8.93
C PRO C 359 -18.20 9.04 -10.24
N SER C 360 -16.98 8.61 -10.47
CA SER C 360 -16.31 8.92 -11.73
C SER C 360 -16.91 8.06 -12.83
N ARG C 361 -17.45 8.72 -13.87
CA ARG C 361 -17.75 8.13 -15.16
C ARG C 361 -16.65 8.43 -16.17
N GLY C 362 -15.43 8.70 -15.70
CA GLY C 362 -14.33 9.03 -16.56
C GLY C 362 -14.20 10.49 -16.93
N GLN C 363 -14.92 11.39 -16.26
CA GLN C 363 -14.73 12.82 -16.48
C GLN C 363 -13.26 13.20 -16.34
N TYR C 364 -12.76 14.01 -17.28
CA TYR C 364 -11.35 14.43 -17.33
C TYR C 364 -10.39 13.23 -17.33
N GLY C 365 -10.87 12.07 -17.79
CA GLY C 365 -10.02 10.89 -17.79
C GLY C 365 -9.85 10.25 -16.44
N ILE C 366 -10.62 10.64 -15.44
CA ILE C 366 -10.48 10.10 -14.09
C ILE C 366 -10.92 8.64 -14.08
N PRO C 367 -10.17 7.73 -13.45
CA PRO C 367 -10.56 6.30 -13.48
C PRO C 367 -11.99 6.11 -13.00
N ARG C 368 -12.67 5.16 -13.62
CA ARG C 368 -14.05 4.88 -13.26
C ARG C 368 -14.10 4.06 -11.98
N GLY C 369 -15.24 4.11 -11.30
CA GLY C 369 -15.44 3.28 -10.13
C GLY C 369 -14.93 3.84 -8.84
N ILE C 370 -14.30 5.01 -8.84
CA ILE C 370 -13.95 5.68 -7.60
C ILE C 370 -14.85 6.89 -7.49
N TRP C 371 -15.04 7.34 -6.25
CA TRP C 371 -15.72 8.60 -5.98
C TRP C 371 -14.68 9.70 -5.91
N CYS C 372 -14.90 10.77 -6.65
CA CYS C 372 -13.86 11.77 -6.80
C CYS C 372 -14.48 13.16 -6.82
N SER C 373 -13.90 14.09 -6.06
CA SER C 373 -14.42 15.45 -6.06
C SER C 373 -14.08 16.13 -7.38
N MET C 374 -15.04 16.84 -7.95
CA MET C 374 -14.88 17.55 -9.20
C MET C 374 -15.68 18.84 -9.13
N PRO C 375 -15.32 19.84 -9.95
CA PRO C 375 -16.19 21.01 -10.10
C PRO C 375 -17.49 20.61 -10.76
N VAL C 376 -18.61 20.86 -10.08
CA VAL C 376 -19.91 20.54 -10.63
C VAL C 376 -20.81 21.76 -10.49
N GLN C 377 -21.80 21.82 -11.37
CA GLN C 377 -22.91 22.74 -11.24
C GLN C 377 -24.14 21.98 -10.77
N CYS C 378 -24.74 22.43 -9.67
CA CYS C 378 -25.99 21.86 -9.19
C CYS C 378 -27.13 22.58 -9.88
N PHE C 379 -27.86 21.86 -10.74
CA PHE C 379 -28.99 22.44 -11.45
C PHE C 379 -30.26 22.42 -10.62
N GLY C 380 -30.25 21.75 -9.47
CA GLY C 380 -31.45 21.59 -8.68
C GLY C 380 -32.13 20.27 -8.95
N ALA C 381 -33.15 20.01 -8.12
CA ALA C 381 -33.97 18.80 -8.22
C ALA C 381 -33.13 17.54 -8.15
N GLY C 382 -32.02 17.59 -7.41
CA GLY C 382 -31.17 16.44 -7.25
C GLY C 382 -30.22 16.16 -8.39
N LYS C 383 -30.22 16.98 -9.44
CA LYS C 383 -29.43 16.73 -10.64
C LYS C 383 -28.23 17.66 -10.70
N TYR C 384 -27.06 17.11 -11.00
CA TYR C 384 -25.86 17.92 -11.17
C TYR C 384 -25.04 17.43 -12.37
N GLY C 385 -24.12 18.29 -12.82
CA GLY C 385 -23.23 17.98 -13.92
C GLY C 385 -21.83 18.54 -13.74
N VAL C 386 -20.80 17.75 -14.07
CA VAL C 386 -19.43 18.23 -13.99
C VAL C 386 -19.25 19.41 -14.94
N ILE C 387 -18.47 20.41 -14.49
CA ILE C 387 -18.12 21.51 -15.37
C ILE C 387 -17.31 20.96 -16.52
N GLU C 388 -17.76 21.21 -17.75
CA GLU C 388 -17.14 20.64 -18.93
C GLU C 388 -16.20 21.63 -19.61
N GLY C 389 -15.29 21.09 -20.41
CA GLY C 389 -14.44 21.90 -21.27
C GLY C 389 -13.20 22.47 -20.62
N LEU C 390 -12.89 22.10 -19.38
CA LEU C 390 -11.80 22.76 -18.69
C LEU C 390 -10.46 22.22 -19.19
N PRO C 391 -9.56 23.08 -19.66
CA PRO C 391 -8.21 22.62 -19.98
C PRO C 391 -7.42 22.38 -18.70
N ILE C 392 -6.88 21.18 -18.55
CA ILE C 392 -6.17 20.78 -17.35
C ILE C 392 -4.67 20.88 -17.63
N ASN C 393 -4.00 21.81 -16.96
CA ASN C 393 -2.57 21.95 -17.15
C ASN C 393 -1.83 20.87 -16.36
N SER C 394 -0.52 20.83 -16.58
CA SER C 394 0.28 19.74 -16.03
C SER C 394 0.39 19.85 -14.52
N PHE C 395 0.46 21.06 -13.98
CA PHE C 395 0.50 21.20 -12.54
C PHE C 395 -0.77 20.65 -11.92
N SER C 396 -1.92 20.91 -12.55
CA SER C 396 -3.18 20.32 -12.09
C SER C 396 -3.20 18.80 -12.28
N ALA C 397 -2.80 18.30 -13.45
CA ALA C 397 -2.87 16.87 -13.69
C ALA C 397 -2.03 16.10 -12.68
N ASP C 398 -0.86 16.63 -12.33
CA ASP C 398 -0.01 16.01 -11.32
C ASP C 398 -0.76 15.86 -10.00
N ARG C 399 -1.39 16.92 -9.54
CA ARG C 399 -1.99 16.84 -8.21
CA ARG C 399 -2.01 16.87 -8.22
C ARG C 399 -3.27 16.00 -8.23
N ILE C 400 -4.12 16.17 -9.24
CA ILE C 400 -5.30 15.30 -9.39
C ILE C 400 -4.87 13.84 -9.42
N ASN C 401 -3.79 13.52 -10.13
CA ASN C 401 -3.31 12.14 -10.20
C ASN C 401 -2.86 11.62 -8.84
N ALA C 402 -2.21 12.47 -8.04
CA ALA C 402 -1.80 12.04 -6.71
C ALA C 402 -3.02 11.67 -5.86
N SER C 403 -4.11 12.42 -5.98
CA SER C 403 -5.29 12.09 -5.18
C SER C 403 -6.00 10.87 -5.74
N VAL C 404 -6.06 10.75 -7.07
CA VAL C 404 -6.63 9.54 -7.66
C VAL C 404 -5.85 8.32 -7.21
N LYS C 405 -4.53 8.44 -7.11
CA LYS C 405 -3.70 7.35 -6.61
C LYS C 405 -4.14 6.91 -5.21
N GLU C 406 -4.41 7.87 -4.33
CA GLU C 406 -4.82 7.51 -2.98
C GLU C 406 -6.19 6.84 -2.98
N LEU C 407 -7.11 7.36 -3.80
CA LEU C 407 -8.45 6.79 -3.90
C LEU C 407 -8.42 5.36 -4.44
N ILE C 408 -7.54 5.09 -5.41
CA ILE C 408 -7.40 3.73 -5.94
C ILE C 408 -6.85 2.80 -4.89
N GLU C 409 -5.84 3.26 -4.14
CA GLU C 409 -5.31 2.43 -3.06
C GLU C 409 -6.35 2.18 -1.98
N GLU C 410 -7.13 3.21 -1.62
CA GLU C 410 -8.20 3.00 -0.67
C GLU C 410 -9.19 1.94 -1.17
N LYS C 411 -9.53 2.01 -2.46
CA LYS C 411 -10.47 1.06 -3.02
C LYS C 411 -9.93 -0.36 -2.93
N LYS C 412 -8.63 -0.54 -3.20
CA LYS C 412 -8.03 -1.87 -3.11
C LYS C 412 -8.10 -2.43 -1.69
N ILE C 413 -7.99 -1.58 -0.67
CA ILE C 413 -7.99 -2.07 0.70
C ILE C 413 -9.36 -2.60 1.09
N VAL C 414 -10.43 -1.95 0.62
CA VAL C 414 -11.78 -2.32 1.01
C VAL C 414 -12.48 -3.13 -0.08
N GLU C 415 -11.72 -3.69 -1.03
CA GLU C 415 -12.34 -4.35 -2.18
C GLU C 415 -13.26 -5.50 -1.77
N ASN C 416 -13.00 -6.14 -0.63
CA ASN C 416 -13.80 -7.30 -0.24
C ASN C 416 -15.21 -6.95 0.23
N LEU C 417 -15.54 -5.68 0.42
CA LEU C 417 -16.91 -5.31 0.74
C LEU C 417 -17.66 -4.80 -0.49
N LEU C 418 -17.12 -4.99 -1.69
CA LEU C 418 -17.79 -4.58 -2.92
C LEU C 418 -18.52 -5.75 -3.60
N LEU D 94 -28.82 44.96 -1.16
CA LEU D 94 -28.32 44.74 0.19
C LEU D 94 -28.39 46.00 1.04
N ALA D 95 -28.81 45.85 2.29
CA ALA D 95 -28.86 46.94 3.24
C ALA D 95 -27.46 47.29 3.74
N PRO D 96 -27.29 48.45 4.36
CA PRO D 96 -26.02 48.75 5.02
C PRO D 96 -25.78 47.79 6.17
N PRO D 97 -24.52 47.50 6.47
CA PRO D 97 -24.24 46.46 7.48
C PRO D 97 -24.66 46.92 8.86
N VAL D 98 -25.03 45.95 9.69
CA VAL D 98 -25.24 46.20 11.11
C VAL D 98 -24.18 45.41 11.86
N THR D 99 -23.90 45.86 13.08
CA THR D 99 -22.86 45.29 13.93
C THR D 99 -23.52 44.58 15.11
N ILE D 100 -23.11 43.34 15.37
CA ILE D 100 -23.69 42.55 16.45
C ILE D 100 -22.58 42.17 17.41
N THR D 101 -22.74 42.53 18.67
CA THR D 101 -21.82 42.13 19.73
C THR D 101 -22.35 40.87 20.42
N VAL D 102 -21.49 39.88 20.56
CA VAL D 102 -21.83 38.64 21.23
C VAL D 102 -20.76 38.34 22.27
N SER D 103 -21.17 38.24 23.52
CA SER D 103 -20.28 37.82 24.59
C SER D 103 -20.36 36.31 24.76
N GLY D 104 -19.49 35.77 25.60
CA GLY D 104 -19.40 34.32 25.72
C GLY D 104 -19.18 33.64 24.38
N ALA D 105 -18.39 34.26 23.50
CA ALA D 105 -18.32 33.82 22.12
C ALA D 105 -17.64 32.47 21.92
N CYS D 106 -16.91 31.96 22.91
CA CYS D 106 -16.33 30.63 22.84
C CYS D 106 -17.26 29.50 23.29
N GLY D 107 -18.40 29.82 23.89
CA GLY D 107 -19.20 28.83 24.59
C GLY D 107 -20.09 27.99 23.68
N GLN D 108 -20.78 27.04 24.31
CA GLN D 108 -21.59 26.10 23.53
C GLN D 108 -22.77 26.80 22.88
N ILE D 109 -23.42 27.75 23.57
CA ILE D 109 -24.52 28.50 22.94
C ILE D 109 -24.01 29.30 21.74
N ALA D 110 -22.89 30.03 21.91
CA ALA D 110 -22.34 30.78 20.79
C ALA D 110 -22.06 29.86 19.59
N ASN D 111 -21.58 28.63 19.86
CA ASN D 111 -21.24 27.69 18.79
C ASN D 111 -22.41 27.47 17.83
N SER D 112 -23.63 27.45 18.37
CA SER D 112 -24.83 27.34 17.56
C SER D 112 -25.35 28.69 17.11
N LEU D 113 -25.24 29.71 17.97
CA LEU D 113 -25.84 31.01 17.67
C LEU D 113 -25.19 31.64 16.45
N LEU D 114 -23.86 31.68 16.41
CA LEU D 114 -23.17 32.56 15.47
C LEU D 114 -23.40 32.14 14.02
N PHE D 115 -23.43 30.83 13.75
CA PHE D 115 -23.66 30.38 12.39
C PHE D 115 -25.06 30.74 11.91
N ARG D 116 -26.03 30.85 12.83
CA ARG D 116 -27.37 31.23 12.47
C ARG D 116 -27.57 32.74 12.52
N ILE D 117 -26.54 33.50 12.87
CA ILE D 117 -26.46 34.92 12.55
C ILE D 117 -25.81 35.14 11.20
N ALA D 118 -24.66 34.49 11.00
CA ALA D 118 -23.92 34.70 9.76
C ALA D 118 -24.70 34.22 8.54
N ASN D 119 -25.58 33.23 8.69
CA ASN D 119 -26.32 32.70 7.55
C ASN D 119 -27.48 33.59 7.13
N GLY D 120 -27.72 34.70 7.85
CA GLY D 120 -28.81 35.59 7.54
C GLY D 120 -30.13 35.24 8.18
N GLU D 121 -30.19 34.19 9.00
CA GLU D 121 -31.47 33.75 9.56
C GLU D 121 -32.01 34.75 10.58
N MET D 122 -31.13 35.28 11.42
CA MET D 122 -31.58 36.13 12.52
C MET D 122 -32.16 37.45 12.01
N LEU D 123 -31.49 38.10 11.06
CA LEU D 123 -31.85 39.44 10.66
C LEU D 123 -32.32 39.58 9.22
N GLY D 124 -32.30 38.51 8.44
CA GLY D 124 -32.84 38.61 7.10
C GLY D 124 -31.77 38.42 6.05
N GLU D 125 -32.16 37.80 4.92
CA GLU D 125 -31.22 37.37 3.90
C GLU D 125 -30.56 38.53 3.15
N ASN D 126 -31.05 39.77 3.30
CA ASN D 126 -30.44 40.91 2.62
C ASN D 126 -29.77 41.86 3.59
N GLN D 127 -29.41 41.40 4.78
CA GLN D 127 -28.83 42.26 5.83
C GLN D 127 -27.43 41.79 6.20
N PRO D 128 -26.38 42.40 5.62
CA PRO D 128 -25.01 42.04 5.99
C PRO D 128 -24.70 42.35 7.44
N VAL D 129 -23.85 41.52 8.04
CA VAL D 129 -23.56 41.61 9.46
C VAL D 129 -22.07 41.64 9.71
N LYS D 130 -21.70 42.34 10.78
CA LYS D 130 -20.37 42.36 11.32
C LYS D 130 -20.46 41.83 12.75
N LEU D 131 -19.63 40.85 13.09
CA LEU D 131 -19.66 40.27 14.43
C LEU D 131 -18.51 40.85 15.25
N ARG D 132 -18.84 41.36 16.43
CA ARG D 132 -17.83 41.73 17.41
C ARG D 132 -17.99 40.74 18.55
N LEU D 133 -17.02 39.85 18.68
CA LEU D 133 -17.09 38.69 19.56
C LEU D 133 -16.25 38.97 20.80
N LEU D 134 -16.85 38.88 21.98
CA LEU D 134 -16.17 39.18 23.24
C LEU D 134 -15.98 37.91 24.04
N GLU D 135 -14.81 37.74 24.65
CA GLU D 135 -14.56 36.61 25.53
C GLU D 135 -13.70 37.06 26.71
N ARG D 136 -13.56 36.17 27.69
CA ARG D 136 -12.62 36.41 28.78
C ARG D 136 -11.20 36.37 28.24
N PRO D 137 -10.26 37.06 28.91
CA PRO D 137 -8.88 37.08 28.40
C PRO D 137 -8.28 35.70 28.17
N GLU D 138 -8.56 34.75 29.05
CA GLU D 138 -7.91 33.44 28.90
C GLU D 138 -8.48 32.61 27.76
N ALA D 139 -9.54 33.08 27.09
CA ALA D 139 -10.19 32.34 26.02
C ALA D 139 -9.85 32.87 24.64
N MET D 140 -8.88 33.79 24.54
CA MET D 140 -8.60 34.42 23.26
C MET D 140 -7.98 33.44 22.26
N LYS D 141 -7.11 32.54 22.73
CA LYS D 141 -6.53 31.54 21.82
C LYS D 141 -7.63 30.67 21.23
N ALA D 142 -8.58 30.27 22.06
CA ALA D 142 -9.73 29.50 21.59
C ALA D 142 -10.65 30.33 20.71
N LEU D 143 -10.78 31.63 20.99
CA LEU D 143 -11.66 32.47 20.20
C LEU D 143 -11.19 32.62 18.76
N GLU D 144 -9.88 32.57 18.51
CA GLU D 144 -9.39 32.53 17.14
C GLU D 144 -9.95 31.33 16.38
N GLY D 145 -10.05 30.18 17.04
CA GLY D 145 -10.64 29.03 16.39
C GLY D 145 -12.08 29.24 15.97
N VAL D 146 -12.85 29.97 16.80
CA VAL D 146 -14.23 30.27 16.43
C VAL D 146 -14.27 31.09 15.15
N LYS D 147 -13.42 32.10 15.07
CA LYS D 147 -13.38 32.92 13.86
C LYS D 147 -13.01 32.06 12.66
N MET D 148 -12.03 31.18 12.84
CA MET D 148 -11.64 30.30 11.74
C MET D 148 -12.82 29.47 11.26
N GLU D 149 -13.63 28.91 12.20
CA GLU D 149 -14.77 28.10 11.78
C GLU D 149 -15.81 28.95 11.05
N LEU D 150 -16.06 30.17 11.55
CA LEU D 150 -17.03 31.06 10.90
C LEU D 150 -16.55 31.49 9.52
N ASP D 151 -15.26 31.82 9.37
CA ASP D 151 -14.73 32.07 8.03
C ASP D 151 -14.95 30.89 7.12
N ASP D 152 -14.70 29.67 7.61
CA ASP D 152 -14.91 28.45 6.84
C ASP D 152 -16.38 28.18 6.53
N GLY D 153 -17.30 28.94 7.13
CA GLY D 153 -18.67 28.92 6.67
C GLY D 153 -18.89 29.65 5.36
N ALA D 154 -17.91 30.44 4.92
CA ALA D 154 -17.94 31.12 3.61
C ALA D 154 -19.24 31.89 3.43
N PHE D 155 -19.62 32.63 4.47
CA PHE D 155 -20.89 33.32 4.51
C PHE D 155 -20.82 34.64 3.76
N PRO D 156 -21.65 34.85 2.72
CA PRO D 156 -21.63 36.14 2.01
C PRO D 156 -22.02 37.32 2.88
N LEU D 157 -22.87 37.13 3.89
CA LEU D 157 -23.37 38.26 4.67
C LEU D 157 -22.40 38.69 5.76
N LEU D 158 -21.40 37.87 6.08
CA LEU D 158 -20.48 38.14 7.20
C LEU D 158 -19.35 39.02 6.69
N GLU D 159 -19.47 40.34 6.92
CA GLU D 159 -18.51 41.31 6.42
C GLU D 159 -17.26 41.38 7.26
N GLU D 160 -17.34 41.02 8.54
CA GLU D 160 -16.22 41.25 9.42
C GLU D 160 -16.40 40.42 10.69
N ILE D 161 -15.28 39.91 11.21
CA ILE D 161 -15.24 39.28 12.51
C ILE D 161 -14.15 39.96 13.31
N TYR D 162 -14.53 40.65 14.38
CA TYR D 162 -13.61 41.32 15.27
C TYR D 162 -13.60 40.58 16.60
N LEU D 163 -12.40 40.31 17.11
CA LEU D 163 -12.21 39.58 18.37
C LEU D 163 -11.62 40.49 19.43
N THR D 164 -12.10 40.39 20.68
CA THR D 164 -11.56 41.20 21.78
C THR D 164 -11.94 40.59 23.12
N ASP D 165 -11.13 40.91 24.13
CA ASP D 165 -11.45 40.70 25.53
C ASP D 165 -11.75 42.01 26.24
N SER D 166 -12.03 43.07 25.49
CA SER D 166 -12.34 44.38 26.03
C SER D 166 -13.77 44.73 25.67
N GLU D 167 -14.59 44.97 26.69
CA GLU D 167 -16.00 45.24 26.44
C GLU D 167 -16.18 46.59 25.78
N ASN D 168 -15.31 47.57 26.08
CA ASN D 168 -15.41 48.85 25.37
C ASN D 168 -15.18 48.65 23.88
N ASP D 169 -14.15 47.90 23.50
CA ASP D 169 -13.95 47.63 22.09
C ASP D 169 -15.10 46.81 21.53
N ALA D 170 -15.58 45.83 22.29
CA ALA D 170 -16.61 44.91 21.81
C ALA D 170 -17.88 45.64 21.40
N PHE D 171 -18.34 46.61 22.19
CA PHE D 171 -19.63 47.24 21.94
C PHE D 171 -19.55 48.45 21.03
N ARG D 172 -18.36 48.76 20.52
CA ARG D 172 -18.15 49.92 19.66
C ARG D 172 -19.07 49.88 18.44
N GLY D 173 -19.96 50.85 18.32
CA GLY D 173 -20.90 50.90 17.21
C GLY D 173 -21.90 49.76 17.16
N ALA D 174 -22.14 49.06 18.27
CA ALA D 174 -23.05 47.93 18.18
C ALA D 174 -24.48 48.40 17.92
N ASP D 175 -25.14 47.72 16.98
CA ASP D 175 -26.57 47.84 16.72
C ASP D 175 -27.36 46.77 17.46
N TYR D 176 -26.72 45.65 17.77
CA TYR D 176 -27.36 44.56 18.48
C TYR D 176 -26.34 43.96 19.44
N ALA D 177 -26.82 43.49 20.58
CA ALA D 177 -25.96 42.83 21.55
C ALA D 177 -26.69 41.62 22.12
N ILE D 178 -26.02 40.48 22.10
CA ILE D 178 -26.52 39.25 22.68
C ILE D 178 -25.51 38.84 23.75
N LEU D 179 -25.93 38.88 25.00
CA LEU D 179 -25.03 38.72 26.13
C LEU D 179 -25.17 37.30 26.67
N LEU D 180 -24.24 36.44 26.27
CA LEU D 180 -24.20 35.08 26.76
C LEU D 180 -23.25 34.91 27.92
N GLY D 181 -22.19 35.71 27.97
CA GLY D 181 -21.15 35.48 28.95
C GLY D 181 -21.60 35.93 30.33
N GLY D 182 -21.18 35.17 31.34
CA GLY D 182 -21.48 35.46 32.71
C GLY D 182 -20.65 34.62 33.64
N LYS D 183 -20.97 34.66 34.92
CA LYS D 183 -20.24 33.87 35.89
C LYS D 183 -21.05 32.67 36.34
N PRO D 184 -20.61 31.45 36.04
CA PRO D 184 -21.31 30.26 36.54
C PRO D 184 -21.09 30.11 38.03
N ARG D 185 -21.98 29.35 38.67
CA ARG D 185 -21.84 29.11 40.11
C ARG D 185 -20.58 28.28 40.34
N GLY D 186 -19.55 28.91 40.89
CA GLY D 186 -18.29 28.25 41.16
C GLY D 186 -17.98 28.18 42.64
N PRO D 187 -16.77 27.69 42.96
CA PRO D 187 -16.40 27.51 44.36
C PRO D 187 -16.50 28.81 45.14
N GLY D 188 -17.06 28.71 46.35
CA GLY D 188 -17.20 29.85 47.23
C GLY D 188 -18.35 30.76 46.93
N MET D 189 -19.29 30.35 46.08
CA MET D 189 -20.40 31.21 45.70
C MET D 189 -21.72 30.59 46.12
N GLU D 190 -22.45 31.29 46.97
CA GLU D 190 -23.83 30.98 47.29
C GLU D 190 -24.73 31.59 46.22
N ARG D 191 -26.05 31.44 46.40
CA ARG D 191 -26.97 32.04 45.44
C ARG D 191 -26.78 33.55 45.36
N ALA D 192 -26.58 34.21 46.50
CA ALA D 192 -26.38 35.66 46.48
C ALA D 192 -25.07 36.02 45.79
N ASP D 193 -24.03 35.23 46.01
CA ASP D 193 -22.76 35.48 45.34
C ASP D 193 -22.90 35.34 43.83
N VAL D 194 -23.71 34.38 43.40
CA VAL D 194 -23.98 34.22 41.97
C VAL D 194 -24.67 35.47 41.42
N MET D 195 -25.61 36.03 42.17
CA MET D 195 -26.29 37.25 41.74
C MET D 195 -25.34 38.44 41.69
N LYS D 196 -24.52 38.62 42.72
CA LYS D 196 -23.66 39.80 42.81
C LYS D 196 -22.51 39.74 41.80
N ASP D 197 -21.88 38.58 41.65
CA ASP D 197 -20.79 38.47 40.68
C ASP D 197 -21.25 38.78 39.28
N ASN D 198 -22.44 38.29 38.90
CA ASN D 198 -22.96 38.61 37.58
C ASN D 198 -23.41 40.05 37.49
N ALA D 199 -23.99 40.59 38.56
CA ALA D 199 -24.34 42.01 38.58
C ALA D 199 -23.11 42.87 38.31
N ALA D 200 -21.96 42.51 38.88
CA ALA D 200 -20.73 43.26 38.62
C ALA D 200 -20.35 43.18 37.15
N ILE D 201 -20.54 42.00 36.53
CA ILE D 201 -20.24 41.87 35.11
C ILE D 201 -21.15 42.76 34.29
N PHE D 202 -22.45 42.73 34.57
CA PHE D 202 -23.42 43.44 33.74
C PHE D 202 -23.49 44.93 34.06
N LYS D 203 -23.04 45.36 35.24
CA LYS D 203 -22.81 46.78 35.45
C LYS D 203 -21.74 47.29 34.50
N ALA D 204 -20.63 46.57 34.40
CA ALA D 204 -19.53 46.98 33.52
C ALA D 204 -19.94 47.01 32.05
N GLN D 205 -20.77 46.03 31.63
CA GLN D 205 -21.16 45.96 30.22
C GLN D 205 -22.24 46.98 29.90
N GLY D 206 -23.15 47.23 30.85
CA GLY D 206 -24.09 48.31 30.68
C GLY D 206 -23.38 49.66 30.55
N GLU D 207 -22.36 49.88 31.36
CA GLU D 207 -21.58 51.10 31.23
C GLU D 207 -20.90 51.19 29.87
N ALA D 208 -20.33 50.07 29.41
CA ALA D 208 -19.65 50.07 28.12
C ALA D 208 -20.65 50.24 26.98
N LEU D 209 -21.79 49.55 27.06
CA LEU D 209 -22.84 49.73 26.07
C LEU D 209 -23.24 51.19 25.97
N ASN D 210 -23.49 51.82 27.13
CA ASN D 210 -23.92 53.21 27.17
C ASN D 210 -22.90 54.11 26.51
N LYS D 211 -21.61 53.82 26.71
CA LYS D 211 -20.54 54.65 26.16
C LYS D 211 -20.33 54.41 24.68
N GLN D 212 -20.39 53.14 24.23
CA GLN D 212 -19.82 52.75 22.95
C GLN D 212 -20.83 52.38 21.86
N ALA D 213 -21.99 51.83 22.20
CA ALA D 213 -22.91 51.28 21.19
C ALA D 213 -23.67 52.40 20.47
N ASN D 214 -24.37 52.04 19.40
CA ASN D 214 -25.22 53.02 18.74
C ASN D 214 -26.43 53.32 19.60
N GLY D 215 -27.08 54.46 19.32
CA GLY D 215 -28.11 54.94 20.22
C GLY D 215 -29.33 54.04 20.30
N ASP D 216 -29.66 53.37 19.20
CA ASP D 216 -30.84 52.51 19.15
C ASP D 216 -30.51 51.04 19.41
N VAL D 217 -29.37 50.76 20.04
CA VAL D 217 -28.94 49.38 20.21
C VAL D 217 -30.01 48.57 20.94
N LEU D 218 -30.23 47.33 20.48
CA LEU D 218 -31.11 46.39 21.17
C LEU D 218 -30.22 45.36 21.86
N VAL D 219 -30.48 45.14 23.14
CA VAL D 219 -29.66 44.27 23.97
C VAL D 219 -30.52 43.10 24.45
N LEU D 220 -30.04 41.88 24.20
CA LEU D 220 -30.67 40.66 24.68
C LEU D 220 -29.77 40.03 25.73
N ILE D 221 -30.29 39.87 26.93
CA ILE D 221 -29.58 39.21 28.02
C ILE D 221 -29.98 37.74 28.03
N VAL D 222 -29.00 36.85 27.89
CA VAL D 222 -29.25 35.40 27.99
C VAL D 222 -28.69 34.84 29.29
N ALA D 223 -27.51 35.30 29.71
CA ALA D 223 -26.85 34.74 30.88
C ALA D 223 -27.70 34.90 32.13
N ASN D 224 -27.65 33.88 33.01
CA ASN D 224 -28.42 33.82 34.24
C ASN D 224 -27.75 34.66 35.32
N PRO D 225 -28.53 35.23 36.25
CA PRO D 225 -30.00 35.32 36.32
C PRO D 225 -30.48 36.39 35.33
N ALA D 226 -31.16 35.96 34.27
CA ALA D 226 -31.37 36.81 33.11
C ALA D 226 -32.08 38.10 33.48
N ASN D 227 -33.28 38.00 34.07
CA ASN D 227 -34.07 39.18 34.41
C ASN D 227 -33.26 40.17 35.22
N THR D 228 -32.58 39.69 36.26
CA THR D 228 -31.80 40.57 37.14
C THR D 228 -30.59 41.14 36.41
N ASN D 229 -29.91 40.32 35.60
CA ASN D 229 -28.79 40.82 34.81
C ASN D 229 -29.23 41.96 33.89
N ALA D 230 -30.39 41.80 33.23
CA ALA D 230 -30.89 42.85 32.34
C ALA D 230 -31.21 44.12 33.11
N MET D 231 -31.81 43.98 34.28
CA MET D 231 -32.12 45.14 35.11
C MET D 231 -30.86 45.90 35.48
N ILE D 232 -29.83 45.17 35.92
CA ILE D 232 -28.55 45.79 36.26
C ILE D 232 -27.93 46.47 35.03
N THR D 233 -27.98 45.82 33.87
CA THR D 233 -27.45 46.45 32.67
C THR D 233 -28.14 47.78 32.41
N SER D 234 -29.48 47.79 32.46
CA SER D 234 -30.23 49.01 32.17
C SER D 234 -29.95 50.11 33.19
N ALA D 235 -29.84 49.74 34.47
CA ALA D 235 -29.59 50.74 35.52
C ALA D 235 -28.27 51.44 35.33
N ASN D 236 -27.32 50.81 34.63
CA ASN D 236 -26.02 51.38 34.40
C ASN D 236 -25.86 51.90 32.97
N ALA D 237 -26.97 52.11 32.27
CA ALA D 237 -26.95 52.62 30.91
C ALA D 237 -28.05 53.68 30.77
N PRO D 238 -27.89 54.82 31.42
CA PRO D 238 -29.03 55.75 31.58
C PRO D 238 -29.52 56.34 30.27
N ASP D 239 -28.73 56.30 29.21
CA ASP D 239 -29.11 56.87 27.92
C ASP D 239 -29.71 55.84 26.98
N ILE D 240 -29.82 54.59 27.38
CA ILE D 240 -30.50 53.57 26.60
C ILE D 240 -31.91 53.40 27.17
N PRO D 241 -32.96 53.57 26.36
CA PRO D 241 -34.32 53.32 26.84
C PRO D 241 -34.40 51.93 27.44
N PRO D 242 -34.92 51.79 28.65
CA PRO D 242 -34.92 50.47 29.29
C PRO D 242 -35.56 49.37 28.44
N GLU D 243 -36.54 49.70 27.59
CA GLU D 243 -37.23 48.69 26.77
C GLU D 243 -36.32 48.08 25.71
N ASN D 244 -35.23 48.75 25.35
CA ASN D 244 -34.26 48.24 24.40
C ASN D 244 -33.31 47.24 25.03
N ILE D 245 -33.48 46.93 26.31
CA ILE D 245 -32.72 45.88 27.00
C ILE D 245 -33.74 44.89 27.54
N THR D 246 -33.72 43.67 27.02
CA THR D 246 -34.62 42.62 27.49
C THR D 246 -33.81 41.40 27.90
N ALA D 247 -34.48 40.49 28.61
CA ALA D 247 -33.91 39.20 28.98
C ALA D 247 -34.72 38.11 28.29
N MET D 248 -34.09 36.96 28.05
CA MET D 248 -34.70 35.92 27.22
C MET D 248 -35.50 34.92 28.04
N THR D 249 -36.80 34.89 27.82
CA THR D 249 -37.62 33.78 28.26
C THR D 249 -38.14 32.98 27.08
N ARG D 250 -37.65 33.28 25.87
CA ARG D 250 -38.18 32.67 24.66
C ARG D 250 -38.00 31.16 24.66
N LEU D 251 -36.98 30.66 25.36
CA LEU D 251 -36.81 29.21 25.42
C LEU D 251 -37.91 28.59 26.27
N ASP D 252 -38.20 29.20 27.43
CA ASP D 252 -39.37 28.80 28.22
C ASP D 252 -40.62 28.82 27.36
N HIS D 253 -40.81 29.93 26.64
CA HIS D 253 -41.97 30.06 25.76
C HIS D 253 -42.04 28.91 24.76
N ASP D 254 -40.94 28.65 24.06
CA ASP D 254 -40.95 27.58 23.07
C ASP D 254 -41.13 26.21 23.71
N ARG D 255 -40.61 26.03 24.91
CA ARG D 255 -40.77 24.75 25.60
C ARG D 255 -42.24 24.49 25.93
N GLY D 256 -42.95 25.54 26.33
CA GLY D 256 -44.38 25.42 26.54
C GLY D 256 -45.10 25.04 25.26
N LEU D 257 -44.76 25.73 24.15
CA LEU D 257 -45.33 25.37 22.85
C LEU D 257 -45.09 23.91 22.54
N ALA D 258 -43.89 23.42 22.86
CA ALA D 258 -43.59 22.02 22.52
C ALA D 258 -44.38 21.05 23.39
N GLN D 259 -44.62 21.39 24.65
CA GLN D 259 -45.42 20.51 25.51
C GLN D 259 -46.85 20.42 24.99
N VAL D 260 -47.42 21.57 24.62
CA VAL D 260 -48.76 21.62 24.06
C VAL D 260 -48.83 20.79 22.79
N ALA D 261 -47.90 21.01 21.85
CA ALA D 261 -47.92 20.29 20.58
C ALA D 261 -47.82 18.78 20.78
N ALA D 262 -46.97 18.34 21.70
CA ALA D 262 -46.86 16.91 21.99
C ALA D 262 -48.14 16.37 22.62
N LYS D 263 -48.71 17.10 23.59
CA LYS D 263 -49.90 16.60 24.32
C LYS D 263 -51.13 16.58 23.41
N VAL D 264 -51.37 17.66 22.69
CA VAL D 264 -52.58 17.81 21.88
C VAL D 264 -52.43 17.10 20.53
N GLY D 265 -51.20 16.98 20.02
CA GLY D 265 -50.99 16.38 18.71
C GLY D 265 -51.25 17.32 17.54
N CYS D 266 -51.02 18.62 17.70
CA CYS D 266 -51.24 19.59 16.65
C CYS D 266 -49.90 20.12 16.15
N ASN D 267 -49.95 20.95 15.11
CA ASN D 267 -48.73 21.64 14.68
C ASN D 267 -48.51 22.88 15.55
N ILE D 268 -47.24 23.30 15.60
CA ILE D 268 -46.84 24.49 16.32
C ILE D 268 -47.63 25.72 15.86
N THR D 269 -47.90 25.83 14.56
CA THR D 269 -48.63 27.00 14.09
C THR D 269 -50.10 26.99 14.50
N ASP D 270 -50.64 25.84 14.94
CA ASP D 270 -52.02 25.81 15.41
C ASP D 270 -52.20 26.51 16.75
N ILE D 271 -51.10 26.76 17.47
CA ILE D 271 -51.16 27.34 18.81
C ILE D 271 -51.06 28.85 18.71
N SER D 272 -51.94 29.53 19.44
CA SER D 272 -51.96 30.98 19.50
C SER D 272 -52.12 31.42 20.93
N ARG D 273 -51.67 32.64 21.21
CA ARG D 273 -51.93 33.32 22.48
C ARG D 273 -51.40 32.51 23.66
N PHE D 274 -50.10 32.22 23.61
CA PHE D 274 -49.40 31.59 24.73
C PHE D 274 -48.39 32.57 25.29
N ALA D 275 -48.12 32.48 26.61
CA ALA D 275 -47.19 33.42 27.21
C ALA D 275 -46.54 32.86 28.46
N ILE D 276 -45.32 33.33 28.73
CA ILE D 276 -44.60 33.09 29.97
C ILE D 276 -44.58 34.39 30.75
N TRP D 277 -44.99 34.35 32.01
CA TRP D 277 -44.93 35.48 32.92
C TRP D 277 -43.80 35.25 33.92
N GLY D 278 -43.11 36.33 34.30
CA GLY D 278 -42.26 36.29 35.47
C GLY D 278 -40.77 36.15 35.23
N ASN D 279 -40.12 35.38 36.10
CA ASN D 279 -38.67 35.22 36.11
C ASN D 279 -38.26 34.09 35.17
N HIS D 280 -37.08 34.23 34.54
CA HIS D 280 -36.50 33.09 33.81
C HIS D 280 -35.95 32.12 34.85
N SER D 281 -36.85 31.30 35.41
CA SER D 281 -36.47 30.42 36.51
C SER D 281 -37.60 29.43 36.71
N ALA D 282 -37.44 28.59 37.73
CA ALA D 282 -38.45 27.60 38.07
C ALA D 282 -39.73 28.19 38.64
N THR D 283 -39.74 29.49 39.00
CA THR D 283 -40.97 30.14 39.44
C THR D 283 -41.75 30.75 38.28
N GLN D 284 -41.29 30.59 37.06
CA GLN D 284 -42.02 31.14 35.92
C GLN D 284 -43.45 30.64 35.92
N TYR D 285 -44.34 31.42 35.31
CA TYR D 285 -45.71 30.99 35.14
C TYR D 285 -46.04 30.80 33.66
N PRO D 286 -45.95 29.58 33.15
CA PRO D 286 -46.38 29.31 31.75
C PRO D 286 -47.91 29.33 31.69
N ASP D 287 -48.46 30.25 30.91
CA ASP D 287 -49.86 30.65 31.03
C ASP D 287 -50.66 30.20 29.81
N LEU D 288 -51.58 29.26 30.03
CA LEU D 288 -52.48 28.77 29.01
C LEU D 288 -53.86 29.43 29.06
N SER D 289 -54.05 30.45 29.92
CA SER D 289 -55.39 30.98 30.17
C SER D 289 -56.06 31.48 28.89
N PHE D 290 -55.26 31.96 27.92
CA PHE D 290 -55.80 32.53 26.69
C PHE D 290 -55.45 31.73 25.46
N THR D 291 -54.77 30.60 25.63
CA THR D 291 -54.26 29.87 24.48
C THR D 291 -55.39 29.24 23.69
N THR D 292 -55.26 29.27 22.36
CA THR D 292 -56.22 28.62 21.47
C THR D 292 -55.47 27.67 20.53
N ILE D 293 -56.17 26.62 20.12
CA ILE D 293 -55.69 25.65 19.13
C ILE D 293 -56.58 25.78 17.91
N LYS D 294 -55.97 25.95 16.74
CA LYS D 294 -56.73 26.14 15.50
C LYS D 294 -57.79 25.06 15.34
N GLY D 295 -59.02 25.49 15.18
CA GLY D 295 -60.14 24.58 15.01
C GLY D 295 -60.75 24.11 16.31
N GLN D 296 -59.91 23.62 17.24
CA GLN D 296 -60.41 23.02 18.48
C GLN D 296 -60.93 24.12 19.40
N TRP D 297 -62.25 24.24 19.49
CA TRP D 297 -62.92 25.23 20.34
C TRP D 297 -63.69 24.57 21.48
N GLY D 298 -63.79 23.24 21.47
CA GLY D 298 -64.55 22.49 22.44
C GLY D 298 -63.65 21.71 23.37
N LEU D 299 -63.96 20.44 23.60
CA LEU D 299 -63.18 19.62 24.51
C LEU D 299 -61.72 19.63 24.08
N ASN D 300 -60.82 20.01 25.00
CA ASN D 300 -59.40 20.12 24.71
C ASN D 300 -58.60 20.05 26.00
N VAL D 301 -57.50 19.30 25.99
CA VAL D 301 -56.74 19.06 27.21
C VAL D 301 -56.11 20.34 27.81
N ILE D 302 -55.90 21.39 27.01
CA ILE D 302 -55.29 22.59 27.56
C ILE D 302 -56.27 23.39 28.42
N ASN D 303 -57.54 22.95 28.46
CA ASN D 303 -58.49 23.52 29.40
C ASN D 303 -58.45 22.88 30.77
N ASP D 304 -57.86 21.68 30.86
CA ASP D 304 -57.89 20.85 32.08
C ASP D 304 -56.94 21.43 33.12
N GLU D 305 -57.51 22.13 34.11
CA GLU D 305 -56.65 22.78 35.10
CA GLU D 305 -56.70 22.77 35.15
C GLU D 305 -55.86 21.75 35.92
N GLN D 306 -56.37 20.53 36.08
CA GLN D 306 -55.57 19.53 36.77
C GLN D 306 -54.33 19.15 35.96
N TRP D 307 -54.46 19.01 34.64
CA TRP D 307 -53.29 18.73 33.83
C TRP D 307 -52.35 19.92 33.83
N ILE D 308 -52.90 21.12 33.73
CA ILE D 308 -52.10 22.33 33.75
C ILE D 308 -51.23 22.39 35.00
N THR D 309 -51.85 22.21 36.17
CA THR D 309 -51.15 22.39 37.42
C THR D 309 -50.19 21.25 37.71
N ASN D 310 -50.61 20.02 37.45
CA ASN D 310 -49.81 18.89 37.89
C ASN D 310 -48.78 18.44 36.86
N GLU D 311 -48.97 18.79 35.60
CA GLU D 311 -48.05 18.29 34.59
C GLU D 311 -47.46 19.40 33.74
N PHE D 312 -48.30 20.16 33.05
CA PHE D 312 -47.81 21.14 32.09
C PHE D 312 -46.85 22.14 32.76
N ILE D 313 -47.32 22.85 33.79
CA ILE D 313 -46.47 23.86 34.44
C ILE D 313 -45.18 23.29 35.01
N PRO D 314 -45.21 22.20 35.80
CA PRO D 314 -43.92 21.64 36.27
C PRO D 314 -43.04 21.12 35.14
N ASN D 315 -43.62 20.53 34.08
CA ASN D 315 -42.79 20.04 32.99
C ASN D 315 -42.07 21.18 32.28
N VAL D 316 -42.74 22.33 32.14
CA VAL D 316 -42.11 23.48 31.53
C VAL D 316 -41.06 24.05 32.46
N GLN D 317 -41.36 24.13 33.75
CA GLN D 317 -40.42 24.72 34.69
C GLN D 317 -39.16 23.88 34.83
N GLN D 318 -39.26 22.55 34.71
CA GLN D 318 -38.13 21.67 34.96
C GLN D 318 -37.51 21.13 33.68
N ARG D 319 -37.88 21.70 32.53
CA ARG D 319 -37.44 21.15 31.25
C ARG D 319 -35.92 21.17 31.12
N GLY D 320 -35.27 22.22 31.64
CA GLY D 320 -33.82 22.27 31.58
C GLY D 320 -33.17 21.09 32.28
N ALA D 321 -33.69 20.73 33.44
CA ALA D 321 -33.12 19.61 34.19
C ALA D 321 -33.31 18.29 33.45
N ALA D 322 -34.45 18.12 32.77
CA ALA D 322 -34.70 16.86 32.08
C ALA D 322 -33.69 16.65 30.96
N ILE D 323 -33.37 17.72 30.23
CA ILE D 323 -32.40 17.60 29.14
C ILE D 323 -31.02 17.24 29.69
N ILE D 324 -30.65 17.83 30.82
CA ILE D 324 -29.37 17.48 31.45
C ILE D 324 -29.35 16.02 31.84
N LYS D 325 -30.46 15.51 32.37
CA LYS D 325 -30.51 14.11 32.79
C LYS D 325 -30.33 13.18 31.60
N ALA D 326 -30.86 13.55 30.44
CA ALA D 326 -30.74 12.68 29.27
C ALA D 326 -29.40 12.82 28.56
N ARG D 327 -28.94 14.06 28.35
CA ARG D 327 -27.72 14.30 27.57
C ARG D 327 -26.48 14.49 28.42
N GLY D 328 -26.62 14.90 29.68
CA GLY D 328 -25.45 15.19 30.50
C GLY D 328 -24.86 16.57 30.33
N LYS D 329 -25.41 17.39 29.44
CA LYS D 329 -24.98 18.76 29.24
C LYS D 329 -26.23 19.60 29.04
N SER D 330 -26.08 20.91 29.21
CA SER D 330 -27.23 21.80 29.09
C SER D 330 -27.62 22.03 27.63
N SER D 331 -28.80 22.61 27.46
CA SER D 331 -29.45 22.72 26.15
C SER D 331 -28.95 23.94 25.37
N ALA D 332 -27.65 23.91 25.04
CA ALA D 332 -27.06 25.03 24.33
C ALA D 332 -27.74 25.28 22.99
N ALA D 333 -28.05 24.21 22.23
CA ALA D 333 -28.59 24.41 20.89
C ALA D 333 -29.97 25.06 20.94
N SER D 334 -30.86 24.58 21.81
CA SER D 334 -32.16 25.23 21.84
C SER D 334 -32.07 26.59 22.49
N ALA D 335 -31.16 26.80 23.44
CA ALA D 335 -30.97 28.15 23.95
C ALA D 335 -30.53 29.08 22.83
N ALA D 336 -29.61 28.63 21.97
CA ALA D 336 -29.25 29.44 20.82
C ALA D 336 -30.45 29.65 19.91
N ASP D 337 -31.23 28.60 19.67
CA ASP D 337 -32.43 28.76 18.84
C ASP D 337 -33.36 29.82 19.41
N ALA D 338 -33.60 29.77 20.72
CA ALA D 338 -34.47 30.77 21.33
C ALA D 338 -33.92 32.18 21.16
N ALA D 339 -32.60 32.36 21.29
CA ALA D 339 -31.99 33.67 21.10
C ALA D 339 -32.17 34.18 19.67
N ILE D 340 -31.90 33.32 18.68
CA ILE D 340 -32.11 33.69 17.28
C ILE D 340 -33.56 34.13 17.07
N LYS D 341 -34.51 33.35 17.59
CA LYS D 341 -35.93 33.70 17.44
C LYS D 341 -36.27 35.00 18.17
N HIS D 342 -35.78 35.17 19.39
CA HIS D 342 -36.05 36.40 20.15
C HIS D 342 -35.63 37.64 19.37
N MET D 343 -34.37 37.67 18.91
CA MET D 343 -33.87 38.84 18.18
C MET D 343 -34.59 39.03 16.86
N HIS D 344 -34.80 37.94 16.13
CA HIS D 344 -35.45 38.01 14.83
C HIS D 344 -36.82 38.67 14.94
N ASP D 345 -37.64 38.18 15.85
CA ASP D 345 -38.95 38.79 16.06
C ASP D 345 -38.82 40.22 16.56
N TRP D 346 -37.85 40.47 17.44
CA TRP D 346 -37.64 41.84 17.91
C TRP D 346 -37.38 42.78 16.74
N VAL D 347 -36.59 42.33 15.77
CA VAL D 347 -36.18 43.18 14.65
C VAL D 347 -37.19 43.16 13.50
N LEU D 348 -37.70 41.98 13.16
CA LEU D 348 -38.54 41.81 11.97
C LEU D 348 -40.03 41.64 12.27
N GLY D 349 -40.42 41.53 13.53
CA GLY D 349 -41.83 41.43 13.91
C GLY D 349 -42.34 40.00 13.92
N ASN D 350 -43.48 39.81 14.58
CA ASN D 350 -44.11 38.50 14.66
C ASN D 350 -45.57 38.73 14.98
N SER D 351 -46.45 38.10 14.21
CA SER D 351 -47.87 38.35 14.41
C SER D 351 -48.43 37.64 15.66
N GLU D 352 -47.73 36.64 16.18
CA GLU D 352 -48.15 35.86 17.33
C GLU D 352 -47.59 36.43 18.62
N TRP D 353 -48.28 36.13 19.73
CA TRP D 353 -47.73 36.44 21.05
C TRP D 353 -46.39 35.75 21.22
N VAL D 354 -45.39 36.50 21.68
CA VAL D 354 -44.15 35.93 22.17
C VAL D 354 -43.88 36.51 23.54
N SER D 355 -43.04 35.82 24.30
CA SER D 355 -42.64 36.23 25.64
C SER D 355 -41.27 36.90 25.60
N MET D 356 -41.15 38.01 26.33
CA MET D 356 -39.90 38.70 26.56
C MET D 356 -39.90 39.20 28.00
N ALA D 357 -38.75 39.11 28.67
CA ALA D 357 -38.59 39.72 29.99
C ALA D 357 -38.25 41.18 29.76
N ILE D 358 -39.14 42.07 30.17
CA ILE D 358 -39.05 43.48 29.80
C ILE D 358 -39.11 44.34 31.06
N PRO D 359 -38.64 45.58 30.98
CA PRO D 359 -38.79 46.50 32.11
C PRO D 359 -40.25 46.72 32.44
N SER D 360 -40.59 46.51 33.71
CA SER D 360 -41.96 46.71 34.16
C SER D 360 -42.26 48.20 34.29
N ARG D 361 -43.27 48.65 33.56
CA ARG D 361 -43.95 49.93 33.80
C ARG D 361 -45.28 49.75 34.52
N GLY D 362 -45.42 48.70 35.32
CA GLY D 362 -46.69 48.50 36.01
C GLY D 362 -47.79 47.85 35.20
N GLN D 363 -47.47 47.29 34.03
CA GLN D 363 -48.47 46.54 33.28
C GLN D 363 -49.06 45.44 34.16
N TYR D 364 -50.38 45.28 34.09
CA TYR D 364 -51.11 44.32 34.91
C TYR D 364 -50.83 44.49 36.40
N GLY D 365 -50.41 45.68 36.82
CA GLY D 365 -50.08 45.88 38.21
C GLY D 365 -48.76 45.29 38.65
N ILE D 366 -47.92 44.88 37.70
CA ILE D 366 -46.63 44.29 38.07
C ILE D 366 -45.76 45.37 38.69
N PRO D 367 -45.09 45.10 39.81
CA PRO D 367 -44.26 46.14 40.45
C PRO D 367 -43.25 46.75 39.47
N ARG D 368 -43.05 48.06 39.59
CA ARG D 368 -42.18 48.77 38.67
C ARG D 368 -40.71 48.50 39.00
N GLY D 369 -39.85 48.69 38.01
CA GLY D 369 -38.43 48.59 38.23
C GLY D 369 -37.83 47.19 38.15
N ILE D 370 -38.64 46.16 37.95
CA ILE D 370 -38.11 44.82 37.74
C ILE D 370 -38.28 44.45 36.28
N TRP D 371 -37.46 43.51 35.82
CA TRP D 371 -37.66 42.94 34.50
C TRP D 371 -38.51 41.69 34.65
N CYS D 372 -39.58 41.62 33.87
CA CYS D 372 -40.59 40.59 34.05
C CYS D 372 -41.08 40.14 32.70
N SER D 373 -41.16 38.82 32.50
CA SER D 373 -41.67 38.30 31.25
C SER D 373 -43.17 38.53 31.17
N MET D 374 -43.63 38.95 30.00
CA MET D 374 -45.02 39.22 29.73
C MET D 374 -45.34 38.84 28.29
N PRO D 375 -46.60 38.58 27.98
CA PRO D 375 -47.03 38.43 26.58
C PRO D 375 -46.85 39.76 25.85
N VAL D 376 -46.08 39.74 24.77
CA VAL D 376 -45.90 40.94 23.96
C VAL D 376 -46.13 40.61 22.51
N GLN D 377 -46.50 41.63 21.75
CA GLN D 377 -46.48 41.55 20.30
C GLN D 377 -45.27 42.34 19.81
N CYS D 378 -44.42 41.71 19.03
CA CYS D 378 -43.29 42.40 18.44
C CYS D 378 -43.78 42.96 17.12
N PHE D 379 -43.85 44.28 17.03
CA PHE D 379 -44.28 44.92 15.80
C PHE D 379 -43.14 45.03 14.79
N GLY D 380 -41.91 44.70 15.17
CA GLY D 380 -40.77 44.89 14.32
C GLY D 380 -40.04 46.18 14.62
N ALA D 381 -38.86 46.31 14.02
CA ALA D 381 -38.01 47.50 14.15
C ALA D 381 -37.69 47.81 15.59
N GLY D 382 -37.53 46.78 16.42
CA GLY D 382 -37.18 47.00 17.81
C GLY D 382 -38.32 47.40 18.73
N LYS D 383 -39.55 47.51 18.24
CA LYS D 383 -40.69 47.99 19.02
C LYS D 383 -41.62 46.83 19.38
N TYR D 384 -42.00 46.74 20.66
CA TYR D 384 -42.96 45.72 21.08
C TYR D 384 -43.97 46.33 22.04
N GLY D 385 -45.09 45.64 22.21
CA GLY D 385 -46.11 46.11 23.13
C GLY D 385 -46.76 44.98 23.90
N VAL D 386 -46.92 45.20 25.21
CA VAL D 386 -47.56 44.20 26.05
C VAL D 386 -48.97 43.98 25.55
N ILE D 387 -49.41 42.72 25.51
CA ILE D 387 -50.78 42.46 25.13
C ILE D 387 -51.69 43.10 26.17
N GLU D 388 -52.62 43.94 25.71
CA GLU D 388 -53.51 44.64 26.63
C GLU D 388 -54.85 43.93 26.71
N GLY D 389 -55.58 44.20 27.78
CA GLY D 389 -56.94 43.73 27.92
C GLY D 389 -57.12 42.37 28.53
N LEU D 390 -56.08 41.74 29.03
CA LEU D 390 -56.20 40.38 29.52
C LEU D 390 -56.82 40.35 30.92
N PRO D 391 -57.89 39.59 31.12
CA PRO D 391 -58.40 39.38 32.49
C PRO D 391 -57.54 38.36 33.21
N ILE D 392 -56.99 38.75 34.35
CA ILE D 392 -56.09 37.90 35.13
C ILE D 392 -56.90 37.29 36.26
N ASN D 393 -57.10 35.98 36.23
CA ASN D 393 -57.85 35.31 37.28
C ASN D 393 -56.97 35.13 38.51
N SER D 394 -57.56 34.65 39.60
CA SER D 394 -56.81 34.61 40.84
C SER D 394 -55.70 33.57 40.78
N PHE D 395 -55.92 32.48 40.06
CA PHE D 395 -54.87 31.48 39.90
C PHE D 395 -53.66 32.03 39.16
N SER D 396 -53.90 32.80 38.08
CA SER D 396 -52.78 33.44 37.40
C SER D 396 -52.13 34.46 38.33
N ALA D 397 -52.93 35.28 39.02
CA ALA D 397 -52.37 36.28 39.93
C ALA D 397 -51.52 35.60 41.00
N ASP D 398 -51.97 34.47 41.52
CA ASP D 398 -51.18 33.74 42.50
C ASP D 398 -49.82 33.37 41.94
N ARG D 399 -49.80 32.75 40.75
CA ARG D 399 -48.54 32.26 40.20
CA ARG D 399 -48.53 32.26 40.22
C ARG D 399 -47.65 33.41 39.75
N ILE D 400 -48.22 34.41 39.07
CA ILE D 400 -47.44 35.59 38.72
C ILE D 400 -46.83 36.23 39.96
N ASN D 401 -47.61 36.32 41.04
CA ASN D 401 -47.10 36.92 42.26
C ASN D 401 -45.94 36.12 42.84
N ALA D 402 -46.00 34.79 42.72
CA ALA D 402 -44.93 33.95 43.22
C ALA D 402 -43.61 34.28 42.51
N SER D 403 -43.65 34.53 41.20
CA SER D 403 -42.43 34.85 40.44
C SER D 403 -41.98 36.28 40.71
N VAL D 404 -42.94 37.21 40.80
CA VAL D 404 -42.63 38.59 41.18
C VAL D 404 -41.91 38.62 42.52
N LYS D 405 -42.38 37.80 43.47
CA LYS D 405 -41.72 37.72 44.77
C LYS D 405 -40.24 37.39 44.62
N GLU D 406 -39.93 36.44 43.74
CA GLU D 406 -38.55 36.03 43.56
C GLU D 406 -37.73 37.12 42.88
N LEU D 407 -38.33 37.82 41.91
CA LEU D 407 -37.63 38.91 41.24
C LEU D 407 -37.31 40.04 42.21
N ILE D 408 -38.24 40.34 43.12
CA ILE D 408 -38.00 41.37 44.13
C ILE D 408 -36.85 40.97 45.03
N GLU D 409 -36.87 39.73 45.54
CA GLU D 409 -35.77 39.24 46.35
C GLU D 409 -34.45 39.30 45.59
N GLU D 410 -34.46 38.94 44.30
CA GLU D 410 -33.23 39.03 43.53
C GLU D 410 -32.75 40.48 43.45
N LYS D 411 -33.68 41.42 43.19
CA LYS D 411 -33.32 42.82 43.09
C LYS D 411 -32.77 43.35 44.40
N LYS D 412 -33.37 42.95 45.53
CA LYS D 412 -32.87 43.39 46.82
C LYS D 412 -31.44 42.90 47.07
N ILE D 413 -31.09 41.73 46.55
CA ILE D 413 -29.76 41.17 46.77
C ILE D 413 -28.69 41.97 46.03
N VAL D 414 -29.02 42.45 44.83
CA VAL D 414 -28.05 43.14 43.99
C VAL D 414 -28.18 44.66 44.05
N GLU D 415 -28.93 45.19 45.03
CA GLU D 415 -29.30 46.60 44.98
C GLU D 415 -28.12 47.56 45.11
N ASN D 416 -26.95 47.10 45.55
CA ASN D 416 -25.80 47.98 45.63
C ASN D 416 -25.19 48.32 44.27
N LEU D 417 -25.59 47.64 43.20
CA LEU D 417 -25.07 47.93 41.87
C LEU D 417 -26.00 48.78 41.01
N LEU D 418 -26.99 49.41 41.62
CA LEU D 418 -27.89 50.33 40.94
C LEU D 418 -27.40 51.77 41.10
N GLN E 93 -74.89 50.53 -28.95
CA GLN E 93 -73.59 50.92 -29.50
C GLN E 93 -72.48 49.97 -29.03
N LEU E 94 -72.81 49.07 -28.12
CA LEU E 94 -71.83 48.09 -27.64
C LEU E 94 -71.81 46.85 -28.53
N ALA E 95 -70.61 46.37 -28.82
CA ALA E 95 -70.39 45.16 -29.60
C ALA E 95 -70.68 43.92 -28.75
N PRO E 96 -70.82 42.76 -29.37
CA PRO E 96 -70.90 41.52 -28.58
C PRO E 96 -69.62 41.32 -27.82
N PRO E 97 -69.69 40.70 -26.64
CA PRO E 97 -68.48 40.56 -25.82
C PRO E 97 -67.48 39.59 -26.44
N VAL E 98 -66.21 39.80 -26.13
CA VAL E 98 -65.15 38.86 -26.49
C VAL E 98 -64.55 38.29 -25.20
N THR E 99 -63.92 37.13 -25.34
CA THR E 99 -63.35 36.38 -24.22
C THR E 99 -61.82 36.38 -24.33
N ILE E 100 -61.14 36.78 -23.26
CA ILE E 100 -59.68 36.88 -23.23
C ILE E 100 -59.16 35.97 -22.12
N THR E 101 -58.28 35.04 -22.46
CA THR E 101 -57.65 34.16 -21.48
C THR E 101 -56.28 34.73 -21.14
N VAL E 102 -55.99 34.84 -19.84
CA VAL E 102 -54.70 35.35 -19.41
C VAL E 102 -54.10 34.36 -18.43
N SER E 103 -52.95 33.80 -18.78
CA SER E 103 -52.21 32.93 -17.87
C SER E 103 -51.23 33.75 -17.04
N GLY E 104 -50.67 33.11 -16.02
CA GLY E 104 -49.86 33.85 -15.07
C GLY E 104 -50.57 35.03 -14.47
N ALA E 105 -51.87 34.90 -14.21
CA ALA E 105 -52.72 36.04 -13.89
C ALA E 105 -52.48 36.66 -12.52
N CYS E 106 -51.72 36.02 -11.63
CA CYS E 106 -51.37 36.58 -10.35
CA CYS E 106 -51.42 36.67 -10.37
C CYS E 106 -50.08 37.38 -10.39
N GLY E 107 -49.38 37.38 -11.52
CA GLY E 107 -48.07 37.96 -11.60
C GLY E 107 -48.05 39.47 -11.73
N GLN E 108 -46.82 39.99 -11.72
CA GLN E 108 -46.63 41.44 -11.70
C GLN E 108 -47.06 42.08 -13.01
N ILE E 109 -46.79 41.42 -14.12
CA ILE E 109 -47.22 41.92 -15.42
C ILE E 109 -48.74 41.96 -15.49
N ALA E 110 -49.38 40.85 -15.10
CA ALA E 110 -50.84 40.81 -15.11
C ALA E 110 -51.42 41.93 -14.26
N ASN E 111 -50.79 42.25 -13.13
CA ASN E 111 -51.30 43.30 -12.25
C ASN E 111 -51.47 44.63 -12.99
N SER E 112 -50.60 44.93 -13.95
CA SER E 112 -50.78 46.11 -14.77
C SER E 112 -51.63 45.82 -16.01
N LEU E 113 -51.48 44.63 -16.61
CA LEU E 113 -52.18 44.32 -17.86
C LEU E 113 -53.70 44.28 -17.68
N LEU E 114 -54.17 43.62 -16.62
CA LEU E 114 -55.60 43.31 -16.57
C LEU E 114 -56.44 44.58 -16.48
N PHE E 115 -56.01 45.58 -15.70
CA PHE E 115 -56.80 46.80 -15.57
C PHE E 115 -56.85 47.59 -16.88
N ARG E 116 -55.80 47.51 -17.69
CA ARG E 116 -55.75 48.19 -18.98
C ARG E 116 -56.39 47.35 -20.09
N ILE E 117 -56.86 46.16 -19.75
CA ILE E 117 -57.88 45.52 -20.57
C ILE E 117 -59.27 45.94 -20.11
N ALA E 118 -59.53 45.84 -18.82
CA ALA E 118 -60.87 46.10 -18.30
C ALA E 118 -61.32 47.54 -18.57
N ASN E 119 -60.36 48.48 -18.66
CA ASN E 119 -60.74 49.86 -18.91
C ASN E 119 -61.10 50.11 -20.37
N GLY E 120 -60.98 49.09 -21.23
CA GLY E 120 -61.26 49.26 -22.64
C GLY E 120 -60.10 49.75 -23.47
N GLU E 121 -58.91 49.92 -22.88
CA GLU E 121 -57.79 50.49 -23.63
C GLU E 121 -57.27 49.51 -24.70
N MET E 122 -57.21 48.22 -24.39
CA MET E 122 -56.64 47.25 -25.33
C MET E 122 -57.51 47.04 -26.57
N LEU E 123 -58.81 46.90 -26.41
CA LEU E 123 -59.67 46.49 -27.52
C LEU E 123 -60.66 47.56 -27.96
N GLY E 124 -60.71 48.70 -27.28
CA GLY E 124 -61.61 49.76 -27.68
C GLY E 124 -62.69 49.97 -26.63
N GLU E 125 -63.13 51.22 -26.48
CA GLU E 125 -64.04 51.58 -25.41
C GLU E 125 -65.46 51.03 -25.61
N ASN E 126 -65.77 50.51 -26.79
CA ASN E 126 -67.10 49.95 -27.03
C ASN E 126 -67.09 48.43 -27.13
N GLN E 127 -66.05 47.79 -26.59
CA GLN E 127 -65.89 46.33 -26.68
C GLN E 127 -65.96 45.66 -25.32
N PRO E 128 -67.11 45.10 -24.92
CA PRO E 128 -67.19 44.37 -23.65
C PRO E 128 -66.24 43.18 -23.62
N VAL E 129 -65.68 42.91 -22.44
CA VAL E 129 -64.68 41.85 -22.32
C VAL E 129 -65.03 40.94 -21.16
N LYS E 130 -64.68 39.68 -21.33
CA LYS E 130 -64.75 38.65 -20.31
C LYS E 130 -63.34 38.08 -20.12
N LEU E 131 -62.89 38.01 -18.88
CA LEU E 131 -61.56 37.53 -18.57
C LEU E 131 -61.62 36.10 -18.06
N ARG E 132 -60.79 35.23 -18.63
CA ARG E 132 -60.59 33.89 -18.10
C ARG E 132 -59.16 33.86 -17.59
N LEU E 133 -59.02 33.80 -16.28
CA LEU E 133 -57.72 33.99 -15.63
C LEU E 133 -57.18 32.63 -15.19
N LEU E 134 -55.97 32.31 -15.65
CA LEU E 134 -55.36 31.03 -15.35
C LEU E 134 -54.15 31.25 -14.45
N GLU E 135 -54.04 30.41 -13.42
CA GLU E 135 -52.88 30.42 -12.53
C GLU E 135 -52.56 28.97 -12.14
N ARG E 136 -51.41 28.79 -11.49
CA ARG E 136 -51.07 27.49 -10.96
C ARG E 136 -52.01 27.13 -9.83
N PRO E 137 -52.19 25.82 -9.56
CA PRO E 137 -53.13 25.42 -8.49
C PRO E 137 -52.86 26.09 -7.17
N GLU E 138 -51.59 26.27 -6.82
CA GLU E 138 -51.23 26.83 -5.53
C GLU E 138 -51.46 28.35 -5.43
N ALA E 139 -51.84 29.02 -6.52
CA ALA E 139 -52.06 30.46 -6.51
C ALA E 139 -53.53 30.85 -6.55
N MET E 140 -54.45 29.89 -6.40
CA MET E 140 -55.86 30.19 -6.59
C MET E 140 -56.38 31.14 -5.51
N LYS E 141 -55.91 31.02 -4.27
CA LYS E 141 -56.36 31.93 -3.21
C LYS E 141 -55.97 33.37 -3.52
N ALA E 142 -54.74 33.59 -4.00
CA ALA E 142 -54.30 34.93 -4.39
C ALA E 142 -55.05 35.43 -5.63
N LEU E 143 -55.37 34.53 -6.57
CA LEU E 143 -56.10 34.95 -7.76
C LEU E 143 -57.48 35.46 -7.40
N GLU E 144 -58.08 34.92 -6.33
CA GLU E 144 -59.33 35.50 -5.84
C GLU E 144 -59.15 36.97 -5.53
N GLY E 145 -58.00 37.34 -4.98
CA GLY E 145 -57.73 38.75 -4.72
C GLY E 145 -57.69 39.57 -6.00
N VAL E 146 -57.11 39.00 -7.06
CA VAL E 146 -57.04 39.70 -8.33
C VAL E 146 -58.45 40.01 -8.83
N LYS E 147 -59.36 39.06 -8.73
CA LYS E 147 -60.75 39.32 -9.11
C LYS E 147 -61.36 40.42 -8.25
N MET E 148 -61.11 40.37 -6.94
CA MET E 148 -61.65 41.41 -6.06
C MET E 148 -61.17 42.80 -6.50
N GLU E 149 -59.86 42.94 -6.78
CA GLU E 149 -59.36 44.24 -7.21
C GLU E 149 -59.95 44.65 -8.54
N LEU E 150 -60.11 43.70 -9.47
CA LEU E 150 -60.70 44.04 -10.76
C LEU E 150 -62.17 44.44 -10.62
N ASP E 151 -62.94 43.69 -9.82
CA ASP E 151 -64.32 44.13 -9.56
C ASP E 151 -64.32 45.53 -8.98
N ASP E 152 -63.43 45.81 -8.04
CA ASP E 152 -63.37 47.12 -7.42
C ASP E 152 -62.95 48.21 -8.39
N GLY E 153 -62.57 47.84 -9.62
CA GLY E 153 -62.42 48.83 -10.67
C GLY E 153 -63.74 49.30 -11.23
N ALA E 154 -64.83 48.59 -10.94
CA ALA E 154 -66.16 49.02 -11.35
C ALA E 154 -66.19 49.30 -12.84
N PHE E 155 -65.61 48.38 -13.62
CA PHE E 155 -65.46 48.61 -15.05
C PHE E 155 -66.74 48.22 -15.78
N PRO E 156 -67.38 49.16 -16.49
CA PRO E 156 -68.58 48.80 -17.25
C PRO E 156 -68.32 47.76 -18.31
N LEU E 157 -67.11 47.70 -18.86
CA LEU E 157 -66.86 46.76 -19.93
C LEU E 157 -66.57 45.36 -19.43
N LEU E 158 -66.26 45.19 -18.14
CA LEU E 158 -65.85 43.90 -17.60
C LEU E 158 -67.07 43.07 -17.23
N GLU E 159 -67.53 42.25 -18.17
CA GLU E 159 -68.77 41.54 -17.97
C GLU E 159 -68.61 40.23 -17.22
N GLU E 160 -67.42 39.65 -17.16
CA GLU E 160 -67.24 38.43 -16.40
C GLU E 160 -65.78 38.27 -16.04
N ILE E 161 -65.52 37.74 -14.84
CA ILE E 161 -64.18 37.33 -14.42
C ILE E 161 -64.28 35.89 -13.97
N TYR E 162 -63.68 34.98 -14.73
CA TYR E 162 -63.68 33.55 -14.42
C TYR E 162 -62.26 33.13 -14.03
N LEU E 163 -62.15 32.38 -12.93
CA LEU E 163 -60.87 31.97 -12.36
C LEU E 163 -60.70 30.46 -12.43
N THR E 164 -59.51 30.00 -12.79
CA THR E 164 -59.32 28.56 -12.89
C THR E 164 -57.84 28.23 -12.87
N ASP E 165 -57.52 27.00 -12.43
CA ASP E 165 -56.18 26.46 -12.58
C ASP E 165 -56.13 25.36 -13.63
N SER E 166 -57.13 25.29 -14.50
CA SER E 166 -57.22 24.25 -15.53
C SER E 166 -57.12 24.92 -16.90
N GLU E 167 -56.12 24.51 -17.69
CA GLU E 167 -55.93 25.10 -19.00
C GLU E 167 -57.12 24.79 -19.90
N ASN E 168 -57.68 23.60 -19.75
CA ASN E 168 -58.87 23.23 -20.52
C ASN E 168 -60.00 24.23 -20.28
N ASP E 169 -60.28 24.52 -19.01
CA ASP E 169 -61.32 25.51 -18.68
C ASP E 169 -60.91 26.91 -19.13
N ALA E 170 -59.64 27.26 -18.96
CA ALA E 170 -59.19 28.63 -19.23
C ALA E 170 -59.47 29.04 -20.67
N PHE E 171 -59.16 28.17 -21.62
CA PHE E 171 -59.23 28.54 -23.03
C PHE E 171 -60.58 28.34 -23.68
N ARG E 172 -61.57 27.78 -22.96
CA ARG E 172 -62.89 27.57 -23.55
C ARG E 172 -63.46 28.88 -24.07
N GLY E 173 -63.78 28.90 -25.37
CA GLY E 173 -64.35 30.08 -26.00
C GLY E 173 -63.44 31.29 -26.07
N ALA E 174 -62.13 31.11 -26.01
CA ALA E 174 -61.24 32.26 -26.05
C ALA E 174 -61.26 32.90 -27.43
N ASP E 175 -61.43 34.23 -27.46
CA ASP E 175 -61.18 34.98 -28.68
C ASP E 175 -59.75 35.52 -28.71
N TYR E 176 -59.15 35.73 -27.54
CA TYR E 176 -57.81 36.26 -27.38
C TYR E 176 -57.12 35.49 -26.28
N ALA E 177 -55.81 35.31 -26.42
CA ALA E 177 -55.06 34.69 -25.34
C ALA E 177 -53.73 35.42 -25.17
N ILE E 178 -53.43 35.82 -23.95
CA ILE E 178 -52.17 36.45 -23.63
C ILE E 178 -51.47 35.55 -22.62
N LEU E 179 -50.35 34.96 -23.02
CA LEU E 179 -49.69 33.90 -22.24
C LEU E 179 -48.50 34.51 -21.53
N LEU E 180 -48.71 34.87 -20.26
CA LEU E 180 -47.68 35.44 -19.41
C LEU E 180 -47.00 34.37 -18.58
N GLY E 181 -47.70 33.30 -18.26
CA GLY E 181 -47.17 32.30 -17.35
C GLY E 181 -46.16 31.38 -18.00
N GLY E 182 -45.19 30.97 -17.20
CA GLY E 182 -44.15 30.07 -17.67
C GLY E 182 -43.33 29.57 -16.50
N LYS E 183 -42.22 28.92 -16.82
CA LYS E 183 -41.30 28.44 -15.79
C LYS E 183 -40.06 29.33 -15.76
N PRO E 184 -39.83 30.06 -14.67
CA PRO E 184 -38.65 30.92 -14.59
C PRO E 184 -37.36 30.12 -14.42
N ARG E 185 -36.26 30.75 -14.83
CA ARG E 185 -34.94 30.14 -14.70
C ARG E 185 -34.51 30.13 -13.23
N GLY E 186 -34.34 28.94 -12.67
CA GLY E 186 -33.94 28.79 -11.28
C GLY E 186 -32.43 28.82 -11.10
N PRO E 187 -31.98 28.82 -9.85
CA PRO E 187 -30.53 28.86 -9.58
C PRO E 187 -29.86 27.60 -10.11
N GLY E 188 -28.77 27.79 -10.85
CA GLY E 188 -28.04 26.68 -11.44
C GLY E 188 -28.73 26.00 -12.59
N MET E 189 -29.92 26.45 -12.98
CA MET E 189 -30.67 25.83 -14.06
C MET E 189 -29.96 26.00 -15.39
N GLU E 190 -29.84 24.91 -16.14
CA GLU E 190 -29.24 24.99 -17.46
C GLU E 190 -30.22 25.69 -18.39
N ARG E 191 -29.69 26.61 -19.22
CA ARG E 191 -30.52 27.38 -20.12
C ARG E 191 -31.34 26.45 -21.02
N ALA E 192 -30.76 25.30 -21.40
CA ALA E 192 -31.49 24.34 -22.22
C ALA E 192 -32.69 23.75 -21.47
N ASP E 193 -32.54 23.45 -20.18
CA ASP E 193 -33.69 22.94 -19.43
C ASP E 193 -34.81 23.97 -19.34
N VAL E 194 -34.44 25.25 -19.20
CA VAL E 194 -35.46 26.29 -19.20
C VAL E 194 -36.23 26.26 -20.51
N MET E 195 -35.53 26.08 -21.62
CA MET E 195 -36.23 26.00 -22.90
C MET E 195 -37.14 24.78 -22.95
N LYS E 196 -36.62 23.62 -22.52
CA LYS E 196 -37.39 22.39 -22.62
C LYS E 196 -38.55 22.38 -21.63
N ASP E 197 -38.32 22.83 -20.40
CA ASP E 197 -39.39 22.87 -19.42
C ASP E 197 -40.53 23.77 -19.86
N ASN E 198 -40.19 24.94 -20.41
CA ASN E 198 -41.22 25.84 -20.91
C ASN E 198 -41.86 25.30 -22.17
N ALA E 199 -41.08 24.60 -23.01
CA ALA E 199 -41.67 23.98 -24.18
C ALA E 199 -42.78 23.02 -23.78
N ALA E 200 -42.58 22.28 -22.68
CA ALA E 200 -43.59 21.33 -22.23
C ALA E 200 -44.87 22.05 -21.85
N ILE E 201 -44.75 23.22 -21.21
CA ILE E 201 -45.93 24.00 -20.83
C ILE E 201 -46.69 24.46 -22.07
N PHE E 202 -45.96 24.99 -23.06
CA PHE E 202 -46.62 25.57 -24.22
C PHE E 202 -47.07 24.52 -25.22
N LYS E 203 -46.51 23.31 -25.17
CA LYS E 203 -47.13 22.21 -25.89
C LYS E 203 -48.52 21.93 -25.33
N ALA E 204 -48.64 21.90 -24.00
CA ALA E 204 -49.93 21.65 -23.37
C ALA E 204 -50.92 22.77 -23.67
N GLN E 205 -50.44 24.01 -23.68
CA GLN E 205 -51.35 25.12 -23.90
C GLN E 205 -51.74 25.23 -25.37
N GLY E 206 -50.83 24.94 -26.29
CA GLY E 206 -51.26 24.86 -27.69
C GLY E 206 -52.33 23.80 -27.88
N GLU E 207 -52.17 22.65 -27.22
CA GLU E 207 -53.17 21.61 -27.33
C GLU E 207 -54.52 22.08 -26.80
N ALA E 208 -54.52 22.77 -25.65
CA ALA E 208 -55.79 23.23 -25.08
C ALA E 208 -56.41 24.31 -25.96
N LEU E 209 -55.59 25.24 -26.44
CA LEU E 209 -56.06 26.30 -27.33
C LEU E 209 -56.71 25.71 -28.57
N ASN E 210 -56.04 24.73 -29.19
CA ASN E 210 -56.58 24.11 -30.40
C ASN E 210 -57.92 23.46 -30.10
N LYS E 211 -58.02 22.78 -28.97
CA LYS E 211 -59.26 22.07 -28.67
C LYS E 211 -60.37 23.03 -28.28
N GLN E 212 -60.07 24.04 -27.46
CA GLN E 212 -61.09 24.76 -26.70
C GLN E 212 -61.39 26.18 -27.19
N ALA E 213 -60.40 26.89 -27.74
CA ALA E 213 -60.56 28.29 -28.10
C ALA E 213 -61.37 28.43 -29.38
N ASN E 214 -61.82 29.66 -29.64
CA ASN E 214 -62.55 29.93 -30.86
C ASN E 214 -61.60 29.91 -32.05
N GLY E 215 -62.17 29.72 -33.24
CA GLY E 215 -61.36 29.41 -34.42
C GLY E 215 -60.43 30.52 -34.83
N ASP E 216 -60.84 31.78 -34.62
CA ASP E 216 -60.08 32.95 -35.03
C ASP E 216 -59.20 33.49 -33.91
N VAL E 217 -58.96 32.69 -32.86
CA VAL E 217 -58.29 33.19 -31.66
C VAL E 217 -56.93 33.74 -32.03
N LEU E 218 -56.56 34.87 -31.41
CA LEU E 218 -55.23 35.44 -31.55
C LEU E 218 -54.46 35.18 -30.26
N VAL E 219 -53.25 34.65 -30.37
CA VAL E 219 -52.47 34.27 -29.21
C VAL E 219 -51.19 35.11 -29.17
N LEU E 220 -50.96 35.77 -28.04
CA LEU E 220 -49.75 36.54 -27.82
C LEU E 220 -48.93 35.79 -26.77
N ILE E 221 -47.69 35.46 -27.12
CA ILE E 221 -46.74 34.85 -26.18
C ILE E 221 -45.85 35.94 -25.60
N VAL E 222 -45.92 36.13 -24.28
CA VAL E 222 -45.01 37.00 -23.55
C VAL E 222 -43.90 36.22 -22.86
N ALA E 223 -44.23 35.09 -22.27
CA ALA E 223 -43.27 34.35 -21.46
C ALA E 223 -42.05 33.90 -22.27
N ASN E 224 -40.89 34.01 -21.65
CA ASN E 224 -39.67 33.59 -22.32
C ASN E 224 -39.47 32.07 -22.21
N PRO E 225 -38.78 31.45 -23.20
CA PRO E 225 -38.31 32.09 -24.45
C PRO E 225 -39.44 32.30 -25.47
N ALA E 226 -39.80 33.57 -25.66
CA ALA E 226 -41.07 33.91 -26.33
C ALA E 226 -41.16 33.28 -27.71
N ASN E 227 -40.21 33.60 -28.59
CA ASN E 227 -40.24 33.10 -29.97
C ASN E 227 -40.37 31.60 -30.02
N THR E 228 -39.54 30.90 -29.25
CA THR E 228 -39.58 29.45 -29.26
C THR E 228 -40.87 28.95 -28.62
N ASN E 229 -41.29 29.57 -27.52
CA ASN E 229 -42.57 29.21 -26.92
C ASN E 229 -43.69 29.33 -27.93
N ALA E 230 -43.69 30.42 -28.72
CA ALA E 230 -44.73 30.60 -29.73
C ALA E 230 -44.66 29.50 -30.78
N MET E 231 -43.45 29.13 -31.19
CA MET E 231 -43.32 28.06 -32.17
C MET E 231 -43.89 26.77 -31.64
N ILE E 232 -43.54 26.42 -30.40
CA ILE E 232 -44.04 25.18 -29.81
C ILE E 232 -45.56 25.21 -29.74
N THR E 233 -46.12 26.35 -29.32
CA THR E 233 -47.57 26.48 -29.23
C THR E 233 -48.23 26.20 -30.57
N SER E 234 -47.73 26.85 -31.61
CA SER E 234 -48.29 26.68 -32.94
C SER E 234 -48.14 25.25 -33.44
N ALA E 235 -46.98 24.62 -33.19
CA ALA E 235 -46.77 23.26 -33.69
C ALA E 235 -47.76 22.28 -33.07
N ASN E 236 -48.26 22.59 -31.88
CA ASN E 236 -49.19 21.68 -31.22
C ASN E 236 -50.62 22.16 -31.32
N ALA E 237 -50.89 23.04 -32.28
CA ALA E 237 -52.24 23.55 -32.53
C ALA E 237 -52.48 23.57 -34.02
N PRO E 238 -52.64 22.40 -34.64
CA PRO E 238 -52.64 22.34 -36.11
C PRO E 238 -53.79 23.08 -36.78
N ASP E 239 -54.89 23.33 -36.08
CA ASP E 239 -56.02 24.01 -36.70
C ASP E 239 -56.00 25.52 -36.52
N ILE E 240 -55.01 26.05 -35.82
CA ILE E 240 -54.84 27.50 -35.68
C ILE E 240 -53.86 27.95 -36.74
N PRO E 241 -54.23 28.86 -37.63
CA PRO E 241 -53.26 29.43 -38.58
C PRO E 241 -52.05 29.95 -37.84
N PRO E 242 -50.85 29.55 -38.22
CA PRO E 242 -49.67 29.97 -37.44
C PRO E 242 -49.54 31.49 -37.25
N GLU E 243 -50.03 32.29 -38.20
CA GLU E 243 -49.92 33.74 -38.10
C GLU E 243 -50.74 34.32 -36.96
N ASN E 244 -51.71 33.58 -36.44
CA ASN E 244 -52.50 34.01 -35.29
C ASN E 244 -51.82 33.75 -33.97
N ILE E 245 -50.60 33.21 -33.96
CA ILE E 245 -49.80 33.01 -32.76
C ILE E 245 -48.51 33.78 -32.94
N THR E 246 -48.30 34.81 -32.12
CA THR E 246 -47.10 35.62 -32.19
C THR E 246 -46.43 35.70 -30.82
N ALA E 247 -45.18 36.13 -30.85
CA ALA E 247 -44.42 36.40 -29.64
C ALA E 247 -44.12 37.90 -29.60
N MET E 248 -43.97 38.42 -28.37
CA MET E 248 -43.90 39.87 -28.15
C MET E 248 -42.46 40.38 -28.19
N THR E 249 -42.16 41.24 -29.16
CA THR E 249 -40.94 42.05 -29.15
C THR E 249 -41.28 43.52 -29.04
N ARG E 250 -42.54 43.83 -28.79
CA ARG E 250 -42.99 45.21 -28.76
C ARG E 250 -42.28 46.00 -27.66
N LEU E 251 -41.81 45.33 -26.61
CA LEU E 251 -41.10 46.05 -25.57
C LEU E 251 -39.69 46.40 -26.04
N ASP E 252 -38.99 45.48 -26.69
CA ASP E 252 -37.74 45.84 -27.36
C ASP E 252 -37.95 47.01 -28.30
N HIS E 253 -38.96 46.90 -29.16
CA HIS E 253 -39.27 47.96 -30.11
C HIS E 253 -39.45 49.31 -29.42
N ASP E 254 -40.30 49.34 -28.39
CA ASP E 254 -40.57 50.59 -27.69
C ASP E 254 -39.34 51.11 -26.96
N ARG E 255 -38.50 50.20 -26.44
CA ARG E 255 -37.28 50.64 -25.79
C ARG E 255 -36.35 51.30 -26.81
N GLY E 256 -36.34 50.78 -28.03
CA GLY E 256 -35.57 51.44 -29.09
C GLY E 256 -36.07 52.83 -29.38
N LEU E 257 -37.40 52.97 -29.51
CA LEU E 257 -37.98 54.30 -29.72
C LEU E 257 -37.56 55.25 -28.60
N ALA E 258 -37.56 54.76 -27.37
CA ALA E 258 -37.26 55.66 -26.25
C ALA E 258 -35.80 56.07 -26.24
N GLN E 259 -34.89 55.17 -26.65
CA GLN E 259 -33.48 55.51 -26.73
C GLN E 259 -33.23 56.58 -27.78
N VAL E 260 -33.83 56.41 -28.97
CA VAL E 260 -33.72 57.42 -30.02
C VAL E 260 -34.23 58.76 -29.51
N ALA E 261 -35.43 58.77 -28.93
CA ALA E 261 -36.04 60.02 -28.49
C ALA E 261 -35.17 60.70 -27.43
N ALA E 262 -34.64 59.92 -26.49
CA ALA E 262 -33.78 60.48 -25.46
C ALA E 262 -32.48 61.04 -26.04
N LYS E 263 -31.84 60.29 -26.95
CA LYS E 263 -30.56 60.75 -27.49
C LYS E 263 -30.73 61.99 -28.36
N VAL E 264 -31.67 61.93 -29.29
CA VAL E 264 -31.89 62.96 -30.29
C VAL E 264 -32.70 64.14 -29.76
N GLY E 265 -33.51 63.94 -28.73
CA GLY E 265 -34.30 65.04 -28.22
C GLY E 265 -35.55 65.33 -29.03
N CYS E 266 -36.16 64.31 -29.62
CA CYS E 266 -37.38 64.48 -30.39
C CYS E 266 -38.56 63.86 -29.64
N ASN E 267 -39.76 64.04 -30.18
CA ASN E 267 -40.92 63.35 -29.63
C ASN E 267 -41.00 61.94 -30.21
N ILE E 268 -41.71 61.06 -29.49
CA ILE E 268 -41.92 59.70 -29.97
C ILE E 268 -42.59 59.70 -31.32
N THR E 269 -43.57 60.57 -31.53
CA THR E 269 -44.26 60.57 -32.81
C THR E 269 -43.42 61.10 -33.97
N ASP E 270 -42.29 61.77 -33.71
CA ASP E 270 -41.42 62.16 -34.81
C ASP E 270 -40.69 60.97 -35.44
N ILE E 271 -40.64 59.84 -34.75
CA ILE E 271 -39.87 58.68 -35.19
C ILE E 271 -40.75 57.75 -36.03
N SER E 272 -40.23 57.32 -37.17
CA SER E 272 -40.91 56.39 -38.06
C SER E 272 -39.92 55.35 -38.54
N ARG E 273 -40.46 54.19 -38.92
CA ARG E 273 -39.71 53.14 -39.61
C ARG E 273 -38.58 52.57 -38.74
N PHE E 274 -38.96 52.09 -37.57
CA PHE E 274 -38.08 51.36 -36.67
C PHE E 274 -38.57 49.93 -36.51
N ALA E 275 -37.65 49.00 -36.29
CA ALA E 275 -38.04 47.60 -36.18
C ALA E 275 -37.01 46.80 -35.42
N ILE E 276 -37.47 45.74 -34.77
CA ILE E 276 -36.62 44.74 -34.14
C ILE E 276 -36.68 43.49 -34.98
N TRP E 277 -35.52 42.95 -35.34
CA TRP E 277 -35.43 41.68 -36.06
C TRP E 277 -35.00 40.57 -35.14
N GLY E 278 -35.53 39.36 -35.36
CA GLY E 278 -34.94 38.22 -34.71
C GLY E 278 -35.61 37.71 -33.46
N ASN E 279 -34.81 37.29 -32.49
CA ASN E 279 -35.25 36.64 -31.26
C ASN E 279 -35.53 37.68 -30.17
N HIS E 280 -36.50 37.38 -29.31
CA HIS E 280 -36.70 38.22 -28.13
C HIS E 280 -35.61 37.83 -27.13
N SER E 281 -34.42 38.38 -27.34
CA SER E 281 -33.26 38.02 -26.54
C SER E 281 -32.16 39.02 -26.85
N ALA E 282 -31.01 38.80 -26.24
CA ALA E 282 -29.87 39.68 -26.43
C ALA E 282 -29.24 39.58 -27.82
N THR E 283 -29.63 38.64 -28.66
CA THR E 283 -29.17 38.65 -30.05
C THR E 283 -30.09 39.43 -30.97
N GLN E 284 -31.14 40.04 -30.43
CA GLN E 284 -32.04 40.82 -31.26
C GLN E 284 -31.26 41.88 -32.04
N TYR E 285 -31.83 42.29 -33.17
CA TYR E 285 -31.23 43.35 -33.98
C TYR E 285 -32.15 44.55 -34.04
N PRO E 286 -31.93 45.57 -33.22
CA PRO E 286 -32.70 46.82 -33.35
C PRO E 286 -32.20 47.58 -34.56
N ASP E 287 -33.07 47.83 -35.53
CA ASP E 287 -32.64 48.23 -36.87
C ASP E 287 -32.97 49.70 -37.11
N LEU E 288 -31.94 50.54 -37.21
CA LEU E 288 -32.12 51.95 -37.53
C LEU E 288 -31.97 52.26 -39.02
N SER E 289 -31.80 51.23 -39.87
CA SER E 289 -31.40 51.48 -41.26
C SER E 289 -32.43 52.34 -42.00
N PHE E 290 -33.70 52.22 -41.65
CA PHE E 290 -34.75 52.93 -42.38
C PHE E 290 -35.41 54.04 -41.56
N THR E 291 -34.92 54.29 -40.36
CA THR E 291 -35.59 55.20 -39.44
C THR E 291 -35.50 56.63 -39.91
N THR E 292 -36.60 57.37 -39.74
CA THR E 292 -36.62 58.80 -40.04
C THR E 292 -37.08 59.55 -38.81
N ILE E 293 -36.65 60.80 -38.71
CA ILE E 293 -37.03 61.65 -37.60
C ILE E 293 -37.67 62.92 -38.17
N LYS E 294 -38.95 63.11 -37.90
CA LYS E 294 -39.70 64.25 -38.40
C LYS E 294 -39.02 65.56 -38.03
N GLY E 295 -38.82 66.41 -39.03
CA GLY E 295 -38.25 67.72 -38.82
C GLY E 295 -36.75 67.75 -38.77
N GLN E 296 -36.11 66.63 -38.50
CA GLN E 296 -34.67 66.56 -38.38
C GLN E 296 -34.08 65.99 -39.64
N TRP E 297 -32.98 66.58 -40.09
CA TRP E 297 -32.25 66.17 -41.28
C TRP E 297 -30.80 66.58 -41.06
N GLY E 298 -29.96 66.25 -42.05
CA GLY E 298 -28.54 66.53 -41.96
C GLY E 298 -27.88 65.69 -40.89
N LEU E 299 -26.90 66.29 -40.20
CA LEU E 299 -26.15 65.56 -39.19
C LEU E 299 -27.11 65.02 -38.14
N ASN E 300 -27.05 63.71 -37.87
CA ASN E 300 -27.92 63.07 -36.91
C ASN E 300 -27.25 61.78 -36.45
N VAL E 301 -27.26 61.56 -35.13
CA VAL E 301 -26.52 60.45 -34.54
C VAL E 301 -27.03 59.07 -34.98
N ILE E 302 -28.29 58.94 -35.41
CA ILE E 302 -28.77 57.62 -35.81
C ILE E 302 -28.19 57.15 -37.14
N ASN E 303 -27.46 58.03 -37.83
CA ASN E 303 -26.69 57.62 -39.00
C ASN E 303 -25.36 56.97 -38.63
N ASP E 304 -24.89 57.21 -37.41
CA ASP E 304 -23.56 56.81 -36.98
C ASP E 304 -23.55 55.33 -36.64
N GLU E 305 -22.96 54.50 -37.53
CA GLU E 305 -22.86 53.07 -37.26
C GLU E 305 -22.03 52.77 -36.03
N GLN E 306 -21.11 53.65 -35.65
CA GLN E 306 -20.35 53.43 -34.43
C GLN E 306 -21.21 53.60 -33.19
N TRP E 307 -22.07 54.61 -33.17
CA TRP E 307 -22.97 54.76 -32.03
C TRP E 307 -23.98 53.62 -32.00
N ILE E 308 -24.49 53.22 -33.18
CA ILE E 308 -25.43 52.12 -33.26
C ILE E 308 -24.83 50.86 -32.66
N THR E 309 -23.60 50.54 -33.08
CA THR E 309 -22.96 49.29 -32.68
C THR E 309 -22.56 49.32 -31.21
N ASN E 310 -21.98 50.42 -30.75
CA ASN E 310 -21.37 50.44 -29.43
C ASN E 310 -22.30 50.93 -28.34
N GLU E 311 -23.37 51.65 -28.69
CA GLU E 311 -24.20 52.17 -27.64
C GLU E 311 -25.66 51.78 -27.81
N PHE E 312 -26.27 52.21 -28.92
CA PHE E 312 -27.70 52.01 -29.11
C PHE E 312 -28.09 50.55 -28.98
N ILE E 313 -27.51 49.69 -29.83
CA ILE E 313 -27.93 48.29 -29.84
C ILE E 313 -27.69 47.62 -28.50
N PRO E 314 -26.51 47.68 -27.88
CA PRO E 314 -26.37 47.03 -26.58
C PRO E 314 -27.25 47.65 -25.51
N ASN E 315 -27.52 48.95 -25.56
CA ASN E 315 -28.41 49.52 -24.55
C ASN E 315 -29.81 48.93 -24.66
N VAL E 316 -30.28 48.71 -25.89
CA VAL E 316 -31.59 48.10 -26.08
C VAL E 316 -31.58 46.65 -25.65
N GLN E 317 -30.51 45.94 -25.98
CA GLN E 317 -30.44 44.52 -25.64
C GLN E 317 -30.40 44.33 -24.13
N GLN E 318 -29.75 45.24 -23.41
CA GLN E 318 -29.49 45.11 -21.99
C GLN E 318 -30.42 45.97 -21.15
N ARG E 319 -31.48 46.52 -21.75
CA ARG E 319 -32.34 47.45 -21.05
C ARG E 319 -33.00 46.81 -19.83
N GLY E 320 -33.40 45.54 -19.93
CA GLY E 320 -34.03 44.90 -18.79
C GLY E 320 -33.11 44.87 -17.58
N ALA E 321 -31.83 44.59 -17.80
CA ALA E 321 -30.87 44.54 -16.70
C ALA E 321 -30.71 45.91 -16.06
N ALA E 322 -30.79 46.98 -16.84
CA ALA E 322 -30.66 48.31 -16.26
C ALA E 322 -31.82 48.61 -15.31
N ILE E 323 -33.03 48.24 -15.70
CA ILE E 323 -34.17 48.49 -14.83
C ILE E 323 -34.07 47.69 -13.54
N ILE E 324 -33.63 46.42 -13.64
CA ILE E 324 -33.43 45.62 -12.43
C ILE E 324 -32.38 46.25 -11.53
N LYS E 325 -31.31 46.81 -12.12
CA LYS E 325 -30.27 47.43 -11.30
C LYS E 325 -30.80 48.67 -10.58
N ALA E 326 -31.66 49.44 -11.23
CA ALA E 326 -32.16 50.66 -10.60
C ALA E 326 -33.29 50.38 -9.60
N ARG E 327 -34.23 49.51 -9.96
CA ARG E 327 -35.40 49.29 -9.14
C ARG E 327 -35.29 48.07 -8.23
N GLY E 328 -34.47 47.09 -8.58
CA GLY E 328 -34.41 45.84 -7.84
C GLY E 328 -35.44 44.82 -8.25
N LYS E 329 -36.29 45.14 -9.23
CA LYS E 329 -37.27 44.19 -9.76
C LYS E 329 -37.32 44.37 -11.27
N SER E 330 -37.88 43.37 -11.94
CA SER E 330 -37.97 43.45 -13.40
C SER E 330 -39.07 44.42 -13.83
N SER E 331 -39.05 44.76 -15.11
CA SER E 331 -39.87 45.85 -15.66
C SER E 331 -41.30 45.39 -15.99
N ALA E 332 -42.03 45.01 -14.95
CA ALA E 332 -43.37 44.47 -15.14
C ALA E 332 -44.30 45.47 -15.82
N ALA E 333 -44.27 46.72 -15.38
CA ALA E 333 -45.24 47.68 -15.90
C ALA E 333 -45.01 47.93 -17.39
N SER E 334 -43.76 48.10 -17.81
CA SER E 334 -43.58 48.33 -19.23
C SER E 334 -43.83 47.07 -20.04
N ALA E 335 -43.52 45.89 -19.50
CA ALA E 335 -43.85 44.68 -20.25
C ALA E 335 -45.36 44.57 -20.46
N ALA E 336 -46.16 44.86 -19.42
CA ALA E 336 -47.61 44.89 -19.60
C ALA E 336 -48.00 45.94 -20.64
N ASP E 337 -47.36 47.11 -20.59
CA ASP E 337 -47.67 48.15 -21.56
C ASP E 337 -47.43 47.67 -23.00
N ALA E 338 -46.30 47.00 -23.26
CA ALA E 338 -46.03 46.50 -24.61
C ALA E 338 -47.08 45.47 -25.04
N ALA E 339 -47.52 44.61 -24.12
CA ALA E 339 -48.55 43.62 -24.44
C ALA E 339 -49.85 44.30 -24.85
N ILE E 340 -50.26 45.32 -24.11
CA ILE E 340 -51.45 46.10 -24.48
C ILE E 340 -51.28 46.71 -25.88
N LYS E 341 -50.13 47.31 -26.13
CA LYS E 341 -49.89 47.92 -27.45
C LYS E 341 -49.87 46.85 -28.55
N HIS E 342 -49.19 45.73 -28.31
CA HIS E 342 -49.13 44.65 -29.29
C HIS E 342 -50.54 44.17 -29.65
N MET E 343 -51.34 43.85 -28.63
CA MET E 343 -52.70 43.37 -28.91
C MET E 343 -53.55 44.45 -29.54
N HIS E 344 -53.47 45.67 -29.03
CA HIS E 344 -54.27 46.77 -29.55
C HIS E 344 -54.04 46.97 -31.04
N ASP E 345 -52.76 47.05 -31.45
CA ASP E 345 -52.41 47.21 -32.86
C ASP E 345 -52.79 45.98 -33.68
N TRP E 346 -52.60 44.79 -33.11
CA TRP E 346 -53.01 43.56 -33.79
C TRP E 346 -54.50 43.59 -34.11
N VAL E 347 -55.32 44.08 -33.16
CA VAL E 347 -56.77 44.04 -33.31
C VAL E 347 -57.29 45.28 -34.05
N LEU E 348 -56.74 46.45 -33.75
CA LEU E 348 -57.30 47.68 -34.30
C LEU E 348 -56.41 48.33 -35.35
N GLY E 349 -55.19 47.85 -35.57
CA GLY E 349 -54.32 48.37 -36.60
C GLY E 349 -53.48 49.54 -36.11
N ASN E 350 -52.41 49.81 -36.87
CA ASN E 350 -51.49 50.89 -36.55
C ASN E 350 -50.78 51.27 -37.85
N SER E 351 -50.77 52.56 -38.16
CA SER E 351 -50.22 53.02 -39.43
C SER E 351 -48.70 52.98 -39.45
N GLU E 352 -48.05 52.88 -38.31
CA GLU E 352 -46.60 52.85 -38.19
C GLU E 352 -46.10 51.41 -38.22
N TRP E 353 -44.83 51.25 -38.60
CA TRP E 353 -44.19 49.96 -38.43
C TRP E 353 -44.22 49.55 -36.98
N VAL E 354 -44.56 48.29 -36.73
CA VAL E 354 -44.37 47.71 -35.41
C VAL E 354 -43.62 46.41 -35.57
N SER E 355 -43.02 45.97 -34.48
CA SER E 355 -42.31 44.70 -34.45
C SER E 355 -43.21 43.64 -33.82
N MET E 356 -43.28 42.49 -34.46
CA MET E 356 -43.90 41.30 -33.92
C MET E 356 -43.06 40.11 -34.34
N ALA E 357 -42.90 39.15 -33.43
CA ALA E 357 -42.27 37.87 -33.73
C ALA E 357 -43.33 36.96 -34.34
N ILE E 358 -43.15 36.61 -35.60
CA ILE E 358 -44.20 35.96 -36.39
C ILE E 358 -43.62 34.70 -37.01
N PRO E 359 -44.46 33.74 -37.42
CA PRO E 359 -43.95 32.58 -38.14
C PRO E 359 -43.28 33.00 -39.44
N SER E 360 -42.07 32.51 -39.63
CA SER E 360 -41.35 32.82 -40.85
C SER E 360 -41.91 32.03 -42.03
N ARG E 361 -42.38 32.74 -43.06
CA ARG E 361 -42.62 32.17 -44.38
C ARG E 361 -41.48 32.47 -45.35
N GLY E 362 -40.28 32.70 -44.84
CA GLY E 362 -39.14 33.01 -45.70
C GLY E 362 -39.01 34.46 -46.11
N GLN E 363 -39.75 35.38 -45.46
CA GLN E 363 -39.57 36.81 -45.71
C GLN E 363 -38.10 37.19 -45.55
N TYR E 364 -37.59 37.98 -46.50
CA TYR E 364 -36.18 38.41 -46.53
C TYR E 364 -35.22 37.22 -46.47
N GLY E 365 -35.69 36.06 -46.93
CA GLY E 365 -34.87 34.87 -46.92
C GLY E 365 -34.71 34.22 -45.56
N ILE E 366 -35.49 34.63 -44.58
CA ILE E 366 -35.35 34.06 -43.24
C ILE E 366 -35.78 32.60 -43.25
N PRO E 367 -35.05 31.70 -42.61
CA PRO E 367 -35.42 30.28 -42.58
C PRO E 367 -36.84 30.04 -42.11
N ARG E 368 -37.50 29.05 -42.72
CA ARG E 368 -38.89 28.75 -42.40
C ARG E 368 -38.99 27.94 -41.10
N GLY E 369 -40.16 28.00 -40.47
CA GLY E 369 -40.39 27.19 -39.30
C GLY E 369 -39.94 27.78 -37.98
N ILE E 370 -39.31 28.95 -37.99
CA ILE E 370 -38.98 29.66 -36.76
C ILE E 370 -39.88 30.86 -36.69
N TRP E 371 -40.06 31.36 -35.46
CA TRP E 371 -40.73 32.63 -35.22
C TRP E 371 -39.66 33.72 -35.10
N CYS E 372 -39.84 34.79 -35.86
CA CYS E 372 -38.80 35.80 -35.99
C CYS E 372 -39.41 37.17 -36.05
N SER E 373 -38.87 38.10 -35.26
CA SER E 373 -39.41 39.45 -35.25
C SER E 373 -39.05 40.16 -36.55
N MET E 374 -40.02 40.85 -37.12
CA MET E 374 -39.82 41.54 -38.38
C MET E 374 -40.61 42.83 -38.34
N PRO E 375 -40.21 43.83 -39.13
CA PRO E 375 -41.06 45.01 -39.31
C PRO E 375 -42.36 44.62 -39.98
N VAL E 376 -43.50 44.88 -39.32
CA VAL E 376 -44.80 44.59 -39.92
C VAL E 376 -45.72 45.79 -39.81
N GLN E 377 -46.69 45.83 -40.70
CA GLN E 377 -47.81 46.75 -40.58
C GLN E 377 -49.03 45.97 -40.13
N CYS E 378 -49.66 46.42 -39.04
CA CYS E 378 -50.89 45.82 -38.54
C CYS E 378 -52.10 46.51 -39.13
N PHE E 379 -52.86 45.79 -39.95
CA PHE E 379 -54.09 46.34 -40.49
C PHE E 379 -55.27 46.18 -39.54
N GLY E 380 -55.12 45.43 -38.46
CA GLY E 380 -56.22 45.18 -37.56
C GLY E 380 -56.90 43.84 -37.85
N ALA E 381 -57.79 43.46 -36.93
CA ALA E 381 -58.56 42.22 -37.05
C ALA E 381 -57.65 41.02 -37.20
N GLY E 382 -56.48 41.06 -36.58
CA GLY E 382 -55.53 39.97 -36.62
C GLY E 382 -54.67 39.90 -37.86
N LYS E 383 -54.83 40.83 -38.81
CA LYS E 383 -54.12 40.73 -40.08
C LYS E 383 -52.93 41.68 -40.08
N TYR E 384 -51.77 41.15 -40.43
CA TYR E 384 -50.56 41.97 -40.53
C TYR E 384 -49.75 41.52 -41.74
N GLY E 385 -48.87 42.42 -42.19
CA GLY E 385 -48.01 42.10 -43.31
C GLY E 385 -46.63 42.65 -43.09
N VAL E 386 -45.62 41.83 -43.37
CA VAL E 386 -44.23 42.28 -43.24
C VAL E 386 -44.00 43.42 -44.21
N ILE E 387 -43.23 44.43 -43.78
CA ILE E 387 -42.87 45.49 -44.69
C ILE E 387 -42.03 44.90 -45.80
N GLU E 388 -42.43 45.14 -47.05
CA GLU E 388 -41.77 44.54 -48.21
C GLU E 388 -40.83 45.54 -48.90
N GLY E 389 -39.87 45.00 -49.64
CA GLY E 389 -39.02 45.84 -50.46
C GLY E 389 -37.83 46.44 -49.76
N LEU E 390 -37.56 46.05 -48.53
CA LEU E 390 -36.48 46.70 -47.80
C LEU E 390 -35.14 46.16 -48.27
N PRO E 391 -34.22 47.03 -48.69
CA PRO E 391 -32.86 46.56 -49.01
C PRO E 391 -32.12 46.29 -47.72
N ILE E 392 -31.62 45.08 -47.56
CA ILE E 392 -30.93 44.66 -46.35
C ILE E 392 -29.44 44.78 -46.62
N ASN E 393 -28.76 45.69 -45.93
CA ASN E 393 -27.33 45.82 -46.10
C ASN E 393 -26.60 44.74 -45.31
N SER E 394 -25.29 44.71 -45.52
CA SER E 394 -24.46 43.64 -44.98
C SER E 394 -24.35 43.70 -43.47
N PHE E 395 -24.34 44.91 -42.90
CA PHE E 395 -24.32 45.01 -41.45
C PHE E 395 -25.62 44.46 -40.87
N SER E 396 -26.74 44.75 -41.51
CA SER E 396 -28.01 44.18 -41.08
C SER E 396 -28.04 42.67 -41.25
N ALA E 397 -27.60 42.18 -42.41
CA ALA E 397 -27.66 40.74 -42.66
C ALA E 397 -26.83 39.98 -41.64
N ASP E 398 -25.66 40.51 -41.28
CA ASP E 398 -24.86 39.87 -40.24
C ASP E 398 -25.62 39.79 -38.93
N ARG E 399 -26.37 40.83 -38.58
CA ARG E 399 -27.02 40.84 -37.27
C ARG E 399 -28.27 39.95 -37.26
N ILE E 400 -29.10 40.04 -38.30
CA ILE E 400 -30.27 39.18 -38.42
C ILE E 400 -29.86 37.71 -38.44
N ASN E 401 -28.78 37.38 -39.17
CA ASN E 401 -28.29 36.00 -39.26
C ASN E 401 -27.83 35.48 -37.91
N ALA E 402 -27.18 36.34 -37.11
CA ALA E 402 -26.78 35.92 -35.77
C ALA E 402 -28.01 35.57 -34.92
N SER E 403 -29.08 36.32 -35.06
CA SER E 403 -30.26 36.02 -34.23
C SER E 403 -31.00 34.79 -34.78
N VAL E 404 -31.08 34.67 -36.10
CA VAL E 404 -31.65 33.47 -36.71
C VAL E 404 -30.88 32.23 -36.26
N LYS E 405 -29.55 32.34 -36.18
CA LYS E 405 -28.73 31.23 -35.70
C LYS E 405 -29.18 30.78 -34.32
N GLU E 406 -29.41 31.73 -33.42
CA GLU E 406 -29.83 31.35 -32.08
C GLU E 406 -31.22 30.74 -32.10
N LEU E 407 -32.11 31.29 -32.91
CA LEU E 407 -33.47 30.74 -33.00
C LEU E 407 -33.45 29.31 -33.53
N ILE E 408 -32.58 29.04 -34.50
CA ILE E 408 -32.47 27.67 -34.98
C ILE E 408 -31.94 26.77 -33.89
N GLU E 409 -30.98 27.27 -33.09
CA GLU E 409 -30.39 26.42 -32.07
C GLU E 409 -31.39 26.16 -30.96
N GLU E 410 -32.25 27.14 -30.67
CA GLU E 410 -33.31 26.95 -29.68
C GLU E 410 -34.32 25.92 -30.17
N LYS E 411 -34.69 25.99 -31.45
CA LYS E 411 -35.64 25.02 -32.00
C LYS E 411 -35.09 23.60 -31.91
N LYS E 412 -33.80 23.42 -32.21
CA LYS E 412 -33.19 22.09 -32.10
C LYS E 412 -33.20 21.58 -30.67
N ILE E 413 -33.07 22.48 -29.68
CA ILE E 413 -33.06 22.03 -28.29
C ILE E 413 -34.43 21.50 -27.88
N VAL E 414 -35.50 22.12 -28.37
CA VAL E 414 -36.85 21.74 -27.96
C VAL E 414 -37.54 20.87 -29.00
N GLU E 415 -36.81 20.41 -30.01
CA GLU E 415 -37.44 19.81 -31.19
C GLU E 415 -38.40 18.67 -30.83
N ASN E 416 -38.21 18.03 -29.68
CA ASN E 416 -38.99 16.86 -29.32
C ASN E 416 -40.41 17.18 -28.87
N LEU E 417 -40.76 18.45 -28.68
CA LEU E 417 -42.12 18.82 -28.35
C LEU E 417 -42.93 19.24 -29.58
N LEU E 418 -42.45 18.88 -30.77
CA LEU E 418 -43.16 19.16 -32.01
C LEU E 418 -44.00 17.97 -32.48
N GLN F 93 -54.25 70.11 -33.17
CA GLN F 93 -55.14 69.09 -32.61
C GLN F 93 -54.87 68.87 -31.13
N LEU F 94 -53.61 69.01 -30.74
CA LEU F 94 -53.19 68.79 -29.36
C LEU F 94 -53.25 70.08 -28.56
N ALA F 95 -53.76 69.98 -27.34
CA ALA F 95 -53.80 71.10 -26.44
C ALA F 95 -52.40 71.40 -25.91
N PRO F 96 -52.19 72.57 -25.32
CA PRO F 96 -50.91 72.83 -24.66
C PRO F 96 -50.71 71.86 -23.50
N PRO F 97 -49.46 71.55 -23.18
CA PRO F 97 -49.22 70.55 -22.14
C PRO F 97 -49.65 71.08 -20.78
N VAL F 98 -50.04 70.14 -19.90
CA VAL F 98 -50.30 70.44 -18.50
C VAL F 98 -49.28 69.67 -17.67
N THR F 99 -49.04 70.15 -16.45
CA THR F 99 -48.03 69.58 -15.57
C THR F 99 -48.69 68.90 -14.37
N ILE F 100 -48.32 67.64 -14.11
CA ILE F 100 -48.87 66.83 -13.04
C ILE F 100 -47.75 66.42 -12.10
N THR F 101 -47.89 66.76 -10.83
CA THR F 101 -46.96 66.33 -9.79
C THR F 101 -47.51 65.10 -9.09
N VAL F 102 -46.67 64.09 -8.93
CA VAL F 102 -47.08 62.89 -8.22
C VAL F 102 -46.03 62.60 -7.16
N SER F 103 -46.45 62.56 -5.90
CA SER F 103 -45.56 62.18 -4.81
C SER F 103 -45.62 60.67 -4.60
N GLY F 104 -44.73 60.17 -3.75
CA GLY F 104 -44.66 58.72 -3.59
C GLY F 104 -44.47 58.00 -4.90
N ALA F 105 -43.67 58.58 -5.80
CA ALA F 105 -43.64 58.14 -7.19
C ALA F 105 -43.00 56.76 -7.40
N CYS F 106 -42.34 56.18 -6.39
CA CYS F 106 -41.73 54.86 -6.48
CA CYS F 106 -41.76 54.85 -6.56
C CYS F 106 -42.62 53.74 -5.95
N GLY F 107 -43.75 54.07 -5.35
CA GLY F 107 -44.59 53.08 -4.68
C GLY F 107 -45.44 52.25 -5.61
N GLN F 108 -46.19 51.33 -4.98
CA GLN F 108 -46.99 50.37 -5.75
C GLN F 108 -48.16 51.06 -6.47
N ILE F 109 -48.79 52.03 -5.82
CA ILE F 109 -49.87 52.78 -6.46
C ILE F 109 -49.34 53.56 -7.65
N ALA F 110 -48.21 54.26 -7.45
CA ALA F 110 -47.59 55.00 -8.57
C ALA F 110 -47.29 54.07 -9.74
N ASN F 111 -46.82 52.85 -9.46
CA ASN F 111 -46.46 51.92 -10.52
C ASN F 111 -47.63 51.66 -11.47
N SER F 112 -48.87 51.62 -10.96
CA SER F 112 -50.05 51.53 -11.80
C SER F 112 -50.56 52.88 -12.28
N LEU F 113 -50.47 53.92 -11.43
CA LEU F 113 -51.05 55.21 -11.79
C LEU F 113 -50.36 55.84 -13.00
N LEU F 114 -49.03 55.89 -12.99
CA LEU F 114 -48.31 56.76 -13.92
C LEU F 114 -48.50 56.33 -15.39
N PHE F 115 -48.55 55.02 -15.63
CA PHE F 115 -48.80 54.54 -16.99
C PHE F 115 -50.20 54.90 -17.46
N ARG F 116 -51.15 55.06 -16.54
CA ARG F 116 -52.50 55.45 -16.92
C ARG F 116 -52.71 56.95 -16.92
N ILE F 117 -51.69 57.71 -16.55
CA ILE F 117 -51.62 59.11 -16.92
C ILE F 117 -50.93 59.27 -18.27
N ALA F 118 -49.77 58.64 -18.44
CA ALA F 118 -48.98 58.84 -19.65
C ALA F 118 -49.73 58.38 -20.89
N ASN F 119 -50.62 57.39 -20.76
CA ASN F 119 -51.35 56.86 -21.91
C ASN F 119 -52.51 57.74 -22.35
N GLY F 120 -52.75 58.83 -21.64
CA GLY F 120 -53.85 59.71 -21.99
C GLY F 120 -55.18 59.37 -21.36
N GLU F 121 -55.24 58.33 -20.52
CA GLU F 121 -56.54 57.96 -19.98
C GLU F 121 -57.06 58.98 -18.96
N MET F 122 -56.17 59.49 -18.08
CA MET F 122 -56.65 60.34 -16.99
C MET F 122 -57.20 61.68 -17.51
N LEU F 123 -56.50 62.31 -18.44
CA LEU F 123 -56.86 63.65 -18.89
C LEU F 123 -57.29 63.72 -20.35
N GLY F 124 -57.27 62.62 -21.10
CA GLY F 124 -57.76 62.72 -22.45
C GLY F 124 -56.67 62.49 -23.47
N GLU F 125 -57.06 61.87 -24.60
CA GLU F 125 -56.09 61.43 -25.59
C GLU F 125 -55.44 62.58 -26.35
N ASN F 126 -55.94 63.81 -26.25
CA ASN F 126 -55.34 64.93 -26.95
C ASN F 126 -54.67 65.91 -26.00
N GLN F 127 -54.34 65.46 -24.79
CA GLN F 127 -53.80 66.34 -23.76
C GLN F 127 -52.39 65.90 -23.36
N PRO F 128 -51.35 66.52 -23.93
CA PRO F 128 -49.98 66.18 -23.52
C PRO F 128 -49.74 66.53 -22.07
N VAL F 129 -48.90 65.72 -21.43
CA VAL F 129 -48.68 65.83 -20.00
C VAL F 129 -47.18 65.86 -19.74
N LYS F 130 -46.83 66.58 -18.68
CA LYS F 130 -45.49 66.56 -18.10
C LYS F 130 -45.60 66.02 -16.68
N LEU F 131 -44.76 65.05 -16.34
CA LEU F 131 -44.77 64.44 -15.02
C LEU F 131 -43.63 65.01 -14.18
N ARG F 132 -43.97 65.47 -12.98
CA ARG F 132 -42.98 65.86 -11.97
C ARG F 132 -43.12 64.88 -10.81
N LEU F 133 -42.12 64.02 -10.64
CA LEU F 133 -42.20 62.87 -9.75
C LEU F 133 -41.38 63.17 -8.50
N LEU F 134 -42.04 63.10 -7.34
CA LEU F 134 -41.42 63.45 -6.07
C LEU F 134 -41.27 62.21 -5.21
N GLU F 135 -40.09 62.05 -4.61
CA GLU F 135 -39.85 60.92 -3.72
C GLU F 135 -38.97 61.35 -2.55
N ARG F 136 -38.85 60.46 -1.57
CA ARG F 136 -37.92 60.65 -0.46
C ARG F 136 -36.49 60.56 -0.97
N PRO F 137 -35.53 61.19 -0.27
CA PRO F 137 -34.14 61.17 -0.74
C PRO F 137 -33.58 59.78 -0.96
N GLU F 138 -33.93 58.82 -0.11
CA GLU F 138 -33.34 57.49 -0.25
C GLU F 138 -33.93 56.69 -1.40
N ALA F 139 -34.96 57.19 -2.07
CA ALA F 139 -35.61 56.47 -3.16
C ALA F 139 -35.27 57.04 -4.53
N MET F 140 -34.32 57.98 -4.60
CA MET F 140 -34.05 58.63 -5.88
C MET F 140 -33.41 57.67 -6.88
N LYS F 141 -32.56 56.74 -6.41
CA LYS F 141 -31.99 55.77 -7.34
C LYS F 141 -33.08 54.91 -7.95
N ALA F 142 -34.04 54.48 -7.12
CA ALA F 142 -35.15 53.70 -7.63
C ALA F 142 -36.04 54.53 -8.55
N LEU F 143 -36.20 55.81 -8.25
CA LEU F 143 -37.07 56.63 -9.10
C LEU F 143 -36.52 56.76 -10.52
N GLU F 144 -35.19 56.71 -10.68
CA GLU F 144 -34.62 56.68 -12.03
C GLU F 144 -35.14 55.49 -12.81
N GLY F 145 -35.28 54.35 -12.12
CA GLY F 145 -35.89 53.18 -12.75
C GLY F 145 -37.32 53.38 -13.18
N VAL F 146 -38.11 54.12 -12.38
CA VAL F 146 -39.49 54.43 -12.78
C VAL F 146 -39.50 55.24 -14.07
N LYS F 147 -38.63 56.25 -14.15
CA LYS F 147 -38.54 57.05 -15.37
C LYS F 147 -38.17 56.16 -16.58
N MET F 148 -37.23 55.25 -16.38
CA MET F 148 -36.83 54.36 -17.48
C MET F 148 -38.02 53.57 -18.00
N GLU F 149 -38.84 53.01 -17.09
CA GLU F 149 -40.02 52.24 -17.50
C GLU F 149 -41.04 53.09 -18.22
N LEU F 150 -41.25 54.32 -17.76
CA LEU F 150 -42.18 55.21 -18.43
C LEU F 150 -41.69 55.60 -19.81
N ASP F 151 -40.40 55.90 -19.94
CA ASP F 151 -39.83 56.11 -21.27
C ASP F 151 -40.05 54.89 -22.16
N ASP F 152 -39.80 53.69 -21.62
CA ASP F 152 -40.00 52.47 -22.40
C ASP F 152 -41.47 52.22 -22.70
N GLY F 153 -42.37 53.01 -22.13
CA GLY F 153 -43.72 53.05 -22.63
C GLY F 153 -43.89 53.79 -23.94
N ALA F 154 -42.90 54.57 -24.36
CA ALA F 154 -42.91 55.23 -25.66
C ALA F 154 -44.20 56.01 -25.87
N PHE F 155 -44.61 56.74 -24.83
CA PHE F 155 -45.90 57.42 -24.83
C PHE F 155 -45.84 58.73 -25.59
N PRO F 156 -46.64 58.90 -26.65
CA PRO F 156 -46.60 60.15 -27.43
C PRO F 156 -46.98 61.37 -26.61
N LEU F 157 -47.85 61.23 -25.61
CA LEU F 157 -48.35 62.37 -24.86
C LEU F 157 -47.41 62.80 -23.75
N LEU F 158 -46.45 61.96 -23.36
CA LEU F 158 -45.59 62.25 -22.22
C LEU F 158 -44.43 63.13 -22.67
N GLU F 159 -44.53 64.43 -22.41
CA GLU F 159 -43.54 65.37 -22.94
C GLU F 159 -42.31 65.48 -22.07
N GLU F 160 -42.41 65.19 -20.78
CA GLU F 160 -41.27 65.36 -19.90
C GLU F 160 -41.48 64.50 -18.65
N ILE F 161 -40.39 63.93 -18.15
CA ILE F 161 -40.38 63.26 -16.85
C ILE F 161 -39.25 63.92 -16.05
N TYR F 162 -39.62 64.64 -14.99
CA TYR F 162 -38.71 65.33 -14.09
C TYR F 162 -38.73 64.62 -12.75
N LEU F 163 -37.55 64.36 -12.19
CA LEU F 163 -37.40 63.65 -10.93
C LEU F 163 -36.81 64.57 -9.88
N THR F 164 -37.30 64.48 -8.63
CA THR F 164 -36.79 65.34 -7.58
C THR F 164 -37.15 64.78 -6.19
N ASP F 165 -36.33 65.13 -5.20
CA ASP F 165 -36.68 64.91 -3.80
C ASP F 165 -37.00 66.21 -3.08
N SER F 166 -37.27 67.27 -3.84
CA SER F 166 -37.57 68.59 -3.30
C SER F 166 -39.00 68.95 -3.64
N GLU F 167 -39.82 69.16 -2.62
CA GLU F 167 -41.23 69.42 -2.91
C GLU F 167 -41.40 70.76 -3.59
N ASN F 168 -40.55 71.75 -3.27
CA ASN F 168 -40.61 73.03 -3.97
C ASN F 168 -40.36 72.85 -5.46
N ASP F 169 -39.32 72.08 -5.82
CA ASP F 169 -39.08 71.82 -7.24
C ASP F 169 -40.23 71.01 -7.83
N ALA F 170 -40.75 70.06 -7.05
CA ALA F 170 -41.79 69.15 -7.57
C ALA F 170 -43.03 69.90 -8.02
N PHE F 171 -43.50 70.88 -7.24
CA PHE F 171 -44.78 71.52 -7.53
C PHE F 171 -44.69 72.70 -8.47
N ARG F 172 -43.48 73.06 -8.92
CA ARG F 172 -43.28 74.17 -9.85
CA ARG F 172 -43.30 74.17 -9.84
C ARG F 172 -44.22 74.06 -11.05
N GLY F 173 -45.13 75.03 -11.19
CA GLY F 173 -46.03 75.03 -12.32
C GLY F 173 -47.01 73.87 -12.37
N ALA F 174 -47.29 73.21 -11.25
CA ALA F 174 -48.21 72.09 -11.30
C ALA F 174 -49.62 72.58 -11.62
N ASP F 175 -50.27 71.91 -12.56
CA ASP F 175 -51.69 72.08 -12.83
C ASP F 175 -52.55 71.10 -12.07
N TYR F 176 -51.97 69.95 -11.74
CA TYR F 176 -52.61 68.87 -11.01
C TYR F 176 -51.57 68.27 -10.08
N ALA F 177 -52.02 67.76 -8.94
CA ALA F 177 -51.14 67.10 -8.00
C ALA F 177 -51.85 65.89 -7.42
N ILE F 178 -51.17 64.76 -7.39
CA ILE F 178 -51.70 63.54 -6.78
C ILE F 178 -50.72 63.16 -5.68
N LEU F 179 -51.17 63.22 -4.43
CA LEU F 179 -50.28 63.07 -3.29
C LEU F 179 -50.47 61.67 -2.72
N LEU F 180 -49.56 60.78 -3.10
CA LEU F 180 -49.53 59.40 -2.65
C LEU F 180 -48.60 59.20 -1.47
N GLY F 181 -47.57 60.04 -1.35
CA GLY F 181 -46.57 59.81 -0.32
C GLY F 181 -47.06 60.27 1.04
N GLY F 182 -46.68 59.51 2.05
CA GLY F 182 -47.02 59.82 3.42
C GLY F 182 -46.32 58.86 4.36
N LYS F 183 -46.71 58.89 5.62
CA LYS F 183 -46.17 57.92 6.57
C LYS F 183 -47.24 56.88 6.85
N PRO F 184 -47.07 55.63 6.44
CA PRO F 184 -48.09 54.62 6.73
C PRO F 184 -48.11 54.24 8.21
N ARG F 185 -49.30 53.87 8.68
CA ARG F 185 -49.50 53.38 10.04
C ARG F 185 -49.05 51.92 10.11
N GLY F 186 -47.82 51.69 10.55
CA GLY F 186 -47.35 50.33 10.76
C GLY F 186 -47.87 49.76 12.06
N PRO F 187 -47.65 48.45 12.24
CA PRO F 187 -48.07 47.82 13.51
C PRO F 187 -47.34 48.45 14.68
N GLY F 188 -48.08 48.69 15.76
CA GLY F 188 -47.49 49.29 16.93
C GLY F 188 -47.01 50.72 16.74
N MET F 189 -47.66 51.47 15.86
CA MET F 189 -47.51 52.92 15.78
C MET F 189 -48.82 53.51 16.26
N GLU F 190 -48.75 54.46 17.20
CA GLU F 190 -49.99 54.98 17.74
C GLU F 190 -50.70 55.80 16.67
N ARG F 191 -52.03 55.73 16.70
CA ARG F 191 -52.85 56.38 15.69
C ARG F 191 -52.59 57.88 15.64
N ALA F 192 -52.48 58.51 16.82
CA ALA F 192 -52.25 59.95 16.88
C ALA F 192 -50.87 60.31 16.33
N ASP F 193 -49.86 59.49 16.62
CA ASP F 193 -48.51 59.78 16.13
C ASP F 193 -48.45 59.72 14.62
N VAL F 194 -49.13 58.76 14.00
CA VAL F 194 -49.14 58.68 12.54
C VAL F 194 -49.84 59.89 11.93
N MET F 195 -50.96 60.32 12.53
CA MET F 195 -51.62 61.51 12.01
C MET F 195 -50.73 62.73 12.11
N LYS F 196 -50.02 62.88 13.24
CA LYS F 196 -49.19 64.08 13.41
C LYS F 196 -48.00 64.04 12.45
N ASP F 197 -47.38 62.87 12.26
CA ASP F 197 -46.28 62.75 11.30
C ASP F 197 -46.75 63.09 9.89
N ASN F 198 -47.94 62.62 9.51
CA ASN F 198 -48.45 62.95 8.19
C ASN F 198 -48.83 64.41 8.09
N ALA F 199 -49.33 64.98 9.19
CA ALA F 199 -49.67 66.40 9.22
C ALA F 199 -48.45 67.25 8.88
N ALA F 200 -47.29 66.92 9.43
CA ALA F 200 -46.09 67.68 9.13
C ALA F 200 -45.72 67.58 7.66
N ILE F 201 -45.88 66.39 7.07
CA ILE F 201 -45.58 66.25 5.66
C ILE F 201 -46.52 67.11 4.81
N PHE F 202 -47.81 67.09 5.14
CA PHE F 202 -48.79 67.78 4.31
C PHE F 202 -48.84 69.28 4.59
N LYS F 203 -48.38 69.72 5.75
CA LYS F 203 -48.14 71.15 5.92
C LYS F 203 -47.06 71.61 4.95
N ALA F 204 -45.95 70.87 4.88
CA ALA F 204 -44.86 71.27 4.01
C ALA F 204 -45.28 71.27 2.55
N GLN F 205 -46.09 70.28 2.14
CA GLN F 205 -46.50 70.21 0.74
C GLN F 205 -47.56 71.24 0.41
N GLY F 206 -48.47 71.52 1.35
CA GLY F 206 -49.38 72.63 1.16
C GLY F 206 -48.66 73.95 1.02
N GLU F 207 -47.64 74.16 1.83
CA GLU F 207 -46.84 75.38 1.70
C GLU F 207 -46.16 75.44 0.34
N ALA F 208 -45.57 74.33 -0.10
CA ALA F 208 -44.89 74.30 -1.39
C ALA F 208 -45.89 74.47 -2.53
N LEU F 209 -47.05 73.82 -2.41
CA LEU F 209 -48.09 73.98 -3.42
C LEU F 209 -48.49 75.43 -3.57
N ASN F 210 -48.71 76.11 -2.44
CA ASN F 210 -49.14 77.50 -2.46
C ASN F 210 -48.12 78.38 -3.14
N LYS F 211 -46.84 78.14 -2.89
CA LYS F 211 -45.82 78.98 -3.46
C LYS F 211 -45.60 78.68 -4.94
N GLN F 212 -45.59 77.41 -5.34
CA GLN F 212 -45.00 77.01 -6.61
C GLN F 212 -45.99 76.62 -7.69
N ALA F 213 -47.15 76.06 -7.33
CA ALA F 213 -48.06 75.50 -8.32
C ALA F 213 -48.80 76.62 -9.07
N ASN F 214 -49.46 76.26 -10.15
CA ASN F 214 -50.29 77.26 -10.82
C ASN F 214 -51.53 77.55 -9.97
N GLY F 215 -52.13 78.72 -10.22
CA GLY F 215 -53.18 79.21 -9.33
C GLY F 215 -54.41 78.33 -9.30
N ASP F 216 -54.70 77.66 -10.41
CA ASP F 216 -55.88 76.82 -10.55
C ASP F 216 -55.59 75.36 -10.23
N VAL F 217 -54.49 75.07 -9.54
CA VAL F 217 -54.09 73.68 -9.35
C VAL F 217 -55.18 72.91 -8.62
N LEU F 218 -55.42 71.67 -9.07
CA LEU F 218 -56.30 70.71 -8.41
C LEU F 218 -55.43 69.66 -7.75
N VAL F 219 -55.70 69.40 -6.47
CA VAL F 219 -54.88 68.53 -5.64
C VAL F 219 -55.75 67.39 -5.13
N LEU F 220 -55.30 66.16 -5.37
CA LEU F 220 -55.95 64.95 -4.88
C LEU F 220 -55.04 64.30 -3.86
N ILE F 221 -55.55 64.15 -2.65
CA ILE F 221 -54.86 63.46 -1.57
C ILE F 221 -55.29 62.01 -1.58
N VAL F 222 -54.32 61.09 -1.64
CA VAL F 222 -54.58 59.67 -1.49
C VAL F 222 -54.05 59.16 -0.16
N ALA F 223 -52.88 59.64 0.26
CA ALA F 223 -52.24 59.12 1.46
C ALA F 223 -53.14 59.30 2.67
N ASN F 224 -53.14 58.29 3.52
CA ASN F 224 -53.96 58.26 4.72
C ASN F 224 -53.29 59.07 5.83
N PRO F 225 -54.08 59.67 6.74
CA PRO F 225 -55.54 59.81 6.73
C PRO F 225 -55.97 60.86 5.71
N ALA F 226 -56.64 60.42 4.65
CA ALA F 226 -56.83 61.27 3.47
C ALA F 226 -57.55 62.56 3.83
N ASN F 227 -58.75 62.43 4.40
CA ASN F 227 -59.54 63.62 4.71
C ASN F 227 -58.73 64.61 5.53
N THR F 228 -58.07 64.11 6.57
CA THR F 228 -57.30 65.00 7.44
C THR F 228 -56.07 65.54 6.71
N ASN F 229 -55.39 64.71 5.94
CA ASN F 229 -54.25 65.21 5.19
C ASN F 229 -54.68 66.34 4.25
N ALA F 230 -55.83 66.19 3.58
CA ALA F 230 -56.28 67.24 2.68
C ALA F 230 -56.57 68.53 3.42
N MET F 231 -57.22 68.41 4.59
CA MET F 231 -57.52 69.59 5.39
C MET F 231 -56.24 70.30 5.81
N ILE F 232 -55.25 69.56 6.26
CA ILE F 232 -53.97 70.15 6.65
C ILE F 232 -53.30 70.83 5.45
N THR F 233 -53.31 70.16 4.28
CA THR F 233 -52.74 70.75 3.07
C THR F 233 -53.40 72.09 2.77
N SER F 234 -54.74 72.10 2.78
CA SER F 234 -55.49 73.31 2.47
C SER F 234 -55.22 74.40 3.50
N ALA F 235 -55.18 74.03 4.77
CA ALA F 235 -54.95 75.03 5.82
C ALA F 235 -53.62 75.72 5.64
N ASN F 236 -52.67 75.08 4.96
CA ASN F 236 -51.36 75.65 4.77
C ASN F 236 -51.14 76.16 3.35
N ALA F 237 -52.21 76.38 2.60
CA ALA F 237 -52.13 76.95 1.25
C ALA F 237 -53.24 77.98 1.11
N PRO F 238 -53.12 79.12 1.80
CA PRO F 238 -54.26 80.04 1.90
C PRO F 238 -54.70 80.63 0.57
N ASP F 239 -53.87 80.59 -0.46
CA ASP F 239 -54.23 81.14 -1.76
C ASP F 239 -54.80 80.09 -2.72
N ILE F 240 -54.93 78.84 -2.30
CA ILE F 240 -55.61 77.81 -3.08
C ILE F 240 -57.05 77.70 -2.58
N PRO F 241 -58.06 77.85 -3.44
CA PRO F 241 -59.45 77.62 -3.01
C PRO F 241 -59.61 76.26 -2.38
N PRO F 242 -60.13 76.19 -1.15
CA PRO F 242 -60.20 74.90 -0.46
C PRO F 242 -60.88 73.82 -1.28
N GLU F 243 -61.84 74.18 -2.13
CA GLU F 243 -62.54 73.19 -2.94
C GLU F 243 -61.61 72.54 -3.98
N ASN F 244 -60.49 73.18 -4.33
CA ASN F 244 -59.54 72.61 -5.27
C ASN F 244 -58.60 71.58 -4.64
N ILE F 245 -58.76 71.30 -3.35
CA ILE F 245 -58.01 70.25 -2.66
C ILE F 245 -59.03 69.23 -2.17
N THR F 246 -58.96 68.00 -2.71
CA THR F 246 -59.89 66.95 -2.29
C THR F 246 -59.12 65.72 -1.85
N ALA F 247 -59.81 64.84 -1.15
CA ALA F 247 -59.26 63.56 -0.75
C ALA F 247 -60.08 62.45 -1.41
N MET F 248 -59.46 61.30 -1.63
CA MET F 248 -60.08 60.26 -2.43
C MET F 248 -60.92 59.29 -1.61
N THR F 249 -62.21 59.27 -1.88
CA THR F 249 -63.08 58.19 -1.41
C THR F 249 -63.59 57.37 -2.59
N ARG F 250 -63.06 57.64 -3.79
CA ARG F 250 -63.55 57.04 -5.02
C ARG F 250 -63.37 55.53 -5.03
N LEU F 251 -62.38 55.02 -4.30
CA LEU F 251 -62.23 53.56 -4.22
C LEU F 251 -63.37 52.95 -3.38
N ASP F 252 -63.70 53.57 -2.26
CA ASP F 252 -64.88 53.19 -1.49
C ASP F 252 -66.13 53.19 -2.35
N HIS F 253 -66.34 54.28 -3.07
CA HIS F 253 -67.47 54.40 -3.98
C HIS F 253 -67.50 53.25 -4.99
N ASP F 254 -66.38 53.02 -5.66
CA ASP F 254 -66.34 51.95 -6.65
C ASP F 254 -66.49 50.60 -5.98
N ARG F 255 -65.97 50.46 -4.77
CA ARG F 255 -66.15 49.19 -4.08
C ARG F 255 -67.62 48.94 -3.77
N GLY F 256 -68.34 49.99 -3.38
CA GLY F 256 -69.78 49.83 -3.18
C GLY F 256 -70.49 49.44 -4.47
N LEU F 257 -70.16 50.13 -5.56
CA LEU F 257 -70.74 49.80 -6.86
C LEU F 257 -70.53 48.34 -7.19
N ALA F 258 -69.35 47.79 -6.88
CA ALA F 258 -69.08 46.40 -7.24
C ALA F 258 -69.90 45.45 -6.37
N GLN F 259 -70.11 45.81 -5.11
CA GLN F 259 -70.95 45.01 -4.24
C GLN F 259 -72.37 44.95 -4.78
N VAL F 260 -72.89 46.09 -5.23
CA VAL F 260 -74.23 46.14 -5.81
C VAL F 260 -74.30 45.26 -7.06
N ALA F 261 -73.37 45.45 -8.00
CA ALA F 261 -73.41 44.70 -9.25
C ALA F 261 -73.34 43.20 -9.00
N ALA F 262 -72.49 42.77 -8.07
CA ALA F 262 -72.38 41.34 -7.77
C ALA F 262 -73.66 40.80 -7.14
N LYS F 263 -74.25 41.53 -6.18
CA LYS F 263 -75.47 41.05 -5.51
C LYS F 263 -76.67 41.06 -6.45
N VAL F 264 -76.84 42.15 -7.20
CA VAL F 264 -78.00 42.34 -8.07
C VAL F 264 -77.85 41.65 -9.42
N GLY F 265 -76.62 41.48 -9.90
CA GLY F 265 -76.38 40.89 -11.20
C GLY F 265 -76.58 41.85 -12.36
N CYS F 266 -76.35 43.14 -12.16
CA CYS F 266 -76.52 44.10 -13.25
C CYS F 266 -75.17 44.60 -13.73
N ASN F 267 -75.20 45.41 -14.79
CA ASN F 267 -74.00 46.10 -15.23
C ASN F 267 -73.78 47.31 -14.34
N ILE F 268 -72.52 47.72 -14.25
CA ILE F 268 -72.12 48.89 -13.48
C ILE F 268 -72.90 50.12 -13.94
N THR F 269 -73.11 50.27 -15.25
CA THR F 269 -73.80 51.46 -15.72
C THR F 269 -75.28 51.46 -15.37
N ASP F 270 -75.86 50.32 -14.97
CA ASP F 270 -77.25 50.32 -14.53
C ASP F 270 -77.44 51.02 -13.20
N ILE F 271 -76.37 51.25 -12.45
CA ILE F 271 -76.44 51.80 -11.10
C ILE F 271 -76.35 53.32 -11.15
N SER F 272 -77.24 53.99 -10.42
CA SER F 272 -77.26 55.44 -10.35
C SER F 272 -77.46 55.88 -8.91
N ARG F 273 -76.99 57.09 -8.62
CA ARG F 273 -77.27 57.78 -7.35
C ARG F 273 -76.78 56.96 -6.16
N PHE F 274 -75.48 56.66 -6.16
CA PHE F 274 -74.79 56.03 -5.05
C PHE F 274 -73.74 56.99 -4.53
N ALA F 275 -73.47 56.93 -3.22
CA ALA F 275 -72.50 57.86 -2.65
C ALA F 275 -71.91 57.30 -1.36
N ILE F 276 -70.68 57.72 -1.08
CA ILE F 276 -70.01 57.45 0.19
C ILE F 276 -69.99 58.76 1.00
N TRP F 277 -70.45 58.70 2.25
CA TRP F 277 -70.39 59.85 3.16
C TRP F 277 -69.27 59.66 4.16
N GLY F 278 -68.62 60.77 4.54
CA GLY F 278 -67.79 60.75 5.72
C GLY F 278 -66.30 60.63 5.51
N ASN F 279 -65.67 59.85 6.39
CA ASN F 279 -64.24 59.65 6.42
C ASN F 279 -63.84 58.50 5.49
N HIS F 280 -62.67 58.62 4.86
CA HIS F 280 -62.11 57.47 4.14
C HIS F 280 -61.54 56.51 5.17
N SER F 281 -62.42 55.68 5.73
CA SER F 281 -62.04 54.80 6.83
C SER F 281 -63.20 53.85 7.07
N ALA F 282 -63.05 53.00 8.09
CA ALA F 282 -64.11 52.05 8.43
C ALA F 282 -65.37 52.69 9.00
N THR F 283 -65.36 53.98 9.36
CA THR F 283 -66.60 54.64 9.77
C THR F 283 -67.36 55.24 8.59
N GLN F 284 -66.85 55.05 7.37
CA GLN F 284 -67.56 55.57 6.21
C GLN F 284 -68.98 55.04 6.16
N TYR F 285 -69.85 55.82 5.54
CA TYR F 285 -71.23 55.41 5.32
C TYR F 285 -71.51 55.25 3.83
N PRO F 286 -71.45 54.03 3.30
CA PRO F 286 -71.90 53.80 1.91
C PRO F 286 -73.42 53.86 1.87
N ASP F 287 -73.96 54.79 1.08
CA ASP F 287 -75.36 55.20 1.19
C ASP F 287 -76.14 54.71 -0.02
N LEU F 288 -77.03 53.74 0.20
CA LEU F 288 -77.90 53.25 -0.85
C LEU F 288 -79.25 53.92 -0.86
N SER F 289 -79.46 54.95 -0.02
CA SER F 289 -80.81 55.47 0.19
C SER F 289 -81.46 55.95 -1.10
N PHE F 290 -80.67 56.47 -2.04
CA PHE F 290 -81.22 57.04 -3.26
C PHE F 290 -80.86 56.22 -4.49
N THR F 291 -80.19 55.11 -4.31
CA THR F 291 -79.63 54.36 -5.42
C THR F 291 -80.72 53.74 -6.27
N THR F 292 -80.55 53.78 -7.58
CA THR F 292 -81.51 53.15 -8.47
C THR F 292 -80.79 52.18 -9.40
N ILE F 293 -81.53 51.18 -9.86
CA ILE F 293 -81.01 50.21 -10.83
C ILE F 293 -81.95 50.24 -12.03
N LYS F 294 -81.38 50.48 -13.21
CA LYS F 294 -82.14 50.72 -14.43
C LYS F 294 -83.27 49.71 -14.59
N GLY F 295 -84.48 50.21 -14.71
CA GLY F 295 -85.63 49.37 -14.93
C GLY F 295 -86.22 48.75 -13.69
N GLN F 296 -85.46 48.68 -12.59
CA GLN F 296 -85.90 47.97 -11.39
C GLN F 296 -86.50 49.00 -10.43
N TRP F 297 -87.82 49.06 -10.40
CA TRP F 297 -88.55 50.01 -9.57
C TRP F 297 -89.36 49.32 -8.49
N GLY F 298 -89.30 47.99 -8.45
CA GLY F 298 -90.06 47.16 -7.54
C GLY F 298 -89.15 46.36 -6.63
N LEU F 299 -89.43 45.07 -6.47
CA LEU F 299 -88.64 44.25 -5.57
C LEU F 299 -87.17 44.29 -5.97
N ASN F 300 -86.30 44.67 -5.02
CA ASN F 300 -84.87 44.77 -5.30
C ASN F 300 -84.11 44.67 -3.99
N VAL F 301 -83.02 43.88 -4.00
CA VAL F 301 -82.27 43.62 -2.79
C VAL F 301 -81.65 44.88 -2.17
N ILE F 302 -81.41 45.92 -2.96
CA ILE F 302 -80.81 47.12 -2.41
C ILE F 302 -81.78 47.93 -1.56
N ASN F 303 -83.05 47.55 -1.50
CA ASN F 303 -83.99 48.15 -0.57
C ASN F 303 -83.97 47.50 0.81
N ASP F 304 -83.41 46.29 0.90
CA ASP F 304 -83.49 45.47 2.11
C ASP F 304 -82.57 46.06 3.16
N GLU F 305 -83.16 46.72 4.17
CA GLU F 305 -82.34 47.37 5.19
CA GLU F 305 -82.35 47.38 5.19
C GLU F 305 -81.56 46.37 6.01
N GLN F 306 -82.05 45.15 6.12
CA GLN F 306 -81.27 44.14 6.84
C GLN F 306 -80.02 43.75 6.06
N TRP F 307 -80.13 43.60 4.74
CA TRP F 307 -78.94 43.29 3.95
C TRP F 307 -77.97 44.47 3.94
N ILE F 308 -78.50 45.70 3.82
CA ILE F 308 -77.66 46.90 3.85
C ILE F 308 -76.82 46.93 5.13
N THR F 309 -77.51 46.80 6.28
CA THR F 309 -76.87 46.95 7.58
C THR F 309 -75.93 45.80 7.91
N ASN F 310 -76.32 44.57 7.60
CA ASN F 310 -75.55 43.43 8.05
C ASN F 310 -74.52 42.95 7.06
N GLU F 311 -74.66 43.30 5.78
CA GLU F 311 -73.72 42.78 4.80
C GLU F 311 -73.08 43.89 3.97
N PHE F 312 -73.89 44.66 3.24
CA PHE F 312 -73.35 45.63 2.28
C PHE F 312 -72.39 46.61 2.96
N ILE F 313 -72.89 47.34 3.95
CA ILE F 313 -72.06 48.37 4.61
C ILE F 313 -70.79 47.78 5.22
N PRO F 314 -70.85 46.72 6.03
CA PRO F 314 -69.60 46.16 6.55
C PRO F 314 -68.67 45.64 5.45
N ASN F 315 -69.24 45.06 4.38
CA ASN F 315 -68.38 44.59 3.29
C ASN F 315 -67.67 45.73 2.60
N VAL F 316 -68.34 46.88 2.46
CA VAL F 316 -67.66 48.03 1.86
C VAL F 316 -66.61 48.57 2.82
N GLN F 317 -66.94 48.59 4.11
CA GLN F 317 -66.02 49.13 5.10
C GLN F 317 -64.77 48.26 5.24
N GLN F 318 -64.90 46.94 5.08
CA GLN F 318 -63.78 46.02 5.32
C GLN F 318 -63.16 45.48 4.04
N ARG F 319 -63.49 46.08 2.90
CA ARG F 319 -63.03 45.55 1.62
C ARG F 319 -61.51 45.55 1.54
N GLY F 320 -60.85 46.57 2.08
CA GLY F 320 -59.40 46.61 2.06
C GLY F 320 -58.78 45.44 2.79
N ALA F 321 -59.37 45.08 3.94
CA ALA F 321 -58.84 43.96 4.71
C ALA F 321 -59.01 42.63 3.98
N ALA F 322 -60.11 42.46 3.26
CA ALA F 322 -60.33 41.19 2.56
C ALA F 322 -59.28 40.97 1.48
N ILE F 323 -58.96 42.01 0.70
CA ILE F 323 -57.96 41.85 -0.35
C ILE F 323 -56.59 41.54 0.25
N ILE F 324 -56.23 42.20 1.35
CA ILE F 324 -54.97 41.88 2.01
C ILE F 324 -54.96 40.42 2.45
N LYS F 325 -56.10 39.92 2.93
CA LYS F 325 -56.18 38.53 3.34
C LYS F 325 -55.99 37.60 2.14
N ALA F 326 -56.51 37.99 0.98
CA ALA F 326 -56.37 37.13 -0.19
C ALA F 326 -55.00 37.29 -0.84
N ARG F 327 -54.52 38.53 -1.01
CA ARG F 327 -53.30 38.75 -1.76
C ARG F 327 -52.06 38.86 -0.90
N GLY F 328 -52.19 39.22 0.37
CA GLY F 328 -51.04 39.46 1.21
C GLY F 328 -50.44 40.84 1.06
N LYS F 329 -51.00 41.68 0.19
CA LYS F 329 -50.55 43.04 -0.01
C LYS F 329 -51.78 43.91 -0.18
N SER F 330 -51.59 45.22 -0.01
CA SER F 330 -52.70 46.14 -0.15
C SER F 330 -53.06 46.33 -1.62
N SER F 331 -54.21 46.97 -1.85
CA SER F 331 -54.83 47.05 -3.18
C SER F 331 -54.29 48.23 -3.99
N ALA F 332 -53.00 48.16 -4.32
CA ALA F 332 -52.36 49.25 -5.04
C ALA F 332 -53.01 49.50 -6.41
N ALA F 333 -53.29 48.45 -7.18
CA ALA F 333 -53.83 48.65 -8.53
C ALA F 333 -55.21 49.29 -8.50
N SER F 334 -56.11 48.81 -7.64
CA SER F 334 -57.43 49.43 -7.65
C SER F 334 -57.39 50.82 -7.03
N ALA F 335 -56.48 51.06 -6.09
CA ALA F 335 -56.31 52.43 -5.61
C ALA F 335 -55.86 53.38 -6.73
N ALA F 336 -54.89 52.94 -7.56
CA ALA F 336 -54.48 53.78 -8.68
C ALA F 336 -55.65 54.03 -9.62
N ASP F 337 -56.43 52.99 -9.88
CA ASP F 337 -57.61 53.14 -10.73
C ASP F 337 -58.59 54.17 -10.15
N ALA F 338 -58.85 54.10 -8.83
CA ALA F 338 -59.74 55.09 -8.22
C ALA F 338 -59.18 56.50 -8.37
N ALA F 339 -57.86 56.64 -8.24
CA ALA F 339 -57.21 57.94 -8.44
C ALA F 339 -57.38 58.43 -9.87
N ILE F 340 -57.16 57.55 -10.84
CA ILE F 340 -57.35 57.91 -12.24
C ILE F 340 -58.76 58.39 -12.49
N LYS F 341 -59.75 57.65 -11.99
CA LYS F 341 -61.14 58.04 -12.18
C LYS F 341 -61.46 59.34 -11.46
N HIS F 342 -60.98 59.50 -10.23
CA HIS F 342 -61.26 60.72 -9.48
C HIS F 342 -60.81 61.95 -10.26
N MET F 343 -59.55 61.97 -10.69
CA MET F 343 -59.05 63.11 -11.45
C MET F 343 -59.76 63.24 -12.79
N HIS F 344 -59.95 62.12 -13.49
CA HIS F 344 -60.58 62.16 -14.79
C HIS F 344 -61.95 62.85 -14.72
N ASP F 345 -62.80 62.40 -13.80
CA ASP F 345 -64.10 63.03 -13.64
C ASP F 345 -63.96 64.46 -13.16
N TRP F 346 -63.01 64.72 -12.25
CA TRP F 346 -62.80 66.09 -11.78
C TRP F 346 -62.52 67.01 -12.95
N VAL F 347 -61.69 66.55 -13.89
CA VAL F 347 -61.28 67.41 -14.99
C VAL F 347 -62.29 67.39 -16.12
N LEU F 348 -62.80 66.22 -16.48
CA LEU F 348 -63.63 66.08 -17.66
C LEU F 348 -65.11 65.91 -17.36
N GLY F 349 -65.51 65.76 -16.11
CA GLY F 349 -66.92 65.67 -15.77
C GLY F 349 -67.42 64.23 -15.85
N ASN F 350 -68.57 64.02 -15.20
CA ASN F 350 -69.21 62.72 -15.14
C ASN F 350 -70.66 62.97 -14.80
N SER F 351 -71.58 62.40 -15.58
CA SER F 351 -72.99 62.70 -15.36
C SER F 351 -73.54 61.98 -14.14
N GLU F 352 -72.83 60.97 -13.64
CA GLU F 352 -73.28 60.21 -12.48
C GLU F 352 -72.77 60.81 -11.19
N TRP F 353 -73.50 60.57 -10.10
CA TRP F 353 -73.00 60.90 -8.79
C TRP F 353 -71.69 60.18 -8.54
N VAL F 354 -70.69 60.90 -8.06
CA VAL F 354 -69.49 60.28 -7.54
C VAL F 354 -69.22 60.86 -6.18
N SER F 355 -68.39 60.14 -5.41
CA SER F 355 -67.98 60.56 -4.08
C SER F 355 -66.61 61.23 -4.13
N MET F 356 -66.50 62.35 -3.41
CA MET F 356 -65.25 63.06 -3.16
C MET F 356 -65.29 63.56 -1.73
N ALA F 357 -64.15 63.48 -1.04
CA ALA F 357 -63.99 64.11 0.26
C ALA F 357 -63.62 65.57 0.04
N ILE F 358 -64.52 66.48 0.43
CA ILE F 358 -64.43 67.90 0.05
C ILE F 358 -64.54 68.75 1.31
N PRO F 359 -64.07 70.00 1.24
CA PRO F 359 -64.25 70.92 2.38
C PRO F 359 -65.73 71.17 2.67
N SER F 360 -66.12 70.95 3.91
CA SER F 360 -67.50 71.16 4.32
C SER F 360 -67.81 72.65 4.46
N ARG F 361 -68.80 73.11 3.69
CA ARG F 361 -69.45 74.40 3.89
C ARG F 361 -70.79 74.25 4.61
N GLY F 362 -70.95 73.19 5.40
CA GLY F 362 -72.20 72.98 6.10
C GLY F 362 -73.30 72.33 5.29
N GLN F 363 -72.99 71.80 4.10
CA GLN F 363 -74.00 71.05 3.35
C GLN F 363 -74.61 69.97 4.23
N TYR F 364 -75.94 69.86 4.20
CA TYR F 364 -76.66 68.89 5.03
C TYR F 364 -76.33 69.03 6.51
N GLY F 365 -75.90 70.21 6.93
CA GLY F 365 -75.55 70.42 8.33
C GLY F 365 -74.23 69.85 8.77
N ILE F 366 -73.38 69.41 7.85
CA ILE F 366 -72.09 68.81 8.22
C ILE F 366 -71.20 69.87 8.85
N PRO F 367 -70.53 69.58 9.96
CA PRO F 367 -69.72 70.60 10.64
C PRO F 367 -68.69 71.22 9.70
N ARG F 368 -68.47 72.52 9.87
CA ARG F 368 -67.56 73.24 8.99
C ARG F 368 -66.10 72.95 9.34
N GLY F 369 -65.23 73.12 8.34
CA GLY F 369 -63.80 73.00 8.58
C GLY F 369 -63.24 71.60 8.49
N ILE F 370 -64.06 70.59 8.27
CA ILE F 370 -63.56 69.24 8.04
C ILE F 370 -63.76 68.91 6.57
N TRP F 371 -62.95 67.97 6.09
CA TRP F 371 -63.14 67.42 4.76
C TRP F 371 -63.99 66.17 4.89
N CYS F 372 -65.05 66.09 4.10
CA CYS F 372 -66.06 65.07 4.27
C CYS F 372 -66.53 64.60 2.91
N SER F 373 -66.61 63.29 2.74
CA SER F 373 -67.11 62.76 1.47
C SER F 373 -68.62 62.99 1.37
N MET F 374 -69.05 63.43 0.20
CA MET F 374 -70.44 63.71 -0.10
C MET F 374 -70.73 63.29 -1.53
N PRO F 375 -71.99 63.04 -1.86
CA PRO F 375 -72.36 62.89 -3.28
C PRO F 375 -72.15 64.20 -4.01
N VAL F 376 -71.34 64.16 -5.07
CA VAL F 376 -71.14 65.36 -5.86
C VAL F 376 -71.33 65.01 -7.32
N GLN F 377 -71.67 66.02 -8.11
CA GLN F 377 -71.61 65.91 -9.56
C GLN F 377 -70.39 66.68 -10.04
N CYS F 378 -69.53 66.02 -10.81
CA CYS F 378 -68.39 66.70 -11.44
C CYS F 378 -68.83 67.23 -12.79
N PHE F 379 -68.87 68.54 -12.92
CA PHE F 379 -69.29 69.15 -14.16
C PHE F 379 -68.15 69.29 -15.16
N GLY F 380 -66.92 69.00 -14.74
CA GLY F 380 -65.76 69.21 -15.57
C GLY F 380 -65.06 70.52 -15.25
N ALA F 381 -63.88 70.67 -15.83
CA ALA F 381 -63.08 71.87 -15.67
C ALA F 381 -62.81 72.17 -14.20
N GLY F 382 -62.68 71.14 -13.38
CA GLY F 382 -62.36 71.33 -11.98
C GLY F 382 -63.52 71.72 -11.09
N LYS F 383 -64.74 71.83 -11.63
CA LYS F 383 -65.88 72.30 -10.87
C LYS F 383 -66.81 71.15 -10.50
N TYR F 384 -67.19 71.08 -9.22
CA TYR F 384 -68.15 70.07 -8.77
C TYR F 384 -69.15 70.71 -7.83
N GLY F 385 -70.28 70.03 -7.66
CA GLY F 385 -71.32 70.52 -6.78
C GLY F 385 -72.00 69.40 -6.02
N VAL F 386 -72.20 69.64 -4.72
CA VAL F 386 -72.88 68.67 -3.88
C VAL F 386 -74.29 68.45 -4.40
N ILE F 387 -74.72 67.18 -4.45
CA ILE F 387 -76.10 66.91 -4.83
C ILE F 387 -77.00 67.54 -3.78
N GLU F 388 -77.95 68.35 -4.25
CA GLU F 388 -78.83 69.13 -3.37
C GLU F 388 -80.19 68.45 -3.25
N GLY F 389 -80.89 68.79 -2.17
CA GLY F 389 -82.27 68.39 -2.00
C GLY F 389 -82.51 67.03 -1.40
N LEU F 390 -81.48 66.34 -0.96
CA LEU F 390 -81.66 64.98 -0.50
C LEU F 390 -82.24 64.96 0.91
N PRO F 391 -83.35 64.27 1.15
CA PRO F 391 -83.82 64.10 2.53
C PRO F 391 -82.98 63.02 3.23
N ILE F 392 -82.39 63.37 4.37
CA ILE F 392 -81.54 62.45 5.11
C ILE F 392 -82.38 61.84 6.22
N ASN F 393 -82.65 60.54 6.15
CA ASN F 393 -83.44 59.91 7.20
C ASN F 393 -82.56 59.66 8.41
N SER F 394 -83.19 59.17 9.48
CA SER F 394 -82.50 59.08 10.75
C SER F 394 -81.39 58.03 10.73
N PHE F 395 -81.59 56.93 10.01
CA PHE F 395 -80.52 55.95 9.93
C PHE F 395 -79.29 56.54 9.24
N SER F 396 -79.50 57.29 8.16
CA SER F 396 -78.38 57.97 7.52
C SER F 396 -77.74 58.99 8.45
N ALA F 397 -78.55 59.84 9.10
CA ALA F 397 -77.98 60.85 9.97
C ALA F 397 -77.12 60.20 11.05
N ASP F 398 -77.58 59.08 11.60
CA ASP F 398 -76.80 58.33 12.57
C ASP F 398 -75.45 57.92 11.99
N ARG F 399 -75.47 57.28 10.80
CA ARG F 399 -74.23 56.75 10.23
C ARG F 399 -73.29 57.87 9.84
N ILE F 400 -73.80 58.91 9.17
CA ILE F 400 -72.98 60.06 8.80
C ILE F 400 -72.36 60.69 10.04
N ASN F 401 -73.17 60.84 11.10
CA ASN F 401 -72.69 61.46 12.35
C ASN F 401 -71.56 60.65 12.96
N ALA F 402 -71.67 59.32 12.92
CA ALA F 402 -70.60 58.49 13.45
C ALA F 402 -69.28 58.76 12.72
N SER F 403 -69.35 59.00 11.41
CA SER F 403 -68.12 59.27 10.66
C SER F 403 -67.64 60.69 10.89
N VAL F 404 -68.59 61.64 10.97
CA VAL F 404 -68.25 63.01 11.33
C VAL F 404 -67.56 63.04 12.70
N LYS F 405 -68.04 62.21 13.63
CA LYS F 405 -67.39 62.12 14.93
C LYS F 405 -65.91 61.79 14.78
N GLU F 406 -65.60 60.85 13.91
CA GLU F 406 -64.20 60.48 13.76
C GLU F 406 -63.40 61.61 13.11
N LEU F 407 -63.99 62.28 12.11
CA LEU F 407 -63.29 63.38 11.45
C LEU F 407 -63.00 64.53 12.40
N ILE F 408 -63.95 64.85 13.28
CA ILE F 408 -63.71 65.89 14.27
C ILE F 408 -62.55 65.48 15.17
N GLU F 409 -62.58 64.24 15.63
CA GLU F 409 -61.53 63.72 16.52
C GLU F 409 -60.17 63.75 15.83
N GLU F 410 -60.12 63.36 14.56
CA GLU F 410 -58.85 63.44 13.82
C GLU F 410 -58.35 64.87 13.76
N LYS F 411 -59.26 65.84 13.57
CA LYS F 411 -58.86 67.24 13.48
C LYS F 411 -58.27 67.73 14.81
N LYS F 412 -58.89 67.35 15.93
CA LYS F 412 -58.35 67.75 17.24
C LYS F 412 -56.95 67.21 17.45
N ILE F 413 -56.63 66.04 16.89
CA ILE F 413 -55.31 65.45 17.09
C ILE F 413 -54.23 66.28 16.39
N VAL F 414 -54.52 66.82 15.22
CA VAL F 414 -53.53 67.55 14.44
C VAL F 414 -53.74 69.06 14.55
N GLU F 415 -54.53 69.52 15.53
CA GLU F 415 -55.01 70.90 15.58
C GLU F 415 -53.91 71.93 15.40
N ASN F 416 -52.69 71.62 15.82
CA ASN F 416 -51.60 72.59 15.90
C ASN F 416 -50.78 72.68 14.62
N LEU F 417 -51.12 71.92 13.58
CA LEU F 417 -50.47 72.04 12.28
C LEU F 417 -51.25 72.94 11.32
N LEU F 418 -52.17 73.74 11.86
CA LEU F 418 -52.96 74.70 11.06
C LEU F 418 -52.32 76.09 11.04
N GLN G 93 65.26 -49.73 39.14
CA GLN G 93 65.44 -50.62 38.00
C GLN G 93 65.48 -49.83 36.69
N LEU G 94 65.03 -48.59 36.73
CA LEU G 94 64.94 -47.76 35.54
C LEU G 94 66.21 -46.94 35.35
N ALA G 95 66.66 -46.84 34.12
CA ALA G 95 67.82 -46.04 33.79
C ALA G 95 67.44 -44.56 33.80
N PRO G 96 68.43 -43.66 33.83
CA PRO G 96 68.12 -42.25 33.67
C PRO G 96 67.53 -41.98 32.30
N PRO G 97 66.67 -40.98 32.18
CA PRO G 97 65.96 -40.77 30.91
C PRO G 97 66.91 -40.28 29.82
N VAL G 98 66.56 -40.64 28.57
CA VAL G 98 67.25 -40.11 27.40
C VAL G 98 66.25 -39.25 26.63
N THR G 99 66.79 -38.33 25.83
CA THR G 99 66.02 -37.38 25.04
C THR G 99 66.14 -37.68 23.55
N ILE G 100 65.00 -37.81 22.86
CA ILE G 100 64.93 -38.14 21.44
C ILE G 100 64.19 -37.03 20.70
N THR G 101 64.84 -36.44 19.72
CA THR G 101 64.22 -35.46 18.83
C THR G 101 63.74 -36.13 17.55
N VAL G 102 62.49 -35.85 17.19
CA VAL G 102 61.91 -36.37 15.97
C VAL G 102 61.32 -35.21 15.18
N SER G 103 61.84 -34.99 13.97
CA SER G 103 61.29 -34.00 13.06
C SER G 103 60.21 -34.63 12.21
N GLY G 104 59.50 -33.81 11.44
CA GLY G 104 58.36 -34.31 10.68
C GLY G 104 57.35 -35.03 11.54
N ALA G 105 57.16 -34.56 12.78
CA ALA G 105 56.42 -35.32 13.80
C ALA G 105 54.93 -35.40 13.55
N CYS G 106 54.37 -34.63 12.62
CA CYS G 106 52.98 -34.81 12.22
C CYS G 106 52.76 -35.80 11.09
N GLY G 107 53.81 -36.23 10.42
CA GLY G 107 53.66 -37.04 9.21
C GLY G 107 53.23 -38.47 9.49
N GLN G 108 53.06 -39.22 8.40
CA GLN G 108 52.55 -40.58 8.50
C GLN G 108 53.58 -41.53 9.12
N ILE G 109 54.86 -41.36 8.81
CA ILE G 109 55.88 -42.19 9.42
C ILE G 109 55.93 -41.97 10.92
N ALA G 110 55.91 -40.69 11.34
CA ALA G 110 55.91 -40.37 12.76
C ALA G 110 54.73 -41.00 13.49
N ASN G 111 53.55 -41.05 12.83
CA ASN G 111 52.37 -41.64 13.47
C ASN G 111 52.62 -43.07 13.90
N SER G 112 53.41 -43.83 13.13
CA SER G 112 53.78 -45.18 13.54
C SER G 112 55.03 -45.21 14.41
N LEU G 113 56.00 -44.32 14.16
CA LEU G 113 57.26 -44.36 14.88
C LEU G 113 57.10 -44.03 16.36
N LEU G 114 56.39 -42.94 16.67
CA LEU G 114 56.42 -42.37 18.02
C LEU G 114 55.82 -43.33 19.05
N PHE G 115 54.78 -44.06 18.70
CA PHE G 115 54.20 -45.03 19.62
C PHE G 115 55.15 -46.18 19.89
N ARG G 116 56.02 -46.51 18.95
CA ARG G 116 56.98 -47.59 19.13
C ARG G 116 58.30 -47.10 19.71
N ILE G 117 58.42 -45.81 19.96
CA ILE G 117 59.39 -45.31 20.92
C ILE G 117 58.79 -45.24 22.32
N ALA G 118 57.60 -44.67 22.44
CA ALA G 118 57.02 -44.49 23.76
C ALA G 118 56.74 -45.83 24.45
N ASN G 119 56.50 -46.89 23.68
CA ASN G 119 56.19 -48.18 24.28
C ASN G 119 57.43 -48.88 24.83
N GLY G 120 58.61 -48.31 24.62
CA GLY G 120 59.84 -48.93 25.05
C GLY G 120 60.46 -49.89 24.03
N GLU G 121 59.88 -50.02 22.85
CA GLU G 121 60.42 -50.99 21.90
C GLU G 121 61.79 -50.55 21.37
N MET G 122 61.94 -49.26 21.03
CA MET G 122 63.16 -48.83 20.35
C MET G 122 64.39 -48.91 21.24
N LEU G 123 64.30 -48.46 22.51
CA LEU G 123 65.46 -48.35 23.36
C LEU G 123 65.47 -49.29 24.56
N GLY G 124 64.42 -50.09 24.75
CA GLY G 124 64.43 -51.04 25.85
C GLY G 124 63.39 -50.74 26.90
N GLU G 125 62.85 -51.78 27.52
CA GLU G 125 61.72 -51.63 28.42
C GLU G 125 62.08 -50.91 29.72
N ASN G 126 63.36 -50.75 30.04
CA ASN G 126 63.71 -50.07 31.27
C ASN G 126 64.37 -48.71 31.02
N GLN G 127 64.18 -48.14 29.83
CA GLN G 127 64.80 -46.88 29.43
C GLN G 127 63.75 -45.82 29.22
N PRO G 128 63.51 -44.94 30.23
CA PRO G 128 62.54 -43.85 30.06
C PRO G 128 63.01 -42.86 29.00
N VAL G 129 62.04 -42.28 28.31
CA VAL G 129 62.35 -41.44 27.15
C VAL G 129 61.60 -40.13 27.26
N LYS G 130 62.22 -39.09 26.72
CA LYS G 130 61.61 -37.78 26.54
C LYS G 130 61.57 -37.46 25.06
N LEU G 131 60.40 -37.07 24.56
CA LEU G 131 60.24 -36.76 23.14
C LEU G 131 60.26 -35.26 22.93
N ARG G 132 61.09 -34.82 21.99
CA ARG G 132 61.08 -33.44 21.52
C ARG G 132 60.65 -33.45 20.05
N LEU G 133 59.45 -32.94 19.78
CA LEU G 133 58.80 -33.11 18.49
C LEU G 133 58.92 -31.80 17.72
N LEU G 134 59.48 -31.89 16.51
CA LEU G 134 59.73 -30.72 15.67
C LEU G 134 58.81 -30.77 14.46
N GLU G 135 58.20 -29.64 14.12
CA GLU G 135 57.38 -29.56 12.92
C GLU G 135 57.52 -28.17 12.32
N ARG G 136 56.99 -28.02 11.10
CA ARG G 136 56.90 -26.72 10.47
C ARG G 136 55.91 -25.84 11.25
N PRO G 137 56.07 -24.52 11.18
CA PRO G 137 55.16 -23.63 11.92
C PRO G 137 53.70 -23.86 11.61
N GLU G 138 53.35 -24.15 10.36
CA GLU G 138 51.95 -24.29 10.00
C GLU G 138 51.36 -25.60 10.51
N ALA G 139 52.16 -26.51 11.07
CA ALA G 139 51.66 -27.79 11.53
C ALA G 139 51.56 -27.87 13.05
N MET G 140 51.72 -26.74 13.74
CA MET G 140 51.76 -26.81 15.19
C MET G 140 50.42 -27.19 15.79
N LYS G 141 49.31 -26.73 15.20
CA LYS G 141 48.00 -27.11 15.74
C LYS G 141 47.81 -28.62 15.67
N ALA G 142 48.19 -29.23 14.53
CA ALA G 142 48.08 -30.67 14.41
C ALA G 142 49.05 -31.38 15.34
N LEU G 143 50.23 -30.80 15.57
CA LEU G 143 51.18 -31.48 16.43
C LEU G 143 50.64 -31.59 17.86
N GLU G 144 49.80 -30.65 18.27
CA GLU G 144 49.10 -30.79 19.56
C GLU G 144 48.27 -32.07 19.59
N GLY G 145 47.61 -32.40 18.48
CA GLY G 145 46.88 -33.65 18.42
C GLY G 145 47.77 -34.88 18.57
N VAL G 146 48.98 -34.83 18.01
CA VAL G 146 49.93 -35.93 18.17
C VAL G 146 50.26 -36.14 19.64
N LYS G 147 50.55 -35.05 20.36
CA LYS G 147 50.82 -35.17 21.79
C LYS G 147 49.61 -35.76 22.52
N MET G 148 48.41 -35.32 22.17
CA MET G 148 47.21 -35.84 22.82
C MET G 148 47.12 -37.36 22.66
N GLU G 149 47.33 -37.87 21.43
CA GLU G 149 47.26 -39.30 21.19
C GLU G 149 48.36 -40.03 21.94
N LEU G 150 49.56 -39.45 22.00
CA LEU G 150 50.65 -40.10 22.71
C LEU G 150 50.38 -40.16 24.22
N ASP G 151 49.89 -39.05 24.79
CA ASP G 151 49.44 -39.09 26.18
C ASP G 151 48.38 -40.15 26.37
N ASP G 152 47.44 -40.25 25.44
CA ASP G 152 46.39 -41.26 25.56
C ASP G 152 46.91 -42.67 25.40
N GLY G 153 48.18 -42.85 25.04
CA GLY G 153 48.81 -44.14 25.15
C GLY G 153 49.17 -44.54 26.59
N ALA G 154 49.14 -43.60 27.52
CA ALA G 154 49.37 -43.87 28.94
C ALA G 154 50.67 -44.63 29.15
N PHE G 155 51.72 -44.20 28.46
CA PHE G 155 52.98 -44.94 28.43
C PHE G 155 53.79 -44.63 29.68
N PRO G 156 54.12 -45.64 30.50
CA PRO G 156 54.93 -45.37 31.70
C PRO G 156 56.30 -44.82 31.41
N LEU G 157 56.91 -45.17 30.26
CA LEU G 157 58.27 -44.75 29.97
C LEU G 157 58.35 -43.35 29.38
N LEU G 158 57.23 -42.79 28.91
CA LEU G 158 57.27 -41.48 28.26
C LEU G 158 57.20 -40.41 29.34
N GLU G 159 58.36 -39.83 29.66
CA GLU G 159 58.46 -38.87 30.76
C GLU G 159 58.05 -37.47 30.33
N GLU G 160 58.20 -37.12 29.05
CA GLU G 160 57.88 -35.76 28.63
C GLU G 160 57.63 -35.73 27.13
N ILE G 161 56.72 -34.85 26.72
CA ILE G 161 56.49 -34.54 25.32
C ILE G 161 56.58 -33.03 25.17
N TYR G 162 57.61 -32.57 24.44
CA TYR G 162 57.86 -31.17 24.16
C TYR G 162 57.63 -30.91 22.67
N LEU G 163 56.88 -29.86 22.35
CA LEU G 163 56.52 -29.53 20.97
C LEU G 163 57.18 -28.23 20.54
N THR G 164 57.67 -28.17 19.31
CA THR G 164 58.28 -26.92 18.87
C THR G 164 58.35 -26.87 17.34
N ASP G 165 58.39 -25.65 16.82
CA ASP G 165 58.75 -25.41 15.42
C ASP G 165 60.13 -24.78 15.31
N SER G 166 60.95 -24.89 16.35
CA SER G 166 62.29 -24.30 16.38
C SER G 166 63.31 -25.42 16.47
N GLU G 167 64.23 -25.45 15.49
CA GLU G 167 65.26 -26.48 15.46
C GLU G 167 66.16 -26.39 16.68
N ASN G 168 66.58 -25.19 17.05
CA ASN G 168 67.46 -25.05 18.22
C ASN G 168 66.77 -25.56 19.48
N ASP G 169 65.51 -25.19 19.69
CA ASP G 169 64.81 -25.73 20.85
C ASP G 169 64.66 -27.26 20.74
N ALA G 170 64.36 -27.75 19.54
CA ALA G 170 64.09 -29.17 19.35
C ALA G 170 65.26 -30.04 19.78
N PHE G 171 66.49 -29.66 19.41
CA PHE G 171 67.65 -30.51 19.63
C PHE G 171 68.34 -30.32 20.98
N ARG G 172 67.85 -29.42 21.84
CA ARG G 172 68.44 -29.21 23.17
C ARG G 172 68.55 -30.52 23.94
N GLY G 173 69.79 -30.87 24.33
CA GLY G 173 70.04 -32.08 25.07
C GLY G 173 69.68 -33.39 24.37
N ALA G 174 69.54 -33.40 23.05
CA ALA G 174 69.13 -34.64 22.39
C ALA G 174 70.22 -35.71 22.52
N ASP G 175 69.80 -36.91 22.89
CA ASP G 175 70.64 -38.09 22.86
C ASP G 175 70.51 -38.87 21.56
N TYR G 176 69.36 -38.76 20.91
CA TYR G 176 69.09 -39.43 19.66
C TYR G 176 68.27 -38.45 18.83
N ALA G 177 68.43 -38.53 17.51
CA ALA G 177 67.62 -37.71 16.61
C ALA G 177 67.22 -38.55 15.41
N ILE G 178 65.94 -38.51 15.09
CA ILE G 178 65.40 -39.17 13.91
C ILE G 178 64.77 -38.09 13.06
N LEU G 179 65.35 -37.84 11.89
CA LEU G 179 65.00 -36.71 11.04
C LEU G 179 64.14 -37.22 9.90
N LEU G 180 62.83 -37.03 10.04
CA LEU G 180 61.84 -37.44 9.05
C LEU G 180 61.45 -36.31 8.12
N GLY G 181 61.51 -35.07 8.61
CA GLY G 181 61.01 -33.95 7.82
C GLY G 181 61.99 -33.51 6.75
N GLY G 182 61.44 -33.13 5.60
CA GLY G 182 62.23 -32.65 4.49
C GLY G 182 61.30 -32.10 3.42
N LYS G 183 61.87 -31.82 2.26
CA LYS G 183 61.05 -31.37 1.14
C LYS G 183 60.89 -32.54 0.18
N PRO G 184 59.69 -33.12 0.04
CA PRO G 184 59.52 -34.23 -0.89
C PRO G 184 59.56 -33.78 -2.35
N ARG G 185 59.98 -34.69 -3.21
CA ARG G 185 59.97 -34.46 -4.66
C ARG G 185 58.57 -34.75 -5.21
N GLY G 186 57.78 -33.70 -5.43
CA GLY G 186 56.50 -33.87 -6.07
C GLY G 186 56.65 -34.10 -7.56
N PRO G 187 55.51 -34.29 -8.24
CA PRO G 187 55.55 -34.42 -9.70
C PRO G 187 56.04 -33.13 -10.35
N GLY G 188 56.95 -33.28 -11.31
CA GLY G 188 57.46 -32.14 -12.06
C GLY G 188 58.45 -31.26 -11.33
N MET G 189 58.73 -31.51 -10.06
CA MET G 189 59.79 -30.81 -9.35
C MET G 189 61.13 -31.36 -9.84
N GLU G 190 62.06 -30.47 -10.18
CA GLU G 190 63.33 -30.95 -10.70
C GLU G 190 64.13 -31.62 -9.60
N ARG G 191 64.86 -32.67 -9.99
CA ARG G 191 65.62 -33.47 -9.04
C ARG G 191 66.66 -32.63 -8.31
N ALA G 192 67.36 -31.76 -9.05
CA ALA G 192 68.40 -30.93 -8.44
C ALA G 192 67.81 -29.92 -7.46
N ASP G 193 66.68 -29.33 -7.81
CA ASP G 193 66.05 -28.34 -6.94
C ASP G 193 65.63 -28.95 -5.62
N VAL G 194 65.07 -30.15 -5.65
CA VAL G 194 64.65 -30.81 -4.41
C VAL G 194 65.86 -31.13 -3.54
N MET G 195 66.94 -31.62 -4.14
CA MET G 195 68.14 -31.90 -3.36
C MET G 195 68.68 -30.64 -2.71
N LYS G 196 68.71 -29.54 -3.46
CA LYS G 196 69.22 -28.29 -2.91
C LYS G 196 68.30 -27.78 -1.80
N ASP G 197 66.99 -27.87 -2.01
CA ASP G 197 66.05 -27.45 -0.98
C ASP G 197 66.24 -28.25 0.31
N ASN G 198 66.43 -29.57 0.19
CA ASN G 198 66.67 -30.39 1.37
C ASN G 198 68.02 -30.08 1.99
N ALA G 199 69.03 -29.78 1.16
CA ALA G 199 70.34 -29.42 1.67
C ALA G 199 70.27 -28.23 2.62
N ALA G 200 69.47 -27.21 2.27
CA ALA G 200 69.32 -26.05 3.14
C ALA G 200 68.71 -26.44 4.48
N ILE G 201 67.75 -27.37 4.45
CA ILE G 201 67.12 -27.83 5.69
C ILE G 201 68.14 -28.55 6.56
N PHE G 202 68.92 -29.44 5.96
CA PHE G 202 69.81 -30.28 6.75
C PHE G 202 71.10 -29.57 7.16
N LYS G 203 71.49 -28.50 6.46
CA LYS G 203 72.52 -27.62 6.97
C LYS G 203 72.05 -26.92 8.24
N ALA G 204 70.82 -26.41 8.23
CA ALA G 204 70.28 -25.75 9.41
C ALA G 204 70.14 -26.72 10.58
N GLN G 205 69.74 -27.96 10.30
CA GLN G 205 69.57 -28.91 11.40
C GLN G 205 70.91 -29.43 11.89
N GLY G 206 71.87 -29.61 10.99
CA GLY G 206 73.22 -29.92 11.42
C GLY G 206 73.81 -28.82 12.30
N GLU G 207 73.59 -27.56 11.91
CA GLU G 207 74.08 -26.46 12.74
C GLU G 207 73.42 -26.47 14.12
N ALA G 208 72.11 -26.71 14.18
CA ALA G 208 71.43 -26.76 15.47
C ALA G 208 71.84 -28.00 16.26
N LEU G 209 71.93 -29.15 15.60
CA LEU G 209 72.40 -30.36 16.28
C LEU G 209 73.77 -30.13 16.92
N ASN G 210 74.69 -29.52 16.16
CA ASN G 210 76.03 -29.29 16.67
C ASN G 210 76.01 -28.38 17.89
N LYS G 211 75.15 -27.36 17.87
CA LYS G 211 75.09 -26.39 18.95
C LYS G 211 74.36 -26.93 20.18
N GLN G 212 73.29 -27.68 19.99
CA GLN G 212 72.31 -27.92 21.04
C GLN G 212 72.31 -29.34 21.60
N ALA G 213 72.62 -30.36 20.79
CA ALA G 213 72.47 -31.73 21.21
C ALA G 213 73.59 -32.14 22.17
N ASN G 214 73.43 -33.30 22.80
CA ASN G 214 74.53 -33.81 23.61
C ASN G 214 75.66 -34.31 22.72
N GLY G 215 76.86 -34.41 23.30
CA GLY G 215 78.05 -34.66 22.50
C GLY G 215 78.02 -36.01 21.81
N ASP G 216 77.38 -37.01 22.42
CA ASP G 216 77.36 -38.37 21.91
C ASP G 216 76.12 -38.67 21.08
N VAL G 217 75.40 -37.64 20.63
CA VAL G 217 74.12 -37.86 19.96
C VAL G 217 74.30 -38.75 18.73
N LEU G 218 73.35 -39.66 18.52
CA LEU G 218 73.26 -40.46 17.30
C LEU G 218 72.11 -39.92 16.47
N VAL G 219 72.38 -39.65 15.20
CA VAL G 219 71.43 -39.01 14.30
C VAL G 219 71.10 -39.98 13.18
N LEU G 220 69.81 -40.24 12.97
CA LEU G 220 69.33 -41.07 11.87
C LEU G 220 68.58 -40.20 10.89
N ILE G 221 69.04 -40.20 9.65
CA ILE G 221 68.40 -39.49 8.56
C ILE G 221 67.47 -40.44 7.84
N VAL G 222 66.19 -40.10 7.80
CA VAL G 222 65.22 -40.84 7.02
C VAL G 222 64.82 -40.07 5.76
N ALA G 223 64.64 -38.76 5.86
CA ALA G 223 64.14 -37.98 4.73
C ALA G 223 65.07 -38.09 3.53
N ASN G 224 64.47 -38.18 2.34
CA ASN G 224 65.21 -38.30 1.08
C ASN G 224 65.71 -36.95 0.61
N PRO G 225 66.85 -36.90 -0.10
CA PRO G 225 67.78 -38.02 -0.37
C PRO G 225 68.62 -38.34 0.87
N ALA G 226 68.36 -39.50 1.47
CA ALA G 226 68.86 -39.79 2.81
C ALA G 226 70.38 -39.69 2.87
N ASN G 227 71.08 -40.46 2.03
CA ASN G 227 72.54 -40.45 2.08
C ASN G 227 73.06 -39.03 1.98
N THR G 228 72.55 -38.29 1.00
CA THR G 228 73.02 -36.93 0.77
C THR G 228 72.62 -36.01 1.91
N ASN G 229 71.39 -36.14 2.39
CA ASN G 229 70.96 -35.35 3.54
C ASN G 229 71.88 -35.60 4.73
N ALA G 230 72.24 -36.87 4.98
CA ALA G 230 73.10 -37.18 6.11
C ALA G 230 74.48 -36.55 5.92
N MET G 231 75.01 -36.60 4.71
CA MET G 231 76.30 -35.99 4.45
C MET G 231 76.26 -34.48 4.75
N ILE G 232 75.22 -33.80 4.30
CA ILE G 232 75.10 -32.36 4.53
C ILE G 232 74.97 -32.05 6.02
N THR G 233 74.17 -32.85 6.74
CA THR G 233 74.06 -32.66 8.18
C THR G 233 75.43 -32.75 8.84
N SER G 234 76.19 -33.81 8.52
CA SER G 234 77.49 -34.03 9.14
C SER G 234 78.46 -32.91 8.79
N ALA G 235 78.45 -32.47 7.52
CA ALA G 235 79.35 -31.42 7.08
C ALA G 235 79.11 -30.12 7.83
N ASN G 236 77.91 -29.93 8.36
CA ASN G 236 77.59 -28.71 9.10
C ASN G 236 77.52 -28.95 10.60
N ALA G 237 78.13 -30.03 11.08
CA ALA G 237 78.21 -30.33 12.51
C ALA G 237 79.61 -30.82 12.80
N PRO G 238 80.59 -29.92 12.76
CA PRO G 238 81.99 -30.36 12.82
C PRO G 238 82.37 -31.04 14.13
N ASP G 239 81.61 -30.81 15.20
CA ASP G 239 81.93 -31.40 16.49
C ASP G 239 81.20 -32.71 16.75
N ILE G 240 80.39 -33.18 15.80
CA ILE G 240 79.77 -34.49 15.88
C ILE G 240 80.60 -35.47 15.04
N PRO G 241 81.07 -36.58 15.60
CA PRO G 241 81.75 -37.60 14.79
C PRO G 241 80.90 -38.05 13.63
N PRO G 242 81.43 -38.02 12.41
CA PRO G 242 80.59 -38.36 11.24
C PRO G 242 79.92 -39.70 11.36
N GLU G 243 80.55 -40.67 12.01
CA GLU G 243 79.97 -42.00 12.12
C GLU G 243 78.71 -42.02 12.98
N ASN G 244 78.52 -41.00 13.82
CA ASN G 244 77.33 -40.88 14.65
C ASN G 244 76.12 -40.33 13.89
N ILE G 245 76.28 -40.06 12.61
CA ILE G 245 75.22 -39.64 11.71
C ILE G 245 75.15 -40.66 10.59
N THR G 246 74.02 -41.36 10.46
CA THR G 246 73.80 -42.32 9.41
C THR G 246 72.49 -42.00 8.72
N ALA G 247 72.30 -42.61 7.56
CA ALA G 247 71.06 -42.55 6.78
C ALA G 247 70.47 -43.95 6.71
N MET G 248 69.16 -44.02 6.54
CA MET G 248 68.47 -45.29 6.69
C MET G 248 68.38 -46.01 5.36
N THR G 249 69.00 -47.19 5.28
CA THR G 249 68.72 -48.14 4.23
C THR G 249 68.08 -49.39 4.82
N ARG G 250 67.71 -49.31 6.09
CA ARG G 250 67.21 -50.47 6.80
C ARG G 250 65.92 -50.99 6.18
N LEU G 251 65.14 -50.13 5.54
CA LEU G 251 63.93 -50.64 4.89
C LEU G 251 64.29 -51.46 3.65
N ASP G 252 65.26 -50.96 2.85
CA ASP G 252 65.77 -51.75 1.72
C ASP G 252 66.24 -53.13 2.18
N HIS G 253 67.09 -53.16 3.20
CA HIS G 253 67.58 -54.41 3.76
C HIS G 253 66.45 -55.35 4.15
N ASP G 254 65.50 -54.84 4.93
CA ASP G 254 64.40 -55.69 5.36
C ASP G 254 63.57 -56.13 4.17
N ARG G 255 63.46 -55.27 3.15
CA ARG G 255 62.70 -55.65 1.98
C ARG G 255 63.37 -56.81 1.25
N GLY G 256 64.70 -56.79 1.17
CA GLY G 256 65.42 -57.91 0.59
C GLY G 256 65.23 -59.19 1.38
N LEU G 257 65.35 -59.10 2.71
CA LEU G 257 65.07 -60.26 3.55
C LEU G 257 63.69 -60.82 3.25
N ALA G 258 62.71 -59.94 3.02
CA ALA G 258 61.36 -60.44 2.81
C ALA G 258 61.24 -61.13 1.45
N GLN G 259 61.93 -60.62 0.44
CA GLN G 259 61.93 -61.28 -0.86
C GLN G 259 62.57 -62.65 -0.76
N VAL G 260 63.69 -62.74 -0.03
CA VAL G 260 64.33 -64.04 0.17
C VAL G 260 63.38 -64.99 0.90
N ALA G 261 62.84 -64.56 2.03
CA ALA G 261 62.00 -65.45 2.83
C ALA G 261 60.80 -65.95 2.01
N ALA G 262 60.19 -65.08 1.23
CA ALA G 262 59.05 -65.51 0.41
C ALA G 262 59.48 -66.48 -0.69
N LYS G 263 60.63 -66.23 -1.35
CA LYS G 263 61.06 -67.10 -2.44
C LYS G 263 61.48 -68.48 -1.93
N VAL G 264 62.31 -68.51 -0.89
CA VAL G 264 62.85 -69.73 -0.32
C VAL G 264 61.87 -70.42 0.62
N GLY G 265 60.97 -69.67 1.26
CA GLY G 265 60.05 -70.27 2.21
C GLY G 265 60.61 -70.55 3.59
N CYS G 266 61.57 -69.76 4.05
CA CYS G 266 62.20 -69.96 5.35
C CYS G 266 61.75 -68.86 6.32
N ASN G 267 62.16 -69.00 7.58
CA ASN G 267 61.93 -67.93 8.55
C ASN G 267 62.99 -66.85 8.35
N ILE G 268 62.65 -65.62 8.75
CA ILE G 268 63.58 -64.50 8.67
C ILE G 268 64.88 -64.81 9.40
N THR G 269 64.78 -65.49 10.54
CA THR G 269 65.99 -65.77 11.30
C THR G 269 66.91 -66.78 10.63
N ASP G 270 66.43 -67.49 9.59
CA ASP G 270 67.29 -68.39 8.82
C ASP G 270 68.27 -67.66 7.91
N ILE G 271 68.03 -66.39 7.61
CA ILE G 271 68.85 -65.63 6.67
C ILE G 271 69.99 -64.96 7.42
N SER G 272 71.20 -65.08 6.89
CA SER G 272 72.35 -64.44 7.49
C SER G 272 73.19 -63.82 6.39
N ARG G 273 73.92 -62.77 6.74
CA ARG G 273 74.91 -62.15 5.85
C ARG G 273 74.25 -61.61 4.59
N PHE G 274 73.26 -60.75 4.77
CA PHE G 274 72.66 -60.00 3.68
C PHE G 274 72.99 -58.52 3.90
N ALA G 275 73.11 -57.77 2.80
CA ALA G 275 73.47 -56.37 2.94
C ALA G 275 73.00 -55.58 1.74
N ILE G 276 72.73 -54.30 1.95
CA ILE G 276 72.46 -53.35 0.89
C ILE G 276 73.68 -52.47 0.74
N TRP G 277 74.18 -52.32 -0.48
CA TRP G 277 75.25 -51.37 -0.74
C TRP G 277 74.72 -50.14 -1.43
N GLY G 278 75.26 -48.97 -1.08
CA GLY G 278 75.11 -47.79 -1.89
C GLY G 278 74.13 -46.73 -1.44
N ASN G 279 73.39 -46.20 -2.41
CA ASN G 279 72.44 -45.12 -2.21
C ASN G 279 71.09 -45.67 -1.80
N HIS G 280 70.38 -44.92 -0.96
CA HIS G 280 68.98 -45.26 -0.69
C HIS G 280 68.16 -44.81 -1.89
N SER G 281 68.13 -45.67 -2.92
CA SER G 281 67.48 -45.31 -4.18
C SER G 281 67.41 -46.56 -5.04
N ALA G 282 66.92 -46.36 -6.27
CA ALA G 282 66.82 -47.47 -7.23
C ALA G 282 68.18 -47.95 -7.74
N THR G 283 69.28 -47.24 -7.48
CA THR G 283 70.59 -47.76 -7.87
C THR G 283 71.22 -48.60 -6.78
N GLN G 284 70.55 -48.79 -5.65
CA GLN G 284 71.09 -49.60 -4.58
C GLN G 284 71.46 -50.99 -5.10
N TYR G 285 72.42 -51.62 -4.43
CA TYR G 285 72.81 -52.98 -4.75
C TYR G 285 72.46 -53.92 -3.61
N PRO G 286 71.33 -54.59 -3.67
CA PRO G 286 71.00 -55.64 -2.67
C PRO G 286 71.88 -56.85 -2.94
N ASP G 287 72.72 -57.22 -1.98
CA ASP G 287 73.84 -58.13 -2.23
C ASP G 287 73.61 -59.48 -1.57
N LEU G 288 73.39 -60.51 -2.39
CA LEU G 288 73.23 -61.87 -1.90
C LEU G 288 74.53 -62.65 -1.92
N SER G 289 75.67 -62.02 -2.25
CA SER G 289 76.89 -62.78 -2.51
C SER G 289 77.32 -63.65 -1.33
N PHE G 290 77.07 -63.20 -0.11
CA PHE G 290 77.54 -63.93 1.06
C PHE G 290 76.38 -64.52 1.86
N THR G 291 75.16 -64.37 1.38
CA THR G 291 73.99 -64.73 2.16
C THR G 291 73.93 -66.24 2.35
N THR G 292 73.53 -66.67 3.54
CA THR G 292 73.32 -68.09 3.81
C THR G 292 71.93 -68.30 4.39
N ILE G 293 71.35 -69.46 4.09
CA ILE G 293 70.09 -69.90 4.68
CA ILE G 293 70.08 -69.90 4.67
C ILE G 293 70.37 -71.12 5.53
N LYS G 294 69.91 -71.09 6.78
CA LYS G 294 70.28 -72.10 7.77
C LYS G 294 70.16 -73.52 7.24
N GLY G 295 71.28 -74.24 7.27
CA GLY G 295 71.29 -75.62 6.87
C GLY G 295 71.42 -75.87 5.39
N GLN G 296 71.10 -74.90 4.53
CA GLN G 296 71.02 -75.13 3.10
C GLN G 296 72.31 -74.67 2.43
N TRP G 297 73.21 -75.62 2.23
CA TRP G 297 74.54 -75.39 1.69
C TRP G 297 74.67 -75.91 0.28
N GLY G 298 73.58 -76.42 -0.28
CA GLY G 298 73.54 -77.03 -1.60
C GLY G 298 72.66 -76.22 -2.52
N LEU G 299 71.81 -76.91 -3.28
CA LEU G 299 70.95 -76.25 -4.23
C LEU G 299 70.08 -75.23 -3.51
N ASN G 300 70.09 -73.99 -3.98
CA ASN G 300 69.30 -72.95 -3.35
C ASN G 300 69.12 -71.82 -4.35
N VAL G 301 67.89 -71.31 -4.43
CA VAL G 301 67.55 -70.29 -5.41
C VAL G 301 68.36 -69.00 -5.25
N ILE G 302 68.87 -68.73 -4.04
CA ILE G 302 69.59 -67.47 -3.84
C ILE G 302 70.99 -67.48 -4.45
N ASN G 303 71.43 -68.62 -4.98
CA ASN G 303 72.65 -68.72 -5.76
C ASN G 303 72.44 -68.43 -7.25
N ASP G 304 71.21 -68.48 -7.72
CA ASP G 304 70.87 -68.40 -9.14
C ASP G 304 71.07 -66.98 -9.62
N GLU G 305 72.18 -66.74 -10.34
CA GLU G 305 72.49 -65.38 -10.73
C GLU G 305 71.47 -64.84 -11.71
N GLN G 306 70.80 -65.70 -12.46
CA GLN G 306 69.72 -65.22 -13.33
C GLN G 306 68.54 -64.71 -12.50
N TRP G 307 68.19 -65.39 -11.43
CA TRP G 307 67.09 -64.91 -10.58
C TRP G 307 67.49 -63.63 -9.85
N ILE G 308 68.74 -63.57 -9.36
CA ILE G 308 69.21 -62.38 -8.66
C ILE G 308 69.07 -61.16 -9.56
N THR G 309 69.60 -61.25 -10.77
CA THR G 309 69.68 -60.11 -11.67
C THR G 309 68.32 -59.74 -12.25
N ASN G 310 67.52 -60.73 -12.61
CA ASN G 310 66.29 -60.43 -13.34
C ASN G 310 65.10 -60.23 -12.43
N GLU G 311 65.13 -60.75 -11.20
CA GLU G 311 63.96 -60.64 -10.35
C GLU G 311 64.27 -60.00 -9.00
N PHE G 312 65.16 -60.63 -8.22
CA PHE G 312 65.40 -60.20 -6.85
C PHE G 312 65.82 -58.74 -6.78
N ILE G 313 66.93 -58.40 -7.46
CA ILE G 313 67.45 -57.03 -7.37
C ILE G 313 66.45 -55.99 -7.85
N PRO G 314 65.84 -56.12 -9.03
CA PRO G 314 64.83 -55.12 -9.41
C PRO G 314 63.62 -55.12 -8.48
N ASN G 315 63.20 -56.27 -7.94
CA ASN G 315 62.07 -56.26 -7.00
C ASN G 315 62.39 -55.47 -5.75
N VAL G 316 63.62 -55.59 -5.26
CA VAL G 316 64.04 -54.82 -4.09
C VAL G 316 64.15 -53.34 -4.44
N GLN G 317 64.66 -53.04 -5.62
CA GLN G 317 64.80 -51.65 -6.02
C GLN G 317 63.45 -50.98 -6.22
N GLN G 318 62.45 -51.71 -6.71
CA GLN G 318 61.16 -51.13 -7.07
C GLN G 318 60.08 -51.39 -6.02
N ARG G 319 60.46 -51.88 -4.85
CA ARG G 319 59.46 -52.28 -3.86
C ARG G 319 58.58 -51.10 -3.44
N GLY G 320 59.18 -49.91 -3.31
CA GLY G 320 58.39 -48.75 -2.91
C GLY G 320 57.26 -48.45 -3.88
N ALA G 321 57.53 -48.54 -5.18
CA ALA G 321 56.51 -48.28 -6.18
C ALA G 321 55.40 -49.33 -6.13
N ALA G 322 55.74 -50.58 -5.83
CA ALA G 322 54.71 -51.62 -5.77
C ALA G 322 53.73 -51.34 -4.63
N ILE G 323 54.23 -50.85 -3.49
CA ILE G 323 53.37 -50.54 -2.34
C ILE G 323 52.40 -49.43 -2.71
N ILE G 324 52.90 -48.39 -3.36
CA ILE G 324 52.08 -47.28 -3.81
C ILE G 324 51.02 -47.75 -4.80
N LYS G 325 51.38 -48.66 -5.71
CA LYS G 325 50.42 -49.15 -6.68
C LYS G 325 49.30 -49.92 -5.99
N ALA G 326 49.62 -50.67 -4.93
CA ALA G 326 48.57 -51.42 -4.25
C ALA G 326 47.78 -50.53 -3.30
N ARG G 327 48.45 -49.69 -2.52
CA ARG G 327 47.78 -48.93 -1.47
C ARG G 327 47.38 -47.52 -1.88
N GLY G 328 48.06 -46.92 -2.85
CA GLY G 328 47.83 -45.53 -3.22
C GLY G 328 48.59 -44.53 -2.38
N LYS G 329 49.34 -44.97 -1.37
CA LYS G 329 50.16 -44.12 -0.55
C LYS G 329 51.46 -44.86 -0.29
N SER G 330 52.47 -44.12 0.16
CA SER G 330 53.77 -44.72 0.43
C SER G 330 53.74 -45.51 1.73
N SER G 331 54.80 -46.29 1.95
CA SER G 331 54.85 -47.28 3.03
C SER G 331 55.32 -46.66 4.35
N ALA G 332 54.49 -45.77 4.88
CA ALA G 332 54.83 -45.09 6.12
C ALA G 332 55.08 -46.08 7.26
N ALA G 333 54.24 -47.10 7.38
CA ALA G 333 54.37 -48.01 8.52
C ALA G 333 55.66 -48.81 8.45
N SER G 334 56.01 -49.35 7.28
CA SER G 334 57.24 -50.12 7.25
C SER G 334 58.47 -49.21 7.31
N ALA G 335 58.36 -47.97 6.82
CA ALA G 335 59.46 -47.02 7.03
C ALA G 335 59.65 -46.72 8.51
N ALA G 336 58.56 -46.48 9.24
CA ALA G 336 58.71 -46.30 10.69
C ALA G 336 59.31 -47.56 11.32
N ASP G 337 58.87 -48.74 10.87
CA ASP G 337 59.41 -49.98 11.40
C ASP G 337 60.92 -50.05 11.17
N ALA G 338 61.38 -49.72 9.96
CA ALA G 338 62.81 -49.76 9.68
C ALA G 338 63.58 -48.77 10.55
N ALA G 339 63.01 -47.58 10.78
CA ALA G 339 63.67 -46.61 11.65
C ALA G 339 63.81 -47.16 13.07
N ILE G 340 62.73 -47.76 13.58
CA ILE G 340 62.76 -48.39 14.90
C ILE G 340 63.85 -49.44 14.97
N LYS G 341 63.92 -50.33 13.96
CA LYS G 341 64.96 -51.36 13.97
C LYS G 341 66.35 -50.74 13.87
N HIS G 342 66.51 -49.76 12.98
CA HIS G 342 67.82 -49.13 12.79
C HIS G 342 68.35 -48.54 14.09
N MET G 343 67.55 -47.70 14.76
CA MET G 343 68.01 -47.13 16.02
C MET G 343 68.19 -48.20 17.07
N HIS G 344 67.25 -49.15 17.14
CA HIS G 344 67.33 -50.18 18.16
C HIS G 344 68.67 -50.92 18.07
N ASP G 345 69.01 -51.43 16.88
CA ASP G 345 70.27 -52.13 16.71
C ASP G 345 71.46 -51.20 16.93
N TRP G 346 71.35 -49.95 16.49
CA TRP G 346 72.42 -48.99 16.73
C TRP G 346 72.74 -48.88 18.22
N VAL G 347 71.71 -48.83 19.06
CA VAL G 347 71.89 -48.62 20.49
C VAL G 347 72.16 -49.94 21.22
N LEU G 348 71.46 -51.01 20.87
CA LEU G 348 71.52 -52.24 21.64
C LEU G 348 72.31 -53.35 20.97
N GLY G 349 72.72 -53.17 19.72
CA GLY G 349 73.50 -54.17 19.04
C GLY G 349 72.62 -55.21 18.36
N ASN G 350 73.23 -55.92 17.43
CA ASN G 350 72.55 -56.96 16.67
C ASN G 350 73.65 -57.86 16.13
N SER G 351 73.51 -59.17 16.34
CA SER G 351 74.58 -60.09 15.95
C SER G 351 74.64 -60.30 14.45
N GLU G 352 73.58 -59.97 13.74
CA GLU G 352 73.49 -60.17 12.31
C GLU G 352 73.99 -58.95 11.56
N TRP G 353 74.42 -59.17 10.31
CA TRP G 353 74.68 -58.05 9.45
C TRP G 353 73.41 -57.22 9.29
N VAL G 354 73.55 -55.90 9.43
CA VAL G 354 72.49 -54.98 9.03
C VAL G 354 73.13 -53.95 8.10
N SER G 355 72.27 -53.26 7.33
CA SER G 355 72.72 -52.20 6.44
C SER G 355 72.51 -50.84 7.07
N MET G 356 73.51 -49.97 6.93
CA MET G 356 73.44 -48.57 7.33
C MET G 356 74.21 -47.74 6.31
N ALA G 357 73.68 -46.57 5.94
CA ALA G 357 74.42 -45.64 5.11
C ALA G 357 75.31 -44.82 6.03
N ILE G 358 76.61 -44.98 5.88
CA ILE G 358 77.59 -44.46 6.83
C ILE G 358 78.63 -43.65 6.06
N PRO G 359 79.34 -42.75 6.75
CA PRO G 359 80.44 -42.04 6.08
C PRO G 359 81.52 -43.01 5.62
N SER G 360 81.89 -42.90 4.36
CA SER G 360 82.94 -43.75 3.81
C SER G 360 84.31 -43.32 4.29
N ARG G 361 85.03 -44.23 4.94
CA ARG G 361 86.47 -44.10 5.15
C ARG G 361 87.27 -44.92 4.14
N GLY G 362 86.73 -45.13 2.96
CA GLY G 362 87.44 -45.88 1.92
C GLY G 362 87.34 -47.38 2.04
N GLN G 363 86.47 -47.88 2.89
CA GLN G 363 86.23 -49.32 2.97
C GLN G 363 85.90 -49.86 1.59
N TYR G 364 86.51 -50.99 1.24
CA TYR G 364 86.35 -51.63 -0.07
C TYR G 364 86.63 -50.68 -1.23
N GLY G 365 87.42 -49.63 -0.98
CA GLY G 365 87.74 -48.66 -1.99
C GLY G 365 86.66 -47.67 -2.32
N ILE G 366 85.60 -47.58 -1.51
CA ILE G 366 84.51 -46.65 -1.78
C ILE G 366 85.01 -45.22 -1.64
N PRO G 367 84.68 -44.33 -2.58
CA PRO G 367 85.18 -42.95 -2.50
C PRO G 367 84.86 -42.29 -1.18
N ARG G 368 85.81 -41.50 -0.69
CA ARG G 368 85.63 -40.83 0.59
C ARG G 368 84.71 -39.63 0.44
N GLY G 369 84.11 -39.22 1.56
CA GLY G 369 83.30 -38.03 1.56
C GLY G 369 81.86 -38.23 1.15
N ILE G 370 81.47 -39.43 0.77
CA ILE G 370 80.07 -39.73 0.52
C ILE G 370 79.59 -40.64 1.63
N TRP G 371 78.27 -40.65 1.84
CA TRP G 371 77.63 -41.63 2.71
C TRP G 371 77.15 -42.79 1.84
N CYS G 372 77.49 -43.99 2.26
CA CYS G 372 77.27 -45.16 1.43
C CYS G 372 76.80 -46.30 2.32
N SER G 373 75.77 -47.00 1.87
CA SER G 373 75.30 -48.15 2.65
C SER G 373 76.28 -49.29 2.52
N MET G 374 76.58 -49.95 3.63
CA MET G 374 77.51 -51.06 3.69
C MET G 374 76.99 -52.08 4.68
N PRO G 375 77.44 -53.33 4.55
CA PRO G 375 77.19 -54.31 5.62
C PRO G 375 77.98 -53.89 6.86
N VAL G 376 77.27 -53.74 7.98
CA VAL G 376 77.91 -53.44 9.25
C VAL G 376 77.37 -54.38 10.31
N GLN G 377 78.17 -54.57 11.34
CA GLN G 377 77.72 -55.20 12.58
C GLN G 377 77.56 -54.09 13.62
N CYS G 378 76.38 -54.03 14.23
CA CYS G 378 76.12 -53.11 15.33
C CYS G 378 76.48 -53.79 16.64
N PHE G 379 77.52 -53.31 17.29
CA PHE G 379 77.97 -53.89 18.54
C PHE G 379 77.23 -53.35 19.74
N GLY G 380 76.38 -52.35 19.55
CA GLY G 380 75.70 -51.70 20.65
C GLY G 380 76.40 -50.42 21.07
N ALA G 381 75.70 -49.67 21.92
CA ALA G 381 76.20 -48.43 22.50
C ALA G 381 76.64 -47.43 21.43
N GLY G 382 75.98 -47.42 20.29
CA GLY G 382 76.31 -46.46 19.25
C GLY G 382 77.50 -46.83 18.38
N LYS G 383 78.11 -48.00 18.57
CA LYS G 383 79.31 -48.39 17.84
C LYS G 383 78.98 -49.44 16.78
N TYR G 384 79.49 -49.23 15.57
CA TYR G 384 79.33 -50.22 14.51
C TYR G 384 80.62 -50.36 13.74
N GLY G 385 80.73 -51.48 13.03
CA GLY G 385 81.89 -51.75 12.21
C GLY G 385 81.54 -52.43 10.90
N VAL G 386 82.13 -51.93 9.82
CA VAL G 386 81.93 -52.54 8.52
C VAL G 386 82.45 -53.97 8.54
N ILE G 387 81.69 -54.88 7.94
CA ILE G 387 82.18 -56.25 7.84
C ILE G 387 83.43 -56.25 6.97
N GLU G 388 84.52 -56.81 7.50
CA GLU G 388 85.80 -56.80 6.82
C GLU G 388 86.08 -58.14 6.16
N GLY G 389 86.98 -58.11 5.19
CA GLY G 389 87.48 -59.31 4.56
C GLY G 389 86.67 -59.84 3.41
N LEU G 390 85.64 -59.14 3.00
CA LEU G 390 84.74 -59.66 1.98
C LEU G 390 85.38 -59.52 0.61
N PRO G 391 85.48 -60.59 -0.18
CA PRO G 391 85.92 -60.45 -1.57
C PRO G 391 84.77 -59.92 -2.40
N ILE G 392 85.02 -58.84 -3.13
CA ILE G 392 84.01 -58.21 -3.97
C ILE G 392 84.26 -58.71 -5.40
N ASN G 393 83.32 -59.48 -5.96
CA ASN G 393 83.50 -59.93 -7.33
C ASN G 393 83.13 -58.81 -8.29
N SER G 394 83.36 -59.05 -9.58
CA SER G 394 83.22 -57.98 -10.56
C SER G 394 81.76 -57.59 -10.75
N PHE G 395 80.83 -58.55 -10.65
CA PHE G 395 79.42 -58.19 -10.74
C PHE G 395 79.03 -57.25 -9.60
N SER G 396 79.51 -57.53 -8.38
CA SER G 396 79.27 -56.62 -7.27
C SER G 396 79.94 -55.28 -7.53
N ALA G 397 81.21 -55.28 -7.95
CA ALA G 397 81.92 -54.02 -8.15
C ALA G 397 81.19 -53.14 -9.15
N ASP G 398 80.69 -53.75 -10.23
CA ASP G 398 79.86 -53.03 -11.19
C ASP G 398 78.63 -52.42 -10.50
N ARG G 399 77.91 -53.23 -9.73
CA ARG G 399 76.64 -52.77 -9.17
C ARG G 399 76.88 -51.67 -8.14
N ILE G 400 77.81 -51.88 -7.21
CA ILE G 400 78.21 -50.86 -6.25
C ILE G 400 78.68 -49.59 -6.95
N ASN G 401 79.50 -49.72 -7.99
CA ASN G 401 79.99 -48.52 -8.68
C ASN G 401 78.84 -47.73 -9.27
N ALA G 402 77.83 -48.43 -9.78
CA ALA G 402 76.66 -47.74 -10.34
C ALA G 402 75.99 -46.87 -9.29
N SER G 403 75.90 -47.34 -8.04
CA SER G 403 75.25 -46.53 -7.01
C SER G 403 76.18 -45.42 -6.51
N VAL G 404 77.46 -45.74 -6.34
CA VAL G 404 78.45 -44.73 -6.01
C VAL G 404 78.45 -43.62 -7.06
N LYS G 405 78.28 -43.97 -8.33
CA LYS G 405 78.19 -42.94 -9.36
C LYS G 405 77.09 -41.95 -9.03
N GLU G 406 75.93 -42.47 -8.63
CA GLU G 406 74.83 -41.60 -8.33
C GLU G 406 75.10 -40.77 -7.08
N LEU G 407 75.74 -41.36 -6.07
CA LEU G 407 76.04 -40.61 -4.85
C LEU G 407 77.01 -39.47 -5.15
N ILE G 408 78.02 -39.71 -5.98
CA ILE G 408 78.94 -38.64 -6.35
C ILE G 408 78.19 -37.53 -7.08
N GLU G 409 77.31 -37.92 -7.98
CA GLU G 409 76.51 -36.95 -8.71
CA GLU G 409 76.52 -36.94 -8.72
C GLU G 409 75.59 -36.17 -7.78
N GLU G 410 75.06 -36.82 -6.76
CA GLU G 410 74.25 -36.08 -5.81
C GLU G 410 75.10 -35.08 -5.05
N LYS G 411 76.29 -35.48 -4.63
CA LYS G 411 77.17 -34.60 -3.86
C LYS G 411 77.56 -33.38 -4.67
N LYS G 412 77.83 -33.55 -5.96
CA LYS G 412 78.18 -32.41 -6.80
C LYS G 412 77.05 -31.40 -6.86
N ILE G 413 75.79 -31.86 -6.81
CA ILE G 413 74.65 -30.96 -6.94
C ILE G 413 74.51 -30.05 -5.73
N VAL G 414 74.80 -30.56 -4.54
CA VAL G 414 74.62 -29.77 -3.32
C VAL G 414 75.94 -29.22 -2.80
N GLU G 415 77.01 -29.25 -3.61
CA GLU G 415 78.36 -28.95 -3.15
C GLU G 415 78.48 -27.63 -2.40
N ASN G 416 77.62 -26.66 -2.69
CA ASN G 416 77.78 -25.32 -2.14
C ASN G 416 77.19 -25.16 -0.73
N LEU G 417 76.51 -26.18 -0.20
CA LEU G 417 76.02 -26.14 1.17
C LEU G 417 76.97 -26.84 2.14
N LEU G 418 78.21 -27.10 1.72
CA LEU G 418 79.25 -27.67 2.57
C LEU G 418 80.15 -26.57 3.16
N GLN H 93 63.05 -72.03 21.78
CA GLN H 93 62.24 -71.60 22.92
C GLN H 93 60.93 -70.95 22.47
N LEU H 94 60.56 -71.20 21.22
CA LEU H 94 59.34 -70.61 20.65
C LEU H 94 58.15 -71.52 20.93
N ALA H 95 57.03 -70.90 21.32
CA ALA H 95 55.78 -71.61 21.55
C ALA H 95 55.18 -72.02 20.22
N PRO H 96 54.19 -72.92 20.22
CA PRO H 96 53.47 -73.20 18.97
C PRO H 96 52.73 -71.97 18.51
N PRO H 97 52.57 -71.79 17.20
CA PRO H 97 51.96 -70.55 16.71
C PRO H 97 50.49 -70.47 17.07
N VAL H 98 50.00 -69.24 17.20
CA VAL H 98 48.58 -68.97 17.35
C VAL H 98 48.12 -68.16 16.14
N THR H 99 46.81 -68.21 15.89
CA THR H 99 46.19 -67.56 14.74
C THR H 99 45.31 -66.40 15.21
N ILE H 100 45.49 -65.23 14.60
CA ILE H 100 44.75 -64.03 14.95
C ILE H 100 44.01 -63.54 13.72
N THR H 101 42.69 -63.39 13.83
CA THR H 101 41.89 -62.80 12.76
C THR H 101 41.68 -61.33 13.05
N VAL H 102 41.89 -60.49 12.04
CA VAL H 102 41.69 -59.05 12.20
C VAL H 102 40.80 -58.58 11.04
N SER H 103 39.63 -58.03 11.38
CA SER H 103 38.75 -57.47 10.36
C SER H 103 39.07 -55.98 10.19
N GLY H 104 38.48 -55.39 9.15
CA GLY H 104 38.80 -54.01 8.84
C GLY H 104 40.28 -53.80 8.66
N ALA H 105 40.96 -54.78 8.06
CA ALA H 105 42.42 -54.84 8.05
C ALA H 105 43.09 -53.81 7.15
N CYS H 106 42.35 -53.09 6.29
CA CYS H 106 42.87 -51.98 5.51
C CYS H 106 42.80 -50.64 6.24
N GLY H 107 42.28 -50.60 7.45
CA GLY H 107 41.93 -49.33 8.06
C GLY H 107 43.08 -48.70 8.83
N GLN H 108 42.80 -47.49 9.32
CA GLN H 108 43.84 -46.70 9.97
C GLN H 108 44.26 -47.34 11.29
N ILE H 109 43.30 -47.89 12.05
CA ILE H 109 43.62 -48.61 13.27
C ILE H 109 44.47 -49.85 12.96
N ALA H 110 44.07 -50.62 11.93
CA ALA H 110 44.86 -51.81 11.55
C ALA H 110 46.30 -51.43 11.14
N ASN H 111 46.47 -50.32 10.42
CA ASN H 111 47.82 -49.92 10.02
C ASN H 111 48.75 -49.75 11.22
N SER H 112 48.24 -49.32 12.38
CA SER H 112 49.09 -49.32 13.56
C SER H 112 49.04 -50.65 14.31
N LEU H 113 47.87 -51.28 14.37
CA LEU H 113 47.72 -52.49 15.19
C LEU H 113 48.61 -53.62 14.69
N LEU H 114 48.57 -53.87 13.39
CA LEU H 114 49.15 -55.12 12.90
C LEU H 114 50.65 -55.18 13.14
N PHE H 115 51.35 -54.05 13.01
CA PHE H 115 52.79 -54.09 13.23
C PHE H 115 53.14 -54.39 14.69
N ARG H 116 52.29 -53.99 15.63
CA ARG H 116 52.51 -54.23 17.05
C ARG H 116 51.94 -55.56 17.51
N ILE H 117 51.32 -56.30 16.61
CA ILE H 117 51.18 -57.74 16.78
C ILE H 117 52.39 -58.47 16.25
N ALA H 118 52.79 -58.15 15.01
CA ALA H 118 53.85 -58.91 14.35
C ALA H 118 55.17 -58.79 15.09
N ASN H 119 55.39 -57.67 15.78
CA ASN H 119 56.65 -57.45 16.48
C ASN H 119 56.73 -58.23 17.78
N GLY H 120 55.67 -58.94 18.16
CA GLY H 120 55.63 -59.68 19.40
C GLY H 120 55.16 -58.90 20.62
N GLU H 121 54.74 -57.65 20.45
CA GLU H 121 54.36 -56.83 21.60
C GLU H 121 53.03 -57.29 22.22
N MET H 122 52.05 -57.63 21.39
CA MET H 122 50.72 -57.96 21.90
C MET H 122 50.71 -59.25 22.72
N LEU H 123 51.39 -60.28 22.23
CA LEU H 123 51.31 -61.61 22.82
C LEU H 123 52.62 -62.14 23.39
N GLY H 124 53.72 -61.42 23.25
CA GLY H 124 54.99 -61.87 23.81
C GLY H 124 56.01 -62.20 22.72
N GLU H 125 57.29 -61.95 23.02
CA GLU H 125 58.35 -62.08 22.03
C GLU H 125 58.66 -63.53 21.67
N ASN H 126 58.14 -64.50 22.41
CA ASN H 126 58.37 -65.90 22.08
C ASN H 126 57.11 -66.60 21.56
N GLN H 127 56.12 -65.83 21.08
CA GLN H 127 54.87 -66.39 20.59
C GLN H 127 54.67 -66.08 19.12
N PRO H 128 54.98 -67.04 18.22
CA PRO H 128 54.74 -66.82 16.79
C PRO H 128 53.26 -66.68 16.47
N VAL H 129 52.96 -65.84 15.47
CA VAL H 129 51.59 -65.51 15.14
C VAL H 129 51.38 -65.69 13.64
N LYS H 130 50.15 -66.04 13.30
CA LYS H 130 49.64 -66.07 11.94
C LYS H 130 48.50 -65.10 11.88
N LEU H 131 48.53 -64.21 10.90
CA LEU H 131 47.50 -63.19 10.76
C LEU H 131 46.52 -63.60 9.68
N ARG H 132 45.23 -63.58 10.00
CA ARG H 132 44.19 -63.78 9.01
C ARG H 132 43.45 -62.46 8.88
N LEU H 133 43.67 -61.80 7.75
CA LEU H 133 43.22 -60.43 7.55
C LEU H 133 41.96 -60.43 6.69
N LEU H 134 40.89 -59.85 7.22
CA LEU H 134 39.59 -59.81 6.57
C LEU H 134 39.28 -58.39 6.13
N GLU H 135 38.78 -58.24 4.91
CA GLU H 135 38.36 -56.95 4.40
C GLU H 135 37.12 -57.10 3.54
N ARG H 136 36.49 -55.96 3.25
CA ARG H 136 35.36 -55.96 2.33
C ARG H 136 35.85 -56.27 0.93
N PRO H 137 34.99 -56.83 0.07
CA PRO H 137 35.44 -57.23 -1.28
C PRO H 137 36.12 -56.13 -2.06
N GLU H 138 35.63 -54.90 -1.97
CA GLU H 138 36.21 -53.82 -2.79
C GLU H 138 37.57 -53.35 -2.27
N ALA H 139 38.04 -53.85 -1.13
CA ALA H 139 39.32 -53.41 -0.58
C ALA H 139 40.44 -54.44 -0.72
N MET H 140 40.22 -55.54 -1.45
CA MET H 140 41.21 -56.62 -1.45
C MET H 140 42.52 -56.19 -2.13
N LYS H 141 42.45 -55.36 -3.18
CA LYS H 141 43.68 -54.91 -3.82
C LYS H 141 44.53 -54.09 -2.87
N ALA H 142 43.89 -53.22 -2.09
CA ALA H 142 44.63 -52.44 -1.09
C ALA H 142 45.17 -53.32 0.03
N LEU H 143 44.43 -54.37 0.40
CA LEU H 143 44.91 -55.26 1.44
C LEU H 143 46.18 -55.99 1.03
N GLU H 144 46.35 -56.25 -0.27
CA GLU H 144 47.61 -56.79 -0.76
C GLU H 144 48.76 -55.89 -0.35
N GLY H 145 48.55 -54.58 -0.40
CA GLY H 145 49.58 -53.66 0.06
C GLY H 145 49.88 -53.83 1.54
N VAL H 146 48.84 -54.09 2.35
CA VAL H 146 49.06 -54.27 3.78
C VAL H 146 49.99 -55.47 4.01
N LYS H 147 49.76 -56.57 3.29
CA LYS H 147 50.63 -57.73 3.45
C LYS H 147 52.06 -57.39 3.06
N MET H 148 52.23 -56.67 1.96
CA MET H 148 53.57 -56.30 1.51
C MET H 148 54.30 -55.48 2.58
N GLU H 149 53.59 -54.53 3.19
CA GLU H 149 54.21 -53.72 4.23
C GLU H 149 54.58 -54.59 5.42
N LEU H 150 53.69 -55.52 5.80
CA LEU H 150 54.00 -56.40 6.93
C LEU H 150 55.17 -57.31 6.62
N ASP H 151 55.22 -57.88 5.41
CA ASP H 151 56.40 -58.66 5.02
C ASP H 151 57.65 -57.81 5.12
N ASP H 152 57.58 -56.58 4.64
CA ASP H 152 58.75 -55.70 4.69
C ASP H 152 59.17 -55.32 6.09
N GLY H 153 58.37 -55.67 7.10
CA GLY H 153 58.85 -55.57 8.46
C GLY H 153 59.81 -56.67 8.87
N ALA H 154 59.90 -57.73 8.08
CA ALA H 154 60.86 -58.80 8.32
C ALA H 154 60.74 -59.36 9.73
N PHE H 155 59.50 -59.65 10.14
CA PHE H 155 59.25 -60.06 11.51
C PHE H 155 59.50 -61.55 11.67
N PRO H 156 60.42 -61.98 12.54
CA PRO H 156 60.62 -63.43 12.73
C PRO H 156 59.38 -64.14 13.26
N LEU H 157 58.53 -63.45 14.02
CA LEU H 157 57.40 -64.13 14.61
C LEU H 157 56.23 -64.30 13.64
N LEU H 158 56.23 -63.58 12.52
CA LEU H 158 55.09 -63.55 11.60
C LEU H 158 55.19 -64.72 10.64
N GLU H 159 54.55 -65.82 10.98
CA GLU H 159 54.72 -67.05 10.20
C GLU H 159 53.78 -67.14 9.02
N GLU H 160 52.71 -66.36 8.98
CA GLU H 160 51.83 -66.40 7.81
C GLU H 160 50.95 -65.16 7.81
N ILE H 161 50.66 -64.65 6.61
CA ILE H 161 49.68 -63.60 6.40
C ILE H 161 48.70 -64.11 5.35
N TYR H 162 47.45 -64.34 5.76
CA TYR H 162 46.40 -64.83 4.88
C TYR H 162 45.37 -63.72 4.68
N LEU H 163 44.99 -63.48 3.42
CA LEU H 163 44.09 -62.39 3.04
C LEU H 163 42.78 -62.95 2.52
N THR H 164 41.66 -62.35 2.92
CA THR H 164 40.36 -62.84 2.47
C THR H 164 39.25 -61.82 2.67
N ASP H 165 38.21 -61.93 1.84
CA ASP H 165 36.98 -61.18 2.04
C ASP H 165 35.84 -62.07 2.52
N SER H 166 36.16 -63.27 3.02
CA SER H 166 35.16 -64.21 3.49
C SER H 166 35.33 -64.42 4.97
N GLU H 167 34.27 -64.13 5.73
CA GLU H 167 34.32 -64.31 7.17
C GLU H 167 34.53 -65.77 7.53
N ASN H 168 33.91 -66.67 6.76
CA ASN H 168 34.11 -68.10 6.99
C ASN H 168 35.58 -68.47 6.90
N ASP H 169 36.26 -68.01 5.85
CA ASP H 169 37.70 -68.26 5.74
C ASP H 169 38.48 -67.53 6.82
N ALA H 170 38.12 -66.27 7.09
CA ALA H 170 38.90 -65.44 8.00
C ALA H 170 39.05 -66.08 9.38
N PHE H 171 37.98 -66.65 9.91
CA PHE H 171 37.99 -67.15 11.27
C PHE H 171 38.42 -68.60 11.43
N ARG H 172 38.67 -69.35 10.34
CA ARG H 172 39.08 -70.75 10.46
C ARG H 172 40.33 -70.87 11.31
N GLY H 173 40.24 -71.69 12.35
CA GLY H 173 41.37 -71.88 13.26
C GLY H 173 41.78 -70.67 14.08
N ALA H 174 40.91 -69.68 14.27
CA ALA H 174 41.32 -68.48 15.02
C ALA H 174 41.47 -68.78 16.51
N ASP H 175 42.58 -68.33 17.10
CA ASP H 175 42.73 -68.29 18.55
C ASP H 175 42.34 -66.94 19.14
N TYR H 176 42.45 -65.89 18.34
CA TYR H 176 42.13 -64.53 18.74
C TYR H 176 41.44 -63.85 17.58
N ALA H 177 40.54 -62.94 17.88
CA ALA H 177 39.91 -62.15 16.84
C ALA H 177 39.81 -60.71 17.32
N ILE H 178 40.24 -59.76 16.50
CA ILE H 178 40.11 -58.34 16.83
C ILE H 178 39.24 -57.73 15.74
N LEU H 179 38.05 -57.29 16.13
CA LEU H 179 37.01 -56.91 15.17
C LEU H 179 36.98 -55.40 15.06
N LEU H 180 37.66 -54.88 14.03
CA LEU H 180 37.74 -53.45 13.75
C LEU H 180 36.71 -52.98 12.74
N GLY H 181 36.30 -53.85 11.83
CA GLY H 181 35.44 -53.44 10.74
C GLY H 181 33.98 -53.34 11.15
N GLY H 182 33.30 -52.38 10.53
CA GLY H 182 31.90 -52.16 10.78
C GLY H 182 31.33 -51.18 9.78
N LYS H 183 30.11 -50.73 10.07
CA LYS H 183 29.43 -49.75 9.22
C LYS H 183 29.50 -48.38 9.89
N PRO H 184 30.20 -47.42 9.31
CA PRO H 184 30.25 -46.07 9.89
C PRO H 184 28.94 -45.33 9.70
N ARG H 185 28.71 -44.34 10.57
CA ARG H 185 27.52 -43.51 10.45
C ARG H 185 27.65 -42.61 9.23
N GLY H 186 26.71 -42.73 8.29
CA GLY H 186 26.73 -41.95 7.09
C GLY H 186 25.89 -40.70 7.20
N PRO H 187 26.08 -39.76 6.27
CA PRO H 187 25.33 -38.49 6.33
C PRO H 187 23.83 -38.72 6.36
N GLY H 188 23.17 -38.14 7.36
CA GLY H 188 21.74 -38.26 7.54
C GLY H 188 21.28 -39.51 8.27
N MET H 189 22.18 -40.42 8.60
CA MET H 189 21.83 -41.72 9.16
C MET H 189 21.45 -41.58 10.63
N GLU H 190 20.29 -42.12 11.01
CA GLU H 190 19.88 -42.09 12.41
C GLU H 190 20.69 -43.10 13.20
N ARG H 191 20.84 -42.81 14.51
CA ARG H 191 21.64 -43.67 15.37
C ARG H 191 21.12 -45.10 15.36
N ALA H 192 19.80 -45.28 15.29
CA ALA H 192 19.21 -46.61 15.32
C ALA H 192 19.63 -47.44 14.11
N ASP H 193 19.72 -46.81 12.93
CA ASP H 193 20.16 -47.54 11.75
C ASP H 193 21.60 -48.01 11.89
N VAL H 194 22.44 -47.18 12.50
CA VAL H 194 23.83 -47.56 12.74
C VAL H 194 23.88 -48.80 13.63
N MET H 195 23.04 -48.85 14.66
CA MET H 195 23.01 -49.99 15.55
C MET H 195 22.53 -51.25 14.82
N LYS H 196 21.46 -51.12 14.04
CA LYS H 196 20.92 -52.29 13.37
C LYS H 196 21.82 -52.77 12.24
N ASP H 197 22.38 -51.84 11.46
CA ASP H 197 23.27 -52.25 10.37
C ASP H 197 24.50 -52.97 10.91
N ASN H 198 25.09 -52.46 11.99
CA ASN H 198 26.24 -53.14 12.56
C ASN H 198 25.83 -54.43 13.26
N ALA H 199 24.64 -54.46 13.86
CA ALA H 199 24.17 -55.70 14.47
C ALA H 199 24.17 -56.84 13.47
N ALA H 200 23.73 -56.57 12.24
CA ALA H 200 23.68 -57.62 11.22
C ALA H 200 25.06 -58.13 10.91
N ILE H 201 26.05 -57.24 10.89
CA ILE H 201 27.42 -57.65 10.62
C ILE H 201 27.92 -58.57 11.73
N PHE H 202 27.68 -58.19 12.99
CA PHE H 202 28.27 -58.95 14.09
C PHE H 202 27.49 -60.21 14.40
N LYS H 203 26.23 -60.28 14.00
CA LYS H 203 25.54 -61.56 14.01
C LYS H 203 26.22 -62.52 13.04
N ALA H 204 26.51 -62.04 11.84
CA ALA H 204 27.17 -62.87 10.84
C ALA H 204 28.56 -63.27 11.31
N GLN H 205 29.26 -62.35 11.99
CA GLN H 205 30.61 -62.71 12.41
C GLN H 205 30.58 -63.63 13.64
N GLY H 206 29.63 -63.42 14.55
CA GLY H 206 29.47 -64.37 15.63
C GLY H 206 29.17 -65.77 15.12
N GLU H 207 28.32 -65.88 14.11
CA GLU H 207 28.02 -67.18 13.53
C GLU H 207 29.27 -67.81 12.93
N ALA H 208 30.06 -67.02 12.20
CA ALA H 208 31.28 -67.56 11.60
C ALA H 208 32.29 -67.95 12.66
N LEU H 209 32.43 -67.12 13.70
CA LEU H 209 33.31 -67.44 14.82
C LEU H 209 32.92 -68.76 15.46
N ASN H 210 31.63 -68.94 15.72
CA ASN H 210 31.16 -70.14 16.39
C ASN H 210 31.46 -71.37 15.54
N LYS H 211 31.30 -71.26 14.24
CA LYS H 211 31.54 -72.39 13.36
C LYS H 211 33.03 -72.66 13.15
N GLN H 212 33.84 -71.60 12.98
CA GLN H 212 35.17 -71.74 12.39
C GLN H 212 36.34 -71.59 13.36
N ALA H 213 36.21 -70.77 14.40
CA ALA H 213 37.33 -70.47 15.28
C ALA H 213 37.60 -71.65 16.21
N ASN H 214 38.77 -71.62 16.86
CA ASN H 214 39.08 -72.60 17.88
C ASN H 214 38.23 -72.34 19.14
N GLY H 215 38.06 -73.38 19.96
CA GLY H 215 37.07 -73.33 21.02
C GLY H 215 37.32 -72.28 22.10
N ASP H 216 38.60 -71.98 22.37
CA ASP H 216 38.98 -71.03 23.40
C ASP H 216 39.23 -69.64 22.85
N VAL H 217 38.74 -69.36 21.63
CA VAL H 217 39.03 -68.09 20.99
C VAL H 217 38.63 -66.93 21.90
N LEU H 218 39.47 -65.90 21.96
CA LEU H 218 39.15 -64.65 22.64
C LEU H 218 38.85 -63.61 21.58
N VAL H 219 37.72 -62.94 21.69
CA VAL H 219 37.25 -62.01 20.67
C VAL H 219 37.18 -60.62 21.28
N LEU H 220 37.82 -59.65 20.64
CA LEU H 220 37.79 -58.25 21.08
C LEU H 220 37.02 -57.42 20.05
N ILE H 221 35.99 -56.74 20.50
CA ILE H 221 35.17 -55.85 19.66
C ILE H 221 35.65 -54.41 19.85
N VAL H 222 36.14 -53.80 18.78
CA VAL H 222 36.51 -52.39 18.77
C VAL H 222 35.47 -51.53 18.08
N ALA H 223 34.92 -52.01 16.97
CA ALA H 223 33.98 -51.19 16.19
C ALA H 223 32.75 -50.82 17.01
N ASN H 224 32.29 -49.59 16.84
CA ASN H 224 31.12 -49.09 17.54
C ASN H 224 29.82 -49.53 16.87
N PRO H 225 28.73 -49.65 17.65
CA PRO H 225 28.66 -49.53 19.12
C PRO H 225 29.23 -50.78 19.79
N ALA H 226 30.40 -50.63 20.45
CA ALA H 226 31.21 -51.79 20.84
C ALA H 226 30.43 -52.74 21.75
N ASN H 227 29.96 -52.23 22.88
CA ASN H 227 29.26 -53.07 23.85
C ASN H 227 28.14 -53.85 23.21
N THR H 228 27.33 -53.17 22.41
CA THR H 228 26.19 -53.81 21.77
C THR H 228 26.65 -54.77 20.69
N ASN H 229 27.66 -54.39 19.90
CA ASN H 229 28.20 -55.30 18.90
C ASN H 229 28.67 -56.59 19.56
N ALA H 230 29.37 -56.47 20.70
CA ALA H 230 29.87 -57.64 21.40
C ALA H 230 28.72 -58.52 21.87
N MET H 231 27.67 -57.89 22.39
CA MET H 231 26.53 -58.64 22.86
C MET H 231 25.91 -59.45 21.72
N ILE H 232 25.72 -58.80 20.57
CA ILE H 232 25.15 -59.47 19.41
C ILE H 232 26.04 -60.61 18.95
N THR H 233 27.37 -60.38 18.95
CA THR H 233 28.29 -61.44 18.56
C THR H 233 28.11 -62.66 19.46
N SER H 234 28.10 -62.44 20.77
CA SER H 234 27.98 -63.52 21.73
C SER H 234 26.64 -64.24 21.61
N ALA H 235 25.54 -63.48 21.40
CA ALA H 235 24.22 -64.11 21.29
C ALA H 235 24.14 -65.06 20.10
N ASN H 236 24.95 -64.82 19.09
CA ASN H 236 24.95 -65.64 17.88
C ASN H 236 26.12 -66.60 17.86
N ALA H 237 26.75 -66.83 19.00
CA ALA H 237 27.85 -67.78 19.12
C ALA H 237 27.64 -68.60 20.37
N PRO H 238 26.63 -69.47 20.39
CA PRO H 238 26.23 -70.14 21.63
C PRO H 238 27.27 -71.07 22.24
N ASP H 239 28.28 -71.51 21.48
CA ASP H 239 29.28 -72.40 22.04
C ASP H 239 30.51 -71.68 22.56
N ILE H 240 30.56 -70.35 22.42
CA ILE H 240 31.66 -69.55 22.95
C ILE H 240 31.25 -69.01 24.31
N PRO H 241 32.00 -69.26 25.37
CA PRO H 241 31.68 -68.66 26.68
C PRO H 241 31.56 -67.16 26.54
N PRO H 242 30.44 -66.57 26.97
CA PRO H 242 30.28 -65.12 26.77
C PRO H 242 31.44 -64.28 27.28
N GLU H 243 32.14 -64.73 28.33
CA GLU H 243 33.26 -63.98 28.89
C GLU H 243 34.45 -63.89 27.95
N ASN H 244 34.53 -64.76 26.93
CA ASN H 244 35.60 -64.71 25.95
C ASN H 244 35.33 -63.72 24.82
N ILE H 245 34.21 -62.99 24.88
CA ILE H 245 33.89 -61.92 23.93
C ILE H 245 33.74 -60.63 24.74
N THR H 246 34.62 -59.66 24.51
CA THR H 246 34.58 -58.38 25.20
C THR H 246 34.60 -57.24 24.19
N ALA H 247 34.27 -56.05 24.69
CA ALA H 247 34.33 -54.81 23.93
C ALA H 247 35.37 -53.90 24.59
N MET H 248 35.97 -53.00 23.79
CA MET H 248 37.12 -52.25 24.23
C MET H 248 36.73 -50.92 24.86
N THR H 249 37.05 -50.76 26.14
CA THR H 249 36.99 -49.45 26.79
C THR H 249 38.35 -49.00 27.29
N ARG H 250 39.40 -49.73 26.89
CA ARG H 250 40.75 -49.46 27.33
C ARG H 250 41.21 -48.08 26.89
N LEU H 251 40.66 -47.57 25.78
CA LEU H 251 41.08 -46.25 25.33
C LEU H 251 40.47 -45.16 26.21
N ASP H 252 39.19 -45.28 26.55
CA ASP H 252 38.62 -44.41 27.58
C ASP H 252 39.46 -44.45 28.84
N HIS H 253 39.74 -45.67 29.30
CA HIS H 253 40.52 -45.88 30.51
C HIS H 253 41.88 -45.19 30.43
N ASP H 254 42.61 -45.44 29.36
CA ASP H 254 43.93 -44.80 29.24
C ASP H 254 43.81 -43.30 29.12
N ARG H 255 42.74 -42.81 28.48
CA ARG H 255 42.52 -41.37 28.40
C ARG H 255 42.27 -40.79 29.78
N GLY H 256 41.56 -41.55 30.62
CA GLY H 256 41.41 -41.13 32.00
C GLY H 256 42.74 -41.04 32.73
N LEU H 257 43.57 -42.06 32.59
CA LEU H 257 44.90 -42.01 33.20
C LEU H 257 45.66 -40.78 32.70
N ALA H 258 45.58 -40.50 31.41
CA ALA H 258 46.36 -39.38 30.89
C ALA H 258 45.86 -38.04 31.43
N GLN H 259 44.55 -37.90 31.64
CA GLN H 259 44.00 -36.67 32.21
C GLN H 259 44.47 -36.47 33.64
N VAL H 260 44.43 -37.54 34.45
CA VAL H 260 44.94 -37.45 35.81
C VAL H 260 46.41 -37.06 35.80
N ALA H 261 47.23 -37.78 35.03
CA ALA H 261 48.65 -37.49 35.03
C ALA H 261 48.94 -36.06 34.63
N ALA H 262 48.24 -35.55 33.61
CA ALA H 262 48.47 -34.18 33.17
C ALA H 262 48.06 -33.17 34.24
N LYS H 263 46.89 -33.36 34.85
CA LYS H 263 46.38 -32.40 35.83
C LYS H 263 47.26 -32.39 37.08
N VAL H 264 47.55 -33.57 37.61
CA VAL H 264 48.25 -33.72 38.88
C VAL H 264 49.75 -33.60 38.71
N GLY H 265 50.27 -33.94 37.53
CA GLY H 265 51.71 -33.90 37.31
C GLY H 265 52.48 -35.11 37.80
N CYS H 266 51.88 -36.30 37.78
CA CYS H 266 52.52 -37.52 38.27
C CYS H 266 52.87 -38.42 37.10
N ASN H 267 53.57 -39.52 37.39
CA ASN H 267 53.80 -40.50 36.32
C ASN H 267 52.58 -41.41 36.20
N ILE H 268 52.41 -41.98 35.01
CA ILE H 268 51.32 -42.92 34.79
C ILE H 268 51.39 -44.04 35.82
N THR H 269 52.59 -44.51 36.14
CA THR H 269 52.70 -45.60 37.10
C THR H 269 52.39 -45.18 38.52
N ASP H 270 52.30 -43.88 38.83
CA ASP H 270 51.86 -43.50 40.18
C ASP H 270 50.37 -43.75 40.41
N ILE H 271 49.57 -43.92 39.35
CA ILE H 271 48.12 -44.01 39.44
C ILE H 271 47.69 -45.47 39.60
N SER H 272 46.75 -45.70 40.53
CA SER H 272 46.21 -47.03 40.77
C SER H 272 44.72 -46.94 40.95
N ARG H 273 44.03 -48.04 40.65
CA ARG H 273 42.60 -48.21 40.94
C ARG H 273 41.75 -47.18 40.21
N PHE H 274 41.87 -47.18 38.88
CA PHE H 274 41.01 -46.37 38.03
C PHE H 274 40.16 -47.31 37.16
N ALA H 275 38.96 -46.87 36.82
CA ALA H 275 38.09 -47.74 36.05
C ALA H 275 37.08 -46.92 35.28
N ILE H 276 36.65 -47.48 34.14
CA ILE H 276 35.55 -46.95 33.34
C ILE H 276 34.35 -47.89 33.48
N TRP H 277 33.20 -47.35 33.85
CA TRP H 277 31.97 -48.11 33.92
C TRP H 277 31.06 -47.78 32.75
N GLY H 278 30.30 -48.78 32.29
CA GLY H 278 29.19 -48.50 31.40
C GLY H 278 29.44 -48.76 29.92
N ASN H 279 28.89 -47.90 29.08
CA ASN H 279 28.91 -48.04 27.64
C ASN H 279 30.20 -47.42 27.09
N HIS H 280 30.71 -48.00 26.00
CA HIS H 280 31.79 -47.30 25.29
C HIS H 280 31.14 -46.16 24.50
N SER H 281 30.86 -45.07 25.20
CA SER H 281 30.11 -43.97 24.60
C SER H 281 30.23 -42.78 25.54
N ALA H 282 29.57 -41.69 25.18
CA ALA H 282 29.59 -40.50 26.01
C ALA H 282 28.85 -40.65 27.33
N THR H 283 28.08 -41.73 27.54
CA THR H 283 27.47 -41.95 28.87
C THR H 283 28.36 -42.74 29.80
N GLN H 284 29.58 -43.08 29.37
CA GLN H 284 30.53 -43.80 30.20
C GLN H 284 30.77 -43.05 31.51
N TYR H 285 31.12 -43.80 32.54
CA TYR H 285 31.44 -43.22 33.83
C TYR H 285 32.89 -43.44 34.19
N PRO H 286 33.77 -42.46 33.97
CA PRO H 286 35.17 -42.57 34.44
C PRO H 286 35.21 -42.37 35.95
N ASP H 287 35.66 -43.38 36.67
CA ASP H 287 35.41 -43.47 38.10
C ASP H 287 36.68 -43.24 38.88
N LEU H 288 36.79 -42.09 39.54
CA LEU H 288 37.94 -41.78 40.37
C LEU H 288 37.73 -42.15 41.83
N SER H 289 36.61 -42.81 42.16
CA SER H 289 36.23 -42.98 43.58
C SER H 289 37.29 -43.73 44.37
N PHE H 290 38.01 -44.65 43.75
CA PHE H 290 38.97 -45.47 44.49
C PHE H 290 40.42 -45.17 44.11
N THR H 291 40.65 -44.18 43.25
CA THR H 291 41.97 -43.95 42.69
C THR H 291 42.96 -43.47 43.76
N THR H 292 44.20 -43.95 43.64
CA THR H 292 45.28 -43.48 44.50
C THR H 292 46.42 -42.97 43.64
N ILE H 293 47.17 -42.02 44.17
CA ILE H 293 48.34 -41.49 43.48
C ILE H 293 49.54 -41.68 44.39
N LYS H 294 50.47 -42.54 43.98
CA LYS H 294 51.67 -42.79 44.75
C LYS H 294 52.37 -41.48 45.10
N GLY H 295 52.62 -41.28 46.39
CA GLY H 295 53.31 -40.11 46.90
C GLY H 295 52.43 -38.94 47.27
N GLN H 296 51.19 -38.88 46.77
CA GLN H 296 50.27 -37.78 47.01
C GLN H 296 49.20 -38.22 48.01
N TRP H 297 49.18 -37.58 49.19
CA TRP H 297 48.29 -37.97 50.29
C TRP H 297 47.22 -36.93 50.68
N GLY H 298 47.56 -35.66 50.79
CA GLY H 298 46.64 -34.63 51.28
C GLY H 298 45.77 -34.03 50.21
N LEU H 299 45.67 -32.69 50.18
CA LEU H 299 44.87 -32.01 49.17
C LEU H 299 45.27 -32.47 47.78
N ASN H 300 44.27 -32.86 47.00
CA ASN H 300 44.50 -33.38 45.66
C ASN H 300 43.22 -33.21 44.85
N VAL H 301 43.38 -32.69 43.62
CA VAL H 301 42.24 -32.33 42.81
C VAL H 301 41.35 -33.53 42.45
N ILE H 302 41.87 -34.77 42.49
CA ILE H 302 41.01 -35.90 42.14
C ILE H 302 40.01 -36.20 43.25
N ASN H 303 40.11 -35.54 44.39
CA ASN H 303 39.04 -35.62 45.39
C ASN H 303 37.90 -34.65 45.10
N ASP H 304 38.17 -33.65 44.26
CA ASP H 304 37.24 -32.55 44.02
C ASP H 304 36.14 -33.03 43.10
N GLU H 305 35.00 -33.38 43.69
CA GLU H 305 33.86 -33.87 42.94
C GLU H 305 33.38 -32.84 41.91
N GLN H 306 33.57 -31.55 42.18
CA GLN H 306 33.20 -30.53 41.20
C GLN H 306 34.13 -30.57 39.97
N TRP H 307 35.42 -30.81 40.19
CA TRP H 307 36.31 -30.95 39.04
C TRP H 307 35.96 -32.21 38.25
N ILE H 308 35.67 -33.30 38.97
CA ILE H 308 35.29 -34.55 38.31
C ILE H 308 34.11 -34.34 37.38
N THR H 309 33.06 -33.70 37.90
CA THR H 309 31.82 -33.55 37.15
C THR H 309 31.96 -32.59 35.99
N ASN H 310 32.65 -31.46 36.20
CA ASN H 310 32.65 -30.42 35.20
C ASN H 310 33.83 -30.48 34.24
N GLU H 311 34.91 -31.16 34.62
CA GLU H 311 36.06 -31.14 33.74
C GLU H 311 36.52 -32.56 33.40
N PHE H 312 36.91 -33.33 34.41
CA PHE H 312 37.51 -34.63 34.15
C PHE H 312 36.60 -35.51 33.30
N ILE H 313 35.40 -35.79 33.80
CA ILE H 313 34.50 -36.70 33.08
C ILE H 313 34.16 -36.18 31.69
N PRO H 314 33.75 -34.92 31.51
CA PRO H 314 33.50 -34.47 30.14
C PRO H 314 34.74 -34.50 29.27
N ASN H 315 35.93 -34.24 29.83
CA ASN H 315 37.13 -34.31 28.99
C ASN H 315 37.37 -35.73 28.52
N VAL H 316 37.14 -36.72 29.39
CA VAL H 316 37.34 -38.10 28.98
C VAL H 316 36.28 -38.49 27.96
N GLN H 317 35.04 -38.09 28.20
CA GLN H 317 33.96 -38.47 27.30
C GLN H 317 34.13 -37.87 25.91
N GLN H 318 34.67 -36.66 25.83
CA GLN H 318 34.75 -35.92 24.59
C GLN H 318 36.16 -35.92 23.98
N ARG H 319 37.05 -36.76 24.50
CA ARG H 319 38.44 -36.74 24.04
C ARG H 319 38.58 -37.03 22.55
N GLY H 320 37.75 -37.95 22.02
CA GLY H 320 37.84 -38.25 20.59
C GLY H 320 37.61 -37.01 19.74
N ALA H 321 36.61 -36.20 20.12
CA ALA H 321 36.31 -34.98 19.37
C ALA H 321 37.45 -33.98 19.44
N ALA H 322 38.19 -33.94 20.55
CA ALA H 322 39.31 -33.01 20.65
C ALA H 322 40.42 -33.37 19.66
N ILE H 323 40.73 -34.65 19.54
CA ILE H 323 41.79 -35.08 18.62
C ILE H 323 41.40 -34.79 17.19
N ILE H 324 40.13 -35.05 16.84
CA ILE H 324 39.64 -34.72 15.51
C ILE H 324 39.78 -33.23 15.26
N LYS H 325 39.50 -32.41 16.27
CA LYS H 325 39.60 -30.97 16.07
C LYS H 325 41.04 -30.55 15.81
N ALA H 326 42.00 -31.18 16.47
CA ALA H 326 43.40 -30.79 16.29
C ALA H 326 44.03 -31.38 15.03
N ARG H 327 43.79 -32.66 14.76
CA ARG H 327 44.47 -33.36 13.66
C ARG H 327 43.66 -33.42 12.39
N GLY H 328 42.33 -33.35 12.46
CA GLY H 328 41.50 -33.55 11.30
C GLY H 328 41.20 -35.00 10.99
N LYS H 329 41.68 -35.93 11.82
CA LYS H 329 41.41 -37.35 11.65
C LYS H 329 41.12 -37.97 13.00
N SER H 330 40.48 -39.14 12.99
CA SER H 330 40.18 -39.79 14.26
C SER H 330 41.45 -40.43 14.81
N SER H 331 41.37 -40.84 16.08
CA SER H 331 42.53 -41.25 16.87
C SER H 331 42.90 -42.72 16.61
N ALA H 332 43.28 -42.99 15.38
CA ALA H 332 43.58 -44.36 14.97
C ALA H 332 44.74 -44.95 15.77
N ALA H 333 45.81 -44.19 15.95
CA ALA H 333 46.99 -44.76 16.59
C ALA H 333 46.74 -45.07 18.06
N SER H 334 46.10 -44.15 18.81
CA SER H 334 45.86 -44.53 20.20
C SER H 334 44.78 -45.62 20.29
N ALA H 335 43.82 -45.64 19.39
CA ALA H 335 42.86 -46.76 19.44
C ALA H 335 43.56 -48.09 19.21
N ALA H 336 44.51 -48.16 18.27
CA ALA H 336 45.28 -49.39 18.10
C ALA H 336 46.07 -49.73 19.35
N ASP H 337 46.68 -48.72 19.97
CA ASP H 337 47.46 -48.93 21.18
C ASP H 337 46.60 -49.55 22.28
N ALA H 338 45.39 -49.02 22.49
CA ALA H 338 44.49 -49.58 23.50
C ALA H 338 44.11 -51.02 23.15
N ALA H 339 43.89 -51.32 21.88
CA ALA H 339 43.60 -52.70 21.51
C ALA H 339 44.78 -53.61 21.85
N ILE H 340 46.00 -53.19 21.53
CA ILE H 340 47.17 -53.97 21.88
C ILE H 340 47.24 -54.20 23.39
N LYS H 341 47.03 -53.13 24.17
CA LYS H 341 47.05 -53.25 25.63
C LYS H 341 45.94 -54.17 26.13
N HIS H 342 44.72 -53.98 25.61
CA HIS H 342 43.60 -54.84 26.04
C HIS H 342 43.91 -56.31 25.81
N MET H 343 44.30 -56.70 24.59
CA MET H 343 44.59 -58.10 24.31
C MET H 343 45.76 -58.59 25.13
N HIS H 344 46.82 -57.78 25.23
CA HIS H 344 48.01 -58.19 25.97
C HIS H 344 47.69 -58.54 27.41
N ASP H 345 46.99 -57.63 28.11
CA ASP H 345 46.60 -57.88 29.48
C ASP H 345 45.64 -59.06 29.56
N TRP H 346 44.75 -59.17 28.57
CA TRP H 346 43.83 -60.30 28.54
C TRP H 346 44.58 -61.62 28.50
N VAL H 347 45.67 -61.66 27.71
CA VAL H 347 46.41 -62.91 27.52
C VAL H 347 47.48 -63.12 28.58
N LEU H 348 48.22 -62.08 28.94
CA LEU H 348 49.37 -62.25 29.82
C LEU H 348 49.14 -61.68 31.21
N GLY H 349 48.04 -60.98 31.43
CA GLY H 349 47.71 -60.48 32.75
C GLY H 349 48.31 -59.11 33.02
N ASN H 350 47.75 -58.45 34.04
CA ASN H 350 48.18 -57.12 34.46
C ASN H 350 47.76 -56.99 35.92
N SER H 351 48.69 -56.58 36.77
CA SER H 351 48.42 -56.53 38.20
C SER H 351 47.52 -55.36 38.59
N GLU H 352 47.36 -54.38 37.70
CA GLU H 352 46.56 -53.19 37.95
C GLU H 352 45.12 -53.41 37.49
N TRP H 353 44.21 -52.64 38.06
CA TRP H 353 42.85 -52.60 37.53
C TRP H 353 42.86 -52.15 36.09
N VAL H 354 42.13 -52.86 35.23
CA VAL H 354 41.89 -52.37 33.88
C VAL H 354 40.40 -52.43 33.61
N SER H 355 39.96 -51.67 32.61
CA SER H 355 38.58 -51.64 32.20
C SER H 355 38.38 -52.52 30.96
N MET H 356 37.35 -53.33 30.99
CA MET H 356 36.87 -54.13 29.87
C MET H 356 35.35 -54.12 29.91
N ALA H 357 34.73 -54.06 28.74
CA ALA H 357 33.28 -54.23 28.61
C ALA H 357 33.00 -55.72 28.51
N ILE H 358 32.33 -56.28 29.51
CA ILE H 358 32.18 -57.72 29.67
C ILE H 358 30.71 -58.06 29.85
N PRO H 359 30.33 -59.30 29.60
CA PRO H 359 28.93 -59.69 29.85
C PRO H 359 28.57 -59.54 31.31
N SER H 360 27.49 -58.84 31.57
CA SER H 360 27.06 -58.67 32.95
C SER H 360 26.50 -59.98 33.49
N ARG H 361 27.11 -60.47 34.57
CA ARG H 361 26.51 -61.50 35.41
C ARG H 361 25.89 -60.91 36.68
N GLY H 362 25.49 -59.64 36.62
CA GLY H 362 24.89 -58.99 37.78
C GLY H 362 25.85 -58.42 38.79
N GLN H 363 27.14 -58.33 38.47
CA GLN H 363 28.09 -57.67 39.36
C GLN H 363 27.59 -56.27 39.72
N TYR H 364 27.65 -55.92 41.00
CA TYR H 364 27.18 -54.65 41.53
C TYR H 364 25.72 -54.40 41.18
N GLY H 365 24.95 -55.45 40.94
CA GLY H 365 23.57 -55.28 40.58
C GLY H 365 23.32 -54.85 39.17
N ILE H 366 24.33 -54.86 38.31
CA ILE H 366 24.13 -54.42 36.93
C ILE H 366 23.21 -55.41 36.22
N PRO H 367 22.24 -54.95 35.44
CA PRO H 367 21.32 -55.88 34.75
C PRO H 367 22.05 -56.92 33.90
N ARG H 368 21.49 -58.12 33.87
CA ARG H 368 22.09 -59.20 33.10
C ARG H 368 21.80 -59.01 31.60
N GLY H 369 22.63 -59.64 30.79
CA GLY H 369 22.41 -59.67 29.36
C GLY H 369 22.95 -58.51 28.57
N ILE H 370 23.54 -57.50 29.22
CA ILE H 370 24.21 -56.43 28.52
C ILE H 370 25.71 -56.59 28.72
N TRP H 371 26.47 -56.00 27.81
CA TRP H 371 27.92 -55.89 28.00
C TRP H 371 28.21 -54.55 28.66
N CYS H 372 28.98 -54.58 29.73
CA CYS H 372 29.14 -53.38 30.54
C CYS H 372 30.57 -53.27 31.04
N SER H 373 31.16 -52.09 30.90
CA SER H 373 32.53 -51.92 31.34
C SER H 373 32.59 -51.89 32.85
N MET H 374 33.56 -52.59 33.40
CA MET H 374 33.72 -52.68 34.85
C MET H 374 35.22 -52.75 35.16
N PRO H 375 35.64 -52.35 36.37
CA PRO H 375 37.02 -52.61 36.80
C PRO H 375 37.26 -54.10 36.95
N VAL H 376 38.29 -54.61 36.25
CA VAL H 376 38.61 -56.03 36.35
C VAL H 376 40.10 -56.23 36.57
N GLN H 377 40.45 -57.40 37.11
CA GLN H 377 41.83 -57.85 37.12
C GLN H 377 42.00 -58.94 36.07
N CYS H 378 42.96 -58.76 35.16
CA CYS H 378 43.28 -59.77 34.15
C CYS H 378 44.37 -60.69 34.71
N PHE H 379 44.02 -61.94 34.96
CA PHE H 379 45.01 -62.90 35.42
C PHE H 379 45.79 -63.52 34.28
N GLY H 380 45.41 -63.26 33.03
CA GLY H 380 46.06 -63.88 31.88
C GLY H 380 45.27 -65.08 31.38
N ALA H 381 45.69 -65.57 30.21
CA ALA H 381 45.10 -66.76 29.58
C ALA H 381 43.58 -66.64 29.43
N GLY H 382 43.11 -65.42 29.16
CA GLY H 382 41.71 -65.17 28.95
C GLY H 382 40.87 -65.04 30.20
N LYS H 383 41.47 -65.18 31.38
CA LYS H 383 40.69 -65.21 32.62
C LYS H 383 40.75 -63.83 33.29
N TYR H 384 39.59 -63.29 33.63
CA TYR H 384 39.50 -62.04 34.35
C TYR H 384 38.40 -62.11 35.40
N GLY H 385 38.49 -61.21 36.38
CA GLY H 385 37.46 -61.12 37.40
C GLY H 385 37.20 -59.69 37.82
N VAL H 386 35.91 -59.33 37.94
CA VAL H 386 35.57 -57.98 38.36
C VAL H 386 36.13 -57.74 39.75
N ILE H 387 36.64 -56.53 39.97
CA ILE H 387 37.11 -56.17 41.31
C ILE H 387 35.92 -56.19 42.24
N GLU H 388 36.03 -56.96 43.34
CA GLU H 388 34.92 -57.15 44.26
C GLU H 388 35.04 -56.23 45.47
N GLY H 389 33.91 -56.01 46.14
CA GLY H 389 33.89 -55.32 47.41
C GLY H 389 33.84 -53.81 47.35
N LEU H 390 33.68 -53.23 46.18
CA LEU H 390 33.75 -51.78 46.08
C LEU H 390 32.45 -51.17 46.59
N PRO H 391 32.51 -50.24 47.54
CA PRO H 391 31.31 -49.51 47.95
C PRO H 391 30.97 -48.46 46.90
N ILE H 392 29.76 -48.53 46.37
CA ILE H 392 29.32 -47.65 45.29
C ILE H 392 28.54 -46.52 45.94
N ASN H 393 29.07 -45.30 45.86
CA ASN H 393 28.34 -44.18 46.44
C ASN H 393 27.23 -43.74 45.49
N SER H 394 26.44 -42.78 45.96
CA SER H 394 25.26 -42.35 45.23
C SER H 394 25.63 -41.62 43.94
N PHE H 395 26.72 -40.87 43.95
CA PHE H 395 27.14 -40.20 42.72
C PHE H 395 27.53 -41.22 41.66
N SER H 396 28.26 -42.26 42.07
CA SER H 396 28.62 -43.32 41.13
C SER H 396 27.40 -44.10 40.66
N ALA H 397 26.53 -44.51 41.60
CA ALA H 397 25.37 -45.29 41.21
C ALA H 397 24.54 -44.55 40.17
N ASP H 398 24.38 -43.24 40.35
CA ASP H 398 23.66 -42.43 39.37
C ASP H 398 24.28 -42.59 37.99
N ARG H 399 25.59 -42.43 37.89
CA ARG H 399 26.19 -42.38 36.56
CA ARG H 399 26.23 -42.39 36.58
C ARG H 399 26.23 -43.76 35.92
N ILE H 400 26.53 -44.80 36.69
CA ILE H 400 26.49 -46.15 36.15
C ILE H 400 25.10 -46.46 35.63
N ASN H 401 24.07 -46.09 36.42
CA ASN H 401 22.68 -46.32 36.01
C ASN H 401 22.35 -45.60 34.72
N ALA H 402 22.86 -44.37 34.55
CA ALA H 402 22.61 -43.66 33.31
C ALA H 402 23.23 -44.40 32.12
N SER H 403 24.39 -45.00 32.29
CA SER H 403 25.00 -45.70 31.16
C SER H 403 24.31 -47.03 30.92
N VAL H 404 23.95 -47.72 32.01
CA VAL H 404 23.14 -48.94 31.92
C VAL H 404 21.83 -48.65 31.20
N LYS H 405 21.22 -47.50 31.48
CA LYS H 405 20.00 -47.13 30.77
C LYS H 405 20.23 -47.10 29.26
N GLU H 406 21.35 -46.52 28.83
CA GLU H 406 21.62 -46.46 27.40
C GLU H 406 21.90 -47.84 26.84
N LEU H 407 22.64 -48.68 27.58
CA LEU H 407 22.91 -50.03 27.10
C LEU H 407 21.64 -50.85 26.95
N ILE H 408 20.69 -50.69 27.87
CA ILE H 408 19.42 -51.40 27.73
C ILE H 408 18.68 -50.88 26.51
N GLU H 409 18.68 -49.57 26.29
CA GLU H 409 18.00 -49.01 25.13
C GLU H 409 18.64 -49.47 23.84
N GLU H 410 19.98 -49.54 23.80
CA GLU H 410 20.67 -50.07 22.62
C GLU H 410 20.25 -51.51 22.36
N LYS H 411 20.15 -52.32 23.42
CA LYS H 411 19.76 -53.72 23.24
C LYS H 411 18.35 -53.83 22.68
N LYS H 412 17.40 -53.00 23.16
CA LYS H 412 16.04 -53.05 22.63
C LYS H 412 16.01 -52.67 21.16
N ILE H 413 16.90 -51.79 20.72
CA ILE H 413 16.88 -51.40 19.33
C ILE H 413 17.33 -52.55 18.43
N VAL H 414 18.25 -53.39 18.89
CA VAL H 414 18.80 -54.44 18.04
C VAL H 414 18.28 -55.83 18.38
N GLU H 415 17.24 -55.95 19.23
CA GLU H 415 16.87 -57.25 19.78
CA GLU H 415 16.96 -57.28 19.77
C GLU H 415 16.55 -58.28 18.70
N ASN H 416 16.12 -57.84 17.52
CA ASN H 416 15.74 -58.81 16.50
C ASN H 416 16.92 -59.61 15.94
N LEU H 417 18.15 -59.26 16.30
CA LEU H 417 19.31 -60.01 15.87
C LEU H 417 19.79 -61.01 16.92
N LEU H 418 18.94 -61.35 17.88
CA LEU H 418 19.24 -62.36 18.88
C LEU H 418 18.72 -63.74 18.47
N GLN I 93 38.61 -27.88 8.68
CA GLN I 93 39.55 -28.40 7.68
C GLN I 93 39.58 -27.53 6.41
N LEU I 94 38.92 -26.38 6.47
CA LEU I 94 38.86 -25.50 5.31
C LEU I 94 40.13 -24.69 5.15
N ALA I 95 40.57 -24.54 3.91
CA ALA I 95 41.71 -23.72 3.56
C ALA I 95 41.35 -22.24 3.64
N PRO I 96 42.33 -21.34 3.63
CA PRO I 96 42.02 -19.93 3.47
C PRO I 96 41.38 -19.68 2.13
N PRO I 97 40.53 -18.66 2.03
CA PRO I 97 39.83 -18.42 0.76
C PRO I 97 40.78 -17.96 -0.33
N VAL I 98 40.42 -18.26 -1.58
CA VAL I 98 41.09 -17.72 -2.75
C VAL I 98 40.09 -16.88 -3.52
N THR I 99 40.61 -15.98 -4.35
CA THR I 99 39.80 -15.03 -5.10
C THR I 99 39.87 -15.35 -6.59
N ILE I 100 38.72 -15.46 -7.24
CA ILE I 100 38.64 -15.80 -8.65
C ILE I 100 37.89 -14.70 -9.37
N THR I 101 38.51 -14.10 -10.37
CA THR I 101 37.87 -13.11 -11.22
C THR I 101 37.34 -13.76 -12.48
N VAL I 102 36.08 -13.49 -12.83
CA VAL I 102 35.51 -14.00 -14.06
C VAL I 102 34.92 -12.83 -14.84
N SER I 103 35.40 -12.62 -16.07
CA SER I 103 34.82 -11.63 -16.96
C SER I 103 33.73 -12.28 -17.81
N GLY I 104 32.99 -11.44 -18.54
CA GLY I 104 31.83 -11.92 -19.26
C GLY I 104 30.85 -12.65 -18.37
N ALA I 105 30.72 -12.20 -17.11
CA ALA I 105 30.00 -13.01 -16.14
C ALA I 105 28.49 -13.07 -16.38
N CYS I 106 27.95 -12.33 -17.34
CA CYS I 106 26.53 -12.48 -17.65
C CYS I 106 26.25 -13.46 -18.77
N GLY I 107 27.28 -13.99 -19.41
CA GLY I 107 27.10 -14.77 -20.62
C GLY I 107 26.70 -16.21 -20.39
N GLN I 108 26.50 -16.91 -21.50
CA GLN I 108 26.03 -18.29 -21.43
C GLN I 108 27.08 -19.20 -20.82
N ILE I 109 28.36 -18.99 -21.14
CA ILE I 109 29.41 -19.82 -20.56
C ILE I 109 29.49 -19.60 -19.06
N ALA I 110 29.50 -18.34 -18.63
CA ALA I 110 29.51 -18.05 -17.20
C ALA I 110 28.32 -18.70 -16.50
N ASN I 111 27.14 -18.67 -17.13
CA ASN I 111 25.95 -19.24 -16.50
C ASN I 111 26.18 -20.69 -16.07
N SER I 112 26.96 -21.45 -16.82
CA SER I 112 27.34 -22.81 -16.43
C SER I 112 28.60 -22.83 -15.57
N LEU I 113 29.57 -21.97 -15.87
CA LEU I 113 30.86 -22.00 -15.18
C LEU I 113 30.72 -21.68 -13.70
N LEU I 114 29.98 -20.61 -13.36
CA LEU I 114 30.04 -20.07 -12.01
C LEU I 114 29.48 -21.06 -10.98
N PHE I 115 28.45 -21.82 -11.34
CA PHE I 115 27.92 -22.78 -10.37
C PHE I 115 28.90 -23.90 -10.10
N ARG I 116 29.74 -24.24 -11.08
CA ARG I 116 30.72 -25.31 -10.92
C ARG I 116 32.03 -24.80 -10.35
N ILE I 117 32.14 -23.51 -10.09
CA ILE I 117 33.15 -23.01 -9.17
C ILE I 117 32.62 -22.98 -7.75
N ALA I 118 31.43 -22.40 -7.57
CA ALA I 118 30.88 -22.24 -6.22
C ALA I 118 30.61 -23.58 -5.55
N ASN I 119 30.34 -24.64 -6.32
CA ASN I 119 30.07 -25.94 -5.71
C ASN I 119 31.32 -26.66 -5.23
N GLY I 120 32.50 -26.09 -5.45
CA GLY I 120 33.76 -26.69 -5.06
C GLY I 120 34.37 -27.61 -6.08
N GLU I 121 33.77 -27.77 -7.25
CA GLU I 121 34.28 -28.72 -8.23
C GLU I 121 35.62 -28.26 -8.83
N MET I 122 35.75 -26.98 -9.14
CA MET I 122 36.94 -26.48 -9.85
C MET I 122 38.20 -26.58 -8.97
N LEU I 123 38.10 -26.20 -7.70
CA LEU I 123 39.27 -26.07 -6.84
C LEU I 123 39.29 -27.02 -5.64
N GLY I 124 38.24 -27.82 -5.42
CA GLY I 124 38.26 -28.80 -4.34
C GLY I 124 37.25 -28.50 -3.24
N GLU I 125 36.69 -29.54 -2.62
CA GLU I 125 35.57 -29.35 -1.70
C GLU I 125 35.95 -28.62 -0.41
N ASN I 126 37.24 -28.45 -0.11
CA ASN I 126 37.65 -27.75 1.09
C ASN I 126 38.29 -26.40 0.81
N GLN I 127 38.02 -25.83 -0.37
CA GLN I 127 38.64 -24.56 -0.77
C GLN I 127 37.59 -23.48 -0.95
N PRO I 128 37.36 -22.64 0.08
CA PRO I 128 36.41 -21.54 -0.05
C PRO I 128 36.85 -20.54 -1.10
N VAL I 129 35.86 -19.93 -1.76
CA VAL I 129 36.11 -19.08 -2.91
C VAL I 129 35.35 -17.77 -2.76
N LYS I 130 35.96 -16.72 -3.31
CA LYS I 130 35.35 -15.42 -3.47
C LYS I 130 35.32 -15.13 -4.96
N LEU I 131 34.16 -14.73 -5.48
CA LEU I 131 33.98 -14.43 -6.89
C LEU I 131 33.99 -12.93 -7.09
N ARG I 132 34.80 -12.47 -8.02
CA ARG I 132 34.78 -11.09 -8.50
C ARG I 132 34.31 -11.13 -9.95
N LEU I 133 33.10 -10.64 -10.20
CA LEU I 133 32.42 -10.81 -11.49
C LEU I 133 32.49 -9.48 -12.24
N LEU I 134 33.05 -9.51 -13.46
CA LEU I 134 33.22 -8.31 -14.27
C LEU I 134 32.31 -8.38 -15.48
N GLU I 135 31.67 -7.26 -15.82
CA GLU I 135 30.82 -7.17 -17.00
C GLU I 135 30.94 -5.78 -17.61
N ARG I 136 30.39 -5.62 -18.82
CA ARG I 136 30.32 -4.30 -19.42
C ARG I 136 29.33 -3.44 -18.64
N PRO I 137 29.51 -2.11 -18.67
CA PRO I 137 28.62 -1.24 -17.88
C PRO I 137 27.14 -1.48 -18.12
N GLU I 138 26.73 -1.75 -19.36
CA GLU I 138 25.31 -1.89 -19.64
C GLU I 138 24.72 -3.21 -19.18
N ALA I 139 25.54 -4.14 -18.67
CA ALA I 139 25.04 -5.42 -18.22
C ALA I 139 24.97 -5.53 -16.71
N MET I 140 25.18 -4.42 -15.99
CA MET I 140 25.28 -4.48 -14.54
C MET I 140 23.94 -4.85 -13.89
N LYS I 141 22.83 -4.37 -14.45
CA LYS I 141 21.52 -4.77 -13.90
C LYS I 141 21.32 -6.26 -14.03
N ALA I 142 21.67 -6.84 -15.18
CA ALA I 142 21.57 -8.29 -15.38
C ALA I 142 22.57 -9.03 -14.51
N LEU I 143 23.74 -8.43 -14.24
CA LEU I 143 24.73 -9.09 -13.39
C LEU I 143 24.21 -9.24 -11.96
N GLU I 144 23.37 -8.32 -11.49
CA GLU I 144 22.74 -8.50 -10.17
C GLU I 144 21.91 -9.78 -10.12
N GLY I 145 21.20 -10.09 -11.20
CA GLY I 145 20.48 -11.35 -11.25
C GLY I 145 21.39 -12.56 -11.16
N VAL I 146 22.58 -12.46 -11.77
CA VAL I 146 23.54 -13.56 -11.69
C VAL I 146 23.92 -13.83 -10.25
N LYS I 147 24.22 -12.77 -9.49
CA LYS I 147 24.55 -12.93 -8.08
C LYS I 147 23.36 -13.51 -7.30
N MET I 148 22.15 -13.04 -7.60
CA MET I 148 20.96 -13.59 -6.93
C MET I 148 20.85 -15.10 -7.16
N GLU I 149 21.06 -15.56 -8.40
CA GLU I 149 20.99 -16.99 -8.68
C GLU I 149 22.11 -17.75 -7.99
N LEU I 150 23.31 -17.16 -7.93
CA LEU I 150 24.40 -17.80 -7.19
C LEU I 150 24.10 -17.87 -5.70
N ASP I 151 23.56 -16.77 -5.14
CA ASP I 151 23.12 -16.81 -3.75
C ASP I 151 22.11 -17.94 -3.53
N ASP I 152 21.16 -18.08 -4.44
CA ASP I 152 20.12 -19.11 -4.32
C ASP I 152 20.66 -20.53 -4.51
N GLY I 153 21.92 -20.68 -4.90
CA GLY I 153 22.57 -21.96 -4.78
C GLY I 153 22.96 -22.35 -3.37
N ALA I 154 22.95 -21.39 -2.44
CA ALA I 154 23.21 -21.64 -1.01
C ALA I 154 24.51 -22.43 -0.81
N PHE I 155 25.58 -22.01 -1.50
CA PHE I 155 26.84 -22.73 -1.53
C PHE I 155 27.68 -22.44 -0.29
N PRO I 156 28.02 -23.44 0.52
CA PRO I 156 28.86 -23.18 1.70
C PRO I 156 30.23 -22.62 1.38
N LEU I 157 30.81 -22.95 0.23
CA LEU I 157 32.16 -22.49 -0.07
C LEU I 157 32.20 -21.08 -0.62
N LEU I 158 31.05 -20.52 -1.01
CA LEU I 158 31.01 -19.22 -1.67
C LEU I 158 30.97 -18.13 -0.61
N GLU I 159 32.15 -17.59 -0.29
CA GLU I 159 32.28 -16.63 0.81
C GLU I 159 31.94 -15.20 0.38
N GLU I 160 32.03 -14.87 -0.90
CA GLU I 160 31.74 -13.51 -1.32
C GLU I 160 31.48 -13.47 -2.82
N ILE I 161 30.56 -12.59 -3.22
CA ILE I 161 30.33 -12.26 -4.63
C ILE I 161 30.42 -10.76 -4.80
N TYR I 162 31.42 -10.31 -5.55
CA TYR I 162 31.65 -8.89 -5.82
C TYR I 162 31.31 -8.62 -7.29
N LEU I 163 30.56 -7.55 -7.54
CA LEU I 163 30.15 -7.16 -8.89
C LEU I 163 30.80 -5.85 -9.31
N THR I 164 31.25 -5.78 -10.56
CA THR I 164 31.89 -4.55 -11.03
C THR I 164 31.91 -4.49 -12.55
N ASP I 165 31.97 -3.26 -13.07
CA ASP I 165 32.31 -2.99 -14.46
C ASP I 165 33.70 -2.36 -14.58
N SER I 166 34.52 -2.46 -13.55
CA SER I 166 35.87 -1.90 -13.53
C SER I 166 36.88 -3.04 -13.47
N GLU I 167 37.77 -3.09 -14.47
CA GLU I 167 38.75 -4.17 -14.48
CA GLU I 167 38.80 -4.12 -14.53
C GLU I 167 39.75 -4.03 -13.34
N ASN I 168 40.09 -2.81 -12.93
CA ASN I 168 41.02 -2.67 -11.80
C ASN I 168 40.39 -3.22 -10.53
N ASP I 169 39.12 -2.91 -10.28
CA ASP I 169 38.44 -3.49 -9.13
C ASP I 169 38.28 -5.00 -9.27
N ALA I 170 37.96 -5.46 -10.48
CA ALA I 170 37.67 -6.87 -10.70
C ALA I 170 38.84 -7.76 -10.30
N PHE I 171 40.07 -7.38 -10.69
CA PHE I 171 41.24 -8.22 -10.50
C PHE I 171 41.95 -8.00 -9.17
N ARG I 172 41.45 -7.10 -8.30
CA ARG I 172 42.09 -6.84 -7.01
CA ARG I 172 42.08 -6.83 -7.02
C ARG I 172 42.26 -8.11 -6.20
N GLY I 173 43.51 -8.43 -5.89
CA GLY I 173 43.79 -9.62 -5.09
C GLY I 173 43.44 -10.94 -5.76
N ALA I 174 43.31 -10.98 -7.09
CA ALA I 174 42.91 -12.23 -7.75
C ALA I 174 44.01 -13.28 -7.67
N ASP I 175 43.62 -14.49 -7.27
CA ASP I 175 44.44 -15.70 -7.33
C ASP I 175 44.25 -16.48 -8.62
N TYR I 176 43.09 -16.36 -9.24
CA TYR I 176 42.73 -17.01 -10.49
C TYR I 176 41.88 -16.03 -11.29
N ALA I 177 42.01 -16.08 -12.61
CA ALA I 177 41.19 -15.25 -13.49
C ALA I 177 40.79 -16.05 -14.72
N ILE I 178 39.51 -16.04 -15.04
CA ILE I 178 38.98 -16.73 -16.20
C ILE I 178 38.32 -15.67 -17.09
N LEU I 179 38.89 -15.44 -18.27
CA LEU I 179 38.51 -14.32 -19.13
C LEU I 179 37.60 -14.83 -20.25
N LEU I 180 36.31 -14.68 -20.05
CA LEU I 180 35.29 -15.04 -21.02
C LEU I 180 34.87 -13.87 -21.89
N GLY I 181 34.97 -12.65 -21.39
CA GLY I 181 34.42 -11.50 -22.10
C GLY I 181 35.32 -11.05 -23.23
N GLY I 182 34.69 -10.66 -24.33
CA GLY I 182 35.42 -10.17 -25.49
C GLY I 182 34.49 -9.58 -26.51
N LYS I 183 35.03 -9.31 -27.69
CA LYS I 183 34.24 -8.80 -28.79
C LYS I 183 34.00 -9.94 -29.77
N PRO I 184 32.77 -10.42 -29.92
CA PRO I 184 32.52 -11.54 -30.83
C PRO I 184 32.62 -11.14 -32.30
N ARG I 185 33.04 -12.11 -33.12
CA ARG I 185 33.11 -11.98 -34.58
C ARG I 185 31.70 -12.12 -35.14
N GLY I 186 31.00 -10.99 -35.30
CA GLY I 186 29.66 -10.99 -35.80
C GLY I 186 29.58 -11.38 -37.27
N PRO I 187 28.38 -11.79 -37.71
CA PRO I 187 28.20 -12.11 -39.13
C PRO I 187 28.43 -10.90 -40.02
N GLY I 188 29.57 -10.87 -40.71
CA GLY I 188 29.91 -9.71 -41.51
C GLY I 188 30.81 -8.72 -40.78
N MET I 189 31.75 -9.25 -40.00
CA MET I 189 32.78 -8.48 -39.33
C MET I 189 34.12 -8.95 -39.84
N GLU I 190 35.00 -8.02 -40.20
CA GLU I 190 36.28 -8.43 -40.75
C GLU I 190 37.12 -9.08 -39.67
N ARG I 191 37.87 -10.11 -40.06
CA ARG I 191 38.64 -10.90 -39.12
C ARG I 191 39.67 -10.05 -38.37
N ALA I 192 40.36 -9.15 -39.08
CA ALA I 192 41.40 -8.34 -38.46
C ALA I 192 40.81 -7.37 -37.44
N ASP I 193 39.65 -6.79 -37.75
CA ASP I 193 39.03 -5.84 -36.82
C ASP I 193 38.65 -6.51 -35.51
N VAL I 194 38.13 -7.73 -35.58
CA VAL I 194 37.78 -8.47 -34.37
C VAL I 194 39.04 -8.76 -33.55
N MET I 195 40.13 -9.13 -34.22
CA MET I 195 41.40 -9.38 -33.54
C MET I 195 41.90 -8.11 -32.86
N LYS I 196 41.83 -6.97 -33.57
CA LYS I 196 42.34 -5.72 -33.02
C LYS I 196 41.45 -5.22 -31.89
N ASP I 197 40.13 -5.33 -32.06
CA ASP I 197 39.21 -4.92 -31.00
C ASP I 197 39.43 -5.75 -29.73
N ASN I 198 39.61 -7.07 -29.88
CA ASN I 198 39.88 -7.89 -28.71
C ASN I 198 41.26 -7.60 -28.13
N ALA I 199 42.23 -7.29 -28.99
CA ALA I 199 43.55 -6.93 -28.51
C ALA I 199 43.49 -5.75 -27.54
N ALA I 200 42.67 -4.73 -27.85
CA ALA I 200 42.55 -3.59 -26.95
C ALA I 200 41.98 -3.99 -25.60
N ILE I 201 41.00 -4.90 -25.60
CA ILE I 201 40.42 -5.36 -24.34
C ILE I 201 41.46 -6.08 -23.50
N PHE I 202 42.21 -6.99 -24.12
CA PHE I 202 43.14 -7.81 -23.36
C PHE I 202 44.42 -7.08 -23.02
N LYS I 203 44.74 -6.01 -23.75
CA LYS I 203 45.76 -5.07 -23.28
C LYS I 203 45.33 -4.43 -21.98
N ALA I 204 44.09 -3.95 -21.92
CA ALA I 204 43.57 -3.31 -20.72
C ALA I 204 43.51 -4.30 -19.55
N GLN I 205 43.13 -5.55 -19.83
CA GLN I 205 42.99 -6.51 -18.74
C GLN I 205 44.35 -7.01 -18.25
N GLY I 206 45.31 -7.16 -19.17
CA GLY I 206 46.67 -7.48 -18.78
C GLY I 206 47.29 -6.39 -17.90
N GLU I 207 47.07 -5.14 -18.26
CA GLU I 207 47.57 -4.06 -17.42
C GLU I 207 46.93 -4.09 -16.03
N ALA I 208 45.61 -4.30 -15.98
CA ALA I 208 44.94 -4.33 -14.68
C ALA I 208 45.39 -5.53 -13.86
N LEU I 209 45.51 -6.69 -14.51
CA LEU I 209 45.99 -7.89 -13.82
C LEU I 209 47.35 -7.61 -13.20
N ASN I 210 48.27 -7.04 -13.99
CA ASN I 210 49.63 -6.78 -13.53
C ASN I 210 49.61 -5.85 -12.33
N LYS I 211 48.71 -4.85 -12.35
CA LYS I 211 48.62 -3.88 -11.27
C LYS I 211 47.95 -4.46 -10.03
N GLN I 212 46.88 -5.24 -10.22
CA GLN I 212 45.93 -5.50 -9.14
C GLN I 212 45.96 -6.93 -8.60
N ALA I 213 46.29 -7.93 -9.43
CA ALA I 213 46.16 -9.31 -9.00
C ALA I 213 47.31 -9.71 -8.07
N ASN I 214 47.16 -10.86 -7.43
CA ASN I 214 48.25 -11.38 -6.61
C ASN I 214 49.36 -11.91 -7.52
N GLY I 215 50.56 -12.02 -6.97
CA GLY I 215 51.74 -12.28 -7.80
C GLY I 215 51.69 -13.63 -8.51
N ASP I 216 51.08 -14.63 -7.88
CA ASP I 216 51.03 -15.97 -8.46
C ASP I 216 49.75 -16.20 -9.26
N VAL I 217 49.08 -15.13 -9.69
CA VAL I 217 47.79 -15.28 -10.34
C VAL I 217 47.92 -16.18 -11.56
N LEU I 218 46.94 -17.07 -11.73
CA LEU I 218 46.82 -17.91 -12.92
C LEU I 218 45.66 -17.40 -13.75
N VAL I 219 45.92 -17.16 -15.03
CA VAL I 219 44.96 -16.52 -15.92
C VAL I 219 44.62 -17.50 -17.04
N LEU I 220 43.32 -17.73 -17.23
CA LEU I 220 42.86 -18.59 -18.33
C LEU I 220 42.08 -17.72 -19.31
N ILE I 221 42.55 -17.69 -20.56
CA ILE I 221 41.86 -16.99 -21.64
C ILE I 221 40.94 -17.95 -22.34
N VAL I 222 39.64 -17.65 -22.38
CA VAL I 222 38.67 -18.43 -23.13
C VAL I 222 38.19 -17.69 -24.37
N ALA I 223 37.99 -16.39 -24.27
CA ALA I 223 37.45 -15.61 -25.38
C ALA I 223 38.35 -15.69 -26.60
N ASN I 224 37.72 -15.71 -27.77
CA ASN I 224 38.40 -15.80 -29.04
C ASN I 224 38.94 -14.44 -29.45
N PRO I 225 40.07 -14.39 -30.17
CA PRO I 225 41.02 -15.48 -30.52
C PRO I 225 41.91 -15.84 -29.32
N ALA I 226 41.71 -17.02 -28.74
CA ALA I 226 42.25 -17.34 -27.42
C ALA I 226 43.76 -17.18 -27.36
N ASN I 227 44.48 -17.91 -28.21
CA ASN I 227 45.94 -17.89 -28.17
C ASN I 227 46.47 -16.48 -28.28
N THR I 228 45.94 -15.70 -29.22
CA THR I 228 46.40 -14.34 -29.43
C THR I 228 45.99 -13.43 -28.27
N ASN I 229 44.76 -13.58 -27.79
CA ASN I 229 44.35 -12.80 -26.63
C ASN I 229 45.26 -13.07 -25.44
N ALA I 230 45.63 -14.35 -25.22
CA ALA I 230 46.52 -14.68 -24.12
C ALA I 230 47.90 -14.04 -24.32
N MET I 231 48.42 -14.08 -25.54
CA MET I 231 49.72 -13.45 -25.82
C MET I 231 49.68 -11.96 -25.51
N ILE I 232 48.64 -11.27 -25.99
CA ILE I 232 48.47 -9.84 -25.73
C ILE I 232 48.32 -9.55 -24.24
N THR I 233 47.55 -10.37 -23.53
CA THR I 233 47.45 -10.16 -22.09
C THR I 233 48.82 -10.22 -21.45
N SER I 234 49.60 -11.25 -21.77
CA SER I 234 50.92 -11.42 -21.19
C SER I 234 51.86 -10.28 -21.58
N ALA I 235 51.79 -9.84 -22.84
CA ALA I 235 52.67 -8.77 -23.31
C ALA I 235 52.47 -7.49 -22.52
N ASN I 236 51.27 -7.30 -21.95
CA ASN I 236 50.96 -6.10 -21.18
C ASN I 236 50.95 -6.38 -19.69
N ALA I 237 51.55 -7.48 -19.25
CA ALA I 237 51.65 -7.83 -17.85
C ALA I 237 53.06 -8.28 -17.57
N PRO I 238 54.02 -7.35 -17.60
CA PRO I 238 55.44 -7.75 -17.57
C PRO I 238 55.86 -8.44 -16.28
N ASP I 239 55.12 -8.29 -15.20
CA ASP I 239 55.51 -8.91 -13.95
C ASP I 239 54.84 -10.26 -13.72
N ILE I 240 54.00 -10.71 -14.64
CA ILE I 240 53.38 -12.03 -14.56
C ILE I 240 54.20 -12.99 -15.40
N PRO I 241 54.70 -14.08 -14.82
CA PRO I 241 55.38 -15.08 -15.62
C PRO I 241 54.49 -15.51 -16.78
N PRO I 242 55.00 -15.46 -18.00
CA PRO I 242 54.13 -15.78 -19.16
C PRO I 242 53.43 -17.12 -19.03
N GLU I 243 54.07 -18.10 -18.37
CA GLU I 243 53.48 -19.42 -18.23
C GLU I 243 52.24 -19.42 -17.36
N ASN I 244 52.05 -18.39 -16.54
CA ASN I 244 50.85 -18.29 -15.72
C ASN I 244 49.66 -17.72 -16.46
N ILE I 245 49.82 -17.38 -17.74
CA ILE I 245 48.74 -16.93 -18.60
C ILE I 245 48.65 -17.94 -19.74
N THR I 246 47.55 -18.68 -19.81
CA THR I 246 47.33 -19.69 -20.85
C THR I 246 46.00 -19.43 -21.54
N ALA I 247 45.80 -20.10 -22.68
CA ALA I 247 44.56 -20.07 -23.44
C ALA I 247 43.96 -21.48 -23.52
N MET I 248 42.64 -21.55 -23.66
CA MET I 248 41.96 -22.83 -23.52
C MET I 248 41.83 -23.54 -24.86
N THR I 249 42.46 -24.72 -24.96
CA THR I 249 42.17 -25.68 -26.01
C THR I 249 41.57 -26.94 -25.41
N ARG I 250 41.19 -26.89 -24.14
CA ARG I 250 40.70 -28.09 -23.46
C ARG I 250 39.42 -28.62 -24.11
N LEU I 251 38.64 -27.75 -24.72
CA LEU I 251 37.42 -28.23 -25.36
C LEU I 251 37.76 -29.00 -26.63
N ASP I 252 38.67 -28.46 -27.42
CA ASP I 252 39.22 -29.21 -28.55
C ASP I 252 39.72 -30.57 -28.08
N HIS I 253 40.51 -30.56 -27.01
CA HIS I 253 41.03 -31.80 -26.45
C HIS I 253 39.92 -32.78 -26.08
N ASP I 254 38.95 -32.32 -25.31
CA ASP I 254 37.85 -33.20 -24.89
C ASP I 254 36.99 -33.62 -26.07
N ARG I 255 36.86 -32.76 -27.09
CA ARG I 255 36.11 -33.15 -28.27
C ARG I 255 36.80 -34.29 -29.02
N GLY I 256 38.13 -34.23 -29.09
CA GLY I 256 38.88 -35.34 -29.65
C GLY I 256 38.70 -36.61 -28.84
N LEU I 257 38.79 -36.52 -27.51
CA LEU I 257 38.55 -37.71 -26.69
C LEU I 257 37.19 -38.32 -27.00
N ALA I 258 36.18 -37.49 -27.21
CA ALA I 258 34.83 -38.00 -27.46
C ALA I 258 34.74 -38.66 -28.83
N GLN I 259 35.45 -38.14 -29.82
CA GLN I 259 35.43 -38.80 -31.12
C GLN I 259 36.04 -40.18 -31.02
N VAL I 260 37.16 -40.29 -30.33
CA VAL I 260 37.79 -41.60 -30.16
C VAL I 260 36.85 -42.54 -29.42
N ALA I 261 36.32 -42.11 -28.27
CA ALA I 261 35.43 -42.97 -27.50
C ALA I 261 34.22 -43.40 -28.32
N ALA I 262 33.70 -42.49 -29.16
CA ALA I 262 32.57 -42.84 -30.01
C ALA I 262 32.97 -43.87 -31.05
N LYS I 263 34.11 -43.67 -31.72
CA LYS I 263 34.55 -44.56 -32.78
C LYS I 263 34.99 -45.91 -32.21
N VAL I 264 35.81 -45.89 -31.17
CA VAL I 264 36.39 -47.11 -30.65
C VAL I 264 35.42 -47.86 -29.75
N GLY I 265 34.52 -47.15 -29.07
CA GLY I 265 33.60 -47.79 -28.15
C GLY I 265 34.19 -48.11 -26.78
N CYS I 266 35.14 -47.32 -26.30
CA CYS I 266 35.79 -47.52 -25.00
C CYS I 266 35.35 -46.45 -24.01
N ASN I 267 35.80 -46.59 -22.77
CA ASN I 267 35.57 -45.50 -21.81
C ASN I 267 36.61 -44.40 -22.01
N ILE I 268 36.24 -43.19 -21.60
CA ILE I 268 37.15 -42.05 -21.68
C ILE I 268 38.45 -42.36 -20.95
N THR I 269 38.38 -43.05 -19.81
CA THR I 269 39.61 -43.34 -19.07
C THR I 269 40.52 -44.35 -19.78
N ASP I 270 40.00 -45.08 -20.77
CA ASP I 270 40.87 -45.99 -21.54
C ASP I 270 41.84 -45.25 -22.46
N ILE I 271 41.60 -43.96 -22.75
CA ILE I 271 42.40 -43.20 -23.71
C ILE I 271 43.54 -42.50 -22.99
N SER I 272 44.75 -42.59 -23.52
CA SER I 272 45.90 -41.92 -22.95
C SER I 272 46.73 -41.32 -24.07
N ARG I 273 47.48 -40.26 -23.73
CA ARG I 273 48.45 -39.65 -24.64
C ARG I 273 47.79 -39.08 -25.90
N PHE I 274 46.84 -38.19 -25.68
CA PHE I 274 46.22 -37.42 -26.75
C PHE I 274 46.57 -35.96 -26.55
N ALA I 275 46.63 -35.22 -27.65
CA ALA I 275 47.01 -33.81 -27.54
C ALA I 275 46.45 -33.02 -28.71
N ILE I 276 46.21 -31.74 -28.46
CA ILE I 276 45.89 -30.76 -29.49
C ILE I 276 47.10 -29.85 -29.63
N TRP I 277 47.63 -29.71 -30.85
CA TRP I 277 48.71 -28.78 -31.13
C TRP I 277 48.14 -27.55 -31.83
N GLY I 278 48.70 -26.39 -31.52
CA GLY I 278 48.49 -25.19 -32.29
C GLY I 278 47.51 -24.17 -31.74
N ASN I 279 46.75 -23.58 -32.65
CA ASN I 279 45.81 -22.52 -32.40
C ASN I 279 44.45 -23.10 -32.00
N HIS I 280 43.73 -22.38 -31.13
CA HIS I 280 42.34 -22.74 -30.87
C HIS I 280 41.51 -22.29 -32.07
N SER I 281 41.49 -23.12 -33.12
CA SER I 281 40.84 -22.75 -34.38
C SER I 281 40.76 -23.98 -35.27
N ALA I 282 40.25 -23.78 -36.48
CA ALA I 282 40.09 -24.84 -37.46
C ALA I 282 41.42 -25.36 -38.03
N THR I 283 42.54 -24.66 -37.80
CA THR I 283 43.86 -25.15 -38.17
C THR I 283 44.53 -25.96 -37.07
N GLN I 284 43.82 -26.21 -35.96
CA GLN I 284 44.38 -27.02 -34.90
C GLN I 284 44.76 -28.40 -35.42
N TYR I 285 45.73 -29.03 -34.76
CA TYR I 285 46.12 -30.39 -35.10
C TYR I 285 45.79 -31.35 -33.97
N PRO I 286 44.67 -32.08 -34.05
CA PRO I 286 44.41 -33.14 -33.07
C PRO I 286 45.28 -34.35 -33.37
N ASP I 287 46.14 -34.70 -32.43
CA ASP I 287 47.26 -35.59 -32.71
C ASP I 287 47.05 -36.93 -32.03
N LEU I 288 46.83 -37.97 -32.83
CA LEU I 288 46.69 -39.32 -32.33
C LEU I 288 48.01 -40.10 -32.38
N SER I 289 49.12 -39.43 -32.72
CA SER I 289 50.37 -40.16 -33.02
C SER I 289 50.82 -41.03 -31.86
N PHE I 290 50.58 -40.61 -30.61
CA PHE I 290 51.07 -41.33 -29.45
C PHE I 290 49.94 -41.92 -28.61
N THR I 291 48.70 -41.78 -29.07
CA THR I 291 47.54 -42.15 -28.25
C THR I 291 47.48 -43.65 -28.05
N THR I 292 47.06 -44.07 -26.85
CA THR I 292 46.85 -45.48 -26.57
C THR I 292 45.45 -45.74 -26.00
N ILE I 293 44.89 -46.91 -26.33
CA ILE I 293 43.64 -47.41 -25.77
C ILE I 293 44.00 -48.55 -24.82
N LYS I 294 43.49 -48.49 -23.60
CA LYS I 294 43.84 -49.51 -22.61
C LYS I 294 43.53 -50.90 -23.14
N GLY I 295 44.55 -51.75 -23.19
CA GLY I 295 44.41 -53.12 -23.60
C GLY I 295 44.43 -53.39 -25.08
N GLN I 296 44.15 -52.40 -25.92
CA GLN I 296 44.06 -52.60 -27.37
C GLN I 296 45.39 -52.16 -27.96
N TRP I 297 46.27 -53.12 -28.24
CA TRP I 297 47.63 -52.88 -28.69
C TRP I 297 47.85 -53.33 -30.13
N GLY I 298 46.81 -53.81 -30.78
CA GLY I 298 46.90 -54.38 -32.11
C GLY I 298 46.00 -53.61 -33.04
N LEU I 299 45.19 -54.32 -33.84
CA LEU I 299 44.31 -53.66 -34.79
C LEU I 299 43.43 -52.66 -34.05
N ASN I 300 43.47 -51.40 -34.47
CA ASN I 300 42.72 -50.34 -33.81
C ASN I 300 42.54 -49.18 -34.79
N VAL I 301 41.33 -48.62 -34.81
CA VAL I 301 40.98 -47.57 -35.77
C VAL I 301 41.83 -46.32 -35.60
N ILE I 302 42.34 -46.05 -34.40
CA ILE I 302 43.11 -44.84 -34.18
C ILE I 302 44.49 -44.88 -34.82
N ASN I 303 44.88 -46.04 -35.36
CA ASN I 303 46.10 -46.14 -36.15
C ASN I 303 45.88 -45.81 -37.62
N ASP I 304 44.62 -45.84 -38.08
CA ASP I 304 44.28 -45.75 -39.50
C ASP I 304 44.44 -44.33 -39.99
N GLU I 305 45.45 -44.07 -40.83
CA GLU I 305 45.75 -42.69 -41.21
C GLU I 305 44.66 -42.10 -42.11
N GLN I 306 43.97 -42.94 -42.88
CA GLN I 306 42.90 -42.45 -43.73
C GLN I 306 41.72 -41.97 -42.90
N TRP I 307 41.37 -42.71 -41.84
CA TRP I 307 40.31 -42.24 -40.96
C TRP I 307 40.76 -40.99 -40.21
N ILE I 308 42.01 -40.97 -39.75
CA ILE I 308 42.55 -39.81 -39.05
C ILE I 308 42.41 -38.56 -39.91
N THR I 309 42.89 -38.64 -41.15
CA THR I 309 42.97 -37.47 -42.00
C THR I 309 41.59 -37.07 -42.52
N ASN I 310 40.77 -38.04 -42.89
CA ASN I 310 39.53 -37.75 -43.58
C ASN I 310 38.34 -37.60 -42.66
N GLU I 311 38.41 -38.12 -41.44
CA GLU I 311 37.25 -38.01 -40.56
C GLU I 311 37.62 -37.39 -39.22
N PHE I 312 38.51 -38.02 -38.47
CA PHE I 312 38.79 -37.59 -37.10
C PHE I 312 39.20 -36.12 -37.04
N ILE I 313 40.27 -35.76 -37.75
CA ILE I 313 40.76 -34.39 -37.68
C ILE I 313 39.74 -33.38 -38.14
N PRO I 314 39.10 -33.52 -39.32
CA PRO I 314 38.06 -32.54 -39.69
C PRO I 314 36.87 -32.51 -38.74
N ASN I 315 36.46 -33.67 -38.20
CA ASN I 315 35.33 -33.65 -37.26
C ASN I 315 35.68 -32.88 -35.99
N VAL I 316 36.93 -33.00 -35.53
CA VAL I 316 37.33 -32.25 -34.35
C VAL I 316 37.41 -30.77 -34.68
N GLN I 317 37.95 -30.43 -35.86
CA GLN I 317 38.11 -29.03 -36.24
C GLN I 317 36.77 -28.34 -36.39
N GLN I 318 35.75 -29.05 -36.87
CA GLN I 318 34.46 -28.43 -37.17
C GLN I 318 33.37 -28.72 -36.12
N ARG I 319 33.75 -29.28 -34.98
CA ARG I 319 32.77 -29.69 -34.00
C ARG I 319 31.93 -28.51 -33.50
N GLY I 320 32.54 -27.33 -33.37
CA GLY I 320 31.78 -26.16 -32.96
C GLY I 320 30.65 -25.84 -33.92
N ALA I 321 30.92 -25.95 -35.22
CA ALA I 321 29.89 -25.66 -36.22
C ALA I 321 28.76 -26.68 -36.19
N ALA I 322 29.07 -27.95 -35.92
CA ALA I 322 28.02 -28.96 -35.91
C ALA I 322 27.04 -28.71 -34.78
N ILE I 323 27.54 -28.32 -33.61
CA ILE I 323 26.67 -28.05 -32.46
C ILE I 323 25.74 -26.89 -32.77
N ILE I 324 26.27 -25.85 -33.43
CA ILE I 324 25.43 -24.73 -33.84
C ILE I 324 24.35 -25.21 -34.80
N LYS I 325 24.70 -26.13 -35.72
CA LYS I 325 23.71 -26.62 -36.67
C LYS I 325 22.60 -27.39 -35.97
N ALA I 326 22.93 -28.16 -34.94
CA ALA I 326 21.89 -28.94 -34.27
C ALA I 326 21.10 -28.10 -33.29
N ARG I 327 21.78 -27.25 -32.51
CA ARG I 327 21.13 -26.52 -31.44
C ARG I 327 20.71 -25.10 -31.83
N GLY I 328 21.34 -24.51 -32.84
CA GLY I 328 21.06 -23.13 -33.15
C GLY I 328 21.79 -22.14 -32.28
N LYS I 329 22.59 -22.62 -31.32
CA LYS I 329 23.42 -21.78 -30.47
C LYS I 329 24.76 -22.48 -30.26
N SER I 330 25.75 -21.72 -29.84
CA SER I 330 27.07 -22.28 -29.62
C SER I 330 27.13 -23.07 -28.30
N SER I 331 28.24 -23.79 -28.11
CA SER I 331 28.37 -24.79 -27.05
C SER I 331 28.81 -24.16 -25.72
N ALA I 332 27.92 -23.36 -25.14
CA ALA I 332 28.27 -22.70 -23.88
C ALA I 332 28.57 -23.72 -22.78
N ALA I 333 27.71 -24.74 -22.62
CA ALA I 333 27.91 -25.65 -21.48
C ALA I 333 29.19 -26.45 -21.60
N SER I 334 29.52 -26.97 -22.78
CA SER I 334 30.76 -27.72 -22.85
C SER I 334 31.98 -26.80 -22.75
N ALA I 335 31.87 -25.56 -23.24
CA ALA I 335 32.98 -24.62 -23.06
C ALA I 335 33.24 -24.34 -21.58
N ALA I 336 32.18 -24.10 -20.82
CA ALA I 336 32.34 -23.93 -19.38
C ALA I 336 32.97 -25.19 -18.76
N ASP I 337 32.52 -26.37 -19.21
CA ASP I 337 33.08 -27.62 -18.70
C ASP I 337 34.57 -27.71 -18.96
N ALA I 338 34.99 -27.39 -20.19
CA ALA I 338 36.41 -27.39 -20.52
C ALA I 338 37.17 -26.39 -19.66
N ALA I 339 36.55 -25.25 -19.36
CA ALA I 339 37.19 -24.25 -18.50
C ALA I 339 37.35 -24.78 -17.07
N ILE I 340 36.31 -25.39 -16.52
CA ILE I 340 36.42 -25.98 -15.18
C ILE I 340 37.56 -26.99 -15.16
N LYS I 341 37.62 -27.85 -16.17
CA LYS I 341 38.64 -28.89 -16.22
C LYS I 341 40.04 -28.30 -16.38
N HIS I 342 40.20 -27.31 -17.27
CA HIS I 342 41.51 -26.69 -17.47
C HIS I 342 42.05 -26.14 -16.14
N MET I 343 41.25 -25.33 -15.46
CA MET I 343 41.70 -24.75 -14.20
C MET I 343 41.92 -25.84 -13.15
N HIS I 344 40.98 -26.79 -13.07
CA HIS I 344 41.08 -27.83 -12.05
C HIS I 344 42.39 -28.58 -12.16
N ASP I 345 42.70 -29.05 -13.37
CA ASP I 345 43.98 -29.74 -13.58
C ASP I 345 45.15 -28.82 -13.33
N TRP I 346 45.05 -27.56 -13.76
CA TRP I 346 46.13 -26.60 -13.53
C TRP I 346 46.46 -26.48 -12.04
N VAL I 347 45.44 -26.43 -11.19
CA VAL I 347 45.63 -26.23 -9.76
C VAL I 347 45.90 -27.55 -9.04
N LEU I 348 45.16 -28.60 -9.37
CA LEU I 348 45.26 -29.83 -8.59
C LEU I 348 46.02 -30.95 -9.30
N GLY I 349 46.39 -30.77 -10.56
CA GLY I 349 47.19 -31.75 -11.27
C GLY I 349 46.34 -32.80 -11.96
N ASN I 350 46.97 -33.50 -12.91
CA ASN I 350 46.30 -34.54 -13.68
C ASN I 350 47.39 -35.45 -14.22
N SER I 351 47.23 -36.76 -14.02
CA SER I 351 48.28 -37.69 -14.42
C SER I 351 48.32 -37.90 -15.92
N GLU I 352 47.26 -37.57 -16.64
CA GLU I 352 47.17 -37.75 -18.09
C GLU I 352 47.64 -36.51 -18.84
N TRP I 353 48.06 -36.71 -20.08
CA TRP I 353 48.31 -35.58 -20.96
C TRP I 353 47.04 -34.75 -21.13
N VAL I 354 47.17 -33.43 -20.97
CA VAL I 354 46.10 -32.54 -21.38
C VAL I 354 46.70 -31.47 -22.28
N SER I 355 45.82 -30.78 -22.99
CA SER I 355 46.22 -29.70 -23.88
C SER I 355 46.03 -28.37 -23.18
N MET I 356 47.02 -27.49 -23.33
CA MET I 356 46.96 -26.09 -22.93
C MET I 356 47.71 -25.27 -23.97
N ALA I 357 47.16 -24.10 -24.30
CA ALA I 357 47.85 -23.13 -25.15
C ALA I 357 48.76 -22.29 -24.26
N ILE I 358 50.06 -22.43 -24.44
CA ILE I 358 51.05 -21.90 -23.51
C ILE I 358 52.07 -21.06 -24.27
N PRO I 359 52.81 -20.18 -23.59
CA PRO I 359 53.88 -19.42 -24.26
C PRO I 359 54.96 -20.32 -24.84
N SER I 360 55.24 -20.12 -26.12
CA SER I 360 56.27 -20.93 -26.75
C SER I 360 57.66 -20.50 -26.29
N ARG I 361 58.38 -21.42 -25.65
CA ARG I 361 59.81 -21.34 -25.43
C ARG I 361 60.59 -22.17 -26.45
N GLY I 362 60.04 -22.36 -27.64
CA GLY I 362 60.73 -23.12 -28.65
C GLY I 362 60.63 -24.62 -28.51
N GLN I 363 59.77 -25.12 -27.63
CA GLN I 363 59.54 -26.56 -27.54
C GLN I 363 59.22 -27.12 -28.92
N TYR I 364 59.85 -28.25 -29.26
CA TYR I 364 59.72 -28.93 -30.56
C TYR I 364 60.03 -28.02 -31.72
N GLY I 365 60.80 -26.97 -31.48
CA GLY I 365 61.12 -26.01 -32.51
C GLY I 365 60.01 -25.03 -32.83
N ILE I 366 58.96 -24.97 -32.01
CA ILE I 366 57.86 -24.04 -32.28
C ILE I 366 58.36 -22.61 -32.10
N PRO I 367 58.08 -21.71 -33.05
CA PRO I 367 58.60 -20.33 -32.95
C PRO I 367 58.23 -19.66 -31.63
N ARG I 368 59.15 -18.84 -31.12
CA ARG I 368 58.97 -18.15 -29.86
C ARG I 368 58.01 -16.98 -30.00
N GLY I 369 57.45 -16.56 -28.87
CA GLY I 369 56.61 -15.38 -28.82
C GLY I 369 55.15 -15.58 -29.15
N ILE I 370 54.75 -16.78 -29.53
CA ILE I 370 53.34 -17.08 -29.73
C ILE I 370 52.90 -18.02 -28.62
N TRP I 371 51.58 -18.04 -28.41
CA TRP I 371 50.94 -19.01 -27.55
C TRP I 371 50.48 -20.16 -28.43
N CYS I 372 50.81 -21.38 -28.02
CA CYS I 372 50.61 -22.55 -28.86
C CYS I 372 50.19 -23.73 -27.99
N SER I 373 49.18 -24.46 -28.44
CA SER I 373 48.72 -25.62 -27.69
C SER I 373 49.73 -26.75 -27.81
N MET I 374 50.01 -27.41 -26.70
CA MET I 374 50.96 -28.51 -26.70
C MET I 374 50.51 -29.54 -25.68
N PRO I 375 50.96 -30.79 -25.81
CA PRO I 375 50.76 -31.78 -24.75
C PRO I 375 51.55 -31.38 -23.50
N VAL I 376 50.84 -31.26 -22.38
CA VAL I 376 51.47 -30.95 -21.10
C VAL I 376 50.97 -31.90 -20.01
N GLN I 377 51.78 -32.02 -18.97
CA GLN I 377 51.37 -32.62 -17.72
C GLN I 377 51.18 -31.52 -16.69
N CYS I 378 49.98 -31.46 -16.11
CA CYS I 378 49.74 -30.53 -15.03
C CYS I 378 50.12 -31.24 -13.74
N PHE I 379 51.19 -30.77 -13.10
CA PHE I 379 51.66 -31.38 -11.86
C PHE I 379 50.90 -30.85 -10.65
N GLY I 380 50.06 -29.84 -10.83
CA GLY I 380 49.42 -29.20 -9.71
C GLY I 380 50.16 -27.93 -9.30
N ALA I 381 49.51 -27.18 -8.40
CA ALA I 381 50.06 -25.95 -7.83
C ALA I 381 50.43 -24.95 -8.92
N GLY I 382 49.70 -24.94 -10.02
CA GLY I 382 49.95 -23.98 -11.08
C GLY I 382 51.12 -24.29 -11.99
N LYS I 383 51.79 -25.42 -11.80
CA LYS I 383 52.99 -25.75 -12.57
C LYS I 383 52.67 -26.82 -13.61
N TYR I 384 53.12 -26.61 -14.86
CA TYR I 384 52.94 -27.61 -15.90
C TYR I 384 54.23 -27.74 -16.71
N GLY I 385 54.34 -28.86 -17.44
CA GLY I 385 55.50 -29.11 -18.28
C GLY I 385 55.16 -29.81 -19.59
N VAL I 386 55.77 -29.32 -20.68
CA VAL I 386 55.56 -29.93 -21.99
C VAL I 386 56.07 -31.36 -21.96
N ILE I 387 55.30 -32.27 -22.57
CA ILE I 387 55.76 -33.64 -22.67
C ILE I 387 57.02 -33.66 -23.51
N GLU I 388 58.09 -34.24 -22.96
CA GLU I 388 59.38 -34.22 -23.63
C GLU I 388 59.61 -35.53 -24.36
N GLY I 389 60.52 -35.48 -25.34
CA GLY I 389 61.00 -36.68 -26.00
C GLY I 389 60.16 -37.19 -27.16
N LEU I 390 59.14 -36.46 -27.57
CA LEU I 390 58.25 -36.99 -28.59
C LEU I 390 58.86 -36.83 -29.98
N PRO I 391 58.98 -37.90 -30.76
CA PRO I 391 59.39 -37.76 -32.16
C PRO I 391 58.21 -37.25 -32.98
N ILE I 392 58.41 -36.14 -33.69
CA ILE I 392 57.37 -35.52 -34.47
C ILE I 392 57.57 -35.98 -35.90
N ASN I 393 56.62 -36.75 -36.44
CA ASN I 393 56.80 -37.23 -37.80
C ASN I 393 56.43 -36.12 -38.77
N SER I 394 56.64 -36.41 -40.05
CA SER I 394 56.53 -35.40 -41.09
C SER I 394 55.10 -34.93 -41.29
N PHE I 395 54.12 -35.83 -41.13
CA PHE I 395 52.73 -35.40 -41.22
C PHE I 395 52.38 -34.47 -40.07
N SER I 396 52.85 -34.78 -38.86
CA SER I 396 52.63 -33.89 -37.74
C SER I 396 53.28 -32.54 -37.99
N ALA I 397 54.55 -32.51 -38.42
CA ALA I 397 55.21 -31.23 -38.63
C ALA I 397 54.44 -30.38 -39.64
N ASP I 398 53.95 -31.01 -40.70
CA ASP I 398 53.14 -30.30 -41.69
C ASP I 398 51.92 -29.66 -41.03
N ARG I 399 51.24 -30.42 -40.16
CA ARG I 399 49.99 -29.93 -39.58
C ARG I 399 50.24 -28.89 -38.49
N ILE I 400 51.21 -29.15 -37.60
CA ILE I 400 51.62 -28.17 -36.61
C ILE I 400 52.05 -26.87 -37.29
N ASN I 401 52.83 -26.98 -38.38
CA ASN I 401 53.27 -25.77 -39.09
C ASN I 401 52.10 -24.98 -39.64
N ALA I 402 51.07 -25.66 -40.15
CA ALA I 402 49.91 -24.95 -40.68
C ALA I 402 49.23 -24.09 -39.61
N SER I 403 49.16 -24.59 -38.37
CA SER I 403 48.55 -23.80 -37.30
C SER I 403 49.48 -22.70 -36.82
N VAL I 404 50.77 -23.02 -36.72
CA VAL I 404 51.77 -22.01 -36.38
C VAL I 404 51.73 -20.87 -37.38
N LYS I 405 51.56 -21.19 -38.67
CA LYS I 405 51.44 -20.14 -39.67
C LYS I 405 50.32 -19.19 -39.33
N GLU I 406 49.18 -19.73 -38.90
CA GLU I 406 48.06 -18.88 -38.58
C GLU I 406 48.31 -18.05 -37.33
N LEU I 407 48.97 -18.63 -36.32
CA LEU I 407 49.27 -17.88 -35.11
C LEU I 407 50.22 -16.71 -35.40
N ILE I 408 51.22 -16.93 -36.26
CA ILE I 408 52.12 -15.84 -36.64
C ILE I 408 51.34 -14.75 -37.37
N GLU I 409 50.45 -15.16 -38.26
CA GLU I 409 49.60 -14.20 -38.98
C GLU I 409 48.74 -13.39 -38.01
N GLU I 410 48.20 -14.04 -36.97
CA GLU I 410 47.42 -13.30 -35.99
C GLU I 410 48.29 -12.33 -35.21
N LYS I 411 49.50 -12.77 -34.85
CA LYS I 411 50.40 -11.91 -34.10
C LYS I 411 50.78 -10.67 -34.90
N LYS I 412 51.02 -10.83 -36.20
CA LYS I 412 51.34 -9.67 -37.03
C LYS I 412 50.18 -8.69 -37.08
N ILE I 413 48.95 -9.19 -37.05
CA ILE I 413 47.78 -8.33 -37.17
C ILE I 413 47.63 -7.44 -35.94
N VAL I 414 47.96 -7.97 -34.76
CA VAL I 414 47.77 -7.24 -33.52
C VAL I 414 49.07 -6.60 -33.01
N GLU I 415 50.12 -6.58 -33.84
CA GLU I 415 51.46 -6.19 -33.38
C GLU I 415 51.47 -4.90 -32.56
N ASN I 416 50.61 -3.93 -32.90
CA ASN I 416 50.72 -2.60 -32.30
C ASN I 416 50.32 -2.55 -30.83
N LEU I 417 49.75 -3.61 -30.27
CA LEU I 417 49.40 -3.63 -28.86
C LEU I 417 50.40 -4.39 -28.01
N LEU I 418 51.59 -4.69 -28.54
CA LEU I 418 52.65 -5.35 -27.79
C LEU I 418 53.70 -4.35 -27.27
N GLN J 93 36.22 -50.59 -8.09
CA GLN J 93 35.92 -49.45 -7.22
C GLN J 93 34.69 -48.70 -7.73
N LEU J 94 34.34 -48.93 -9.00
CA LEU J 94 33.15 -48.33 -9.59
C LEU J 94 31.94 -49.19 -9.30
N ALA J 95 30.83 -48.55 -8.97
CA ALA J 95 29.59 -49.24 -8.73
C ALA J 95 28.98 -49.72 -10.05
N PRO J 96 28.00 -50.62 -10.00
CA PRO J 96 27.26 -50.94 -11.21
C PRO J 96 26.51 -49.72 -11.70
N PRO J 97 26.27 -49.62 -13.00
CA PRO J 97 25.64 -48.40 -13.54
C PRO J 97 24.17 -48.27 -13.10
N VAL J 98 23.73 -47.02 -12.95
CA VAL J 98 22.32 -46.70 -12.74
C VAL J 98 21.84 -45.85 -13.91
N THR J 99 20.52 -45.88 -14.14
CA THR J 99 19.89 -45.23 -15.28
C THR J 99 19.00 -44.07 -14.82
N ILE J 100 19.18 -42.89 -15.42
CA ILE J 100 18.44 -41.69 -15.06
C ILE J 100 17.69 -41.17 -16.28
N THR J 101 16.37 -41.05 -16.18
CA THR J 101 15.55 -40.48 -17.25
C THR J 101 15.30 -39.01 -16.95
N VAL J 102 15.51 -38.15 -17.95
CA VAL J 102 15.27 -36.72 -17.81
C VAL J 102 14.41 -36.24 -18.97
N SER J 103 13.24 -35.70 -18.64
CA SER J 103 12.37 -35.10 -19.64
C SER J 103 12.67 -33.61 -19.79
N GLY J 104 12.06 -33.00 -20.80
CA GLY J 104 12.38 -31.62 -21.11
C GLY J 104 13.85 -31.40 -21.29
N ALA J 105 14.53 -32.39 -21.88
CA ALA J 105 16.00 -32.45 -21.86
C ALA J 105 16.66 -31.43 -22.77
N CYS J 106 15.89 -30.66 -23.53
CA CYS J 106 16.39 -29.55 -24.33
C CYS J 106 16.32 -28.21 -23.61
N GLY J 107 15.71 -28.16 -22.45
CA GLY J 107 15.45 -26.89 -21.81
C GLY J 107 16.65 -26.31 -21.08
N GLN J 108 16.45 -25.10 -20.58
CA GLN J 108 17.53 -24.37 -19.94
C GLN J 108 17.93 -25.05 -18.63
N ILE J 109 16.94 -25.57 -17.89
CA ILE J 109 17.25 -26.30 -16.67
C ILE J 109 18.10 -27.52 -16.98
N ALA J 110 17.70 -28.32 -17.98
CA ALA J 110 18.48 -29.47 -18.38
C ALA J 110 19.90 -29.08 -18.75
N ASN J 111 20.05 -27.95 -19.44
CA ASN J 111 21.38 -27.52 -19.87
C ASN J 111 22.35 -27.41 -18.70
N SER J 112 21.86 -27.01 -17.53
CA SER J 112 22.73 -27.01 -16.36
C SER J 112 22.72 -28.36 -15.63
N LEU J 113 21.56 -29.03 -15.56
CA LEU J 113 21.45 -30.25 -14.77
C LEU J 113 22.33 -31.37 -15.32
N LEU J 114 22.27 -31.59 -16.63
CA LEU J 114 22.82 -32.84 -17.15
C LEU J 114 24.33 -32.91 -16.92
N PHE J 115 25.02 -31.77 -17.07
CA PHE J 115 26.47 -31.78 -16.85
C PHE J 115 26.83 -32.05 -15.39
N ARG J 116 25.98 -31.63 -14.45
CA ARG J 116 26.23 -31.88 -13.03
C ARG J 116 25.67 -33.21 -12.58
N ILE J 117 25.04 -33.93 -13.50
CA ILE J 117 24.88 -35.37 -13.33
C ILE J 117 26.08 -36.10 -13.90
N ALA J 118 26.46 -35.76 -15.13
CA ALA J 118 27.52 -36.52 -15.80
C ALA J 118 28.84 -36.38 -15.07
N ASN J 119 29.05 -35.27 -14.35
CA ASN J 119 30.32 -35.09 -13.64
C ASN J 119 30.40 -35.91 -12.36
N GLY J 120 29.33 -36.62 -11.99
CA GLY J 120 29.31 -37.41 -10.78
C GLY J 120 28.88 -36.67 -9.53
N GLU J 121 28.46 -35.41 -9.65
CA GLU J 121 28.12 -34.61 -8.47
C GLU J 121 26.81 -35.11 -7.82
N MET J 122 25.81 -35.44 -8.64
CA MET J 122 24.51 -35.81 -8.10
C MET J 122 24.53 -37.13 -7.34
N LEU J 123 25.20 -38.16 -7.88
CA LEU J 123 25.12 -39.49 -7.31
C LEU J 123 26.44 -40.00 -6.74
N GLY J 124 27.53 -39.27 -6.88
CA GLY J 124 28.78 -39.72 -6.32
C GLY J 124 29.79 -40.03 -7.41
N GLU J 125 31.06 -39.78 -7.09
CA GLU J 125 32.13 -39.86 -8.08
C GLU J 125 32.45 -41.28 -8.53
N ASN J 126 31.97 -42.30 -7.83
CA ASN J 126 32.21 -43.67 -8.23
C ASN J 126 30.95 -44.35 -8.73
N GLN J 127 29.96 -43.56 -9.15
CA GLN J 127 28.69 -44.10 -9.63
C GLN J 127 28.51 -43.78 -11.11
N PRO J 128 28.81 -44.72 -12.02
CA PRO J 128 28.55 -44.47 -13.43
C PRO J 128 27.05 -44.31 -13.67
N VAL J 129 26.72 -43.46 -14.65
CA VAL J 129 25.34 -43.12 -14.95
C VAL J 129 25.06 -43.33 -16.44
N LYS J 130 23.81 -43.69 -16.73
CA LYS J 130 23.30 -43.72 -18.09
C LYS J 130 22.12 -42.76 -18.15
N LEU J 131 22.13 -41.87 -19.13
CA LEU J 131 21.09 -40.85 -19.29
C LEU J 131 20.12 -41.26 -20.38
N ARG J 132 18.84 -41.24 -20.07
CA ARG J 132 17.78 -41.42 -21.05
C ARG J 132 17.06 -40.09 -21.12
N LEU J 133 17.25 -39.40 -22.24
CA LEU J 133 16.81 -38.01 -22.41
C LEU J 133 15.53 -37.99 -23.26
N LEU J 134 14.47 -37.39 -22.73
CA LEU J 134 13.18 -37.34 -23.38
C LEU J 134 12.84 -35.91 -23.78
N GLU J 135 12.31 -35.73 -24.99
CA GLU J 135 11.86 -34.43 -25.47
C GLU J 135 10.62 -34.61 -26.33
N ARG J 136 10.01 -33.48 -26.69
CA ARG J 136 8.91 -33.49 -27.64
C ARG J 136 9.42 -33.91 -29.01
N PRO J 137 8.55 -34.48 -29.84
CA PRO J 137 9.00 -34.94 -31.17
C PRO J 137 9.71 -33.87 -31.98
N GLU J 138 9.22 -32.63 -31.93
CA GLU J 138 9.77 -31.56 -32.74
C GLU J 138 11.11 -31.03 -32.21
N ALA J 139 11.57 -31.49 -31.05
CA ALA J 139 12.82 -31.02 -30.48
C ALA J 139 13.95 -32.04 -30.60
N MET J 140 13.75 -33.13 -31.36
CA MET J 140 14.74 -34.19 -31.40
C MET J 140 16.03 -33.74 -32.09
N LYS J 141 15.92 -32.89 -33.12
CA LYS J 141 17.12 -32.40 -33.77
C LYS J 141 17.97 -31.61 -32.78
N ALA J 142 17.33 -30.77 -31.97
CA ALA J 142 18.06 -30.03 -30.96
C ALA J 142 18.60 -30.97 -29.88
N LEU J 143 17.85 -32.03 -29.56
CA LEU J 143 18.34 -32.96 -28.55
C LEU J 143 19.62 -33.64 -29.00
N GLU J 144 19.77 -33.88 -30.31
CA GLU J 144 21.03 -34.40 -30.82
C GLU J 144 22.19 -33.49 -30.41
N GLY J 145 21.96 -32.17 -30.42
CA GLY J 145 22.98 -31.24 -29.97
C GLY J 145 23.33 -31.40 -28.50
N VAL J 146 22.33 -31.67 -27.66
CA VAL J 146 22.58 -31.85 -26.25
C VAL J 146 23.55 -33.02 -26.05
N LYS J 147 23.30 -34.12 -26.76
CA LYS J 147 24.17 -35.29 -26.63
C LYS J 147 25.59 -34.97 -27.05
N MET J 148 25.75 -34.22 -28.14
CA MET J 148 27.07 -33.83 -28.61
C MET J 148 27.81 -33.03 -27.55
N GLU J 149 27.11 -32.09 -26.90
CA GLU J 149 27.78 -31.31 -25.86
C GLU J 149 28.19 -32.18 -24.69
N LEU J 150 27.32 -33.11 -24.29
CA LEU J 150 27.64 -33.96 -23.16
C LEU J 150 28.80 -34.89 -23.47
N ASP J 151 28.81 -35.49 -24.66
CA ASP J 151 29.96 -36.28 -25.07
C ASP J 151 31.23 -35.45 -24.97
N ASP J 152 31.16 -34.19 -25.43
CA ASP J 152 32.31 -33.29 -25.40
C ASP J 152 32.74 -32.91 -24.00
N GLY J 153 31.96 -33.28 -22.97
CA GLY J 153 32.44 -33.18 -21.61
C GLY J 153 33.45 -34.23 -21.24
N ALA J 154 33.59 -35.29 -22.05
CA ALA J 154 34.55 -36.35 -21.84
C ALA J 154 34.42 -36.93 -20.43
N PHE J 155 33.18 -37.20 -20.03
CA PHE J 155 32.91 -37.65 -18.67
C PHE J 155 33.17 -39.15 -18.57
N PRO J 156 34.10 -39.60 -17.73
CA PRO J 156 34.31 -41.04 -17.57
C PRO J 156 33.09 -41.75 -17.03
N LEU J 157 32.25 -41.07 -16.25
CA LEU J 157 31.12 -41.74 -15.63
C LEU J 157 29.94 -41.89 -16.58
N LEU J 158 29.90 -41.15 -17.69
CA LEU J 158 28.74 -41.14 -18.58
C LEU J 158 28.81 -42.31 -19.56
N GLU J 159 28.18 -43.41 -19.20
CA GLU J 159 28.37 -44.61 -20.01
C GLU J 159 27.45 -44.67 -21.21
N GLU J 160 26.34 -43.94 -21.22
CA GLU J 160 25.42 -43.98 -22.35
C GLU J 160 24.54 -42.75 -22.33
N ILE J 161 24.20 -42.26 -23.53
CA ILE J 161 23.21 -41.20 -23.70
C ILE J 161 22.20 -41.69 -24.73
N TYR J 162 20.96 -41.91 -24.29
CA TYR J 162 19.90 -42.39 -25.15
C TYR J 162 18.89 -41.26 -25.36
N LEU J 163 18.51 -41.03 -26.63
CA LEU J 163 17.61 -39.94 -27.00
C LEU J 163 16.29 -40.50 -27.49
N THR J 164 15.18 -39.89 -27.07
CA THR J 164 13.90 -40.42 -27.51
C THR J 164 12.80 -39.39 -27.29
N ASP J 165 11.75 -39.47 -28.10
CA ASP J 165 10.51 -38.74 -27.87
C ASP J 165 9.38 -39.66 -27.41
N SER J 166 9.71 -40.85 -26.92
CA SER J 166 8.73 -41.81 -26.46
C SER J 166 8.91 -42.00 -24.97
N GLU J 167 7.85 -41.76 -24.21
CA GLU J 167 7.91 -41.97 -22.78
C GLU J 167 8.14 -43.43 -22.46
N ASN J 168 7.54 -44.33 -23.26
CA ASN J 168 7.75 -45.76 -23.02
C ASN J 168 9.23 -46.12 -23.13
N ASP J 169 9.90 -45.65 -24.19
CA ASP J 169 11.34 -45.92 -24.29
C ASP J 169 12.12 -45.20 -23.19
N ALA J 170 11.72 -43.98 -22.87
CA ALA J 170 12.49 -43.14 -21.94
C ALA J 170 12.68 -43.81 -20.58
N PHE J 171 11.62 -44.38 -20.03
CA PHE J 171 11.67 -44.88 -18.67
C PHE J 171 12.12 -46.32 -18.54
N ARG J 172 12.30 -47.05 -19.64
CA ARG J 172 12.79 -48.43 -19.55
C ARG J 172 14.03 -48.50 -18.67
N GLY J 173 13.94 -49.34 -17.64
CA GLY J 173 15.08 -49.59 -16.76
C GLY J 173 15.51 -48.41 -15.94
N ALA J 174 14.64 -47.41 -15.73
CA ALA J 174 15.04 -46.22 -14.96
C ALA J 174 15.19 -46.53 -13.48
N ASP J 175 16.33 -46.10 -12.91
CA ASP J 175 16.54 -46.06 -11.47
C ASP J 175 16.16 -44.71 -10.88
N TYR J 176 16.24 -43.67 -11.70
CA TYR J 176 15.94 -42.31 -11.31
C TYR J 176 15.21 -41.62 -12.44
N ALA J 177 14.32 -40.70 -12.09
CA ALA J 177 13.67 -39.89 -13.11
C ALA J 177 13.58 -38.47 -12.57
N ILE J 178 13.99 -37.52 -13.39
CA ILE J 178 13.85 -36.10 -13.08
C ILE J 178 12.95 -35.54 -14.17
N LEU J 179 11.76 -35.09 -13.78
CA LEU J 179 10.71 -34.70 -14.70
C LEU J 179 10.67 -33.18 -14.82
N LEU J 180 11.32 -32.66 -15.85
CA LEU J 180 11.37 -31.23 -16.13
C LEU J 180 10.32 -30.79 -17.13
N GLY J 181 9.92 -31.67 -18.02
CA GLY J 181 9.05 -31.28 -19.10
C GLY J 181 7.60 -31.13 -18.64
N GLY J 182 6.93 -30.18 -19.24
CA GLY J 182 5.53 -29.92 -18.94
C GLY J 182 4.97 -28.98 -19.99
N LYS J 183 3.77 -28.49 -19.72
CA LYS J 183 3.11 -27.58 -20.65
C LYS J 183 3.21 -26.16 -20.12
N PRO J 184 3.90 -25.26 -20.81
CA PRO J 184 3.99 -23.87 -20.33
C PRO J 184 2.65 -23.17 -20.42
N ARG J 185 2.45 -22.19 -19.52
CA ARG J 185 1.21 -21.43 -19.44
C ARG J 185 0.99 -20.41 -20.57
N MET J 189 -4.32 -18.85 -21.41
CA MET J 189 -4.55 -20.01 -20.56
C MET J 189 -4.65 -19.64 -19.07
N GLU J 190 -5.78 -20.01 -18.46
CA GLU J 190 -6.02 -19.81 -17.04
C GLU J 190 -5.31 -20.90 -16.22
N ARG J 191 -5.11 -20.60 -14.94
CA ARG J 191 -4.37 -21.52 -14.07
C ARG J 191 -4.97 -22.93 -14.10
N ALA J 192 -6.30 -23.04 -14.16
CA ALA J 192 -6.93 -24.35 -14.14
C ALA J 192 -6.56 -25.16 -15.39
N ASP J 193 -6.53 -24.51 -16.56
CA ASP J 193 -6.16 -25.20 -17.78
C ASP J 193 -4.70 -25.64 -17.73
N VAL J 194 -3.83 -24.83 -17.13
CA VAL J 194 -2.44 -25.20 -16.94
C VAL J 194 -2.35 -26.46 -16.09
N MET J 195 -3.16 -26.54 -15.04
CA MET J 195 -3.15 -27.72 -14.17
C MET J 195 -3.62 -28.97 -14.90
N LYS J 196 -4.72 -28.86 -15.65
CA LYS J 196 -5.31 -30.04 -16.28
C LYS J 196 -4.46 -30.52 -17.46
N ASP J 197 -3.92 -29.60 -18.26
CA ASP J 197 -3.06 -30.03 -19.36
C ASP J 197 -1.85 -30.78 -18.83
N ASN J 198 -1.24 -30.28 -17.77
CA ASN J 198 -0.10 -30.99 -17.19
C ASN J 198 -0.54 -32.27 -16.49
N ALA J 199 -1.73 -32.28 -15.90
CA ALA J 199 -2.20 -33.52 -15.29
C ALA J 199 -2.20 -34.65 -16.31
N ALA J 200 -2.66 -34.38 -17.53
CA ALA J 200 -2.69 -35.43 -18.55
C ALA J 200 -1.29 -35.91 -18.88
N ILE J 201 -0.33 -34.99 -18.91
CA ILE J 201 1.06 -35.38 -19.18
C ILE J 201 1.59 -36.29 -18.08
N PHE J 202 1.36 -35.92 -16.82
CA PHE J 202 1.93 -36.70 -15.72
C PHE J 202 1.12 -37.94 -15.40
N LYS J 203 -0.13 -38.02 -15.83
CA LYS J 203 -0.84 -39.28 -15.83
C LYS J 203 -0.17 -40.28 -16.77
N ALA J 204 0.15 -39.83 -17.98
CA ALA J 204 0.79 -40.71 -18.95
C ALA J 204 2.18 -41.12 -18.47
N GLN J 205 2.90 -40.20 -17.84
CA GLN J 205 4.26 -40.50 -17.40
C GLN J 205 4.27 -41.37 -16.15
N GLY J 206 3.31 -41.18 -15.24
CA GLY J 206 3.16 -42.15 -14.17
C GLY J 206 2.87 -43.54 -14.70
N GLU J 207 2.02 -43.64 -15.72
CA GLU J 207 1.72 -44.92 -16.33
C GLU J 207 2.97 -45.54 -16.96
N ALA J 208 3.73 -44.72 -17.69
CA ALA J 208 4.95 -45.23 -18.31
C ALA J 208 5.95 -45.66 -17.25
N LEU J 209 6.10 -44.83 -16.21
CA LEU J 209 6.99 -45.15 -15.10
C LEU J 209 6.60 -46.48 -14.46
N ASN J 210 5.32 -46.64 -14.17
CA ASN J 210 4.87 -47.86 -13.50
C ASN J 210 5.18 -49.08 -14.35
N LYS J 211 5.02 -48.95 -15.66
CA LYS J 211 5.24 -50.07 -16.57
C LYS J 211 6.73 -50.36 -16.77
N GLN J 212 7.56 -49.32 -16.93
CA GLN J 212 8.90 -49.47 -17.50
C GLN J 212 10.04 -49.35 -16.52
N ALA J 213 9.92 -48.50 -15.49
CA ALA J 213 11.06 -48.22 -14.63
C ALA J 213 11.33 -49.39 -13.69
N ASN J 214 12.50 -49.36 -13.05
CA ASN J 214 12.81 -50.37 -12.05
C ASN J 214 12.02 -50.13 -10.78
N GLY J 215 11.87 -51.18 -9.98
CA GLY J 215 10.90 -51.16 -8.89
C GLY J 215 11.18 -50.11 -7.84
N ASP J 216 12.45 -49.82 -7.57
CA ASP J 216 12.84 -48.87 -6.53
C ASP J 216 13.07 -47.47 -7.07
N VAL J 217 12.54 -47.15 -8.25
CA VAL J 217 12.84 -45.88 -8.90
C VAL J 217 12.46 -44.71 -8.00
N LEU J 218 13.31 -43.69 -7.99
CA LEU J 218 13.00 -42.43 -7.32
C LEU J 218 12.70 -41.37 -8.38
N VAL J 219 11.56 -40.69 -8.23
CA VAL J 219 11.06 -39.77 -9.22
C VAL J 219 10.99 -38.38 -8.61
N LEU J 220 11.60 -37.39 -9.25
CA LEU J 220 11.57 -36.00 -8.82
C LEU J 220 10.77 -35.19 -9.82
N ILE J 221 9.69 -34.58 -9.38
CA ILE J 221 8.91 -33.71 -10.26
C ILE J 221 9.38 -32.27 -10.05
N VAL J 222 9.81 -31.62 -11.14
CA VAL J 222 10.19 -30.22 -11.13
C VAL J 222 9.14 -29.35 -11.82
N ALA J 223 8.55 -29.83 -12.92
CA ALA J 223 7.61 -29.03 -13.68
C ALA J 223 6.40 -28.61 -12.84
N ASN J 224 5.95 -27.38 -13.03
CA ASN J 224 4.79 -26.88 -12.30
C ASN J 224 3.47 -27.33 -12.94
N PRO J 225 2.40 -27.47 -12.14
CA PRO J 225 2.40 -27.37 -10.67
C PRO J 225 3.02 -28.60 -10.01
N ALA J 226 4.18 -28.40 -9.37
CA ALA J 226 5.04 -29.53 -8.98
C ALA J 226 4.29 -30.48 -8.05
N ASN J 227 3.82 -29.96 -6.91
CA ASN J 227 3.12 -30.80 -5.92
C ASN J 227 2.01 -31.59 -6.57
N THR J 228 1.18 -30.92 -7.38
CA THR J 228 0.05 -31.60 -8.01
C THR J 228 0.49 -32.58 -9.08
N ASN J 229 1.50 -32.19 -9.89
CA ASN J 229 2.02 -33.12 -10.89
C ASN J 229 2.50 -34.41 -10.24
N ALA J 230 3.18 -34.29 -9.09
CA ALA J 230 3.67 -35.48 -8.39
C ALA J 230 2.52 -36.36 -7.91
N MET J 231 1.47 -35.75 -7.37
CA MET J 231 0.32 -36.51 -6.90
C MET J 231 -0.33 -37.28 -8.04
N ILE J 232 -0.49 -36.61 -9.18
CA ILE J 232 -1.06 -37.24 -10.37
C ILE J 232 -0.18 -38.39 -10.84
N THR J 233 1.14 -38.18 -10.85
CA THR J 233 2.06 -39.24 -11.24
C THR J 233 1.89 -40.46 -10.34
N SER J 234 1.90 -40.22 -9.02
CA SER J 234 1.79 -41.32 -8.07
C SER J 234 0.45 -42.03 -8.20
N ALA J 235 -0.63 -41.26 -8.39
CA ALA J 235 -1.95 -41.87 -8.50
C ALA J 235 -2.02 -42.81 -9.70
N ASN J 236 -1.20 -42.56 -10.71
CA ASN J 236 -1.22 -43.38 -11.91
C ASN J 236 -0.04 -44.33 -11.97
N ALA J 237 0.58 -44.58 -10.82
CA ALA J 237 1.68 -45.55 -10.69
C ALA J 237 1.44 -46.39 -9.45
N PRO J 238 0.41 -47.25 -9.48
CA PRO J 238 0.01 -47.94 -8.24
C PRO J 238 1.07 -48.87 -7.66
N ASP J 239 2.05 -49.31 -8.43
CA ASP J 239 3.07 -50.17 -7.84
C ASP J 239 4.31 -49.41 -7.37
N ILE J 240 4.34 -48.09 -7.52
CA ILE J 240 5.46 -47.30 -7.01
C ILE J 240 5.07 -46.76 -5.64
N PRO J 241 5.81 -47.07 -4.58
CA PRO J 241 5.50 -46.49 -3.28
C PRO J 241 5.41 -44.98 -3.39
N PRO J 242 4.31 -44.39 -2.94
CA PRO J 242 4.13 -42.94 -3.13
C PRO J 242 5.31 -42.10 -2.63
N GLU J 243 6.03 -42.55 -1.60
CA GLU J 243 7.13 -41.78 -1.05
C GLU J 243 8.31 -41.66 -1.99
N ASN J 244 8.38 -42.52 -3.00
CA ASN J 244 9.43 -42.49 -4.00
C ASN J 244 9.14 -41.49 -5.11
N ILE J 245 8.03 -40.76 -5.04
CA ILE J 245 7.69 -39.69 -5.97
C ILE J 245 7.54 -38.41 -5.17
N THR J 246 8.44 -37.44 -5.40
CA THR J 246 8.38 -36.17 -4.68
C THR J 246 8.39 -35.02 -5.67
N ALA J 247 8.05 -33.84 -5.15
CA ALA J 247 8.14 -32.60 -5.89
C ALA J 247 9.17 -31.71 -5.21
N MET J 248 9.78 -30.83 -6.00
CA MET J 248 10.93 -30.05 -5.57
C MET J 248 10.49 -28.71 -4.96
N THR J 249 10.77 -28.54 -3.68
CA THR J 249 10.76 -27.23 -3.02
C THR J 249 12.14 -26.83 -2.57
N ARG J 250 13.15 -27.59 -3.00
CA ARG J 250 14.51 -27.37 -2.57
C ARG J 250 15.02 -26.00 -2.99
N LEU J 251 14.45 -25.43 -4.06
CA LEU J 251 14.90 -24.11 -4.48
C LEU J 251 14.33 -23.02 -3.59
N ASP J 252 13.04 -23.10 -3.27
CA ASP J 252 12.48 -22.22 -2.24
C ASP J 252 13.29 -22.32 -0.96
N HIS J 253 13.58 -23.56 -0.53
CA HIS J 253 14.36 -23.80 0.67
C HIS J 253 15.71 -23.08 0.60
N ASP J 254 16.46 -23.32 -0.47
CA ASP J 254 17.77 -22.70 -0.59
C ASP J 254 17.67 -21.18 -0.69
N ARG J 255 16.61 -20.67 -1.33
CA ARG J 255 16.42 -19.23 -1.41
C ARG J 255 16.20 -18.65 -0.03
N GLY J 256 15.46 -19.36 0.82
CA GLY J 256 15.30 -18.93 2.21
C GLY J 256 16.62 -18.87 2.94
N LEU J 257 17.43 -19.92 2.80
CA LEU J 257 18.77 -19.89 3.38
C LEU J 257 19.54 -18.68 2.89
N ALA J 258 19.39 -18.33 1.61
CA ALA J 258 20.18 -17.21 1.10
C ALA J 258 19.71 -15.88 1.68
N GLN J 259 18.40 -15.73 1.90
CA GLN J 259 17.88 -14.50 2.51
C GLN J 259 18.38 -14.34 3.94
N VAL J 260 18.36 -15.44 4.71
CA VAL J 260 18.90 -15.41 6.06
C VAL J 260 20.37 -14.99 6.04
N ALA J 261 21.19 -15.68 5.25
CA ALA J 261 22.61 -15.40 5.25
C ALA J 261 22.91 -13.97 4.85
N ALA J 262 22.19 -13.45 3.85
CA ALA J 262 22.40 -12.09 3.41
C ALA J 262 22.00 -11.07 4.49
N LYS J 263 20.83 -11.28 5.12
CA LYS J 263 20.33 -10.31 6.09
C LYS J 263 21.20 -10.32 7.36
N VAL J 264 21.48 -11.51 7.88
CA VAL J 264 22.22 -11.69 9.12
C VAL J 264 23.74 -11.62 8.92
N GLY J 265 24.24 -11.89 7.72
CA GLY J 265 25.67 -11.85 7.48
C GLY J 265 26.46 -13.04 7.96
N CYS J 266 25.86 -14.24 7.96
CA CYS J 266 26.53 -15.43 8.43
C CYS J 266 26.84 -16.34 7.24
N ASN J 267 27.53 -17.44 7.51
CA ASN J 267 27.71 -18.41 6.44
C ASN J 267 26.48 -19.30 6.31
N ILE J 268 26.32 -19.87 5.12
CA ILE J 268 25.23 -20.81 4.87
C ILE J 268 25.27 -21.95 5.87
N THR J 269 26.47 -22.43 6.20
CA THR J 269 26.59 -23.54 7.14
C THR J 269 26.29 -23.14 8.58
N ASP J 270 26.23 -21.85 8.89
CA ASP J 270 25.82 -21.46 10.24
C ASP J 270 24.32 -21.68 10.48
N ILE J 271 23.53 -21.85 9.42
CA ILE J 271 22.08 -21.93 9.51
C ILE J 271 21.65 -23.37 9.67
N SER J 272 20.74 -23.61 10.63
CA SER J 272 20.18 -24.94 10.89
C SER J 272 18.68 -24.83 11.09
N ARG J 273 17.98 -25.94 10.81
CA ARG J 273 16.56 -26.12 11.12
C ARG J 273 15.68 -25.07 10.45
N PHE J 274 15.77 -25.03 9.11
CA PHE J 274 14.90 -24.23 8.27
C PHE J 274 14.09 -25.15 7.36
N ALA J 275 12.87 -24.72 6.99
CA ALA J 275 12.04 -25.57 6.14
C ALA J 275 10.99 -24.77 5.41
N ILE J 276 10.54 -25.30 4.26
CA ILE J 276 9.40 -24.78 3.50
C ILE J 276 8.23 -25.75 3.68
N TRP J 277 7.08 -25.24 4.11
CA TRP J 277 5.87 -26.05 4.20
C TRP J 277 4.94 -25.75 3.02
N GLY J 278 4.25 -26.77 2.56
CA GLY J 278 3.14 -26.51 1.66
C GLY J 278 3.40 -26.70 0.18
N ASN J 279 2.83 -25.82 -0.63
CA ASN J 279 2.84 -25.92 -2.08
C ASN J 279 4.08 -25.24 -2.66
N HIS J 280 4.56 -25.77 -3.77
CA HIS J 280 5.60 -25.04 -4.50
C HIS J 280 4.93 -23.88 -5.23
N SER J 281 4.67 -22.80 -4.49
CA SER J 281 3.95 -21.67 -5.04
C SER J 281 4.07 -20.50 -4.05
N ALA J 282 3.40 -19.40 -4.38
CA ALA J 282 3.41 -18.22 -3.52
C ALA J 282 2.65 -18.40 -2.21
N THR J 283 1.89 -19.49 -2.02
CA THR J 283 1.29 -19.74 -0.71
C THR J 283 2.19 -20.57 0.19
N GLN J 284 3.38 -20.91 -0.28
CA GLN J 284 4.31 -21.67 0.55
C GLN J 284 4.59 -20.93 1.85
N TYR J 285 4.97 -21.69 2.87
CA TYR J 285 5.35 -21.11 4.16
C TYR J 285 6.82 -21.37 4.48
N PRO J 286 7.70 -20.42 4.23
CA PRO J 286 9.11 -20.55 4.67
C PRO J 286 9.16 -20.36 6.18
N ASP J 287 9.60 -21.38 6.91
CA ASP J 287 9.38 -21.46 8.35
C ASP J 287 10.68 -21.23 9.10
N LEU J 288 10.80 -20.09 9.79
CA LEU J 288 11.96 -19.79 10.61
C LEU J 288 11.77 -20.15 12.08
N SER J 289 10.64 -20.80 12.44
CA SER J 289 10.29 -20.96 13.86
C SER J 289 11.34 -21.72 14.64
N PHE J 290 12.07 -22.64 14.00
CA PHE J 290 13.05 -23.46 14.70
C PHE J 290 14.48 -23.15 14.27
N THR J 291 14.67 -22.16 13.41
CA THR J 291 15.97 -21.93 12.80
C THR J 291 16.96 -21.41 13.82
N THR J 292 18.20 -21.89 13.72
CA THR J 292 19.27 -21.40 14.59
C THR J 292 20.44 -20.93 13.75
N ILE J 293 21.21 -20.02 14.33
CA ILE J 293 22.36 -19.46 13.66
C ILE J 293 23.58 -19.66 14.55
N LYS J 294 24.53 -20.44 14.05
CA LYS J 294 25.76 -20.73 14.80
C LYS J 294 26.49 -19.43 15.10
N GLY J 295 26.81 -19.22 16.38
CA GLY J 295 27.55 -18.07 16.83
C GLY J 295 26.71 -16.84 17.15
N GLN J 296 25.50 -16.76 16.64
CA GLN J 296 24.64 -15.60 16.82
C GLN J 296 23.52 -15.89 17.82
N TRP J 297 23.64 -15.33 19.02
CA TRP J 297 22.59 -15.40 20.04
C TRP J 297 22.14 -13.98 20.36
N GLY J 298 21.18 -13.86 21.28
CA GLY J 298 20.60 -12.58 21.67
C GLY J 298 19.76 -11.93 20.58
N LEU J 299 19.82 -10.60 20.51
CA LEU J 299 19.03 -9.86 19.53
C LEU J 299 19.35 -10.38 18.13
N ASN J 300 18.32 -10.78 17.39
CA ASN J 300 18.55 -11.32 16.05
C ASN J 300 17.29 -11.17 15.21
N VAL J 301 17.47 -10.72 13.98
CA VAL J 301 16.34 -10.38 13.13
C VAL J 301 15.44 -11.57 12.78
N ILE J 302 15.94 -12.81 12.84
CA ILE J 302 15.06 -13.94 12.48
C ILE J 302 14.04 -14.23 13.57
N ASN J 303 14.11 -13.52 14.70
CA ASN J 303 13.07 -13.56 15.72
C ASN J 303 11.95 -12.56 15.40
N ASP J 304 12.22 -11.59 14.55
CA ASP J 304 11.29 -10.48 14.33
C ASP J 304 10.14 -10.97 13.48
N GLU J 305 9.00 -11.19 14.14
CA GLU J 305 7.80 -11.68 13.46
C GLU J 305 7.33 -10.71 12.39
N GLN J 306 7.48 -9.41 12.64
CA GLN J 306 7.12 -8.42 11.63
C GLN J 306 8.04 -8.50 10.41
N TRP J 307 9.34 -8.72 10.63
CA TRP J 307 10.24 -8.87 9.49
C TRP J 307 9.93 -10.14 8.70
N ILE J 308 9.65 -11.24 9.41
CA ILE J 308 9.30 -12.49 8.76
C ILE J 308 8.11 -12.28 7.84
N THR J 309 7.05 -11.66 8.37
CA THR J 309 5.79 -11.52 7.67
C THR J 309 5.88 -10.54 6.52
N ASN J 310 6.55 -9.40 6.74
CA ASN J 310 6.54 -8.32 5.76
C ASN J 310 7.70 -8.39 4.77
N GLU J 311 8.80 -9.07 5.11
CA GLU J 311 9.94 -9.08 4.21
C GLU J 311 10.37 -10.48 3.83
N PHE J 312 10.78 -11.31 4.79
CA PHE J 312 11.39 -12.60 4.47
C PHE J 312 10.46 -13.46 3.63
N ILE J 313 9.26 -13.76 4.14
CA ILE J 313 8.34 -14.64 3.44
C ILE J 313 7.97 -14.10 2.06
N PRO J 314 7.58 -12.83 1.91
CA PRO J 314 7.29 -12.35 0.55
C PRO J 314 8.50 -12.38 -0.36
N ASN J 315 9.69 -12.09 0.16
CA ASN J 315 10.87 -12.12 -0.70
C ASN J 315 11.14 -13.53 -1.19
N VAL J 316 10.91 -14.52 -0.32
CA VAL J 316 11.11 -15.90 -0.72
C VAL J 316 10.06 -16.30 -1.73
N GLN J 317 8.82 -15.90 -1.50
CA GLN J 317 7.73 -16.27 -2.39
C GLN J 317 7.88 -15.64 -3.75
N GLN J 318 8.45 -14.44 -3.82
CA GLN J 318 8.53 -13.69 -5.05
C GLN J 318 9.93 -13.70 -5.66
N ARG J 319 10.82 -14.57 -5.18
CA ARG J 319 12.20 -14.53 -5.64
C ARG J 319 12.30 -14.80 -7.13
N GLY J 320 11.48 -15.71 -7.66
CA GLY J 320 11.55 -16.00 -9.09
C GLY J 320 11.26 -14.78 -9.95
N ALA J 321 10.26 -14.00 -9.55
CA ALA J 321 9.91 -12.80 -10.31
C ALA J 321 11.04 -11.77 -10.26
N ALA J 322 11.73 -11.68 -9.13
CA ALA J 322 12.84 -10.72 -9.00
C ALA J 322 13.98 -11.08 -9.94
N ILE J 323 14.29 -12.37 -10.08
CA ILE J 323 15.36 -12.78 -10.99
C ILE J 323 15.00 -12.47 -12.43
N ILE J 324 13.75 -12.74 -12.82
CA ILE J 324 13.29 -12.41 -14.16
C ILE J 324 13.40 -10.91 -14.41
N LYS J 325 13.10 -10.10 -13.39
CA LYS J 325 13.19 -8.65 -13.57
C LYS J 325 14.63 -8.22 -13.81
N ALA J 326 15.58 -8.87 -13.15
CA ALA J 326 16.98 -8.48 -13.31
C ALA J 326 17.59 -9.05 -14.60
N ARG J 327 17.34 -10.33 -14.90
CA ARG J 327 18.00 -10.98 -16.02
C ARG J 327 17.16 -11.01 -17.29
N GLY J 328 15.84 -10.93 -17.18
CA GLY J 328 14.97 -11.10 -18.33
C GLY J 328 14.65 -12.54 -18.66
N LYS J 329 15.18 -13.50 -17.89
CA LYS J 329 14.90 -14.91 -18.07
C LYS J 329 14.73 -15.55 -16.69
N SER J 330 14.08 -16.71 -16.67
CA SER J 330 13.86 -17.39 -15.40
C SER J 330 15.14 -18.07 -14.93
N SER J 331 15.11 -18.53 -13.68
CA SER J 331 16.29 -18.99 -12.95
C SER J 331 16.62 -20.46 -13.22
N ALA J 332 16.92 -20.76 -14.49
CA ALA J 332 17.17 -22.14 -14.88
C ALA J 332 18.36 -22.73 -14.12
N ALA J 333 19.44 -21.96 -13.97
CA ALA J 333 20.64 -22.49 -13.34
C ALA J 333 20.42 -22.80 -11.86
N SER J 334 19.76 -21.92 -11.11
CA SER J 334 19.53 -22.30 -9.72
C SER J 334 18.47 -23.39 -9.60
N ALA J 335 17.48 -23.44 -10.49
CA ALA J 335 16.53 -24.55 -10.42
C ALA J 335 17.23 -25.89 -10.63
N ALA J 336 18.16 -25.93 -11.59
CA ALA J 336 18.97 -27.12 -11.80
C ALA J 336 19.80 -27.44 -10.58
N ASP J 337 20.36 -26.41 -9.95
CA ASP J 337 21.15 -26.63 -8.74
C ASP J 337 20.33 -27.28 -7.64
N ALA J 338 19.10 -26.78 -7.41
CA ALA J 338 18.24 -27.38 -6.39
C ALA J 338 17.86 -28.82 -6.76
N ALA J 339 17.67 -29.10 -8.05
CA ALA J 339 17.39 -30.49 -8.46
C ALA J 339 18.56 -31.40 -8.12
N ILE J 340 19.79 -30.97 -8.45
CA ILE J 340 20.97 -31.75 -8.08
C ILE J 340 21.02 -31.97 -6.58
N LYS J 341 20.80 -30.91 -5.79
CA LYS J 341 20.84 -31.04 -4.35
C LYS J 341 19.73 -31.97 -3.85
N HIS J 342 18.52 -31.79 -4.37
CA HIS J 342 17.39 -32.63 -3.93
C HIS J 342 17.68 -34.12 -4.14
N MET J 343 18.07 -34.49 -5.37
CA MET J 343 18.34 -35.90 -5.65
C MET J 343 19.53 -36.41 -4.86
N HIS J 344 20.61 -35.62 -4.81
CA HIS J 344 21.82 -36.03 -4.11
C HIS J 344 21.51 -36.38 -2.67
N ASP J 345 20.82 -35.47 -1.96
CA ASP J 345 20.46 -35.73 -0.57
C ASP J 345 19.49 -36.91 -0.46
N TRP J 346 18.57 -37.03 -1.42
CA TRP J 346 17.66 -38.18 -1.44
C TRP J 346 18.42 -39.49 -1.46
N VAL J 347 19.51 -39.54 -2.25
CA VAL J 347 20.25 -40.78 -2.45
C VAL J 347 21.33 -40.96 -1.40
N LEU J 348 22.06 -39.90 -1.07
CA LEU J 348 23.22 -40.04 -0.21
C LEU J 348 23.00 -39.48 1.20
N GLY J 349 21.87 -38.83 1.47
CA GLY J 349 21.58 -38.36 2.79
C GLY J 349 22.16 -36.98 3.04
N ASN J 350 21.62 -36.33 4.08
CA ASN J 350 22.03 -34.98 4.49
C ASN J 350 21.67 -34.81 5.96
N SER J 351 22.64 -34.37 6.77
CA SER J 351 22.41 -34.31 8.21
C SER J 351 21.50 -33.13 8.62
N GLU J 352 21.32 -32.14 7.76
CA GLU J 352 20.52 -30.97 8.03
C GLU J 352 19.10 -31.19 7.56
N TRP J 353 18.16 -30.44 8.13
CA TRP J 353 16.81 -30.43 7.59
C TRP J 353 16.84 -29.98 6.14
N VAL J 354 16.11 -30.69 5.30
CA VAL J 354 15.85 -30.21 3.96
C VAL J 354 14.34 -30.24 3.73
N SER J 355 13.90 -29.50 2.73
CA SER J 355 12.51 -29.47 2.33
C SER J 355 12.32 -30.33 1.09
N MET J 356 11.28 -31.15 1.10
CA MET J 356 10.82 -31.93 -0.04
C MET J 356 9.30 -31.93 0.02
N ALA J 357 8.65 -31.85 -1.15
CA ALA J 357 7.21 -32.03 -1.24
C ALA J 357 6.88 -33.52 -1.35
N ILE J 358 6.22 -34.07 -0.34
CA ILE J 358 6.09 -35.52 -0.20
C ILE J 358 4.61 -35.86 -0.02
N PRO J 359 4.23 -37.11 -0.26
CA PRO J 359 2.84 -37.49 0.01
C PRO J 359 2.52 -37.33 1.49
N SER J 360 1.44 -36.62 1.77
CA SER J 360 1.00 -36.48 3.14
C SER J 360 0.41 -37.80 3.63
N ARG J 361 0.99 -38.36 4.71
CA ARG J 361 0.35 -39.42 5.48
C ARG J 361 -0.30 -38.88 6.75
N GLY J 362 -0.68 -37.61 6.77
CA GLY J 362 -1.25 -37.02 7.96
C GLY J 362 -0.24 -36.48 8.95
N GLN J 363 1.03 -36.35 8.57
CA GLN J 363 2.01 -35.68 9.42
C GLN J 363 1.55 -34.29 9.81
N TYR J 364 1.68 -33.95 11.11
CA TYR J 364 1.23 -32.67 11.67
C TYR J 364 -0.24 -32.40 11.37
N GLY J 365 -1.01 -33.46 11.16
CA GLY J 365 -2.41 -33.30 10.84
C GLY J 365 -2.70 -32.84 9.43
N ILE J 366 -1.71 -32.87 8.55
CA ILE J 366 -1.90 -32.41 7.17
C ILE J 366 -2.84 -33.36 6.44
N PRO J 367 -3.82 -32.85 5.69
CA PRO J 367 -4.76 -33.73 4.98
C PRO J 367 -4.04 -34.75 4.11
N ARG J 368 -4.58 -35.96 4.05
CA ARG J 368 -3.94 -37.03 3.28
C ARG J 368 -4.21 -36.89 1.78
N GLY J 369 -3.34 -37.50 0.99
CA GLY J 369 -3.58 -37.55 -0.43
C GLY J 369 -3.11 -36.35 -1.22
N ILE J 370 -2.56 -35.34 -0.56
CA ILE J 370 -1.93 -34.23 -1.26
C ILE J 370 -0.44 -34.37 -1.05
N TRP J 371 0.32 -33.76 -1.96
CA TRP J 371 1.77 -33.65 -1.80
C TRP J 371 2.07 -32.31 -1.14
N CYS J 372 2.85 -32.35 -0.06
CA CYS J 372 3.04 -31.17 0.78
C CYS J 372 4.48 -31.13 1.25
N SER J 373 5.11 -29.96 1.10
CA SER J 373 6.48 -29.78 1.56
C SER J 373 6.50 -29.76 3.08
N MET J 374 7.49 -30.42 3.66
CA MET J 374 7.67 -30.52 5.10
C MET J 374 9.17 -30.57 5.38
N PRO J 375 9.60 -30.23 6.59
CA PRO J 375 10.98 -30.49 6.99
C PRO J 375 11.24 -31.99 7.06
N VAL J 376 12.23 -32.46 6.31
CA VAL J 376 12.55 -33.88 6.36
C VAL J 376 14.04 -34.05 6.59
N GLN J 377 14.39 -35.20 7.13
CA GLN J 377 15.77 -35.64 7.17
C GLN J 377 15.96 -36.75 6.14
N CYS J 378 16.92 -36.57 5.25
CA CYS J 378 17.26 -37.59 4.29
C CYS J 378 18.34 -38.47 4.92
N PHE J 379 17.99 -39.71 5.21
CA PHE J 379 18.92 -40.66 5.79
C PHE J 379 19.80 -41.31 4.74
N GLY J 380 19.52 -41.09 3.47
CA GLY J 380 20.24 -41.74 2.39
C GLY J 380 19.52 -42.97 1.87
N ALA J 381 20.04 -43.46 0.74
CA ALA J 381 19.53 -44.66 0.07
C ALA J 381 18.06 -44.56 -0.26
N GLY J 382 17.58 -43.37 -0.59
CA GLY J 382 16.18 -43.19 -0.95
C GLY J 382 15.20 -43.06 0.20
N LYS J 383 15.66 -43.06 1.44
CA LYS J 383 14.80 -43.04 2.62
C LYS J 383 14.81 -41.66 3.27
N TYR J 384 13.63 -41.13 3.58
CA TYR J 384 13.53 -39.88 4.32
C TYR J 384 12.42 -39.97 5.35
N GLY J 385 12.48 -39.07 6.33
CA GLY J 385 11.46 -38.99 7.36
C GLY J 385 11.19 -37.56 7.79
N VAL J 386 9.91 -37.22 7.93
CA VAL J 386 9.55 -35.88 8.36
C VAL J 386 10.13 -35.65 9.75
N ILE J 387 10.60 -34.42 10.02
CA ILE J 387 11.07 -34.09 11.36
C ILE J 387 9.89 -34.16 12.33
N GLU J 388 10.06 -34.93 13.40
CA GLU J 388 9.00 -35.19 14.36
C GLU J 388 9.11 -34.29 15.60
N GLY J 389 7.99 -34.14 16.29
CA GLY J 389 7.97 -33.48 17.58
C GLY J 389 7.89 -31.97 17.55
N LEU J 390 7.72 -31.36 16.40
CA LEU J 390 7.80 -29.90 16.31
C LEU J 390 6.51 -29.27 16.82
N PRO J 391 6.59 -28.36 17.78
CA PRO J 391 5.40 -27.60 18.17
C PRO J 391 5.07 -26.55 17.12
N ILE J 392 3.82 -26.57 16.67
CA ILE J 392 3.34 -25.67 15.63
C ILE J 392 2.58 -24.54 16.30
N ASN J 393 3.11 -23.33 16.24
CA ASN J 393 2.38 -22.22 16.83
C ASN J 393 1.28 -21.79 15.87
N SER J 394 0.43 -20.88 16.33
CA SER J 394 -0.74 -20.50 15.54
C SER J 394 -0.32 -19.73 14.30
N PHE J 395 0.75 -18.97 14.37
CA PHE J 395 1.25 -18.29 13.18
C PHE J 395 1.66 -19.28 12.11
N SER J 396 2.36 -20.35 12.50
CA SER J 396 2.70 -21.38 11.52
C SER J 396 1.45 -22.09 11.00
N ALA J 397 0.57 -22.52 11.90
CA ALA J 397 -0.60 -23.30 11.48
C ALA J 397 -1.48 -22.52 10.52
N ASP J 398 -1.69 -21.23 10.78
CA ASP J 398 -2.45 -20.39 9.85
C ASP J 398 -1.82 -20.44 8.46
N ARG J 399 -0.49 -20.30 8.39
CA ARG J 399 0.15 -20.23 7.09
CA ARG J 399 0.15 -20.23 7.09
C ARG J 399 0.16 -21.60 6.40
N ILE J 400 0.47 -22.66 7.15
CA ILE J 400 0.41 -24.00 6.57
C ILE J 400 -0.99 -24.30 6.06
N ASN J 401 -2.03 -23.94 6.83
CA ASN J 401 -3.40 -24.20 6.40
C ASN J 401 -3.73 -23.45 5.10
N ALA J 402 -3.23 -22.23 4.96
CA ALA J 402 -3.47 -21.48 3.72
C ALA J 402 -2.89 -22.21 2.52
N SER J 403 -1.73 -22.84 2.67
CA SER J 403 -1.13 -23.54 1.53
C SER J 403 -1.83 -24.87 1.29
N VAL J 404 -2.16 -25.59 2.35
CA VAL J 404 -2.94 -26.82 2.22
C VAL J 404 -4.24 -26.52 1.48
N LYS J 405 -4.85 -25.38 1.79
CA LYS J 405 -6.08 -24.97 1.12
C LYS J 405 -5.89 -24.89 -0.39
N GLU J 406 -4.78 -24.29 -0.83
CA GLU J 406 -4.53 -24.19 -2.26
C GLU J 406 -4.26 -25.56 -2.87
N LEU J 407 -3.52 -26.41 -2.16
CA LEU J 407 -3.25 -27.76 -2.65
C LEU J 407 -4.55 -28.56 -2.78
N ILE J 408 -5.47 -28.40 -1.84
CA ILE J 408 -6.75 -29.11 -1.93
C ILE J 408 -7.54 -28.63 -3.14
N GLU J 409 -7.53 -27.31 -3.40
CA GLU J 409 -8.22 -26.77 -4.58
C GLU J 409 -7.57 -27.28 -5.86
N GLU J 410 -6.23 -27.28 -5.91
CA GLU J 410 -5.56 -27.82 -7.06
C GLU J 410 -5.96 -29.27 -7.31
N LYS J 411 -6.06 -30.06 -6.24
CA LYS J 411 -6.41 -31.47 -6.40
C LYS J 411 -7.80 -31.63 -6.99
N LYS J 412 -8.77 -30.85 -6.53
CA LYS J 412 -10.12 -30.91 -7.06
C LYS J 412 -10.15 -30.52 -8.53
N ILE J 413 -9.29 -29.58 -8.94
CA ILE J 413 -9.34 -29.15 -10.33
C ILE J 413 -8.91 -30.27 -11.26
N VAL J 414 -7.93 -31.07 -10.85
CA VAL J 414 -7.37 -32.13 -11.71
C VAL J 414 -7.90 -33.50 -11.35
N GLU J 415 -8.88 -33.61 -10.45
CA GLU J 415 -9.18 -34.92 -9.88
C GLU J 415 -9.73 -35.92 -10.90
N ASN J 416 -10.03 -35.49 -12.13
CA ASN J 416 -10.48 -36.46 -13.11
C ASN J 416 -9.33 -37.24 -13.75
N LEU J 417 -8.09 -36.85 -13.52
CA LEU J 417 -6.97 -37.65 -13.98
C LEU J 417 -6.40 -38.52 -12.86
N LEU J 418 -7.16 -38.68 -11.78
CA LEU J 418 -6.79 -39.56 -10.67
C LEU J 418 -7.48 -40.93 -10.76
N GLN K 93 14.68 -7.95 -24.72
CA GLN K 93 15.02 -8.81 -25.85
C GLN K 93 15.02 -8.02 -27.17
N LEU K 94 14.39 -6.85 -27.17
CA LEU K 94 14.35 -6.03 -28.38
C LEU K 94 15.63 -5.22 -28.54
N ALA K 95 16.13 -5.18 -29.77
CA ALA K 95 17.28 -4.38 -30.11
C ALA K 95 16.89 -2.90 -30.18
N PRO K 96 17.86 -1.99 -30.17
CA PRO K 96 17.53 -0.58 -30.38
C PRO K 96 16.93 -0.38 -31.76
N PRO K 97 16.07 0.62 -31.92
CA PRO K 97 15.39 0.80 -33.19
C PRO K 97 16.35 1.27 -34.26
N VAL K 98 16.05 0.91 -35.50
CA VAL K 98 16.75 1.46 -36.65
C VAL K 98 15.78 2.30 -37.46
N THR K 99 16.32 3.20 -38.25
CA THR K 99 15.53 4.13 -39.05
C THR K 99 15.67 3.80 -40.53
N ILE K 100 14.53 3.68 -41.23
CA ILE K 100 14.48 3.34 -42.65
C ILE K 100 13.78 4.48 -43.40
N THR K 101 14.47 5.04 -44.39
CA THR K 101 13.91 6.03 -45.29
C THR K 101 13.42 5.34 -46.55
N VAL K 102 12.18 5.64 -46.96
CA VAL K 102 11.62 5.11 -48.18
C VAL K 102 11.07 6.26 -48.99
N SER K 103 11.61 6.45 -50.19
CA SER K 103 11.04 7.44 -51.10
C SER K 103 9.97 6.78 -51.97
N GLY K 104 9.26 7.60 -52.75
CA GLY K 104 8.13 7.06 -53.49
C GLY K 104 7.13 6.38 -52.59
N ALA K 105 6.96 6.89 -51.37
CA ALA K 105 6.22 6.17 -50.33
C ALA K 105 4.73 6.07 -50.61
N CYS K 106 4.23 6.78 -51.62
CA CYS K 106 2.84 6.70 -52.05
C CYS K 106 2.58 5.68 -53.16
N GLY K 107 3.60 5.26 -53.88
CA GLY K 107 3.43 4.42 -55.06
C GLY K 107 3.05 2.98 -54.74
N GLN K 108 2.82 2.21 -55.81
CA GLN K 108 2.32 0.84 -55.66
C GLN K 108 3.35 -0.09 -55.02
N ILE K 109 4.65 0.07 -55.34
CA ILE K 109 5.69 -0.76 -54.71
C ILE K 109 5.75 -0.50 -53.21
N ALA K 110 5.72 0.78 -52.80
CA ALA K 110 5.70 1.09 -51.38
C ALA K 110 4.48 0.45 -50.70
N ASN K 111 3.32 0.44 -51.38
CA ASN K 111 2.10 -0.12 -50.81
C ASN K 111 2.28 -1.56 -50.35
N SER K 112 3.09 -2.35 -51.09
CA SER K 112 3.45 -3.70 -50.65
C SER K 112 4.67 -3.73 -49.75
N LEU K 113 5.68 -2.90 -50.06
CA LEU K 113 6.94 -2.95 -49.31
C LEU K 113 6.73 -2.61 -47.83
N LEU K 114 6.02 -1.51 -47.55
CA LEU K 114 6.07 -0.94 -46.20
C LEU K 114 5.46 -1.87 -45.16
N PHE K 115 4.39 -2.58 -45.53
CA PHE K 115 3.79 -3.52 -44.58
C PHE K 115 4.73 -4.67 -44.27
N ARG K 116 5.59 -5.04 -45.21
CA ARG K 116 6.53 -6.13 -44.99
C ARG K 116 7.86 -5.65 -44.40
N ILE K 117 7.98 -4.35 -44.19
CA ILE K 117 8.95 -3.83 -43.24
C ILE K 117 8.35 -3.76 -41.84
N ALA K 118 7.14 -3.20 -41.72
CA ALA K 118 6.55 -2.98 -40.39
C ALA K 118 6.30 -4.29 -39.64
N ASN K 119 6.06 -5.39 -40.36
CA ASN K 119 5.83 -6.68 -39.71
C ASN K 119 7.10 -7.35 -39.20
N GLY K 120 8.27 -6.76 -39.44
CA GLY K 120 9.52 -7.36 -39.02
C GLY K 120 10.14 -8.34 -39.99
N GLU K 121 9.55 -8.50 -41.18
CA GLU K 121 10.07 -9.50 -42.12
C GLU K 121 11.42 -9.08 -42.69
N MET K 122 11.59 -7.79 -43.01
CA MET K 122 12.82 -7.35 -43.67
C MET K 122 14.03 -7.43 -42.75
N LEU K 123 13.91 -7.00 -41.51
CA LEU K 123 15.04 -6.86 -40.60
C LEU K 123 14.97 -7.81 -39.41
N GLY K 124 13.90 -8.57 -39.23
CA GLY K 124 13.90 -9.51 -38.14
C GLY K 124 12.84 -9.17 -37.09
N GLU K 125 12.28 -10.22 -36.49
CA GLU K 125 11.13 -10.05 -35.61
C GLU K 125 11.45 -9.35 -34.29
N ASN K 126 12.73 -9.20 -33.94
CA ASN K 126 13.08 -8.52 -32.70
C ASN K 126 13.75 -7.17 -32.96
N GLN K 127 13.56 -6.61 -34.16
CA GLN K 127 14.20 -5.36 -34.57
C GLN K 127 13.15 -4.28 -34.76
N PRO K 128 12.91 -3.43 -33.76
CA PRO K 128 11.97 -2.32 -33.95
C PRO K 128 12.46 -1.36 -35.02
N VAL K 129 11.52 -0.78 -35.75
CA VAL K 129 11.84 0.05 -36.90
C VAL K 129 11.11 1.38 -36.83
N LYS K 130 11.74 2.40 -37.38
CA LYS K 130 11.15 3.71 -37.60
C LYS K 130 11.20 4.01 -39.09
N LEU K 131 10.06 4.39 -39.66
CA LEU K 131 9.95 4.68 -41.09
C LEU K 131 9.99 6.18 -41.30
N ARG K 132 10.84 6.64 -42.21
CA ARG K 132 10.86 8.02 -42.66
C ARG K 132 10.46 8.00 -44.12
N LEU K 133 9.24 8.46 -44.41
CA LEU K 133 8.61 8.31 -45.71
C LEU K 133 8.70 9.62 -46.47
N LEU K 134 9.29 9.58 -47.66
CA LEU K 134 9.51 10.76 -48.49
C LEU K 134 8.64 10.71 -49.73
N GLU K 135 8.03 11.84 -50.07
CA GLU K 135 7.27 11.95 -51.31
C GLU K 135 7.46 13.35 -51.90
N ARG K 136 6.98 13.49 -53.14
CA ARG K 136 6.94 14.77 -53.80
C ARG K 136 5.92 15.67 -53.10
N PRO K 137 6.07 16.99 -53.22
CA PRO K 137 5.15 17.90 -52.52
C PRO K 137 3.68 17.64 -52.83
N GLU K 138 3.32 17.35 -54.08
CA GLU K 138 1.91 17.22 -54.42
C GLU K 138 1.28 15.93 -53.92
N ALA K 139 2.05 15.03 -53.33
CA ALA K 139 1.53 13.75 -52.85
C ALA K 139 1.38 13.69 -51.34
N MET K 140 1.56 14.82 -50.65
CA MET K 140 1.59 14.77 -49.19
C MET K 140 0.22 14.42 -48.61
N LYS K 141 -0.88 14.88 -49.22
CA LYS K 141 -2.19 14.49 -48.71
C LYS K 141 -2.42 12.99 -48.85
N ALA K 142 -2.04 12.41 -50.00
CA ALA K 142 -2.17 10.96 -50.14
C ALA K 142 -1.22 10.23 -49.21
N LEU K 143 -0.03 10.79 -48.97
CA LEU K 143 0.91 10.14 -48.07
C LEU K 143 0.38 10.06 -46.66
N GLU K 144 -0.46 11.01 -46.25
CA GLU K 144 -1.12 10.88 -44.96
C GLU K 144 -1.96 9.61 -44.93
N GLY K 145 -2.64 9.30 -46.04
CA GLY K 145 -3.42 8.07 -46.09
C GLY K 145 -2.58 6.82 -45.89
N VAL K 146 -1.36 6.83 -46.44
CA VAL K 146 -0.46 5.70 -46.26
C VAL K 146 -0.15 5.50 -44.77
N LYS K 147 0.15 6.58 -44.05
CA LYS K 147 0.44 6.46 -42.62
C LYS K 147 -0.76 5.88 -41.88
N MET K 148 -1.96 6.32 -42.23
CA MET K 148 -3.17 5.78 -41.62
C MET K 148 -3.27 4.26 -41.80
N GLU K 149 -3.01 3.76 -43.02
CA GLU K 149 -3.10 2.32 -43.22
C GLU K 149 -2.05 1.59 -42.41
N LEU K 150 -0.83 2.13 -42.37
CA LEU K 150 0.24 1.49 -41.61
C LEU K 150 -0.05 1.49 -40.12
N ASP K 151 -0.55 2.62 -39.60
CA ASP K 151 -1.01 2.61 -38.22
C ASP K 151 -2.07 1.55 -38.02
N ASP K 152 -3.01 1.43 -38.97
CA ASP K 152 -4.06 0.43 -38.87
C ASP K 152 -3.54 -1.00 -39.00
N GLY K 153 -2.26 -1.18 -39.34
CA GLY K 153 -1.68 -2.49 -39.20
C GLY K 153 -1.38 -2.87 -37.77
N ALA K 154 -1.43 -1.90 -36.84
CA ALA K 154 -1.23 -2.15 -35.43
C ALA K 154 0.04 -2.94 -35.19
N PHE K 155 1.11 -2.53 -35.87
CA PHE K 155 2.35 -3.29 -35.86
C PHE K 155 3.14 -2.97 -34.59
N PRO K 156 3.42 -3.95 -33.74
CA PRO K 156 4.19 -3.66 -32.51
C PRO K 156 5.60 -3.17 -32.79
N LEU K 157 6.21 -3.54 -33.91
CA LEU K 157 7.59 -3.17 -34.17
C LEU K 157 7.75 -1.76 -34.71
N LEU K 158 6.69 -1.14 -35.21
CA LEU K 158 6.77 0.16 -35.86
C LEU K 158 6.73 1.23 -34.78
N GLU K 159 7.90 1.73 -34.38
CA GLU K 159 7.92 2.71 -33.30
C GLU K 159 7.49 4.10 -33.78
N GLU K 160 7.76 4.45 -35.03
CA GLU K 160 7.47 5.80 -35.52
C GLU K 160 7.27 5.79 -37.03
N ILE K 161 6.37 6.67 -37.50
CA ILE K 161 6.20 6.96 -38.92
C ILE K 161 6.32 8.46 -39.13
N TYR K 162 7.36 8.88 -39.85
CA TYR K 162 7.60 10.30 -40.13
C TYR K 162 7.35 10.56 -41.60
N LEU K 163 6.61 11.63 -41.91
CA LEU K 163 6.26 12.00 -43.27
C LEU K 163 6.95 13.30 -43.66
N THR K 164 7.44 13.39 -44.89
CA THR K 164 8.08 14.63 -45.34
C THR K 164 8.17 14.66 -46.85
N ASP K 165 8.24 15.88 -47.39
CA ASP K 165 8.65 16.10 -48.77
C ASP K 165 10.04 16.71 -48.86
N SER K 166 10.84 16.59 -47.81
CA SER K 166 12.18 17.15 -47.74
C SER K 166 13.18 16.02 -47.63
N GLU K 167 14.09 15.92 -48.60
CA GLU K 167 15.01 14.80 -48.56
C GLU K 167 16.00 14.93 -47.41
N ASN K 168 16.36 16.17 -47.04
CA ASN K 168 17.24 16.35 -45.88
C ASN K 168 16.58 15.82 -44.62
N ASP K 169 15.31 16.19 -44.37
CA ASP K 169 14.59 15.66 -43.21
C ASP K 169 14.43 14.15 -43.33
N ALA K 170 14.13 13.67 -44.55
CA ALA K 170 13.87 12.25 -44.78
C ALA K 170 15.04 11.39 -44.34
N PHE K 171 16.27 11.81 -44.66
CA PHE K 171 17.42 10.95 -44.43
C PHE K 171 18.06 11.14 -43.05
N ARG K 172 17.53 12.01 -42.20
CA ARG K 172 18.07 12.22 -40.85
C ARG K 172 18.20 10.91 -40.10
N GLY K 173 19.43 10.56 -39.72
CA GLY K 173 19.63 9.37 -38.92
C GLY K 173 19.24 8.06 -39.60
N ALA K 174 19.12 8.03 -40.91
CA ALA K 174 18.74 6.78 -41.58
C ALA K 174 19.88 5.77 -41.47
N ASP K 175 19.52 4.54 -41.10
CA ASP K 175 20.37 3.36 -41.17
C ASP K 175 20.19 2.59 -42.46
N TYR K 176 19.02 2.71 -43.07
CA TYR K 176 18.70 2.03 -44.31
C TYR K 176 17.88 3.00 -45.14
N ALA K 177 18.07 2.95 -46.46
CA ALA K 177 17.31 3.78 -47.37
C ALA K 177 16.93 2.93 -48.58
N ILE K 178 15.66 2.97 -48.96
CA ILE K 178 15.16 2.26 -50.12
C ILE K 178 14.57 3.32 -51.03
N LEU K 179 15.20 3.53 -52.19
CA LEU K 179 14.86 4.66 -53.06
C LEU K 179 13.98 4.15 -54.19
N LEU K 180 12.67 4.33 -54.05
CA LEU K 180 11.70 3.95 -55.07
C LEU K 180 11.34 5.12 -55.95
N GLY K 181 11.44 6.34 -55.45
CA GLY K 181 10.99 7.49 -56.21
C GLY K 181 11.99 7.90 -57.29
N GLY K 182 11.45 8.32 -58.42
CA GLY K 182 12.24 8.78 -59.54
C GLY K 182 11.33 9.35 -60.61
N LYS K 183 11.89 9.63 -61.77
CA LYS K 183 11.07 10.09 -62.88
C LYS K 183 10.91 8.92 -63.86
N PRO K 184 9.71 8.39 -64.03
CA PRO K 184 9.52 7.25 -64.94
C PRO K 184 9.70 7.64 -66.40
N ARG K 185 10.07 6.66 -67.22
CA ARG K 185 10.22 6.86 -68.65
C ARG K 185 8.86 6.97 -69.32
N GLY K 186 8.33 8.18 -69.42
CA GLY K 186 7.02 8.40 -69.97
C GLY K 186 7.01 8.35 -71.48
N PRO K 187 5.82 8.41 -72.05
CA PRO K 187 5.70 8.36 -73.51
C PRO K 187 6.31 9.60 -74.13
N GLY K 188 7.09 9.40 -75.18
CA GLY K 188 7.78 10.51 -75.83
C GLY K 188 8.83 11.18 -74.99
N MET K 189 9.29 10.55 -73.92
CA MET K 189 10.42 11.04 -73.15
C MET K 189 11.67 10.40 -73.73
N GLU K 190 12.66 11.23 -74.07
CA GLU K 190 13.87 10.67 -74.64
C GLU K 190 14.64 9.92 -73.57
N ARG K 191 15.40 8.91 -74.01
CA ARG K 191 16.16 8.10 -73.05
C ARG K 191 17.15 8.95 -72.29
N ALA K 192 17.85 9.85 -72.97
CA ALA K 192 18.84 10.69 -72.31
C ALA K 192 18.17 11.66 -71.35
N ASP K 193 17.00 12.19 -71.73
CA ASP K 193 16.28 13.10 -70.86
C ASP K 193 15.84 12.42 -69.57
N VAL K 194 15.36 11.17 -69.68
CA VAL K 194 14.97 10.43 -68.49
C VAL K 194 16.20 10.16 -67.61
N MET K 195 17.32 9.79 -68.22
CA MET K 195 18.52 9.55 -67.44
C MET K 195 18.96 10.81 -66.70
N LYS K 196 18.95 11.96 -67.39
CA LYS K 196 19.43 13.19 -66.80
C LYS K 196 18.46 13.70 -65.72
N ASP K 197 17.15 13.62 -65.97
CA ASP K 197 16.20 14.03 -64.95
C ASP K 197 16.38 13.20 -63.68
N ASN K 198 16.59 11.90 -63.84
CA ASN K 198 16.85 11.06 -62.67
C ASN K 198 18.22 11.36 -62.08
N ALA K 199 19.19 11.75 -62.90
CA ALA K 199 20.50 12.11 -62.37
C ALA K 199 20.37 13.26 -61.36
N ALA K 200 19.59 14.29 -61.69
CA ALA K 200 19.42 15.41 -60.77
C ALA K 200 18.73 14.98 -59.47
N ILE K 201 17.75 14.07 -59.56
CA ILE K 201 17.08 13.62 -58.34
C ILE K 201 18.07 12.89 -57.44
N PHE K 202 18.84 11.97 -58.01
CA PHE K 202 19.72 11.13 -57.20
C PHE K 202 21.01 11.85 -56.83
N LYS K 203 21.38 12.91 -57.55
CA LYS K 203 22.41 13.79 -57.04
C LYS K 203 21.95 14.47 -55.76
N ALA K 204 20.72 14.98 -55.75
CA ALA K 204 20.18 15.64 -54.57
C ALA K 204 20.03 14.67 -53.41
N GLN K 205 19.62 13.43 -53.69
CA GLN K 205 19.43 12.48 -52.60
C GLN K 205 20.74 11.95 -52.08
N GLY K 206 21.72 11.73 -52.98
CA GLY K 206 23.05 11.40 -52.53
C GLY K 206 23.65 12.48 -51.65
N GLU K 207 23.43 13.75 -52.01
CA GLU K 207 23.90 14.85 -51.19
C GLU K 207 23.23 14.84 -49.82
N ALA K 208 21.91 14.64 -49.79
CA ALA K 208 21.20 14.62 -48.52
C ALA K 208 21.63 13.41 -47.70
N LEU K 209 21.78 12.25 -48.35
CA LEU K 209 22.24 11.05 -47.66
C LEU K 209 23.58 11.30 -46.98
N ASN K 210 24.52 11.91 -47.71
CA ASN K 210 25.85 12.16 -47.17
C ASN K 210 25.79 13.05 -45.95
N LYS K 211 24.94 14.08 -45.99
CA LYS K 211 24.87 15.04 -44.89
C LYS K 211 24.13 14.49 -43.67
N GLN K 212 23.03 13.76 -43.88
CA GLN K 212 22.05 13.53 -42.84
C GLN K 212 22.02 12.11 -42.28
N ALA K 213 22.31 11.09 -43.10
CA ALA K 213 22.17 9.72 -42.67
C ALA K 213 23.34 9.31 -41.78
N ASN K 214 23.20 8.18 -41.10
CA ASN K 214 24.25 7.66 -40.26
C ASN K 214 25.41 7.14 -41.10
N GLY K 215 26.58 6.98 -40.46
CA GLY K 215 27.78 6.67 -41.22
C GLY K 215 27.75 5.33 -41.94
N ASP K 216 27.09 4.31 -41.35
CA ASP K 216 27.06 2.96 -41.91
C ASP K 216 25.81 2.68 -42.76
N VAL K 217 25.10 3.71 -43.23
CA VAL K 217 23.83 3.49 -43.91
C VAL K 217 24.01 2.61 -45.17
N LEU K 218 23.05 1.70 -45.37
CA LEU K 218 22.95 0.92 -46.60
C LEU K 218 21.79 1.47 -47.42
N VAL K 219 22.06 1.72 -48.70
CA VAL K 219 21.10 2.35 -49.60
C VAL K 219 20.81 1.37 -50.74
N LEU K 220 19.52 1.12 -50.99
CA LEU K 220 19.06 0.27 -52.09
C LEU K 220 18.36 1.12 -53.14
N ILE K 221 18.85 1.09 -54.37
CA ILE K 221 18.24 1.83 -55.46
C ILE K 221 17.34 0.88 -56.23
N VAL K 222 16.05 1.23 -56.33
CA VAL K 222 15.09 0.49 -57.11
C VAL K 222 14.66 1.25 -58.36
N ALA K 223 14.46 2.57 -58.23
CA ALA K 223 13.96 3.37 -59.34
C ALA K 223 14.90 3.29 -60.54
N ASN K 224 14.30 3.21 -61.72
CA ASN K 224 15.04 3.07 -62.96
C ASN K 224 15.55 4.42 -63.45
N PRO K 225 16.70 4.43 -64.16
CA PRO K 225 17.61 3.31 -64.40
C PRO K 225 18.46 3.00 -63.17
N ALA K 226 18.24 1.83 -62.56
CA ALA K 226 18.78 1.55 -61.22
C ALA K 226 20.29 1.68 -61.17
N ASN K 227 20.99 0.91 -62.00
CA ASN K 227 22.45 0.91 -61.97
C ASN K 227 23.03 2.32 -62.07
N THR K 228 22.51 3.11 -63.02
CA THR K 228 23.05 4.45 -63.17
C THR K 228 22.66 5.35 -62.00
N ASN K 229 21.41 5.23 -61.53
CA ASN K 229 20.97 6.02 -60.38
C ASN K 229 21.84 5.77 -59.16
N ALA K 230 22.21 4.50 -58.90
CA ALA K 230 23.06 4.20 -57.76
C ALA K 230 24.43 4.86 -57.91
N MET K 231 24.99 4.80 -59.12
CA MET K 231 26.28 5.43 -59.40
C MET K 231 26.21 6.94 -59.16
N ILE K 232 25.16 7.59 -59.64
CA ILE K 232 25.02 9.03 -59.40
C ILE K 232 24.89 9.31 -57.90
N THR K 233 24.11 8.51 -57.19
CA THR K 233 23.98 8.68 -55.74
C THR K 233 25.35 8.59 -55.07
N SER K 234 26.10 7.55 -55.39
CA SER K 234 27.40 7.33 -54.77
C SER K 234 28.37 8.46 -55.10
N ALA K 235 28.38 8.94 -56.35
CA ALA K 235 29.28 10.02 -56.73
C ALA K 235 29.01 11.28 -55.96
N ASN K 236 27.79 11.46 -55.47
CA ASN K 236 27.40 12.66 -54.74
C ASN K 236 27.32 12.45 -53.23
N ALA K 237 27.92 11.38 -52.72
CA ALA K 237 27.98 11.11 -51.28
C ALA K 237 29.38 10.61 -50.96
N PRO K 238 30.38 11.50 -51.00
CA PRO K 238 31.79 11.03 -50.96
C PRO K 238 32.20 10.34 -49.68
N ASP K 239 31.46 10.51 -48.59
CA ASP K 239 31.79 9.89 -47.31
C ASP K 239 31.06 8.57 -47.07
N ILE K 240 30.28 8.12 -48.05
CA ILE K 240 29.63 6.81 -47.98
C ILE K 240 30.44 5.85 -48.82
N PRO K 241 30.92 4.73 -48.26
CA PRO K 241 31.62 3.73 -49.06
C PRO K 241 30.73 3.28 -50.21
N PRO K 242 31.23 3.29 -51.44
CA PRO K 242 30.35 3.00 -52.58
C PRO K 242 29.63 1.67 -52.45
N GLU K 243 30.23 0.68 -51.81
CA GLU K 243 29.63 -0.64 -51.68
C GLU K 243 28.39 -0.62 -50.80
N ASN K 244 28.21 0.44 -50.01
CA ASN K 244 27.00 0.58 -49.19
C ASN K 244 25.82 1.13 -49.99
N ILE K 245 26.01 1.38 -51.29
CA ILE K 245 24.97 1.80 -52.21
C ILE K 245 24.87 0.74 -53.32
N THR K 246 23.73 0.06 -53.41
CA THR K 246 23.54 -0.93 -54.44
C THR K 246 22.25 -0.62 -55.19
N ALA K 247 22.10 -1.26 -56.34
CA ALA K 247 20.90 -1.19 -57.15
C ALA K 247 20.29 -2.59 -57.22
N MET K 248 18.98 -2.66 -57.38
CA MET K 248 18.28 -3.92 -57.24
C MET K 248 18.20 -4.67 -58.57
N THR K 249 18.86 -5.83 -58.65
CA THR K 249 18.61 -6.81 -59.69
C THR K 249 17.98 -8.07 -59.11
N ARG K 250 17.58 -8.03 -57.85
CA ARG K 250 17.07 -9.21 -57.16
C ARG K 250 15.77 -9.71 -57.77
N LEU K 251 14.98 -8.84 -58.42
CA LEU K 251 13.76 -9.34 -59.04
C LEU K 251 14.08 -10.17 -60.28
N ASP K 252 15.01 -9.69 -61.12
CA ASP K 252 15.52 -10.48 -62.23
C ASP K 252 16.02 -11.83 -61.74
N HIS K 253 16.86 -11.80 -60.72
CA HIS K 253 17.40 -13.01 -60.14
C HIS K 253 16.28 -13.97 -59.76
N ASP K 254 15.31 -13.49 -58.99
CA ASP K 254 14.19 -14.33 -58.57
C ASP K 254 13.36 -14.74 -59.77
N ARG K 255 13.24 -13.89 -60.79
CA ARG K 255 12.50 -14.29 -61.97
C ARG K 255 13.20 -15.44 -62.68
N GLY K 256 14.53 -15.42 -62.71
CA GLY K 256 15.28 -16.54 -63.26
C GLY K 256 15.04 -17.82 -62.46
N LEU K 257 15.09 -17.71 -61.12
CA LEU K 257 14.76 -18.87 -60.29
C LEU K 257 13.37 -19.39 -60.62
N ALA K 258 12.42 -18.50 -60.91
CA ALA K 258 11.07 -18.97 -61.17
C ALA K 258 11.01 -19.72 -62.50
N GLN K 259 11.76 -19.27 -63.51
CA GLN K 259 11.78 -19.97 -64.78
C GLN K 259 12.38 -21.35 -64.62
N VAL K 260 13.50 -21.44 -63.90
CA VAL K 260 14.15 -22.72 -63.66
C VAL K 260 13.20 -23.67 -62.94
N ALA K 261 12.63 -23.25 -61.82
CA ALA K 261 11.78 -24.14 -61.04
C ALA K 261 10.60 -24.65 -61.87
N ALA K 262 9.97 -23.77 -62.65
CA ALA K 262 8.87 -24.18 -63.49
C ALA K 262 9.31 -25.17 -64.57
N LYS K 263 10.45 -24.92 -65.22
CA LYS K 263 10.89 -25.79 -66.31
C LYS K 263 11.32 -27.16 -65.78
N VAL K 264 12.14 -27.16 -64.74
CA VAL K 264 12.67 -28.41 -64.19
C VAL K 264 11.67 -29.10 -63.27
N GLY K 265 10.77 -28.35 -62.65
CA GLY K 265 9.82 -28.93 -61.72
C GLY K 265 10.38 -29.20 -60.33
N CYS K 266 11.32 -28.39 -59.87
CA CYS K 266 11.93 -28.60 -58.56
C CYS K 266 11.50 -27.50 -57.61
N ASN K 267 11.89 -27.62 -56.34
CA ASN K 267 11.64 -26.49 -55.47
C ASN K 267 12.72 -25.44 -55.65
N ILE K 268 12.36 -24.21 -55.31
CA ILE K 268 13.27 -23.08 -55.38
C ILE K 268 14.55 -23.39 -54.62
N THR K 269 14.44 -24.05 -53.46
CA THR K 269 15.62 -24.30 -52.64
C THR K 269 16.55 -25.33 -53.26
N ASP K 270 16.09 -26.09 -54.25
CA ASP K 270 16.97 -27.02 -54.95
C ASP K 270 17.97 -26.32 -55.88
N ILE K 271 17.72 -25.06 -56.20
CA ILE K 271 18.51 -24.31 -57.15
C ILE K 271 19.60 -23.57 -56.39
N SER K 272 20.83 -23.66 -56.88
CA SER K 272 21.98 -23.01 -56.29
C SER K 272 22.79 -22.34 -57.38
N ARG K 273 23.55 -21.32 -56.98
CA ARG K 273 24.58 -20.72 -57.82
C ARG K 273 24.01 -20.18 -59.12
N PHE K 274 23.03 -19.31 -58.98
CA PHE K 274 22.47 -18.57 -60.10
C PHE K 274 22.80 -17.10 -59.90
N ALA K 275 22.96 -16.37 -61.00
CA ALA K 275 23.33 -14.96 -60.88
C ALA K 275 22.86 -14.17 -62.10
N ILE K 276 22.61 -12.88 -61.89
CA ILE K 276 22.35 -11.93 -62.96
C ILE K 276 23.56 -11.03 -63.08
N TRP K 277 24.09 -10.89 -64.29
CA TRP K 277 25.19 -9.97 -64.57
C TRP K 277 24.67 -8.75 -65.30
N GLY K 278 25.24 -7.59 -64.96
CA GLY K 278 25.06 -6.40 -65.79
C GLY K 278 24.06 -5.39 -65.29
N ASN K 279 23.31 -4.82 -66.24
CA ASN K 279 22.34 -3.76 -66.01
C ASN K 279 20.97 -4.34 -65.64
N HIS K 280 20.22 -3.62 -64.80
CA HIS K 280 18.82 -3.96 -64.57
C HIS K 280 18.02 -3.49 -65.76
N SER K 281 18.02 -4.30 -66.81
CA SER K 281 17.40 -3.94 -68.08
C SER K 281 17.33 -5.20 -68.93
N ALA K 282 16.85 -5.04 -70.15
CA ALA K 282 16.78 -6.17 -71.08
C ALA K 282 18.15 -6.63 -71.59
N THR K 283 19.24 -5.89 -71.34
CA THR K 283 20.56 -6.40 -71.74
C THR K 283 21.18 -7.27 -70.66
N GLN K 284 20.49 -7.50 -69.56
CA GLN K 284 21.01 -8.32 -68.48
C GLN K 284 21.38 -9.70 -68.97
N TYR K 285 22.33 -10.31 -68.29
CA TYR K 285 22.70 -11.68 -68.59
C TYR K 285 22.33 -12.57 -67.42
N PRO K 286 21.19 -13.25 -67.48
CA PRO K 286 20.86 -14.29 -66.49
C PRO K 286 21.72 -15.52 -66.74
N ASP K 287 22.54 -15.88 -65.75
CA ASP K 287 23.65 -16.80 -65.98
C ASP K 287 23.39 -18.13 -65.28
N LEU K 288 23.14 -19.16 -66.08
CA LEU K 288 22.98 -20.53 -65.61
C LEU K 288 24.27 -21.32 -65.65
N SER K 289 25.40 -20.70 -65.99
CA SER K 289 26.63 -21.46 -66.25
C SER K 289 27.06 -22.30 -65.06
N PHE K 290 26.82 -21.84 -63.83
CA PHE K 290 27.29 -22.55 -62.65
C PHE K 290 26.14 -23.13 -61.84
N THR K 291 24.92 -23.00 -62.34
CA THR K 291 23.75 -23.39 -61.59
C THR K 291 23.69 -24.90 -61.41
N THR K 292 23.27 -25.34 -60.22
CA THR K 292 23.05 -26.76 -59.97
C THR K 292 21.65 -26.95 -59.41
N ILE K 293 21.05 -28.08 -59.75
CA ILE K 293 19.79 -28.56 -59.17
C ILE K 293 20.17 -29.73 -58.26
N LYS K 294 19.74 -29.66 -57.00
CA LYS K 294 20.07 -30.70 -56.02
C LYS K 294 19.84 -32.09 -56.59
N GLY K 295 20.88 -32.91 -56.57
CA GLY K 295 20.79 -34.29 -57.00
C GLY K 295 20.96 -34.52 -58.50
N GLN K 296 20.82 -33.47 -59.31
CA GLN K 296 20.84 -33.61 -60.76
C GLN K 296 22.25 -33.26 -61.25
N TRP K 297 23.00 -34.29 -61.61
CA TRP K 297 24.36 -34.16 -62.09
C TRP K 297 24.51 -34.62 -63.52
N GLY K 298 23.42 -35.07 -64.14
CA GLY K 298 23.41 -35.63 -65.47
C GLY K 298 22.52 -34.84 -66.41
N LEU K 299 21.70 -35.54 -67.18
CA LEU K 299 20.82 -34.88 -68.13
C LEU K 299 19.93 -33.87 -67.40
N ASN K 300 19.94 -32.61 -67.86
CA ASN K 300 19.12 -31.58 -67.24
C ASN K 300 18.94 -30.42 -68.22
N VAL K 301 17.72 -29.90 -68.31
CA VAL K 301 17.40 -28.85 -69.29
C VAL K 301 18.20 -27.56 -69.08
N ILE K 302 18.67 -27.29 -67.85
CA ILE K 302 19.39 -26.04 -67.65
C ILE K 302 20.79 -26.09 -68.27
N ASN K 303 21.21 -27.24 -68.79
CA ASN K 303 22.42 -27.35 -69.59
C ASN K 303 22.21 -27.03 -71.06
N ASP K 304 20.96 -27.05 -71.51
CA ASP K 304 20.62 -26.95 -72.94
C ASP K 304 20.80 -25.51 -73.41
N GLU K 305 21.91 -25.24 -74.09
CA GLU K 305 22.18 -23.88 -74.55
C GLU K 305 21.13 -23.38 -75.54
N GLN K 306 20.48 -24.27 -76.28
CA GLN K 306 19.40 -23.81 -77.16
C GLN K 306 18.23 -23.28 -76.35
N TRP K 307 17.86 -23.99 -75.28
CA TRP K 307 16.79 -23.49 -74.42
C TRP K 307 17.24 -22.22 -73.72
N ILE K 308 18.50 -22.18 -73.28
CA ILE K 308 19.01 -20.99 -72.60
C ILE K 308 18.89 -19.77 -73.50
N THR K 309 19.37 -19.89 -74.73
CA THR K 309 19.45 -18.74 -75.63
C THR K 309 18.08 -18.31 -76.14
N ASN K 310 17.23 -19.27 -76.53
CA ASN K 310 16.00 -18.92 -77.22
C ASN K 310 14.81 -18.75 -76.30
N GLU K 311 14.84 -19.29 -75.08
CA GLU K 311 13.68 -19.21 -74.19
C GLU K 311 14.05 -18.59 -72.86
N PHE K 312 14.95 -19.21 -72.09
CA PHE K 312 15.19 -18.80 -70.71
C PHE K 312 15.60 -17.33 -70.63
N ILE K 313 16.70 -16.98 -71.31
CA ILE K 313 17.20 -15.61 -71.24
C ILE K 313 16.18 -14.60 -71.74
N PRO K 314 15.54 -14.78 -72.91
CA PRO K 314 14.51 -13.81 -73.32
C PRO K 314 13.33 -13.77 -72.36
N ASN K 315 12.92 -14.93 -71.82
CA ASN K 315 11.78 -14.95 -70.88
C ASN K 315 12.09 -14.17 -69.62
N VAL K 316 13.34 -14.23 -69.15
CA VAL K 316 13.72 -13.47 -67.98
C VAL K 316 13.80 -11.99 -68.31
N GLN K 317 14.36 -11.65 -69.48
CA GLN K 317 14.53 -10.26 -69.87
C GLN K 317 13.19 -9.57 -70.11
N GLN K 318 12.20 -10.30 -70.61
CA GLN K 318 10.93 -9.71 -70.99
C GLN K 318 9.82 -9.96 -69.96
N ARG K 319 10.18 -10.46 -68.78
CA ARG K 319 9.17 -10.87 -67.81
C ARG K 319 8.28 -9.72 -67.38
N GLY K 320 8.87 -8.53 -67.19
CA GLY K 320 8.09 -7.38 -66.80
C GLY K 320 7.01 -7.05 -67.81
N ALA K 321 7.36 -7.13 -69.09
CA ALA K 321 6.37 -6.89 -70.14
C ALA K 321 5.28 -7.94 -70.11
N ALA K 322 5.63 -9.19 -69.79
CA ALA K 322 4.62 -10.25 -69.80
C ALA K 322 3.57 -10.00 -68.73
N ILE K 323 3.99 -9.60 -67.54
CA ILE K 323 3.04 -9.33 -66.47
C ILE K 323 2.14 -8.16 -66.82
N ILE K 324 2.71 -7.11 -67.40
CA ILE K 324 1.90 -5.95 -67.82
C ILE K 324 0.85 -6.38 -68.82
N LYS K 325 1.22 -7.28 -69.74
CA LYS K 325 0.25 -7.75 -70.72
C LYS K 325 -0.87 -8.53 -70.05
N ALA K 326 -0.55 -9.30 -69.00
CA ALA K 326 -1.57 -10.12 -68.35
C ALA K 326 -2.44 -9.30 -67.42
N ARG K 327 -1.84 -8.45 -66.58
CA ARG K 327 -2.56 -7.71 -65.55
C ARG K 327 -2.94 -6.29 -65.96
N GLY K 328 -2.24 -5.69 -66.91
CA GLY K 328 -2.49 -4.29 -67.21
C GLY K 328 -1.79 -3.33 -66.30
N LYS K 329 -1.01 -3.82 -65.34
CA LYS K 329 -0.23 -3.01 -64.43
C LYS K 329 1.13 -3.65 -64.26
N SER K 330 2.09 -2.86 -63.79
CA SER K 330 3.44 -3.39 -63.59
C SER K 330 3.51 -4.23 -62.33
N SER K 331 4.62 -4.95 -62.16
CA SER K 331 4.78 -5.95 -61.11
C SER K 331 5.23 -5.31 -59.79
N ALA K 332 4.36 -4.45 -59.26
CA ALA K 332 4.68 -3.74 -58.03
C ALA K 332 4.92 -4.71 -56.87
N ALA K 333 4.04 -5.71 -56.72
CA ALA K 333 4.14 -6.58 -55.55
C ALA K 333 5.43 -7.40 -55.57
N SER K 334 5.78 -7.96 -56.73
CA SER K 334 7.01 -8.74 -56.75
C SER K 334 8.24 -7.85 -56.70
N ALA K 335 8.16 -6.61 -57.23
CA ALA K 335 9.27 -5.68 -57.05
C ALA K 335 9.50 -5.36 -55.58
N ALA K 336 8.42 -5.14 -54.82
CA ALA K 336 8.57 -4.95 -53.38
C ALA K 336 9.16 -6.19 -52.75
N ASP K 337 8.70 -7.38 -53.19
CA ASP K 337 9.23 -8.63 -52.65
C ASP K 337 10.74 -8.72 -52.84
N ALA K 338 11.24 -8.40 -54.05
CA ALA K 338 12.68 -8.42 -54.28
C ALA K 338 13.40 -7.39 -53.40
N ALA K 339 12.78 -6.21 -53.21
CA ALA K 339 13.40 -5.22 -52.34
C ALA K 339 13.55 -5.74 -50.93
N ILE K 340 12.50 -6.33 -50.38
CA ILE K 340 12.55 -6.91 -49.05
C ILE K 340 13.66 -7.94 -48.95
N LYS K 341 13.74 -8.83 -49.95
CA LYS K 341 14.75 -9.87 -49.96
C LYS K 341 16.15 -9.28 -50.10
N HIS K 342 16.32 -8.31 -51.00
CA HIS K 342 17.64 -7.70 -51.17
C HIS K 342 18.13 -7.13 -49.84
N MET K 343 17.29 -6.32 -49.16
CA MET K 343 17.71 -5.73 -47.89
C MET K 343 17.89 -6.79 -46.81
N HIS K 344 16.97 -7.75 -46.72
CA HIS K 344 17.07 -8.75 -45.67
C HIS K 344 18.38 -9.51 -45.76
N ASP K 345 18.70 -10.02 -46.96
CA ASP K 345 19.96 -10.73 -47.17
C ASP K 345 21.15 -9.82 -46.93
N TRP K 346 21.08 -8.56 -47.38
CA TRP K 346 22.15 -7.60 -47.15
C TRP K 346 22.46 -7.47 -45.68
N VAL K 347 21.43 -7.43 -44.84
CA VAL K 347 21.60 -7.19 -43.41
C VAL K 347 21.84 -8.49 -42.65
N LEU K 348 21.07 -9.54 -42.96
CA LEU K 348 21.10 -10.76 -42.16
C LEU K 348 21.85 -11.90 -42.82
N GLY K 349 22.26 -11.74 -44.07
CA GLY K 349 23.04 -12.74 -44.76
C GLY K 349 22.18 -13.77 -45.48
N ASN K 350 22.84 -14.48 -46.41
CA ASN K 350 22.22 -15.55 -47.19
C ASN K 350 23.35 -16.45 -47.66
N SER K 351 23.22 -17.75 -47.41
CA SER K 351 24.31 -18.67 -47.75
C SER K 351 24.39 -18.92 -49.25
N GLU K 352 23.33 -18.59 -49.99
CA GLU K 352 23.25 -18.81 -51.43
C GLU K 352 23.78 -17.59 -52.17
N TRP K 353 24.21 -17.82 -53.41
CA TRP K 353 24.50 -16.69 -54.28
C TRP K 353 23.26 -15.84 -54.45
N VAL K 354 23.42 -14.53 -54.32
CA VAL K 354 22.38 -13.62 -54.74
C VAL K 354 23.02 -12.58 -55.67
N SER K 355 22.17 -11.93 -56.45
CA SER K 355 22.62 -10.87 -57.35
C SER K 355 22.36 -9.51 -56.71
N MET K 356 23.36 -8.62 -56.84
CA MET K 356 23.26 -7.21 -56.46
C MET K 356 24.02 -6.40 -57.50
N ALA K 357 23.47 -5.25 -57.86
CA ALA K 357 24.19 -4.30 -58.72
C ALA K 357 25.09 -3.44 -57.84
N ILE K 358 26.39 -3.61 -58.00
CA ILE K 358 27.38 -3.08 -57.05
C ILE K 358 28.43 -2.27 -57.79
N PRO K 359 29.14 -1.38 -57.09
CA PRO K 359 30.25 -0.67 -57.73
C PRO K 359 31.33 -1.64 -58.18
N SER K 360 31.72 -1.51 -59.44
CA SER K 360 32.76 -2.36 -60.00
C SER K 360 34.14 -1.94 -59.50
N ARG K 361 34.84 -2.89 -58.87
CA ARG K 361 36.27 -2.80 -58.61
C ARG K 361 37.08 -3.59 -59.65
N GLY K 362 36.53 -3.78 -60.85
CA GLY K 362 37.23 -4.51 -61.88
C GLY K 362 37.15 -6.01 -61.76
N GLN K 363 36.31 -6.52 -60.87
CA GLN K 363 36.09 -7.96 -60.80
C GLN K 363 35.77 -8.51 -62.18
N TYR K 364 36.40 -9.64 -62.51
CA TYR K 364 36.22 -10.28 -63.81
C TYR K 364 36.50 -9.34 -64.97
N GLY K 365 37.29 -8.30 -64.73
CA GLY K 365 37.59 -7.34 -65.77
C GLY K 365 36.48 -6.38 -66.07
N ILE K 366 35.45 -6.32 -65.25
CA ILE K 366 34.33 -5.41 -65.53
C ILE K 366 34.84 -3.98 -65.40
N PRO K 367 34.52 -3.08 -66.34
CA PRO K 367 35.07 -1.72 -66.28
C PRO K 367 34.79 -1.06 -64.94
N ARG K 368 35.78 -0.31 -64.44
CA ARG K 368 35.64 0.30 -63.14
C ARG K 368 34.72 1.52 -63.23
N GLY K 369 34.09 1.85 -62.10
CA GLY K 369 33.27 3.03 -62.02
C GLY K 369 31.82 2.90 -62.43
N ILE K 370 31.38 1.72 -62.86
CA ILE K 370 29.96 1.53 -63.13
C ILE K 370 29.41 0.64 -62.03
N TRP K 371 28.11 0.71 -61.82
CA TRP K 371 27.44 -0.27 -60.96
C TRP K 371 26.99 -1.42 -61.84
N CYS K 372 27.34 -2.64 -61.46
CA CYS K 372 27.15 -3.79 -62.32
C CYS K 372 26.69 -4.96 -61.48
N SER K 373 25.65 -5.65 -61.93
CA SER K 373 25.17 -6.79 -61.17
C SER K 373 26.14 -7.97 -61.30
N MET K 374 26.41 -8.62 -60.18
CA MET K 374 27.32 -9.74 -60.09
C MET K 374 26.82 -10.74 -59.05
N PRO K 375 27.22 -12.01 -59.16
CA PRO K 375 27.00 -12.97 -58.07
C PRO K 375 27.80 -12.58 -56.84
N VAL K 376 27.11 -12.39 -55.72
CA VAL K 376 27.77 -12.09 -54.46
C VAL K 376 27.21 -13.03 -53.41
N GLN K 377 27.98 -13.22 -52.35
CA GLN K 377 27.51 -13.81 -51.11
C GLN K 377 27.33 -12.70 -50.08
N CYS K 378 26.15 -12.60 -49.50
CA CYS K 378 25.88 -11.64 -48.43
C CYS K 378 26.23 -12.30 -47.11
N PHE K 379 27.26 -11.80 -46.44
CA PHE K 379 27.63 -12.35 -45.14
C PHE K 379 26.80 -11.76 -44.00
N GLY K 380 26.00 -10.74 -44.27
CA GLY K 380 25.25 -10.02 -43.27
C GLY K 380 25.96 -8.76 -42.82
N ALA K 381 25.22 -7.95 -42.05
CA ALA K 381 25.71 -6.69 -41.50
C ALA K 381 26.26 -5.77 -42.58
N GLY K 382 25.62 -5.80 -43.75
CA GLY K 382 26.02 -4.92 -44.83
C GLY K 382 27.22 -5.36 -45.62
N LYS K 383 27.79 -6.52 -45.32
CA LYS K 383 29.01 -6.98 -45.96
C LYS K 383 28.66 -8.05 -46.99
N TYR K 384 29.18 -7.89 -48.20
CA TYR K 384 29.03 -8.88 -49.25
C TYR K 384 30.35 -9.00 -49.99
N GLY K 385 30.50 -10.11 -50.69
CA GLY K 385 31.68 -10.37 -51.48
C GLY K 385 31.35 -11.07 -52.78
N VAL K 386 31.94 -10.60 -53.88
CA VAL K 386 31.71 -11.24 -55.16
C VAL K 386 32.21 -12.66 -55.12
N ILE K 387 31.43 -13.58 -55.71
CA ILE K 387 31.90 -14.96 -55.81
C ILE K 387 33.15 -14.97 -56.68
N GLU K 388 34.24 -15.51 -56.14
CA GLU K 388 35.54 -15.50 -56.79
C GLU K 388 35.84 -16.83 -57.46
N GLY K 389 36.77 -16.81 -58.40
CA GLY K 389 37.28 -18.02 -59.01
C GLY K 389 36.48 -18.56 -60.16
N LEU K 390 35.48 -17.83 -60.63
CA LEU K 390 34.59 -18.35 -61.66
C LEU K 390 35.25 -18.25 -63.03
N PRO K 391 35.30 -19.34 -63.80
CA PRO K 391 35.73 -19.26 -65.19
C PRO K 391 34.59 -18.68 -66.03
N ILE K 392 34.89 -17.62 -66.77
CA ILE K 392 33.90 -16.97 -67.62
C ILE K 392 34.14 -17.49 -69.04
N ASN K 393 33.21 -18.27 -69.57
CA ASN K 393 33.39 -18.77 -70.93
C ASN K 393 32.98 -17.68 -71.92
N SER K 394 33.19 -18.00 -73.20
CA SER K 394 33.04 -17.04 -74.27
C SER K 394 31.60 -16.63 -74.48
N PHE K 395 30.65 -17.55 -74.30
CA PHE K 395 29.25 -17.15 -74.41
C PHE K 395 28.86 -16.20 -73.29
N SER K 396 29.33 -16.45 -72.06
CA SER K 396 29.05 -15.52 -70.99
C SER K 396 29.70 -14.17 -71.26
N ALA K 397 30.99 -14.17 -71.65
CA ALA K 397 31.69 -12.90 -71.85
C ALA K 397 30.97 -12.04 -72.88
N ASP K 398 30.51 -12.65 -73.97
CA ASP K 398 29.73 -11.94 -74.96
C ASP K 398 28.51 -11.27 -74.34
N ARG K 399 27.75 -12.02 -73.54
CA ARG K 399 26.50 -11.48 -73.01
C ARG K 399 26.76 -10.44 -71.93
N ILE K 400 27.77 -10.65 -71.09
CA ILE K 400 28.12 -9.64 -70.10
C ILE K 400 28.56 -8.36 -70.78
N ASN K 401 29.38 -8.47 -71.84
CA ASN K 401 29.87 -7.27 -72.52
C ASN K 401 28.74 -6.47 -73.13
N ALA K 402 27.71 -7.15 -73.66
CA ALA K 402 26.57 -6.44 -74.20
C ALA K 402 25.92 -5.56 -73.13
N SER K 403 25.85 -6.04 -71.90
CA SER K 403 25.24 -5.21 -70.85
C SER K 403 26.20 -4.12 -70.40
N VAL K 404 27.49 -4.44 -70.30
CA VAL K 404 28.51 -3.44 -70.00
C VAL K 404 28.48 -2.30 -71.00
N LYS K 405 28.27 -2.60 -72.28
CA LYS K 405 28.18 -1.55 -73.29
C LYS K 405 27.07 -0.56 -72.95
N GLU K 406 25.91 -1.08 -72.52
CA GLU K 406 24.79 -0.21 -72.19
C GLU K 406 25.05 0.60 -70.91
N LEU K 407 25.68 -0.03 -69.91
CA LEU K 407 26.03 0.69 -68.69
C LEU K 407 27.03 1.80 -68.99
N ILE K 408 28.03 1.52 -69.85
CA ILE K 408 28.99 2.56 -70.21
C ILE K 408 28.28 3.69 -70.93
N GLU K 409 27.38 3.36 -71.85
CA GLU K 409 26.62 4.39 -72.55
C GLU K 409 25.78 5.21 -71.57
N GLU K 410 25.08 4.54 -70.66
CA GLU K 410 24.30 5.27 -69.67
C GLU K 410 25.20 6.23 -68.89
N LYS K 411 26.39 5.76 -68.50
CA LYS K 411 27.29 6.63 -67.74
C LYS K 411 27.71 7.83 -68.58
N LYS K 412 27.98 7.61 -69.86
CA LYS K 412 28.39 8.73 -70.71
C LYS K 412 27.29 9.76 -70.83
N ILE K 413 26.02 9.35 -70.81
CA ILE K 413 24.92 10.30 -70.96
C ILE K 413 24.83 11.21 -69.74
N VAL K 414 25.09 10.68 -68.54
CA VAL K 414 24.97 11.45 -67.31
C VAL K 414 26.32 11.91 -66.77
N GLU K 415 27.39 11.83 -67.57
CA GLU K 415 28.76 12.05 -67.10
C GLU K 415 29.05 13.49 -66.68
N ASN K 416 28.09 14.40 -66.73
CA ASN K 416 28.29 15.79 -66.31
C ASN K 416 27.80 16.07 -64.90
N LEU K 417 27.17 15.09 -64.25
CA LEU K 417 26.70 15.18 -62.87
C LEU K 417 27.71 14.59 -61.87
N LEU K 418 28.99 14.55 -62.23
CA LEU K 418 30.03 14.02 -61.35
C LEU K 418 30.51 15.06 -60.33
N GLN L 93 12.11 -30.96 -41.10
CA GLN L 93 11.79 -29.71 -40.41
C GLN L 93 10.49 -29.08 -40.96
N LEU L 94 10.01 -29.60 -42.09
CA LEU L 94 8.83 -29.08 -42.77
C LEU L 94 7.63 -29.97 -42.56
N ALA L 95 6.48 -29.34 -42.30
CA ALA L 95 5.21 -30.04 -42.16
C ALA L 95 4.69 -30.48 -43.52
N PRO L 96 3.72 -31.38 -43.56
CA PRO L 96 3.04 -31.64 -44.81
C PRO L 96 2.29 -30.40 -45.26
N PRO L 97 2.11 -30.22 -46.57
CA PRO L 97 1.50 -28.98 -47.07
C PRO L 97 0.03 -28.87 -46.69
N VAL L 98 -0.44 -27.63 -46.60
CA VAL L 98 -1.86 -27.34 -46.46
C VAL L 98 -2.32 -26.57 -47.71
N THR L 99 -3.62 -26.63 -47.97
CA THR L 99 -4.22 -26.01 -49.14
C THR L 99 -5.11 -24.84 -48.74
N ILE L 100 -4.91 -23.70 -49.38
CA ILE L 100 -5.67 -22.48 -49.07
C ILE L 100 -6.35 -22.00 -50.35
N THR L 101 -7.67 -21.85 -50.29
CA THR L 101 -8.45 -21.30 -51.41
C THR L 101 -8.71 -19.82 -51.16
N VAL L 102 -8.44 -19.00 -52.17
CA VAL L 102 -8.66 -17.57 -52.07
C VAL L 102 -9.48 -17.13 -53.27
N SER L 103 -10.68 -16.61 -53.02
CA SER L 103 -11.51 -16.02 -54.06
C SER L 103 -11.19 -14.52 -54.18
N GLY L 104 -11.75 -13.88 -55.19
CA GLY L 104 -11.38 -12.50 -55.47
C GLY L 104 -9.88 -12.31 -55.61
N ALA L 105 -9.20 -13.30 -56.18
CA ALA L 105 -7.74 -13.34 -56.12
C ALA L 105 -7.04 -12.33 -57.01
N CYS L 106 -7.76 -11.63 -57.89
CA CYS L 106 -7.21 -10.58 -58.72
CA CYS L 106 -7.16 -10.59 -58.69
C CYS L 106 -7.34 -9.20 -58.10
N GLY L 107 -7.92 -9.11 -56.92
CA GLY L 107 -8.22 -7.82 -56.34
C GLY L 107 -7.08 -7.21 -55.57
N GLN L 108 -7.34 -5.99 -55.09
CA GLN L 108 -6.31 -5.24 -54.41
C GLN L 108 -5.96 -5.89 -53.08
N ILE L 109 -6.97 -6.39 -52.37
CA ILE L 109 -6.70 -7.09 -51.11
C ILE L 109 -5.83 -8.32 -51.36
N ALA L 110 -6.21 -9.14 -52.35
CA ALA L 110 -5.41 -10.32 -52.65
C ALA L 110 -3.98 -9.94 -53.02
N ASN L 111 -3.80 -8.84 -53.78
CA ASN L 111 -2.46 -8.41 -54.18
C ASN L 111 -1.52 -8.25 -52.98
N SER L 112 -2.06 -7.86 -51.82
CA SER L 112 -1.27 -7.84 -50.58
C SER L 112 -1.32 -9.15 -49.82
N LEU L 113 -2.48 -9.81 -49.80
CA LEU L 113 -2.64 -11.01 -48.97
C LEU L 113 -1.73 -12.16 -49.43
N LEU L 114 -1.72 -12.43 -50.73
CA LEU L 114 -1.14 -13.69 -51.21
C LEU L 114 0.35 -13.78 -50.95
N PHE L 115 1.08 -12.66 -51.07
CA PHE L 115 2.51 -12.69 -50.81
C PHE L 115 2.81 -12.93 -49.33
N ARG L 116 1.92 -12.51 -48.44
CA ARG L 116 2.08 -12.72 -47.01
C ARG L 116 1.48 -14.03 -46.55
N ILE L 117 0.89 -14.81 -47.45
CA ILE L 117 0.74 -16.24 -47.26
C ILE L 117 1.96 -16.99 -47.80
N ALA L 118 2.35 -16.69 -49.03
CA ALA L 118 3.44 -17.43 -49.67
C ALA L 118 4.75 -17.27 -48.92
N ASN L 119 4.96 -16.15 -48.24
CA ASN L 119 6.20 -15.94 -47.51
C ASN L 119 6.25 -16.73 -46.21
N GLY L 120 5.17 -17.43 -45.84
CA GLY L 120 5.15 -18.15 -44.59
C GLY L 120 4.68 -17.35 -43.37
N GLU L 121 4.25 -16.10 -43.56
CA GLU L 121 3.85 -15.29 -42.41
C GLU L 121 2.53 -15.77 -41.80
N MET L 122 1.55 -16.11 -42.63
CA MET L 122 0.22 -16.43 -42.12
C MET L 122 0.20 -17.72 -41.31
N LEU L 123 0.88 -18.76 -41.77
CA LEU L 123 0.77 -20.08 -41.15
C LEU L 123 2.07 -20.58 -40.54
N GLY L 124 3.18 -19.85 -40.70
CA GLY L 124 4.45 -20.27 -40.11
C GLY L 124 5.53 -20.58 -41.13
N GLU L 125 6.79 -20.31 -40.76
CA GLU L 125 7.88 -20.42 -41.72
C GLU L 125 8.19 -21.86 -42.12
N ASN L 126 7.66 -22.86 -41.41
CA ASN L 126 7.90 -24.25 -41.74
C ASN L 126 6.66 -24.97 -42.27
N GLN L 127 5.66 -24.22 -42.77
CA GLN L 127 4.42 -24.82 -43.24
C GLN L 127 4.22 -24.58 -44.74
N PRO L 128 4.57 -25.54 -45.59
CA PRO L 128 4.37 -25.39 -47.04
C PRO L 128 2.90 -25.19 -47.38
N VAL L 129 2.64 -24.41 -48.43
CA VAL L 129 1.27 -24.05 -48.78
C VAL L 129 1.06 -24.26 -50.27
N LYS L 130 -0.18 -24.62 -50.61
CA LYS L 130 -0.66 -24.67 -51.98
C LYS L 130 -1.81 -23.69 -52.09
N LEU L 131 -1.75 -22.83 -53.10
CA LEU L 131 -2.77 -21.82 -53.30
C LEU L 131 -3.72 -22.20 -54.40
N ARG L 132 -5.01 -22.18 -54.11
CA ARG L 132 -6.05 -22.36 -55.12
C ARG L 132 -6.77 -21.02 -55.25
N LEU L 133 -6.56 -20.38 -56.39
CA LEU L 133 -7.00 -19.01 -56.61
C LEU L 133 -8.26 -19.00 -57.46
N LEU L 134 -9.31 -18.36 -56.96
CA LEU L 134 -10.60 -18.33 -57.62
C LEU L 134 -10.93 -16.91 -58.08
N GLU L 135 -11.42 -16.79 -59.32
CA GLU L 135 -11.83 -15.49 -59.84
C GLU L 135 -13.04 -15.69 -60.75
N ARG L 136 -13.64 -14.57 -61.15
CA ARG L 136 -14.70 -14.62 -62.14
C ARG L 136 -14.14 -15.04 -63.50
N PRO L 137 -14.97 -15.63 -64.37
CA PRO L 137 -14.47 -16.11 -65.67
C PRO L 137 -13.75 -15.03 -66.47
N GLU L 138 -14.25 -13.81 -66.44
CA GLU L 138 -13.69 -12.71 -67.22
C GLU L 138 -12.39 -12.19 -66.63
N ALA L 139 -11.95 -12.69 -65.48
CA ALA L 139 -10.71 -12.24 -64.86
C ALA L 139 -9.60 -13.29 -64.96
N MET L 140 -9.81 -14.36 -65.70
CA MET L 140 -8.82 -15.44 -65.72
C MET L 140 -7.52 -15.00 -66.40
N LYS L 141 -7.62 -14.19 -67.46
CA LYS L 141 -6.39 -13.70 -68.10
C LYS L 141 -5.58 -12.87 -67.12
N ALA L 142 -6.24 -12.01 -66.35
CA ALA L 142 -5.52 -11.23 -65.35
C ALA L 142 -4.97 -12.12 -64.24
N LEU L 143 -5.69 -13.19 -63.89
CA LEU L 143 -5.23 -14.05 -62.81
C LEU L 143 -3.91 -14.73 -63.17
N GLU L 144 -3.69 -15.00 -64.46
CA GLU L 144 -2.40 -15.53 -64.88
C GLU L 144 -1.27 -14.61 -64.43
N GLY L 145 -1.50 -13.30 -64.50
CA GLY L 145 -0.51 -12.35 -64.01
C GLY L 145 -0.24 -12.49 -62.52
N VAL L 146 -1.28 -12.76 -61.75
CA VAL L 146 -1.12 -12.96 -60.31
C VAL L 146 -0.19 -14.14 -60.06
N LYS L 147 -0.41 -15.25 -60.78
CA LYS L 147 0.47 -16.40 -60.61
C LYS L 147 1.89 -16.06 -61.04
N MET L 148 2.06 -15.36 -62.15
CA MET L 148 3.40 -14.98 -62.56
C MET L 148 4.10 -14.15 -61.48
N GLU L 149 3.39 -13.18 -60.89
CA GLU L 149 4.01 -12.38 -59.86
C GLU L 149 4.34 -13.22 -58.64
N LEU L 150 3.44 -14.12 -58.25
CA LEU L 150 3.70 -14.97 -57.10
C LEU L 150 4.88 -15.89 -57.36
N ASP L 151 4.94 -16.49 -58.56
CA ASP L 151 6.10 -17.28 -58.92
C ASP L 151 7.38 -16.47 -58.80
N ASP L 152 7.33 -15.23 -59.30
CA ASP L 152 8.49 -14.35 -59.24
C ASP L 152 8.86 -13.97 -57.81
N GLY L 153 8.06 -14.38 -56.82
CA GLY L 153 8.50 -14.27 -55.45
C GLY L 153 9.49 -15.31 -55.00
N ALA L 154 9.66 -16.39 -55.77
CA ALA L 154 10.66 -17.43 -55.49
C ALA L 154 10.51 -17.97 -54.08
N PHE L 155 9.27 -18.26 -53.68
CA PHE L 155 8.98 -18.65 -52.30
C PHE L 155 9.20 -20.15 -52.10
N PRO L 156 10.11 -20.57 -51.22
CA PRO L 156 10.30 -22.01 -51.02
C PRO L 156 9.07 -22.71 -50.49
N LEU L 157 8.21 -22.01 -49.74
CA LEU L 157 7.06 -22.65 -49.13
C LEU L 157 5.89 -22.82 -50.09
N LEU L 158 5.91 -22.15 -51.24
CA LEU L 158 4.79 -22.14 -52.19
C LEU L 158 4.90 -23.35 -53.11
N GLU L 159 4.21 -24.43 -52.78
CA GLU L 159 4.40 -25.64 -53.58
C GLU L 159 3.48 -25.72 -54.79
N GLU L 160 2.41 -24.92 -54.85
CA GLU L 160 1.56 -24.98 -56.02
C GLU L 160 0.70 -23.74 -56.07
N ILE L 161 0.41 -23.29 -57.28
CA ILE L 161 -0.56 -22.25 -57.53
C ILE L 161 -1.51 -22.79 -58.60
N TYR L 162 -2.76 -23.05 -58.22
CA TYR L 162 -3.77 -23.55 -59.15
C TYR L 162 -4.79 -22.44 -59.38
N LEU L 163 -5.13 -22.20 -60.64
CA LEU L 163 -6.04 -21.13 -61.03
C LEU L 163 -7.34 -21.70 -61.57
N THR L 164 -8.46 -21.08 -61.20
CA THR L 164 -9.75 -21.58 -61.66
C THR L 164 -10.81 -20.50 -61.55
N ASP L 165 -11.84 -20.62 -62.39
CA ASP L 165 -13.04 -19.82 -62.21
C ASP L 165 -14.21 -20.68 -61.72
N SER L 166 -13.92 -21.86 -61.18
CA SER L 166 -14.93 -22.81 -60.74
C SER L 166 -14.86 -23.00 -59.24
N GLU L 167 -15.94 -22.65 -58.54
CA GLU L 167 -15.98 -22.83 -57.11
C GLU L 167 -15.76 -24.28 -56.72
N ASN L 168 -16.32 -25.22 -57.49
CA ASN L 168 -16.14 -26.63 -57.20
C ASN L 168 -14.67 -27.04 -57.22
N ASP L 169 -13.96 -26.64 -58.27
CA ASP L 169 -12.52 -26.92 -58.33
C ASP L 169 -11.76 -26.14 -57.25
N ALA L 170 -12.17 -24.90 -57.01
CA ALA L 170 -11.41 -24.03 -56.11
C ALA L 170 -11.25 -24.63 -54.72
N PHE L 171 -12.33 -25.14 -54.15
CA PHE L 171 -12.32 -25.59 -52.76
C PHE L 171 -11.92 -27.07 -52.59
N ARG L 172 -11.62 -27.78 -53.68
CA ARG L 172 -11.22 -29.19 -53.59
C ARG L 172 -10.01 -29.31 -52.68
N GLY L 173 -10.15 -30.10 -51.61
CA GLY L 173 -9.08 -30.32 -50.65
C GLY L 173 -8.65 -29.11 -49.84
N ALA L 174 -9.49 -28.08 -49.70
CA ALA L 174 -9.08 -26.89 -48.97
C ALA L 174 -8.94 -27.16 -47.48
N ASP L 175 -7.82 -26.72 -46.89
CA ASP L 175 -7.68 -26.70 -45.44
C ASP L 175 -8.08 -25.36 -44.86
N TYR L 176 -7.98 -24.31 -45.66
CA TYR L 176 -8.31 -22.95 -45.30
C TYR L 176 -8.95 -22.30 -46.51
N ALA L 177 -9.88 -21.39 -46.25
CA ALA L 177 -10.46 -20.61 -47.34
C ALA L 177 -10.58 -19.16 -46.88
N ILE L 178 -10.13 -18.24 -47.72
CA ILE L 178 -10.24 -16.82 -47.47
C ILE L 178 -11.11 -16.25 -48.58
N LEU L 179 -12.30 -15.79 -48.22
CA LEU L 179 -13.32 -15.41 -49.20
C LEU L 179 -13.36 -13.89 -49.30
N LEU L 180 -12.67 -13.36 -50.30
CA LEU L 180 -12.61 -11.94 -50.60
C LEU L 180 -13.64 -11.54 -51.64
N GLY L 181 -14.01 -12.46 -52.51
CA GLY L 181 -14.84 -12.13 -53.64
C GLY L 181 -16.29 -11.98 -53.27
N GLY L 182 -16.96 -11.08 -53.98
CA GLY L 182 -18.37 -10.85 -53.77
C GLY L 182 -18.93 -9.99 -54.87
N LYS L 183 -20.16 -9.53 -54.66
CA LYS L 183 -20.79 -8.63 -55.62
C LYS L 183 -20.84 -7.23 -55.06
N PRO L 184 -20.13 -6.28 -55.64
CA PRO L 184 -20.25 -4.89 -55.18
C PRO L 184 -21.61 -4.32 -55.55
N ARG L 185 -22.01 -3.25 -54.86
CA ARG L 185 -23.26 -2.60 -55.18
C ARG L 185 -23.13 -1.93 -56.54
N GLY L 186 -24.00 -2.30 -57.47
CA GLY L 186 -23.97 -1.77 -58.82
C GLY L 186 -25.35 -1.37 -59.30
N PRO L 187 -25.46 -1.02 -60.57
CA PRO L 187 -26.73 -0.50 -61.11
C PRO L 187 -27.92 -1.43 -60.85
N GLY L 188 -29.00 -0.84 -60.35
CA GLY L 188 -30.21 -1.57 -60.05
C GLY L 188 -30.27 -2.19 -58.68
N MET L 189 -29.19 -2.11 -57.90
CA MET L 189 -29.12 -2.78 -56.60
C MET L 189 -29.34 -1.80 -55.46
N GLU L 190 -30.34 -2.07 -54.64
CA GLU L 190 -30.59 -1.39 -53.38
C GLU L 190 -29.81 -2.10 -52.28
N ARG L 191 -29.92 -1.61 -51.04
CA ARG L 191 -29.21 -2.27 -49.94
C ARG L 191 -29.65 -3.72 -49.79
N ALA L 192 -30.95 -3.99 -49.94
CA ALA L 192 -31.44 -5.37 -49.81
C ALA L 192 -30.87 -6.25 -50.93
N ASP L 193 -30.73 -5.69 -52.12
CA ASP L 193 -30.18 -6.41 -53.25
C ASP L 193 -28.73 -6.79 -52.99
N VAL L 194 -27.99 -5.91 -52.31
CA VAL L 194 -26.61 -6.20 -51.93
C VAL L 194 -26.57 -7.40 -50.99
N MET L 195 -27.51 -7.46 -50.05
CA MET L 195 -27.59 -8.58 -49.13
C MET L 195 -27.92 -9.88 -49.86
N LYS L 196 -28.95 -9.84 -50.72
CA LYS L 196 -29.46 -11.05 -51.37
C LYS L 196 -28.50 -11.58 -52.43
N ASP L 197 -27.97 -10.70 -53.28
CA ASP L 197 -27.06 -11.17 -54.32
C ASP L 197 -25.81 -11.79 -53.71
N ASN L 198 -25.27 -11.17 -52.66
CA ASN L 198 -24.09 -11.76 -52.03
C ASN L 198 -24.44 -13.03 -51.27
N ALA L 199 -25.62 -13.07 -50.64
CA ALA L 199 -26.06 -14.30 -50.01
C ALA L 199 -26.11 -15.44 -51.03
N ALA L 200 -26.54 -15.13 -52.27
CA ALA L 200 -26.57 -16.15 -53.31
C ALA L 200 -25.17 -16.65 -53.61
N ILE L 201 -24.19 -15.75 -53.59
CA ILE L 201 -22.80 -16.15 -53.84
C ILE L 201 -22.32 -17.09 -52.73
N PHE L 202 -22.61 -16.73 -51.48
CA PHE L 202 -22.08 -17.48 -50.37
C PHE L 202 -22.87 -18.74 -50.05
N LYS L 203 -24.12 -18.83 -50.49
CA LYS L 203 -24.81 -20.11 -50.45
C LYS L 203 -24.13 -21.10 -51.38
N ALA L 204 -23.79 -20.65 -52.58
CA ALA L 204 -23.09 -21.51 -53.54
C ALA L 204 -21.72 -21.90 -53.00
N GLN L 205 -21.02 -20.97 -52.33
CA GLN L 205 -19.68 -21.30 -51.87
C GLN L 205 -19.72 -22.17 -50.62
N GLY L 206 -20.68 -21.94 -49.72
CA GLY L 206 -20.86 -22.88 -48.63
C GLY L 206 -21.17 -24.29 -49.12
N GLU L 207 -22.02 -24.39 -50.15
CA GLU L 207 -22.33 -25.70 -50.72
C GLU L 207 -21.07 -26.34 -51.31
N ALA L 208 -20.30 -25.56 -52.05
CA ALA L 208 -19.06 -26.11 -52.62
C ALA L 208 -18.07 -26.48 -51.53
N LEU L 209 -17.95 -25.62 -50.50
CA LEU L 209 -17.07 -25.93 -49.37
C LEU L 209 -17.49 -27.23 -48.70
N ASN L 210 -18.79 -27.37 -48.40
CA ASN L 210 -19.27 -28.56 -47.69
C ASN L 210 -18.93 -29.82 -48.47
N LYS L 211 -19.06 -29.76 -49.79
CA LYS L 211 -18.78 -30.93 -50.64
C LYS L 211 -17.28 -31.17 -50.82
N GLN L 212 -16.46 -30.13 -51.01
CA GLN L 212 -15.12 -30.30 -51.55
C GLN L 212 -13.99 -30.16 -50.55
N ALA L 213 -14.14 -29.34 -49.51
CA ALA L 213 -13.04 -29.01 -48.61
C ALA L 213 -12.77 -30.15 -47.64
N ASN L 214 -11.62 -30.07 -46.98
CA ASN L 214 -11.33 -31.05 -45.95
C ASN L 214 -12.18 -30.78 -44.72
N GLY L 215 -12.34 -31.82 -43.90
CA GLY L 215 -13.35 -31.78 -42.84
C GLY L 215 -13.10 -30.71 -41.80
N ASP L 216 -11.83 -30.39 -41.53
CA ASP L 216 -11.48 -29.41 -40.52
C ASP L 216 -11.27 -28.01 -41.09
N VAL L 217 -11.78 -27.73 -42.30
CA VAL L 217 -11.50 -26.47 -42.97
C VAL L 217 -11.91 -25.29 -42.10
N LEU L 218 -11.06 -24.26 -42.08
CA LEU L 218 -11.39 -22.99 -41.46
C LEU L 218 -11.65 -21.98 -42.54
N VAL L 219 -12.78 -21.28 -42.44
CA VAL L 219 -13.24 -20.36 -43.48
C VAL L 219 -13.31 -18.96 -42.90
N LEU L 220 -12.64 -18.02 -43.54
CA LEU L 220 -12.68 -16.61 -43.15
C LEU L 220 -13.39 -15.83 -44.24
N ILE L 221 -14.45 -15.12 -43.84
CA ILE L 221 -15.24 -14.26 -44.74
C ILE L 221 -14.77 -12.83 -44.61
N VAL L 222 -14.40 -12.23 -45.74
CA VAL L 222 -14.00 -10.83 -45.80
C VAL L 222 -15.02 -9.98 -46.57
N ALA L 223 -15.53 -10.50 -47.69
CA ALA L 223 -16.42 -9.70 -48.51
C ALA L 223 -17.64 -9.29 -47.70
N ASN L 224 -18.07 -8.07 -47.91
CA ASN L 224 -19.24 -7.52 -47.22
C ASN L 224 -20.54 -7.96 -47.88
N PRO L 225 -21.63 -8.03 -47.11
CA PRO L 225 -21.71 -7.88 -45.64
C PRO L 225 -21.20 -9.15 -44.93
N ALA L 226 -20.05 -9.00 -44.27
CA ALA L 226 -19.26 -10.16 -43.84
C ALA L 226 -20.06 -11.07 -42.91
N ASN L 227 -20.56 -10.53 -41.80
CA ASN L 227 -21.27 -11.33 -40.80
C ASN L 227 -22.41 -12.12 -41.43
N THR L 228 -23.20 -11.45 -42.25
CA THR L 228 -24.33 -12.12 -42.89
C THR L 228 -23.83 -13.13 -43.93
N ASN L 229 -22.79 -12.76 -44.70
CA ASN L 229 -22.21 -13.69 -45.65
C ASN L 229 -21.73 -14.96 -44.96
N ALA L 230 -21.05 -14.81 -43.81
CA ALA L 230 -20.55 -15.96 -43.08
C ALA L 230 -21.71 -16.83 -42.60
N MET L 231 -22.77 -16.20 -42.11
CA MET L 231 -23.91 -16.96 -41.65
C MET L 231 -24.54 -17.78 -42.77
N ILE L 232 -24.70 -17.17 -43.95
CA ILE L 232 -25.26 -17.88 -45.10
C ILE L 232 -24.37 -19.05 -45.49
N THR L 233 -23.05 -18.83 -45.49
CA THR L 233 -22.11 -19.91 -45.82
C THR L 233 -22.31 -21.12 -44.91
N SER L 234 -22.33 -20.87 -43.61
CA SER L 234 -22.48 -21.92 -42.61
C SER L 234 -23.82 -22.62 -42.76
N ALA L 235 -24.88 -21.84 -43.01
CA ALA L 235 -26.20 -22.45 -43.14
C ALA L 235 -26.26 -23.42 -44.31
N ASN L 236 -25.41 -23.22 -45.32
CA ASN L 236 -25.39 -24.07 -46.51
C ASN L 236 -24.19 -25.01 -46.52
N ALA L 237 -23.60 -25.23 -45.35
CA ALA L 237 -22.50 -26.19 -45.19
C ALA L 237 -22.78 -26.99 -43.94
N PRO L 238 -23.79 -27.87 -43.98
CA PRO L 238 -24.27 -28.49 -42.73
C PRO L 238 -23.22 -29.36 -42.04
N ASP L 239 -22.21 -29.85 -42.75
CA ASP L 239 -21.22 -30.72 -42.13
C ASP L 239 -19.98 -29.96 -41.64
N ILE L 240 -19.94 -28.65 -41.81
CA ILE L 240 -18.84 -27.83 -41.27
C ILE L 240 -19.29 -27.27 -39.94
N PRO L 241 -18.54 -27.49 -38.85
CA PRO L 241 -18.87 -26.86 -37.57
C PRO L 241 -18.97 -25.36 -37.73
N PRO L 242 -20.08 -24.75 -37.32
CA PRO L 242 -20.26 -23.32 -37.57
C PRO L 242 -19.12 -22.46 -37.05
N GLU L 243 -18.47 -22.87 -35.95
CA GLU L 243 -17.38 -22.07 -35.40
C GLU L 243 -16.17 -22.04 -36.32
N ASN L 244 -16.10 -22.98 -37.27
CA ASN L 244 -15.01 -22.97 -38.23
C ASN L 244 -15.27 -22.02 -39.39
N ILE L 245 -16.39 -21.29 -39.38
CA ILE L 245 -16.67 -20.23 -40.35
C ILE L 245 -16.83 -18.92 -39.58
N THR L 246 -15.94 -17.96 -39.83
CA THR L 246 -16.01 -16.68 -39.16
C THR L 246 -15.96 -15.53 -40.17
N ALA L 247 -16.32 -14.33 -39.70
CA ALA L 247 -16.21 -13.13 -40.51
C ALA L 247 -15.21 -12.18 -39.87
N MET L 248 -14.57 -11.34 -40.69
CA MET L 248 -13.46 -10.54 -40.22
C MET L 248 -13.86 -9.17 -39.69
N THR L 249 -13.62 -8.94 -38.40
CA THR L 249 -13.66 -7.60 -37.81
C THR L 249 -12.29 -7.18 -37.34
N ARG L 250 -11.26 -7.97 -37.68
CA ARG L 250 -9.92 -7.73 -37.18
C ARG L 250 -9.42 -6.37 -37.63
N LEU L 251 -9.90 -5.87 -38.77
CA LEU L 251 -9.45 -4.55 -39.22
C LEU L 251 -10.08 -3.44 -38.39
N ASP L 252 -11.39 -3.55 -38.11
CA ASP L 252 -11.99 -2.66 -37.13
C ASP L 252 -11.21 -2.71 -35.83
N HIS L 253 -10.93 -3.93 -35.36
CA HIS L 253 -10.18 -4.12 -34.12
C HIS L 253 -8.83 -3.41 -34.16
N ASP L 254 -8.05 -3.63 -35.22
CA ASP L 254 -6.74 -2.98 -35.29
C ASP L 254 -6.86 -1.47 -35.44
N ARG L 255 -7.91 -1.00 -36.11
CA ARG L 255 -8.08 0.44 -36.24
C ARG L 255 -8.31 1.07 -34.86
N GLY L 256 -9.05 0.36 -34.01
CA GLY L 256 -9.23 0.80 -32.64
C GLY L 256 -7.93 0.90 -31.86
N LEU L 257 -7.10 -0.14 -31.94
CA LEU L 257 -5.80 -0.07 -31.30
C LEU L 257 -5.02 1.13 -31.80
N ALA L 258 -5.08 1.39 -33.10
CA ALA L 258 -4.29 2.50 -33.65
C ALA L 258 -4.83 3.85 -33.19
N GLN L 259 -6.15 3.95 -33.02
CA GLN L 259 -6.70 5.20 -32.52
C GLN L 259 -6.25 5.44 -31.08
N VAL L 260 -6.30 4.40 -30.24
CA VAL L 260 -5.84 4.53 -28.85
C VAL L 260 -4.37 4.90 -28.82
N ALA L 261 -3.54 4.15 -29.55
CA ALA L 261 -2.11 4.41 -29.53
C ALA L 261 -1.81 5.83 -29.97
N ALA L 262 -2.50 6.32 -31.00
CA ALA L 262 -2.26 7.68 -31.47
C ALA L 262 -2.68 8.70 -30.42
N LYS L 263 -3.85 8.51 -29.81
CA LYS L 263 -4.37 9.47 -28.85
C LYS L 263 -3.52 9.49 -27.58
N VAL L 264 -3.24 8.31 -27.03
CA VAL L 264 -2.55 8.19 -25.75
C VAL L 264 -1.04 8.34 -25.90
N GLY L 265 -0.49 8.04 -27.08
CA GLY L 265 0.94 8.11 -27.26
C GLY L 265 1.69 6.91 -26.72
N CYS L 266 1.07 5.73 -26.74
CA CYS L 266 1.68 4.51 -26.21
C CYS L 266 2.08 3.60 -27.35
N ASN L 267 2.74 2.50 -27.01
CA ASN L 267 3.02 1.49 -28.01
C ASN L 267 1.81 0.56 -28.18
N ILE L 268 1.73 -0.07 -29.36
CA ILE L 268 0.64 -0.99 -29.61
C ILE L 268 0.63 -2.10 -28.56
N THR L 269 1.82 -2.58 -28.18
CA THR L 269 1.86 -3.65 -27.17
C THR L 269 1.46 -3.18 -25.77
N ASP L 270 1.41 -1.88 -25.51
CA ASP L 270 0.93 -1.43 -24.20
C ASP L 270 -0.57 -1.64 -24.03
N ILE L 271 -1.31 -1.84 -25.12
CA ILE L 271 -2.76 -1.92 -25.08
C ILE L 271 -3.19 -3.37 -24.89
N SER L 272 -4.12 -3.60 -23.98
CA SER L 272 -4.66 -4.94 -23.75
C SER L 272 -6.16 -4.81 -23.51
N ARG L 273 -6.89 -5.89 -23.82
CA ARG L 273 -8.31 -6.04 -23.52
C ARG L 273 -9.16 -5.01 -24.27
N PHE L 274 -9.04 -5.03 -25.59
CA PHE L 274 -9.90 -4.27 -26.49
C PHE L 274 -10.67 -5.24 -27.38
N ALA L 275 -11.87 -4.84 -27.80
CA ALA L 275 -12.66 -5.74 -28.64
C ALA L 275 -13.68 -4.94 -29.44
N ILE L 276 -14.09 -5.51 -30.57
CA ILE L 276 -15.20 -5.01 -31.37
C ILE L 276 -16.40 -5.94 -31.20
N TRP L 277 -17.55 -5.38 -30.87
CA TRP L 277 -18.77 -6.19 -30.81
C TRP L 277 -19.65 -5.89 -32.01
N GLY L 278 -20.34 -6.94 -32.48
CA GLY L 278 -21.43 -6.73 -33.41
C GLY L 278 -21.17 -7.01 -34.87
N ASN L 279 -21.74 -6.16 -35.72
CA ASN L 279 -21.70 -6.30 -37.16
C ASN L 279 -20.43 -5.66 -37.69
N HIS L 280 -19.87 -6.23 -38.76
CA HIS L 280 -18.80 -5.53 -39.44
C HIS L 280 -19.45 -4.38 -40.22
N SER L 281 -19.72 -3.28 -39.49
CA SER L 281 -20.45 -2.18 -40.10
C SER L 281 -20.36 -0.94 -39.22
N ALA L 282 -21.04 0.10 -39.66
CA ALA L 282 -21.05 1.33 -38.89
C ALA L 282 -21.80 1.19 -37.57
N THR L 283 -22.56 0.10 -37.34
CA THR L 283 -23.20 -0.12 -36.03
C THR L 283 -22.32 -0.94 -35.08
N GLN L 284 -21.10 -1.31 -35.51
CA GLN L 284 -20.19 -2.03 -34.64
C GLN L 284 -19.97 -1.25 -33.35
N TYR L 285 -19.62 -1.95 -32.28
CA TYR L 285 -19.34 -1.28 -31.01
C TYR L 285 -17.87 -1.45 -30.64
N PRO L 286 -17.02 -0.47 -30.89
CA PRO L 286 -15.64 -0.54 -30.40
C PRO L 286 -15.63 -0.31 -28.90
N ASP L 287 -15.18 -1.28 -28.14
CA ASP L 287 -15.45 -1.35 -26.71
C ASP L 287 -14.17 -1.14 -25.91
N LEU L 288 -14.06 0.02 -25.24
CA LEU L 288 -12.91 0.31 -24.38
C LEU L 288 -13.18 -0.01 -22.91
N SER L 289 -14.32 -0.64 -22.58
CA SER L 289 -14.73 -0.77 -21.18
C SER L 289 -13.69 -1.47 -20.32
N PHE L 290 -12.93 -2.41 -20.88
CA PHE L 290 -11.98 -3.21 -20.11
C PHE L 290 -10.53 -2.93 -20.48
N THR L 291 -10.29 -1.99 -21.38
CA THR L 291 -8.96 -1.82 -21.96
C THR L 291 -7.98 -1.30 -20.92
N THR L 292 -6.75 -1.81 -20.98
CA THR L 292 -5.68 -1.32 -20.11
C THR L 292 -4.48 -0.91 -20.95
N ILE L 293 -3.73 0.05 -20.42
CA ILE L 293 -2.55 0.60 -21.08
C ILE L 293 -1.41 0.53 -20.08
N LYS L 294 -0.34 -0.19 -20.43
CA LYS L 294 0.76 -0.46 -19.51
C LYS L 294 1.27 0.83 -18.87
N GLY L 295 1.29 0.84 -17.54
CA GLY L 295 1.79 1.99 -16.79
C GLY L 295 0.78 3.07 -16.48
N GLN L 296 -0.36 3.12 -17.17
CA GLN L 296 -1.31 4.22 -17.03
C GLN L 296 -2.43 3.80 -16.07
N TRP L 297 -2.39 4.34 -14.85
CA TRP L 297 -3.33 4.02 -13.80
C TRP L 297 -4.19 5.22 -13.40
N GLY L 298 -3.83 6.42 -13.85
CA GLY L 298 -4.50 7.62 -13.41
C GLY L 298 -5.24 8.27 -14.55
N LEU L 299 -5.13 9.60 -14.66
CA LEU L 299 -5.82 10.31 -15.73
C LEU L 299 -5.45 9.68 -17.07
N ASN L 300 -6.47 9.31 -17.82
CA ASN L 300 -6.29 8.69 -19.13
C ASN L 300 -7.57 8.85 -19.91
N VAL L 301 -7.43 9.33 -21.14
CA VAL L 301 -8.57 9.70 -21.98
C VAL L 301 -9.47 8.50 -22.31
N ILE L 302 -8.97 7.26 -22.23
CA ILE L 302 -9.85 6.15 -22.61
C ILE L 302 -10.88 5.86 -21.54
N ASN L 303 -10.80 6.53 -20.39
CA ASN L 303 -11.86 6.49 -19.38
C ASN L 303 -12.97 7.48 -19.70
N ASP L 304 -12.70 8.48 -20.53
CA ASP L 304 -13.64 9.58 -20.76
C ASP L 304 -14.74 9.13 -21.71
N GLU L 305 -15.95 8.92 -21.18
CA GLU L 305 -17.05 8.45 -22.02
C GLU L 305 -17.42 9.45 -23.10
N GLN L 306 -17.15 10.74 -22.90
CA GLN L 306 -17.52 11.72 -23.91
C GLN L 306 -16.60 11.62 -25.12
N TRP L 307 -15.31 11.40 -24.89
CA TRP L 307 -14.39 11.20 -26.00
C TRP L 307 -14.71 9.91 -26.75
N ILE L 308 -15.05 8.84 -26.02
CA ILE L 308 -15.40 7.57 -26.64
C ILE L 308 -16.54 7.75 -27.63
N THR L 309 -17.61 8.41 -27.17
CA THR L 309 -18.82 8.55 -27.96
C THR L 309 -18.61 9.51 -29.13
N ASN L 310 -17.89 10.60 -28.91
CA ASN L 310 -17.80 11.67 -29.89
C ASN L 310 -16.60 11.57 -30.80
N GLU L 311 -15.56 10.86 -30.39
CA GLU L 311 -14.36 10.75 -31.22
C GLU L 311 -13.99 9.30 -31.48
N PHE L 312 -13.68 8.52 -30.44
CA PHE L 312 -13.14 7.18 -30.65
C PHE L 312 -14.08 6.32 -31.48
N ILE L 313 -15.30 6.11 -30.99
CA ILE L 313 -16.24 5.24 -31.70
C ILE L 313 -16.52 5.74 -33.11
N PRO L 314 -16.82 7.02 -33.35
CA PRO L 314 -17.03 7.45 -34.74
C PRO L 314 -15.78 7.33 -35.62
N ASN L 315 -14.60 7.63 -35.06
CA ASN L 315 -13.38 7.54 -35.87
C ASN L 315 -13.12 6.11 -36.29
N VAL L 316 -13.41 5.14 -35.42
CA VAL L 316 -13.21 3.75 -35.80
C VAL L 316 -14.26 3.34 -36.83
N GLN L 317 -15.52 3.74 -36.64
CA GLN L 317 -16.58 3.33 -37.55
C GLN L 317 -16.35 3.87 -38.96
N GLN L 318 -15.81 5.09 -39.08
CA GLN L 318 -15.68 5.80 -40.35
C GLN L 318 -14.27 5.80 -40.92
N ARG L 319 -13.38 4.98 -40.35
CA ARG L 319 -11.99 5.03 -40.76
C ARG L 319 -11.82 4.69 -42.24
N GLY L 320 -12.63 3.76 -42.76
CA GLY L 320 -12.51 3.42 -44.17
C GLY L 320 -12.75 4.60 -45.08
N ALA L 321 -13.76 5.42 -44.76
CA ALA L 321 -14.03 6.61 -45.57
C ALA L 321 -12.90 7.63 -45.47
N ALA L 322 -12.23 7.72 -44.31
CA ALA L 322 -11.12 8.64 -44.17
C ALA L 322 -9.96 8.22 -45.07
N ILE L 323 -9.69 6.91 -45.14
CA ILE L 323 -8.61 6.41 -46.00
C ILE L 323 -8.93 6.72 -47.46
N ILE L 324 -10.18 6.49 -47.86
CA ILE L 324 -10.60 6.78 -49.23
C ILE L 324 -10.44 8.26 -49.55
N LYS L 325 -10.76 9.13 -48.59
CA LYS L 325 -10.65 10.56 -48.81
C LYS L 325 -9.20 10.98 -48.98
N ALA L 326 -8.28 10.35 -48.26
CA ALA L 326 -6.87 10.73 -48.31
C ALA L 326 -6.17 10.17 -49.55
N ARG L 327 -6.37 8.88 -49.84
CA ARG L 327 -5.65 8.21 -50.91
C ARG L 327 -6.41 8.13 -52.23
N GLY L 328 -7.74 8.21 -52.19
CA GLY L 328 -8.55 8.01 -53.37
C GLY L 328 -8.86 6.56 -53.68
N LYS L 329 -8.40 5.64 -52.85
CA LYS L 329 -8.69 4.22 -53.01
C LYS L 329 -8.99 3.65 -51.64
N SER L 330 -9.63 2.49 -51.63
CA SER L 330 -9.93 1.87 -50.35
C SER L 330 -8.67 1.25 -49.78
N SER L 331 -8.74 0.89 -48.50
CA SER L 331 -7.59 0.47 -47.72
C SER L 331 -7.32 -1.03 -47.89
N ALA L 332 -6.95 -1.41 -49.12
CA ALA L 332 -6.73 -2.83 -49.41
C ALA L 332 -5.63 -3.42 -48.53
N ALA L 333 -4.53 -2.68 -48.38
CA ALA L 333 -3.35 -3.24 -47.73
C ALA L 333 -3.64 -3.55 -46.27
N SER L 334 -4.28 -2.65 -45.55
CA SER L 334 -4.55 -2.96 -44.15
C SER L 334 -5.62 -4.05 -44.02
N ALA L 335 -6.57 -4.12 -44.96
CA ALA L 335 -7.52 -5.22 -44.94
C ALA L 335 -6.82 -6.56 -45.15
N ALA L 336 -5.89 -6.63 -46.09
CA ALA L 336 -5.12 -7.86 -46.23
C ALA L 336 -4.35 -8.16 -44.95
N ASP L 337 -3.77 -7.13 -44.34
CA ASP L 337 -3.02 -7.30 -43.10
C ASP L 337 -3.91 -7.91 -42.00
N ALA L 338 -5.13 -7.39 -41.85
CA ALA L 338 -6.06 -7.93 -40.85
C ALA L 338 -6.44 -9.38 -41.16
N ALA L 339 -6.63 -9.70 -42.45
CA ALA L 339 -6.89 -11.10 -42.80
C ALA L 339 -5.71 -11.99 -42.41
N ILE L 340 -4.48 -11.54 -42.68
CA ILE L 340 -3.32 -12.32 -42.26
C ILE L 340 -3.33 -12.50 -40.75
N LYS L 341 -3.55 -11.41 -40.01
CA LYS L 341 -3.56 -11.51 -38.55
C LYS L 341 -4.70 -12.42 -38.06
N HIS L 342 -5.88 -12.28 -38.64
CA HIS L 342 -7.01 -13.12 -38.25
C HIS L 342 -6.70 -14.61 -38.43
N MET L 343 -6.24 -14.99 -39.64
CA MET L 343 -5.98 -16.40 -39.88
C MET L 343 -4.83 -16.91 -39.03
N HIS L 344 -3.77 -16.10 -38.93
CA HIS L 344 -2.59 -16.48 -38.17
C HIS L 344 -2.94 -16.82 -36.73
N ASP L 345 -3.65 -15.90 -36.06
CA ASP L 345 -4.04 -16.12 -34.68
C ASP L 345 -5.01 -17.28 -34.55
N TRP L 346 -5.92 -17.42 -35.52
CA TRP L 346 -6.84 -18.55 -35.52
C TRP L 346 -6.09 -19.88 -35.51
N VAL L 347 -5.00 -19.96 -36.29
CA VAL L 347 -4.28 -21.22 -36.43
C VAL L 347 -3.28 -21.39 -35.31
N LEU L 348 -2.55 -20.33 -34.98
CA LEU L 348 -1.43 -20.45 -34.06
C LEU L 348 -1.70 -19.80 -32.70
N GLY L 349 -2.80 -19.07 -32.53
CA GLY L 349 -3.12 -18.54 -31.22
C GLY L 349 -2.50 -17.17 -30.96
N ASN L 350 -3.05 -16.49 -29.98
CA ASN L 350 -2.61 -15.14 -29.60
C ASN L 350 -3.05 -14.91 -28.16
N SER L 351 -2.12 -14.43 -27.33
CA SER L 351 -2.42 -14.25 -25.91
C SER L 351 -3.33 -13.06 -25.66
N GLU L 352 -3.47 -12.15 -26.62
CA GLU L 352 -4.29 -10.97 -26.41
C GLU L 352 -5.72 -11.22 -26.86
N TRP L 353 -6.65 -10.46 -26.30
CA TRP L 353 -7.99 -10.47 -26.86
C TRP L 353 -7.90 -10.09 -28.33
N VAL L 354 -8.63 -10.83 -29.17
CA VAL L 354 -8.85 -10.40 -30.54
C VAL L 354 -10.35 -10.43 -30.80
N SER L 355 -10.75 -9.72 -31.86
CA SER L 355 -12.14 -9.67 -32.29
C SER L 355 -12.32 -10.61 -33.48
N MET L 356 -13.38 -11.41 -33.45
CA MET L 356 -13.81 -12.24 -34.56
C MET L 356 -15.34 -12.23 -34.55
N ALA L 357 -15.94 -12.16 -35.73
CA ALA L 357 -17.38 -12.35 -35.85
C ALA L 357 -17.64 -13.84 -35.94
N ILE L 358 -18.33 -14.39 -34.95
CA ILE L 358 -18.46 -15.83 -34.77
C ILE L 358 -19.93 -16.17 -34.61
N PRO L 359 -20.31 -17.43 -34.84
CA PRO L 359 -21.71 -17.82 -34.60
C PRO L 359 -22.10 -17.61 -33.14
N SER L 360 -23.24 -16.97 -32.94
CA SER L 360 -23.72 -16.77 -31.59
C SER L 360 -24.25 -18.06 -31.00
N ARG L 361 -23.66 -18.49 -29.89
CA ARG L 361 -24.25 -19.50 -29.00
C ARG L 361 -24.89 -18.85 -27.77
N GLY L 362 -25.32 -17.60 -27.89
CA GLY L 362 -25.96 -16.90 -26.79
C GLY L 362 -25.04 -16.27 -25.78
N GLN L 363 -23.74 -16.19 -26.09
CA GLN L 363 -22.80 -15.49 -25.23
C GLN L 363 -23.31 -14.08 -24.94
N TYR L 364 -23.26 -13.69 -23.68
CA TYR L 364 -23.74 -12.39 -23.22
C TYR L 364 -25.19 -12.15 -23.61
N GLY L 365 -25.94 -13.24 -23.84
CA GLY L 365 -27.33 -13.15 -24.21
C GLY L 365 -27.58 -12.75 -25.64
N ILE L 366 -26.56 -12.76 -26.48
CA ILE L 366 -26.72 -12.36 -27.87
C ILE L 366 -27.62 -13.38 -28.57
N PRO L 367 -28.63 -12.94 -29.34
CA PRO L 367 -29.52 -13.90 -30.00
C PRO L 367 -28.78 -14.90 -30.87
N ARG L 368 -29.27 -16.13 -30.87
CA ARG L 368 -28.61 -17.19 -31.60
C ARG L 368 -28.88 -17.05 -33.11
N GLY L 369 -28.02 -17.70 -33.90
CA GLY L 369 -28.21 -17.78 -35.32
C GLY L 369 -27.62 -16.61 -36.12
N ILE L 370 -27.09 -15.59 -35.46
CA ILE L 370 -26.38 -14.53 -36.16
C ILE L 370 -24.90 -14.68 -35.86
N TRP L 371 -24.08 -14.18 -36.77
CA TRP L 371 -22.65 -14.08 -36.55
C TRP L 371 -22.38 -12.70 -35.96
N CYS L 372 -21.64 -12.68 -34.86
CA CYS L 372 -21.50 -11.46 -34.08
C CYS L 372 -20.07 -11.36 -33.58
N SER L 373 -19.48 -10.18 -33.68
CA SER L 373 -18.14 -9.99 -33.20
C SER L 373 -18.14 -9.98 -31.68
N MET L 374 -17.17 -10.65 -31.09
CA MET L 374 -17.05 -10.72 -29.64
C MET L 374 -15.57 -10.74 -29.29
N PRO L 375 -15.21 -10.33 -28.07
CA PRO L 375 -13.84 -10.56 -27.60
C PRO L 375 -13.60 -12.06 -27.47
N VAL L 376 -12.57 -12.55 -28.17
CA VAL L 376 -12.23 -13.97 -28.12
C VAL L 376 -10.76 -14.17 -27.81
N GLN L 377 -10.48 -15.33 -27.25
CA GLN L 377 -9.14 -15.83 -27.04
C GLN L 377 -8.89 -16.91 -28.08
N CYS L 378 -7.85 -16.72 -28.90
CA CYS L 378 -7.45 -17.76 -29.85
C CYS L 378 -6.41 -18.62 -29.14
N PHE L 379 -6.79 -19.86 -28.84
CA PHE L 379 -5.88 -20.78 -28.16
C PHE L 379 -4.93 -21.47 -29.10
N GLY L 380 -5.10 -21.31 -30.41
CA GLY L 380 -4.31 -22.01 -31.40
C GLY L 380 -5.02 -23.26 -31.89
N ALA L 381 -4.46 -23.81 -32.96
CA ALA L 381 -4.99 -25.04 -33.57
C ALA L 381 -6.45 -24.87 -33.99
N GLY L 382 -6.83 -23.67 -34.44
CA GLY L 382 -8.18 -23.45 -34.93
C GLY L 382 -9.24 -23.25 -33.85
N LYS L 383 -8.86 -23.27 -32.58
CA LYS L 383 -9.81 -23.21 -31.47
C LYS L 383 -9.81 -21.84 -30.84
N TYR L 384 -11.01 -21.29 -30.62
CA TYR L 384 -11.17 -20.01 -29.93
C TYR L 384 -12.31 -20.12 -28.93
N GLY L 385 -12.31 -19.18 -27.97
CA GLY L 385 -13.34 -19.10 -26.95
C GLY L 385 -13.65 -17.65 -26.62
N VAL L 386 -14.93 -17.33 -26.47
CA VAL L 386 -15.32 -15.97 -26.06
C VAL L 386 -14.79 -15.70 -24.67
N ILE L 387 -14.29 -14.47 -24.45
CA ILE L 387 -13.87 -14.07 -23.13
C ILE L 387 -15.09 -14.09 -22.21
N GLU L 388 -14.98 -14.83 -21.10
CA GLU L 388 -16.12 -15.01 -20.20
C GLU L 388 -16.03 -14.06 -19.02
N GLY L 389 -17.17 -13.84 -18.38
CA GLY L 389 -17.22 -13.13 -17.12
C GLY L 389 -17.27 -11.62 -17.18
N LEU L 390 -17.38 -11.05 -18.36
CA LEU L 390 -17.29 -9.61 -18.50
C LEU L 390 -18.60 -8.95 -18.08
N PRO L 391 -18.57 -8.00 -17.14
CA PRO L 391 -19.78 -7.23 -16.79
C PRO L 391 -20.07 -6.19 -17.88
N ILE L 392 -21.27 -6.24 -18.43
CA ILE L 392 -21.67 -5.37 -19.52
C ILE L 392 -22.50 -4.23 -18.93
N ASN L 393 -21.99 -2.99 -19.00
CA ASN L 393 -22.76 -1.85 -18.51
C ASN L 393 -23.81 -1.43 -19.54
N SER L 394 -24.65 -0.48 -19.15
CA SER L 394 -25.81 -0.14 -19.98
C SER L 394 -25.39 0.60 -21.24
N PHE L 395 -24.33 1.41 -21.17
CA PHE L 395 -23.86 2.06 -22.39
C PHE L 395 -23.42 1.00 -23.38
N SER L 396 -22.70 -0.02 -22.90
CA SER L 396 -22.31 -1.13 -23.75
C SER L 396 -23.52 -1.92 -24.22
N ALA L 397 -24.43 -2.24 -23.30
CA ALA L 397 -25.62 -3.01 -23.67
C ALA L 397 -26.43 -2.30 -24.74
N ASP L 398 -26.59 -0.99 -24.64
CA ASP L 398 -27.29 -0.24 -25.66
C ASP L 398 -26.64 -0.40 -27.03
N ARG L 399 -25.31 -0.25 -27.10
CA ARG L 399 -24.66 -0.24 -28.40
CA ARG L 399 -24.62 -0.24 -28.39
C ARG L 399 -24.57 -1.65 -28.99
N ILE L 400 -24.36 -2.67 -28.16
CA ILE L 400 -24.36 -4.04 -28.66
C ILE L 400 -25.74 -4.39 -29.22
N ASN L 401 -26.81 -3.98 -28.52
CA ASN L 401 -28.17 -4.24 -29.00
C ASN L 401 -28.42 -3.56 -30.33
N ALA L 402 -27.91 -2.34 -30.52
CA ALA L 402 -28.09 -1.67 -31.81
C ALA L 402 -27.45 -2.45 -32.95
N SER L 403 -26.30 -3.06 -32.70
CA SER L 403 -25.65 -3.78 -33.77
C SER L 403 -26.33 -5.14 -33.99
N VAL L 404 -26.72 -5.79 -32.90
CA VAL L 404 -27.51 -7.02 -32.99
C VAL L 404 -28.81 -6.75 -33.76
N LYS L 405 -29.44 -5.60 -33.51
CA LYS L 405 -30.64 -5.25 -34.25
C LYS L 405 -30.37 -5.25 -35.76
N GLU L 406 -29.25 -4.67 -36.17
CA GLU L 406 -28.95 -4.62 -37.58
C GLU L 406 -28.68 -6.01 -38.15
N LEU L 407 -27.98 -6.84 -37.38
CA LEU L 407 -27.70 -8.21 -37.83
C LEU L 407 -28.99 -9.00 -37.98
N ILE L 408 -29.94 -8.84 -37.04
CA ILE L 408 -31.20 -9.53 -37.20
C ILE L 408 -31.94 -9.03 -38.43
N GLU L 409 -31.89 -7.72 -38.68
CA GLU L 409 -32.55 -7.17 -39.86
C GLU L 409 -31.94 -7.74 -41.14
N GLU L 410 -30.60 -7.76 -41.21
CA GLU L 410 -29.93 -8.33 -42.37
C GLU L 410 -30.31 -9.79 -42.57
N LYS L 411 -30.38 -10.55 -41.47
CA LYS L 411 -30.72 -11.96 -41.59
C LYS L 411 -32.13 -12.14 -42.14
N LYS L 412 -33.08 -11.33 -41.68
CA LYS L 412 -34.43 -11.44 -42.23
C LYS L 412 -34.44 -11.15 -43.72
N ILE L 413 -33.56 -10.25 -44.19
CA ILE L 413 -33.56 -9.90 -45.60
C ILE L 413 -33.08 -11.07 -46.45
N VAL L 414 -32.14 -11.86 -45.95
CA VAL L 414 -31.59 -12.96 -46.74
C VAL L 414 -32.17 -14.31 -46.34
N GLU L 415 -33.23 -14.32 -45.53
CA GLU L 415 -33.66 -15.59 -44.92
C GLU L 415 -34.06 -16.64 -45.96
N ASN L 416 -34.30 -16.25 -47.21
CA ASN L 416 -34.67 -17.23 -48.22
C ASN L 416 -33.50 -18.04 -48.75
N LEU L 417 -32.27 -17.67 -48.39
CA LEU L 417 -31.09 -18.43 -48.77
C LEU L 417 -30.62 -19.35 -47.64
N LEU L 418 -31.48 -19.62 -46.67
CA LEU L 418 -31.19 -20.58 -45.60
C LEU L 418 -31.77 -21.97 -45.91
#